data_5GPJ
#
_entry.id   5GPJ
#
_cell.length_a   225.703
_cell.length_b   81.637
_cell.length_c   264.845
_cell.angle_alpha   90.00
_cell.angle_beta   92.87
_cell.angle_gamma   90.00
#
_symmetry.space_group_name_H-M   'C 1 2 1'
#
loop_
_entity.id
_entity.type
_entity.pdbx_description
1 polymer 'Pyrophosphate-energized vacuolar membrane proton pump'
2 non-polymer 'PHOSPHATE ION'
3 non-polymer 'MAGNESIUM ION'
#
_entity_poly.entity_id   1
_entity_poly.type   'polypeptide(L)'
_entity_poly.pdbx_seq_one_letter_code
;MGAAILPDLGTEILIPVCAVIGIAFALFQWLLVSKVKLSAVRDASPNAAAKNGYNDYLIEEEEGINDHNVVVKCAEIQNA
ISEGATSFLFTEYKYVGIFMVAFAILIFLFLGSVEGFSTSPQACSYDKTKTCKPALATAIFSTVSFLLGGVTSLVSGFLG
MKIATYANARTTLEARKGVGKAFITAFRSGAVMGFLLAANGLLVLYIAINLFKIYYGDDWGGLFEAITGYGLGGSSMALF
GRVGGGIYTKAADVGADLVGKVERNIPEDDPRNPAVIADNVGDNVGDIAGMGSDLFGSYAESSCAALVVASISSFGLNHE
LTAMLYPLIVSSVGILVCLLTTLFATDFFEIKAVKEIEPALKKQLVISTVLMTIGVAVVSFVALPTSFTIFNFGVQKDVK
SWQLFLCVAVGLWAGLIIGFVTEYYTSNAYSPVQDVADSCRTGAATNVIFGLALGYKSVIIPIFAIAISIFVSFTFAAMY
GIAVAALGMLSTIATGLAIDAYGPISDNAGGIAEMAGMSHRIRERTDALDAAGNTTAAIGKGFAIGSAALVSLALFGAFV
SRASITTVDVLTPKVFIGLIVGAMLPYWFSAMTMKSVGSAALKMVEEVRRQFNTIPGLMEGTAKPDYATCVKISTDASIK
EMIPPGALVMLTPLVVGILFGVETLSGVLAGSLVSGVQIAISASNTGGAWDNAKKYIEAGASEHARSLGPKGSDCHKAAV
IGDTIGDPLKDTSGPSLNILIKLMAVESLVFAPFFATHGGLLFKIFSSHHHHHH
;
_entity_poly.pdbx_strand_id   A,B,C,D
#
# COMPACT_ATOMS: atom_id res chain seq x y z
N ALA A 4 30.30 -3.52 -23.49
CA ALA A 4 30.33 -3.08 -24.94
C ALA A 4 31.73 -3.02 -25.54
N ILE A 5 31.77 -2.90 -26.86
CA ILE A 5 33.00 -3.14 -27.64
C ILE A 5 34.06 -2.05 -27.42
N LEU A 6 33.65 -0.80 -27.45
CA LEU A 6 34.58 0.30 -27.24
C LEU A 6 34.94 0.40 -25.75
N PRO A 7 36.24 0.27 -25.40
CA PRO A 7 36.65 0.25 -24.00
C PRO A 7 36.74 1.62 -23.34
N ASP A 8 36.87 1.59 -22.01
CA ASP A 8 36.96 2.80 -21.17
C ASP A 8 38.00 3.80 -21.69
N LEU A 9 39.09 3.29 -22.25
CA LEU A 9 40.04 4.14 -22.96
C LEU A 9 39.36 4.77 -24.17
N GLY A 10 38.87 3.90 -25.05
CA GLY A 10 38.29 4.27 -26.34
C GLY A 10 37.36 5.46 -26.28
N THR A 11 36.49 5.50 -25.26
CA THR A 11 35.59 6.64 -25.05
C THR A 11 36.40 7.89 -24.81
N GLU A 12 37.28 7.82 -23.83
CA GLU A 12 38.02 8.99 -23.40
C GLU A 12 39.14 9.46 -24.34
N ILE A 13 39.54 8.61 -25.29
CA ILE A 13 40.42 9.04 -26.39
C ILE A 13 39.64 9.50 -27.63
N LEU A 14 38.39 9.01 -27.80
CA LEU A 14 37.53 9.43 -28.91
C LEU A 14 36.87 10.79 -28.66
N ILE A 15 36.11 10.88 -27.55
CA ILE A 15 35.38 12.11 -27.21
C ILE A 15 36.21 13.35 -27.53
N PRO A 16 37.36 13.54 -26.85
CA PRO A 16 38.05 14.81 -27.02
C PRO A 16 38.83 14.95 -28.32
N VAL A 17 38.95 13.89 -29.10
CA VAL A 17 39.41 14.07 -30.49
C VAL A 17 38.32 14.82 -31.25
N CYS A 18 37.15 14.20 -31.39
CA CYS A 18 36.02 14.75 -32.16
C CYS A 18 35.63 16.20 -31.80
N ALA A 19 35.87 16.61 -30.55
CA ALA A 19 35.68 18.01 -30.13
C ALA A 19 36.82 18.91 -30.64
N VAL A 20 38.05 18.38 -30.64
CA VAL A 20 39.18 19.05 -31.29
C VAL A 20 38.94 19.22 -32.79
N ILE A 21 38.58 18.12 -33.46
CA ILE A 21 38.17 18.12 -34.90
C ILE A 21 37.10 19.17 -35.19
N GLY A 22 36.14 19.26 -34.28
CA GLY A 22 35.13 20.31 -34.30
C GLY A 22 35.75 21.68 -34.29
N ILE A 23 36.46 22.02 -33.21
CA ILE A 23 37.13 23.32 -33.07
C ILE A 23 38.10 23.60 -34.24
N ALA A 24 38.81 22.57 -34.69
CA ALA A 24 39.74 22.66 -35.83
C ALA A 24 38.98 23.04 -37.09
N PHE A 25 38.00 22.22 -37.46
CA PHE A 25 37.08 22.53 -38.55
C PHE A 25 36.70 24.01 -38.50
N ALA A 26 36.08 24.43 -37.40
CA ALA A 26 35.64 25.83 -37.23
C ALA A 26 36.72 26.85 -37.58
N LEU A 27 37.93 26.66 -37.06
CA LEU A 27 39.01 27.60 -37.33
C LEU A 27 39.56 27.51 -38.74
N PHE A 28 39.38 26.37 -39.41
CA PHE A 28 39.65 26.26 -40.84
C PHE A 28 38.67 27.16 -41.58
N GLN A 29 37.38 26.99 -41.31
CA GLN A 29 36.31 27.75 -41.99
C GLN A 29 36.49 29.24 -41.80
N TRP A 30 36.80 29.65 -40.57
CA TRP A 30 37.06 31.07 -40.27
C TRP A 30 38.17 31.59 -41.17
N LEU A 31 39.24 30.81 -41.26
CA LEU A 31 40.40 31.13 -42.08
C LEU A 31 40.05 31.37 -43.55
N LEU A 32 39.09 30.61 -44.07
CA LEU A 32 38.64 30.77 -45.45
C LEU A 32 37.74 31.98 -45.66
N VAL A 33 37.00 32.36 -44.62
CA VAL A 33 36.23 33.62 -44.64
C VAL A 33 37.20 34.80 -44.41
N SER A 34 38.36 34.56 -43.81
CA SER A 34 39.37 35.61 -43.70
C SER A 34 40.03 35.88 -45.04
N LYS A 35 40.10 34.85 -45.89
CA LYS A 35 40.63 34.99 -47.26
C LYS A 35 39.92 36.11 -48.05
N VAL A 36 38.60 36.22 -47.93
CA VAL A 36 37.88 37.43 -48.45
C VAL A 36 38.28 38.67 -47.64
N LYS A 37 39.35 39.32 -48.10
CA LYS A 37 39.79 40.62 -47.60
C LYS A 37 38.73 41.66 -47.96
N LEU A 38 38.51 42.62 -47.05
CA LEU A 38 37.36 43.51 -47.16
C LEU A 38 37.47 44.52 -48.31
N GLU A 63 40.71 38.87 -58.43
CA GLU A 63 40.17 40.21 -58.24
C GLU A 63 38.73 40.33 -58.77
N GLY A 64 37.90 41.07 -58.04
CA GLY A 64 36.54 41.40 -58.50
C GLY A 64 35.89 42.59 -57.80
N ILE A 65 36.67 43.60 -57.41
CA ILE A 65 36.15 44.80 -56.74
C ILE A 65 35.51 45.71 -57.82
N ASN A 66 34.23 46.02 -57.63
CA ASN A 66 33.46 46.82 -58.63
C ASN A 66 32.16 47.48 -58.07
N ASP A 67 32.17 48.76 -57.68
CA ASP A 67 33.34 49.68 -57.71
C ASP A 67 33.92 49.91 -56.30
N HIS A 68 34.93 50.78 -56.21
CA HIS A 68 35.48 51.24 -54.91
C HIS A 68 34.53 52.27 -54.27
N ASN A 69 34.72 52.53 -52.98
CA ASN A 69 33.99 53.55 -52.23
C ASN A 69 32.68 53.02 -51.66
N VAL A 70 32.01 52.15 -52.40
CA VAL A 70 30.98 51.28 -51.83
C VAL A 70 31.60 50.23 -50.88
N VAL A 71 32.85 49.87 -51.14
CA VAL A 71 33.65 48.96 -50.28
C VAL A 71 33.98 49.66 -48.94
N VAL A 72 34.44 50.89 -49.07
CA VAL A 72 34.66 51.81 -47.95
C VAL A 72 33.34 52.07 -47.22
N LYS A 73 32.24 52.23 -47.95
CA LYS A 73 30.90 52.35 -47.36
C LYS A 73 30.45 51.08 -46.62
N CYS A 74 30.81 49.91 -47.14
CA CYS A 74 30.54 48.63 -46.47
C CYS A 74 31.31 48.62 -45.18
N ALA A 75 32.63 48.70 -45.29
CA ALA A 75 33.53 48.83 -44.14
C ALA A 75 32.93 49.69 -43.03
N GLU A 76 32.61 50.94 -43.34
CA GLU A 76 32.03 51.88 -42.38
C GLU A 76 30.71 51.43 -41.72
N ILE A 77 29.91 50.63 -42.43
CA ILE A 77 28.71 50.07 -41.83
C ILE A 77 29.11 48.88 -40.95
N GLN A 78 29.97 48.02 -41.48
CA GLN A 78 30.44 46.82 -40.77
C GLN A 78 31.06 47.21 -39.42
N ASN A 79 31.82 48.30 -39.41
CA ASN A 79 32.40 48.87 -38.19
C ASN A 79 31.34 49.18 -37.19
N ALA A 80 30.40 50.03 -37.60
CA ALA A 80 29.34 50.46 -36.71
C ALA A 80 28.57 49.25 -36.15
N ILE A 81 28.41 48.19 -36.96
CA ILE A 81 27.89 46.89 -36.47
C ILE A 81 28.64 46.48 -35.18
N SER A 82 29.96 46.42 -35.28
CA SER A 82 30.79 45.96 -34.17
C SER A 82 30.80 46.96 -33.02
N GLU A 83 30.89 48.26 -33.34
CA GLU A 83 30.79 49.32 -32.32
C GLU A 83 29.67 48.94 -31.34
N GLY A 84 28.47 48.82 -31.89
CA GLY A 84 27.29 48.47 -31.13
C GLY A 84 27.25 47.03 -30.67
N ALA A 85 27.81 46.12 -31.44
CA ALA A 85 27.85 44.70 -31.02
C ALA A 85 28.66 44.57 -29.75
N THR A 86 29.91 45.01 -29.83
CA THR A 86 30.86 44.88 -28.75
C THR A 86 30.46 45.79 -27.58
N SER A 87 29.84 46.93 -27.86
CA SER A 87 29.01 47.59 -26.84
C SER A 87 28.02 46.60 -26.14
N PHE A 88 27.05 46.06 -26.87
CA PHE A 88 26.00 45.19 -26.29
C PHE A 88 26.53 44.19 -25.26
N LEU A 89 27.65 43.55 -25.60
CA LEU A 89 28.22 42.45 -24.83
C LEU A 89 28.73 42.90 -23.48
N PHE A 90 29.28 44.10 -23.44
CA PHE A 90 29.97 44.57 -22.26
C PHE A 90 28.94 45.13 -21.28
N THR A 91 27.96 45.86 -21.78
CA THR A 91 26.76 46.11 -21.00
C THR A 91 26.05 44.83 -20.47
N GLU A 92 26.07 43.72 -21.22
CA GLU A 92 25.55 42.40 -20.72
C GLU A 92 26.37 41.89 -19.53
N TYR A 93 27.71 41.85 -19.70
CA TYR A 93 28.61 41.26 -18.69
C TYR A 93 28.64 42.01 -17.36
N LYS A 94 28.50 43.33 -17.45
CA LYS A 94 28.23 44.22 -16.32
C LYS A 94 27.22 43.63 -15.30
N TYR A 95 26.23 42.86 -15.79
CA TYR A 95 25.29 42.11 -14.91
C TYR A 95 25.62 40.64 -14.69
N VAL A 96 26.26 40.03 -15.69
CA VAL A 96 26.55 38.62 -15.66
C VAL A 96 27.54 38.23 -14.57
N GLY A 97 28.60 39.01 -14.37
CA GLY A 97 29.54 38.77 -13.26
C GLY A 97 28.88 38.92 -11.90
N ILE A 98 28.14 40.02 -11.77
CA ILE A 98 27.30 40.32 -10.61
C ILE A 98 26.37 39.14 -10.33
N PHE A 99 25.71 38.63 -11.36
CA PHE A 99 24.78 37.51 -11.22
C PHE A 99 25.47 36.20 -10.92
N MET A 100 26.45 35.85 -11.75
CA MET A 100 27.17 34.58 -11.60
C MET A 100 27.86 34.39 -10.24
N VAL A 101 28.38 35.47 -9.62
CA VAL A 101 28.92 35.34 -8.25
C VAL A 101 27.77 35.21 -7.24
N ALA A 102 26.79 36.11 -7.33
CA ALA A 102 25.66 36.19 -6.40
C ALA A 102 24.96 34.85 -6.27
N PHE A 103 24.82 34.18 -7.41
CA PHE A 103 24.16 32.90 -7.48
C PHE A 103 25.06 31.74 -7.01
N ALA A 104 26.34 31.76 -7.40
CA ALA A 104 27.34 30.74 -6.95
C ALA A 104 27.37 30.59 -5.41
N ILE A 105 27.46 31.73 -4.74
CA ILE A 105 27.22 31.85 -3.30
C ILE A 105 25.91 31.16 -2.96
N LEU A 106 24.83 31.65 -3.54
CA LEU A 106 23.48 31.19 -3.24
C LEU A 106 23.33 29.67 -3.44
N ILE A 107 23.85 29.17 -4.56
CA ILE A 107 23.79 27.72 -4.88
C ILE A 107 24.59 26.90 -3.87
N PHE A 108 25.71 27.45 -3.41
CA PHE A 108 26.60 26.76 -2.48
C PHE A 108 25.96 26.61 -1.09
N LEU A 109 25.57 27.73 -0.49
CA LEU A 109 24.80 27.77 0.77
C LEU A 109 23.65 26.77 0.82
N PHE A 110 22.86 26.77 -0.24
CA PHE A 110 21.65 25.94 -0.34
C PHE A 110 21.95 24.45 -0.52
N LEU A 111 23.09 24.12 -1.15
CA LEU A 111 23.56 22.73 -1.28
C LEU A 111 24.38 22.25 -0.11
N GLY A 112 25.07 23.18 0.56
CA GLY A 112 25.80 22.88 1.78
C GLY A 112 24.87 22.50 2.92
N SER A 113 23.83 23.32 3.11
CA SER A 113 22.84 23.21 4.20
C SER A 113 22.02 21.91 4.37
N VAL A 114 21.97 21.07 3.35
CA VAL A 114 21.37 19.72 3.50
C VAL A 114 22.17 18.83 4.45
N GLU A 115 23.50 18.98 4.40
CA GLU A 115 24.43 18.20 5.20
C GLU A 115 24.77 18.89 6.55
N GLY A 116 24.19 20.05 6.82
CA GLY A 116 24.74 20.97 7.83
C GLY A 116 26.21 21.32 7.62
N PHE A 117 26.63 21.44 6.36
CA PHE A 117 28.04 21.68 5.96
C PHE A 117 29.03 20.69 6.56
N SER A 118 28.57 19.46 6.74
CA SER A 118 29.36 18.45 7.40
C SER A 118 30.41 17.91 6.45
N THR A 119 31.61 17.73 7.00
CA THR A 119 32.72 17.09 6.33
C THR A 119 32.65 15.55 6.43
N SER A 120 31.61 15.02 7.07
CA SER A 120 31.46 13.58 7.28
C SER A 120 30.74 12.88 6.10
N PRO A 121 31.43 11.92 5.43
CA PRO A 121 30.87 11.13 4.33
C PRO A 121 29.47 10.55 4.58
N GLN A 122 28.51 10.95 3.75
CA GLN A 122 27.13 10.51 3.92
C GLN A 122 26.92 9.21 3.16
N ALA A 123 26.10 8.32 3.71
CA ALA A 123 25.71 7.08 3.03
C ALA A 123 24.76 7.41 1.89
N CYS A 124 24.98 6.77 0.74
CA CYS A 124 24.46 7.26 -0.53
C CYS A 124 22.96 7.39 -0.57
N SER A 125 22.46 8.36 -1.36
CA SER A 125 21.02 8.60 -1.54
C SER A 125 20.44 7.75 -2.70
N TYR A 126 20.83 6.48 -2.71
CA TYR A 126 20.41 5.53 -3.72
C TYR A 126 20.63 4.07 -3.29
N ASP A 127 21.86 3.76 -2.89
CA ASP A 127 22.22 2.44 -2.35
C ASP A 127 22.65 2.66 -0.91
N LYS A 128 21.65 2.70 -0.02
CA LYS A 128 21.79 3.07 1.41
C LYS A 128 23.01 2.48 2.09
N THR A 129 23.27 1.21 1.77
CA THR A 129 24.47 0.48 2.18
C THR A 129 25.83 1.23 1.99
N LYS A 130 26.23 1.51 0.74
CA LYS A 130 27.59 2.00 0.45
C LYS A 130 27.69 3.49 0.81
N THR A 131 28.91 3.98 1.01
CA THR A 131 29.13 5.36 1.46
C THR A 131 29.71 6.34 0.40
N CYS A 132 29.05 7.49 0.31
CA CYS A 132 29.30 8.53 -0.69
C CYS A 132 30.15 9.64 -0.08
N LYS A 133 30.40 10.70 -0.85
CA LYS A 133 31.04 11.92 -0.35
C LYS A 133 30.02 12.87 0.30
N PRO A 134 30.48 13.87 1.07
CA PRO A 134 29.54 14.78 1.74
C PRO A 134 28.87 15.76 0.78
N ALA A 135 27.55 15.92 0.91
CA ALA A 135 26.77 16.86 0.09
C ALA A 135 27.24 18.33 0.19
N LEU A 136 28.09 18.63 1.17
CA LEU A 136 28.93 19.82 1.12
C LEU A 136 29.89 19.78 -0.09
N ALA A 137 30.73 18.75 -0.18
CA ALA A 137 31.73 18.61 -1.28
C ALA A 137 31.15 18.51 -2.70
N THR A 138 29.83 18.36 -2.76
CA THR A 138 29.05 18.55 -3.96
C THR A 138 28.54 19.98 -4.05
N ALA A 139 28.16 20.57 -2.91
CA ALA A 139 27.86 22.01 -2.84
C ALA A 139 28.97 22.86 -3.44
N ILE A 140 30.22 22.44 -3.27
CA ILE A 140 31.36 23.10 -3.92
C ILE A 140 31.40 22.72 -5.40
N PHE A 141 31.40 21.42 -5.66
CA PHE A 141 31.57 20.92 -7.03
C PHE A 141 30.42 21.28 -7.97
N SER A 142 29.20 21.39 -7.46
CA SER A 142 28.10 22.03 -8.21
C SER A 142 28.42 23.50 -8.55
N THR A 143 28.90 24.23 -7.56
CA THR A 143 29.29 25.63 -7.73
C THR A 143 30.57 25.86 -8.56
N VAL A 144 31.35 24.80 -8.80
CA VAL A 144 32.41 24.86 -9.82
C VAL A 144 31.83 24.78 -11.21
N SER A 145 31.07 23.72 -11.46
CA SER A 145 30.51 23.47 -12.80
C SER A 145 29.57 24.60 -13.23
N PHE A 146 28.76 25.11 -12.29
CA PHE A 146 27.95 26.31 -12.52
C PHE A 146 28.71 27.46 -13.17
N LEU A 147 29.96 27.67 -12.76
CA LEU A 147 30.82 28.66 -13.40
C LEU A 147 31.29 28.19 -14.75
N LEU A 148 31.72 26.94 -14.84
CA LEU A 148 32.22 26.40 -16.09
C LEU A 148 31.20 26.53 -17.21
N GLY A 149 29.97 26.10 -16.94
CA GLY A 149 28.89 26.15 -17.91
C GLY A 149 28.61 27.58 -18.32
N GLY A 150 28.27 28.41 -17.33
CA GLY A 150 28.05 29.84 -17.53
C GLY A 150 29.20 30.60 -18.20
N VAL A 151 30.40 30.01 -18.22
CA VAL A 151 31.51 30.54 -18.97
C VAL A 151 31.53 29.98 -20.40
N THR A 152 31.23 28.71 -20.57
CA THR A 152 31.16 28.15 -21.92
C THR A 152 30.03 28.73 -22.80
N SER A 153 28.86 28.98 -22.20
CA SER A 153 27.73 29.65 -22.91
C SER A 153 28.26 31.03 -23.30
N LEU A 154 28.75 31.76 -22.31
CA LEU A 154 29.39 33.08 -22.51
C LEU A 154 30.35 33.11 -23.69
N VAL A 155 31.40 32.31 -23.60
CA VAL A 155 32.49 32.37 -24.56
C VAL A 155 32.05 32.03 -25.98
N SER A 156 31.42 30.87 -26.17
CA SER A 156 31.03 30.42 -27.52
C SER A 156 30.09 31.40 -28.21
N GLY A 157 29.27 32.11 -27.41
CA GLY A 157 28.46 33.24 -27.89
C GLY A 157 29.25 34.50 -28.24
N PHE A 158 30.32 34.75 -27.49
CA PHE A 158 31.28 35.84 -27.78
C PHE A 158 31.97 35.60 -29.11
N LEU A 159 32.58 34.41 -29.23
CA LEU A 159 33.21 33.98 -30.49
C LEU A 159 32.26 34.01 -31.68
N GLY A 160 31.01 33.65 -31.43
CA GLY A 160 29.94 33.69 -32.42
C GLY A 160 29.52 35.09 -32.81
N MET A 161 29.35 35.95 -31.80
CA MET A 161 29.18 37.38 -32.06
C MET A 161 30.35 37.91 -32.90
N LYS A 162 31.57 37.47 -32.59
CA LYS A 162 32.78 37.93 -33.29
C LYS A 162 32.87 37.49 -34.74
N ILE A 163 32.60 36.23 -35.05
CA ILE A 163 32.53 35.82 -36.47
C ILE A 163 31.35 36.45 -37.23
N ALA A 164 30.19 36.54 -36.59
CA ALA A 164 29.00 37.11 -37.23
C ALA A 164 29.24 38.54 -37.75
N THR A 165 29.91 39.35 -36.94
CA THR A 165 30.22 40.75 -37.28
C THR A 165 31.35 40.87 -38.29
N TYR A 166 32.14 39.80 -38.40
CA TYR A 166 33.19 39.63 -39.40
C TYR A 166 32.66 39.32 -40.77
N ALA A 167 31.77 38.31 -40.83
CA ALA A 167 31.26 37.78 -42.10
C ALA A 167 30.23 38.66 -42.80
N ASN A 168 29.50 39.46 -42.02
CA ASN A 168 28.35 40.20 -42.56
C ASN A 168 28.64 41.01 -43.84
N ALA A 169 29.68 41.84 -43.81
CA ALA A 169 30.09 42.62 -44.98
C ALA A 169 30.88 41.75 -46.00
N ARG A 170 31.70 40.83 -45.51
CA ARG A 170 32.43 39.87 -46.38
C ARG A 170 31.53 38.88 -47.13
N THR A 171 30.24 38.84 -46.77
CA THR A 171 29.22 38.23 -47.60
C THR A 171 28.73 39.25 -48.62
N THR A 172 28.15 40.35 -48.12
CA THR A 172 27.69 41.47 -48.96
C THR A 172 28.65 41.71 -50.10
N LEU A 173 29.94 41.75 -49.75
CA LEU A 173 30.99 41.88 -50.75
C LEU A 173 30.95 40.70 -51.69
N GLU A 174 31.10 39.47 -51.20
CA GLU A 174 31.11 38.31 -52.11
C GLU A 174 29.86 38.13 -52.98
N ALA A 175 28.79 38.88 -52.71
CA ALA A 175 27.62 38.97 -53.62
C ALA A 175 27.94 39.67 -54.94
N ARG A 176 28.98 40.51 -54.97
CA ARG A 176 29.49 41.05 -56.23
C ARG A 176 29.85 39.88 -57.16
N LYS A 177 30.60 38.90 -56.66
CA LYS A 177 31.01 37.74 -57.45
C LYS A 177 29.91 36.74 -57.80
N GLY A 178 28.77 36.79 -57.10
CA GLY A 178 27.66 35.90 -57.41
C GLY A 178 27.02 35.28 -56.19
N VAL A 179 25.86 34.69 -56.40
CA VAL A 179 24.95 34.27 -55.32
C VAL A 179 25.61 33.16 -54.53
N GLY A 180 26.02 32.12 -55.25
CA GLY A 180 26.69 30.98 -54.66
C GLY A 180 27.92 31.39 -53.89
N LYS A 181 28.78 32.18 -54.53
CA LYS A 181 30.09 32.54 -53.92
C LYS A 181 29.89 33.35 -52.62
N ALA A 182 28.79 34.13 -52.56
CA ALA A 182 28.35 34.83 -51.34
C ALA A 182 27.83 33.90 -50.25
N PHE A 183 26.77 33.15 -50.58
CA PHE A 183 26.15 32.15 -49.69
C PHE A 183 27.23 31.29 -49.02
N ILE A 184 28.08 30.67 -49.82
CA ILE A 184 29.12 29.78 -49.31
C ILE A 184 29.94 30.53 -48.26
N THR A 185 30.49 31.70 -48.61
CA THR A 185 31.23 32.53 -47.61
C THR A 185 30.27 33.37 -46.70
N ALA A 186 29.18 32.72 -46.30
CA ALA A 186 28.21 33.18 -45.28
C ALA A 186 27.81 32.01 -44.41
N PHE A 187 27.39 30.91 -45.03
CA PHE A 187 27.20 29.60 -44.40
C PHE A 187 28.48 28.92 -43.82
N ARG A 188 29.66 29.25 -44.35
CA ARG A 188 30.94 28.85 -43.72
C ARG A 188 31.05 29.50 -42.35
N SER A 189 30.73 30.79 -42.32
CA SER A 189 30.71 31.62 -41.11
C SER A 189 29.77 31.05 -40.07
N GLY A 190 28.49 30.90 -40.44
CA GLY A 190 27.50 30.22 -39.60
C GLY A 190 27.96 28.88 -39.04
N ALA A 191 28.71 28.12 -39.84
CA ALA A 191 29.30 26.86 -39.39
C ALA A 191 30.32 27.02 -38.26
N VAL A 192 31.12 28.07 -38.32
CA VAL A 192 32.10 28.36 -37.25
C VAL A 192 31.42 28.39 -35.90
N MET A 193 30.27 29.06 -35.85
CA MET A 193 29.44 29.23 -34.63
C MET A 193 28.94 27.89 -34.08
N GLY A 194 28.25 27.13 -34.94
CA GLY A 194 27.76 25.79 -34.59
C GLY A 194 28.84 24.87 -34.01
N PHE A 195 29.94 24.71 -34.76
CA PHE A 195 31.04 23.81 -34.38
C PHE A 195 31.84 24.25 -33.16
N LEU A 196 32.09 25.55 -33.00
CA LEU A 196 32.70 26.05 -31.76
C LEU A 196 31.76 25.76 -30.61
N LEU A 197 30.54 26.29 -30.71
CA LEU A 197 29.53 26.13 -29.66
C LEU A 197 29.33 24.67 -29.21
N ALA A 198 29.16 23.79 -30.17
CA ALA A 198 28.96 22.38 -29.89
C ALA A 198 30.22 21.76 -29.29
N ALA A 199 31.36 21.97 -29.95
CA ALA A 199 32.64 21.36 -29.52
C ALA A 199 33.04 21.80 -28.12
N ASN A 200 32.92 23.10 -27.86
CA ASN A 200 33.27 23.62 -26.56
C ASN A 200 32.38 22.99 -25.49
N GLY A 201 31.07 23.13 -25.66
CA GLY A 201 30.11 22.50 -24.74
C GLY A 201 30.33 21.02 -24.45
N LEU A 202 30.83 20.30 -25.45
CA LEU A 202 31.24 18.91 -25.30
C LEU A 202 32.54 18.82 -24.52
N LEU A 203 33.54 19.58 -24.97
CA LEU A 203 34.89 19.54 -24.41
C LEU A 203 34.88 19.93 -22.94
N VAL A 204 34.32 21.10 -22.64
CA VAL A 204 34.34 21.61 -21.28
C VAL A 204 33.67 20.62 -20.34
N LEU A 205 32.47 20.15 -20.72
CA LEU A 205 31.77 19.09 -19.96
C LEU A 205 32.60 17.83 -19.75
N TYR A 206 33.16 17.31 -20.85
CA TYR A 206 34.06 16.14 -20.81
C TYR A 206 35.21 16.29 -19.83
N ILE A 207 35.84 17.46 -19.84
CA ILE A 207 36.89 17.77 -18.88
C ILE A 207 36.33 17.74 -17.47
N ALA A 208 35.29 18.55 -17.23
CA ALA A 208 34.64 18.63 -15.91
C ALA A 208 34.36 17.27 -15.28
N ILE A 209 33.85 16.34 -16.09
CA ILE A 209 33.59 14.95 -15.66
C ILE A 209 34.88 14.32 -15.15
N ASN A 210 35.96 14.42 -15.91
CA ASN A 210 37.23 13.77 -15.56
C ASN A 210 37.99 14.43 -14.41
N LEU A 211 37.81 15.73 -14.27
CA LEU A 211 38.40 16.46 -13.15
C LEU A 211 37.61 16.18 -11.88
N PHE A 212 36.29 16.11 -11.99
CA PHE A 212 35.44 15.77 -10.84
C PHE A 212 35.55 14.27 -10.49
N LYS A 213 35.71 13.40 -11.50
CA LYS A 213 35.79 11.94 -11.27
C LYS A 213 36.99 11.60 -10.39
N ILE A 214 38.02 12.44 -10.48
CA ILE A 214 39.13 12.44 -9.52
C ILE A 214 38.65 12.49 -8.07
N TYR A 215 37.97 13.56 -7.65
CA TYR A 215 37.49 13.63 -6.28
C TYR A 215 36.42 12.56 -5.94
N TYR A 216 35.44 12.35 -6.82
CA TYR A 216 34.33 11.43 -6.53
C TYR A 216 34.66 9.93 -6.64
N GLY A 217 35.78 9.60 -7.27
CA GLY A 217 36.24 8.22 -7.36
C GLY A 217 35.16 7.30 -7.92
N ASP A 218 34.61 6.44 -7.06
CA ASP A 218 33.57 5.45 -7.43
C ASP A 218 32.13 5.94 -7.20
N ASP A 219 31.99 7.05 -6.47
CA ASP A 219 30.69 7.66 -6.21
C ASP A 219 30.24 8.36 -7.48
N TRP A 220 29.73 7.60 -8.44
CA TRP A 220 29.36 8.20 -9.71
C TRP A 220 28.03 8.92 -9.60
N GLY A 221 27.15 8.44 -8.73
CA GLY A 221 25.92 9.17 -8.40
C GLY A 221 26.22 10.60 -7.95
N GLY A 222 27.10 10.71 -6.96
CA GLY A 222 27.51 11.99 -6.38
C GLY A 222 28.29 12.90 -7.33
N LEU A 223 29.19 12.29 -8.09
CA LEU A 223 29.86 12.96 -9.21
C LEU A 223 28.85 13.68 -10.13
N PHE A 224 27.93 12.91 -10.72
CA PHE A 224 27.01 13.43 -11.72
C PHE A 224 25.82 14.24 -11.17
N GLU A 225 25.66 14.27 -9.84
CA GLU A 225 24.83 15.31 -9.19
C GLU A 225 25.54 16.69 -9.17
N ALA A 226 26.86 16.72 -9.31
CA ALA A 226 27.65 17.97 -9.36
C ALA A 226 27.90 18.48 -10.76
N ILE A 227 28.07 17.56 -11.71
CA ILE A 227 28.05 17.92 -13.12
C ILE A 227 26.71 18.61 -13.45
N THR A 228 25.62 18.13 -12.83
CA THR A 228 24.27 18.72 -12.98
C THR A 228 24.19 20.28 -12.89
N GLY A 229 25.13 20.91 -12.18
CA GLY A 229 25.24 22.38 -12.15
C GLY A 229 25.62 23.04 -13.48
N TYR A 230 26.47 22.35 -14.25
CA TYR A 230 26.86 22.78 -15.61
C TYR A 230 25.64 23.05 -16.49
N GLY A 231 24.68 22.13 -16.45
CA GLY A 231 23.36 22.33 -17.07
C GLY A 231 22.74 23.64 -16.65
N LEU A 232 22.61 23.84 -15.34
CA LEU A 232 22.04 25.06 -14.77
C LEU A 232 22.85 26.32 -15.12
N GLY A 233 24.17 26.20 -15.20
CA GLY A 233 25.02 27.35 -15.54
C GLY A 233 24.79 27.98 -16.91
N GLY A 234 24.71 27.11 -17.93
CA GLY A 234 24.41 27.50 -19.31
C GLY A 234 23.00 28.03 -19.50
N SER A 235 22.04 27.37 -18.85
CA SER A 235 20.64 27.80 -18.80
C SER A 235 20.48 29.14 -18.12
N SER A 236 21.11 29.30 -16.95
CA SER A 236 21.14 30.58 -16.24
C SER A 236 21.59 31.72 -17.15
N MET A 237 22.63 31.45 -17.94
CA MET A 237 23.15 32.42 -18.89
C MET A 237 22.17 32.66 -20.01
N ALA A 238 21.71 31.57 -20.63
CA ALA A 238 20.62 31.62 -21.60
C ALA A 238 19.49 32.62 -21.24
N LEU A 239 19.14 32.71 -19.96
CA LEU A 239 18.22 33.76 -19.45
C LEU A 239 18.65 35.20 -19.84
N PHE A 240 19.95 35.51 -19.76
CA PHE A 240 20.45 36.79 -20.25
C PHE A 240 20.43 36.88 -21.78
N GLY A 241 21.18 36.00 -22.44
CA GLY A 241 21.31 35.96 -23.91
C GLY A 241 20.01 35.93 -24.72
N ARG A 242 19.00 35.19 -24.26
CA ARG A 242 17.72 35.04 -24.99
C ARG A 242 16.53 35.84 -24.43
N VAL A 243 16.46 36.04 -23.12
CA VAL A 243 15.42 36.91 -22.56
C VAL A 243 15.88 38.38 -22.63
N GLY A 244 17.06 38.67 -22.08
CA GLY A 244 17.56 40.07 -22.09
C GLY A 244 17.90 40.58 -23.48
N GLY A 245 18.78 39.82 -24.13
CA GLY A 245 19.22 40.11 -25.50
C GLY A 245 18.11 40.07 -26.51
N GLY A 246 17.13 39.20 -26.25
CA GLY A 246 15.85 39.20 -26.95
C GLY A 246 15.13 40.53 -26.78
N ILE A 247 14.98 40.96 -25.53
CA ILE A 247 14.27 42.20 -25.22
C ILE A 247 14.94 43.38 -25.91
N TYR A 248 16.28 43.33 -26.00
CA TYR A 248 17.01 44.32 -26.77
C TYR A 248 16.71 44.18 -28.26
N THR A 249 17.09 43.04 -28.86
CA THR A 249 17.07 42.94 -30.33
C THR A 249 15.82 43.55 -30.93
N LYS A 250 14.67 43.23 -30.35
CA LYS A 250 13.41 43.71 -30.87
C LYS A 250 12.98 45.06 -30.31
N ALA A 251 13.62 45.51 -29.24
CA ALA A 251 13.57 46.93 -28.89
C ALA A 251 14.15 47.75 -30.04
N ALA A 252 15.31 47.33 -30.52
CA ALA A 252 16.00 48.01 -31.63
C ALA A 252 15.23 47.92 -32.93
N ASP A 253 14.64 46.76 -33.24
CA ASP A 253 13.85 46.61 -34.48
C ASP A 253 12.58 47.42 -34.43
N VAL A 254 11.79 47.23 -33.39
CA VAL A 254 10.59 48.06 -33.20
C VAL A 254 10.97 49.57 -32.99
N GLY A 255 12.25 49.86 -32.71
CA GLY A 255 12.83 51.23 -32.84
C GLY A 255 13.07 51.56 -34.30
N ALA A 256 11.94 51.59 -35.01
CA ALA A 256 11.84 51.93 -36.43
C ALA A 256 10.74 52.97 -36.42
N ASP A 257 10.98 54.06 -35.68
CA ASP A 257 9.94 55.06 -35.36
C ASP A 257 10.26 56.54 -35.70
N LEU A 258 9.26 57.10 -36.41
CA LEU A 258 8.98 58.53 -36.68
C LEU A 258 7.51 58.77 -36.23
N VAL A 259 7.08 59.95 -35.75
CA VAL A 259 7.49 61.31 -36.21
C VAL A 259 8.87 61.87 -35.76
N GLY A 260 9.66 62.46 -36.67
CA GLY A 260 9.32 62.65 -38.11
C GLY A 260 10.53 62.88 -39.02
N LYS A 261 11.65 62.21 -38.68
CA LYS A 261 13.02 62.49 -39.19
C LYS A 261 13.15 63.58 -40.25
N ASP A 269 15.18 54.60 -42.11
CA ASP A 269 16.12 53.53 -42.52
C ASP A 269 17.63 53.90 -42.87
N ASP A 270 18.12 55.07 -42.44
CA ASP A 270 19.49 55.56 -42.77
C ASP A 270 20.45 55.20 -41.62
N PRO A 271 21.72 54.81 -41.92
CA PRO A 271 22.75 54.78 -40.85
C PRO A 271 22.77 55.99 -39.93
N ARG A 272 22.34 57.14 -40.46
CA ARG A 272 22.10 58.34 -39.68
C ARG A 272 21.08 58.15 -38.55
N ASN A 273 20.13 57.23 -38.72
CA ASN A 273 19.45 56.69 -37.55
C ASN A 273 20.29 55.61 -36.90
N PRO A 274 20.79 55.88 -35.68
CA PRO A 274 21.52 54.85 -34.98
C PRO A 274 20.68 53.62 -34.64
N ALA A 275 19.38 53.80 -34.42
CA ALA A 275 18.48 52.66 -34.13
C ALA A 275 18.51 51.59 -35.22
N VAL A 276 18.57 52.06 -36.46
CA VAL A 276 18.64 51.19 -37.62
C VAL A 276 19.81 50.26 -37.52
N ILE A 277 20.94 50.79 -37.09
CA ILE A 277 22.15 49.99 -37.00
C ILE A 277 22.23 49.27 -35.63
N ALA A 278 21.49 49.78 -34.65
CA ALA A 278 21.26 49.04 -33.42
C ALA A 278 20.53 47.73 -33.66
N ASP A 279 19.61 47.73 -34.64
CA ASP A 279 18.87 46.52 -35.03
C ASP A 279 19.78 45.50 -35.69
N ASN A 280 20.52 45.91 -36.70
CA ASN A 280 21.40 44.99 -37.42
C ASN A 280 22.39 44.31 -36.48
N VAL A 281 22.73 45.00 -35.40
CA VAL A 281 23.44 44.39 -34.27
C VAL A 281 22.55 43.28 -33.71
N GLY A 282 21.33 43.65 -33.34
CA GLY A 282 20.30 42.72 -32.82
C GLY A 282 20.04 41.46 -33.65
N ASP A 283 19.95 41.65 -34.96
CA ASP A 283 19.85 40.54 -35.90
C ASP A 283 20.89 39.49 -35.48
N ASN A 284 22.12 39.89 -35.21
CA ASN A 284 23.12 38.96 -34.69
C ASN A 284 22.79 38.47 -33.27
N VAL A 285 22.44 39.37 -32.35
CA VAL A 285 22.27 38.98 -30.92
C VAL A 285 21.16 37.94 -30.67
N GLY A 286 19.96 38.22 -31.17
CA GLY A 286 18.79 37.40 -30.90
C GLY A 286 18.77 36.05 -31.59
N ASP A 287 19.65 35.89 -32.58
CA ASP A 287 19.77 34.67 -33.37
C ASP A 287 21.17 34.04 -33.38
N ILE A 288 22.13 34.62 -32.68
CA ILE A 288 23.41 33.93 -32.53
C ILE A 288 23.58 33.66 -31.05
N ALA A 289 23.84 34.71 -30.28
CA ALA A 289 23.94 34.56 -28.84
C ALA A 289 22.63 33.95 -28.35
N GLY A 290 21.52 34.52 -28.80
CA GLY A 290 20.18 34.09 -28.40
C GLY A 290 19.90 32.60 -28.58
N MET A 291 19.95 32.13 -29.82
CA MET A 291 19.73 30.72 -30.11
C MET A 291 20.85 29.88 -29.50
N GLY A 292 22.08 30.32 -29.71
CA GLY A 292 23.27 29.61 -29.23
C GLY A 292 23.26 29.31 -27.74
N SER A 293 22.88 30.31 -26.95
CA SER A 293 22.76 30.14 -25.52
C SER A 293 21.68 29.14 -25.21
N ASP A 294 20.53 29.27 -25.88
CA ASP A 294 19.38 28.38 -25.65
C ASP A 294 19.68 26.94 -26.08
N LEU A 295 20.33 26.79 -27.24
CA LEU A 295 20.68 25.45 -27.73
C LEU A 295 21.82 24.84 -26.91
N PHE A 296 22.84 25.64 -26.57
CA PHE A 296 23.86 25.21 -25.61
C PHE A 296 23.25 24.76 -24.29
N GLY A 297 22.30 25.57 -23.81
CA GLY A 297 21.46 25.24 -22.67
C GLY A 297 20.81 23.90 -22.91
N SER A 298 19.88 23.86 -23.87
CA SER A 298 19.15 22.65 -24.25
C SER A 298 20.06 21.42 -24.42
N TYR A 299 21.26 21.60 -24.97
CA TYR A 299 22.25 20.52 -25.13
C TYR A 299 22.79 20.05 -23.81
N ALA A 300 23.30 21.01 -23.03
CA ALA A 300 24.03 20.69 -21.81
C ALA A 300 23.07 20.08 -20.83
N GLU A 301 22.04 20.86 -20.46
CA GLU A 301 21.10 20.39 -19.45
C GLU A 301 20.33 19.12 -19.85
N SER A 302 20.25 18.80 -21.14
CA SER A 302 19.78 17.46 -21.56
C SER A 302 20.81 16.40 -21.20
N SER A 303 22.08 16.70 -21.48
CA SER A 303 23.19 15.77 -21.19
C SER A 303 23.38 15.46 -19.70
N CYS A 304 22.99 16.39 -18.83
CA CYS A 304 23.09 16.18 -17.38
C CYS A 304 21.96 15.29 -16.90
N ALA A 305 20.73 15.62 -17.29
CA ALA A 305 19.57 14.75 -17.04
C ALA A 305 19.71 13.32 -17.62
N ALA A 306 20.54 13.15 -18.66
CA ALA A 306 20.87 11.82 -19.18
C ALA A 306 21.88 11.11 -18.28
N LEU A 307 22.86 11.85 -17.78
CA LEU A 307 23.81 11.28 -16.83
C LEU A 307 23.21 10.99 -15.44
N VAL A 308 22.32 11.84 -14.91
CA VAL A 308 21.81 11.61 -13.54
C VAL A 308 20.85 10.44 -13.43
N VAL A 309 20.26 10.01 -14.54
CA VAL A 309 19.47 8.79 -14.51
C VAL A 309 20.41 7.58 -14.69
N ALA A 310 21.36 7.67 -15.63
CA ALA A 310 22.33 6.59 -15.86
C ALA A 310 23.35 6.40 -14.73
N SER A 311 23.58 7.45 -13.95
CA SER A 311 24.45 7.34 -12.78
C SER A 311 23.85 6.39 -11.75
N ILE A 312 22.54 6.48 -11.55
CA ILE A 312 21.86 5.57 -10.64
C ILE A 312 21.18 4.43 -11.42
N SER A 313 21.73 4.10 -12.58
CA SER A 313 21.33 2.94 -13.37
C SER A 313 22.53 2.01 -13.50
N SER A 314 22.29 0.82 -14.07
CA SER A 314 23.33 -0.17 -14.42
C SER A 314 24.70 0.43 -14.62
N PHE A 315 24.77 1.32 -15.60
CA PHE A 315 26.04 1.89 -16.07
C PHE A 315 26.83 2.52 -14.94
N GLY A 316 26.16 3.41 -14.21
CA GLY A 316 26.78 4.13 -13.10
C GLY A 316 27.01 3.30 -11.86
N LEU A 317 26.13 2.33 -11.64
CA LEU A 317 26.28 1.44 -10.49
C LEU A 317 27.48 0.52 -10.71
N ASN A 318 27.50 -0.19 -11.82
CA ASN A 318 28.67 -1.00 -12.17
C ASN A 318 29.94 -0.17 -12.48
N HIS A 319 29.75 1.08 -12.94
CA HIS A 319 30.84 1.97 -13.36
C HIS A 319 31.38 1.53 -14.74
N GLU A 320 30.57 1.77 -15.77
CA GLU A 320 30.85 1.34 -17.14
C GLU A 320 31.05 2.56 -18.05
N LEU A 321 32.11 3.35 -17.82
CA LEU A 321 32.30 4.68 -18.48
C LEU A 321 31.63 4.85 -19.83
N THR A 322 31.93 3.93 -20.74
CA THR A 322 31.49 4.00 -22.13
C THR A 322 30.02 3.58 -22.26
N ALA A 323 29.16 4.33 -21.58
CA ALA A 323 27.74 3.99 -21.37
C ALA A 323 27.06 5.05 -20.49
N MET A 324 27.78 5.45 -19.45
CA MET A 324 27.54 6.72 -18.81
C MET A 324 27.70 7.76 -19.89
N LEU A 325 28.89 7.78 -20.50
CA LEU A 325 29.24 8.75 -21.53
C LEU A 325 28.74 8.45 -22.96
N TYR A 326 27.81 7.51 -23.11
CA TYR A 326 27.06 7.28 -24.36
C TYR A 326 26.47 8.58 -24.94
N PRO A 327 25.76 9.38 -24.12
CA PRO A 327 25.34 10.73 -24.53
C PRO A 327 26.45 11.58 -25.17
N LEU A 328 27.65 11.51 -24.61
CA LEU A 328 28.77 12.21 -25.19
C LEU A 328 29.28 11.51 -26.44
N ILE A 329 29.33 10.18 -26.43
CA ILE A 329 29.74 9.43 -27.64
C ILE A 329 28.79 9.82 -28.77
N VAL A 330 27.49 9.89 -28.46
CA VAL A 330 26.46 10.35 -29.40
C VAL A 330 26.78 11.75 -29.91
N SER A 331 26.89 12.69 -28.97
CA SER A 331 27.21 14.08 -29.30
C SER A 331 28.52 14.23 -30.07
N SER A 332 29.51 13.41 -29.75
CA SER A 332 30.84 13.50 -30.38
C SER A 332 30.88 12.99 -31.82
N VAL A 333 30.12 11.92 -32.12
CA VAL A 333 29.89 11.46 -33.50
C VAL A 333 29.17 12.52 -34.29
N GLY A 334 28.11 13.07 -33.68
CA GLY A 334 27.34 14.21 -34.20
C GLY A 334 28.13 15.37 -34.80
N ILE A 335 29.23 15.75 -34.13
CA ILE A 335 30.17 16.70 -34.70
C ILE A 335 30.80 16.11 -35.95
N LEU A 336 31.34 14.91 -35.83
CA LEU A 336 31.92 14.23 -36.99
C LEU A 336 30.91 14.15 -38.17
N VAL A 337 29.70 13.65 -37.91
CA VAL A 337 28.65 13.55 -38.94
C VAL A 337 28.38 14.90 -39.56
N CYS A 338 28.07 15.88 -38.72
CA CYS A 338 27.69 17.21 -39.20
C CYS A 338 28.79 17.90 -40.03
N LEU A 339 30.05 17.68 -39.65
CA LEU A 339 31.19 18.10 -40.47
C LEU A 339 31.01 17.60 -41.92
N LEU A 340 30.81 16.29 -42.06
CA LEU A 340 30.65 15.67 -43.37
C LEU A 340 29.49 16.27 -44.15
N THR A 341 28.35 16.44 -43.47
CA THR A 341 27.14 16.93 -44.14
C THR A 341 27.30 18.39 -44.47
N THR A 342 28.06 19.13 -43.67
CA THR A 342 28.40 20.52 -43.97
C THR A 342 29.18 20.64 -45.29
N LEU A 343 30.01 19.65 -45.61
CA LEU A 343 30.82 19.66 -46.84
C LEU A 343 30.00 19.54 -48.11
N PHE A 344 28.81 18.95 -48.02
CA PHE A 344 27.89 18.91 -49.17
C PHE A 344 27.44 20.31 -49.65
N ALA A 345 27.17 21.22 -48.72
CA ALA A 345 26.76 22.59 -49.09
C ALA A 345 27.94 23.57 -49.24
N THR A 346 29.14 23.15 -48.84
CA THR A 346 30.36 23.98 -48.88
C THR A 346 31.22 23.69 -50.11
N ASP A 347 31.57 22.41 -50.31
CA ASP A 347 32.60 22.02 -51.30
C ASP A 347 32.12 21.13 -52.51
N PHE A 348 31.37 20.04 -52.26
CA PHE A 348 31.02 19.05 -53.35
C PHE A 348 30.02 19.59 -54.38
N PHE A 349 28.81 19.91 -53.92
CA PHE A 349 27.80 20.66 -54.68
C PHE A 349 28.10 22.13 -54.39
N GLU A 350 27.70 23.02 -55.29
CA GLU A 350 27.80 24.47 -55.08
C GLU A 350 26.63 25.11 -55.80
N ILE A 351 26.27 26.32 -55.38
CA ILE A 351 24.97 26.90 -55.73
C ILE A 351 25.17 27.71 -57.00
N LYS A 352 24.16 27.74 -57.87
CA LYS A 352 24.14 28.63 -59.05
C LYS A 352 23.02 29.65 -58.90
N ALA A 353 21.78 29.20 -59.03
CA ALA A 353 20.61 30.07 -59.06
C ALA A 353 20.13 30.30 -57.65
N VAL A 354 19.39 31.39 -57.43
CA VAL A 354 18.85 31.65 -56.10
C VAL A 354 17.76 30.61 -55.78
N LYS A 355 16.96 30.21 -56.77
CA LYS A 355 15.93 29.18 -56.52
C LYS A 355 16.48 27.95 -55.77
N GLU A 356 17.74 27.61 -56.02
CA GLU A 356 18.47 26.53 -55.34
C GLU A 356 18.89 26.79 -53.86
N ILE A 357 18.86 28.04 -53.42
CA ILE A 357 19.42 28.43 -52.12
C ILE A 357 18.62 27.88 -50.91
N GLU A 358 17.32 28.18 -50.80
CA GLU A 358 16.54 27.76 -49.63
C GLU A 358 16.51 26.24 -49.41
N PRO A 359 16.45 25.44 -50.51
CA PRO A 359 16.67 24.01 -50.40
C PRO A 359 18.01 23.65 -49.79
N ALA A 360 19.11 24.13 -50.38
CA ALA A 360 20.47 23.76 -49.93
C ALA A 360 20.61 23.76 -48.42
N LEU A 361 19.99 24.76 -47.78
CA LEU A 361 19.84 24.82 -46.32
C LEU A 361 19.03 23.64 -45.78
N LYS A 362 17.81 23.48 -46.29
CA LYS A 362 16.97 22.35 -45.87
C LYS A 362 17.57 20.97 -46.13
N LYS A 363 18.33 20.82 -47.22
CA LYS A 363 18.97 19.52 -47.59
C LYS A 363 19.93 19.11 -46.50
N GLN A 364 20.79 20.04 -46.09
CA GLN A 364 21.67 19.89 -44.95
C GLN A 364 20.99 19.16 -43.81
N LEU A 365 19.80 19.65 -43.46
CA LEU A 365 19.01 19.07 -42.38
C LEU A 365 18.66 17.60 -42.62
N VAL A 366 18.20 17.29 -43.83
CA VAL A 366 17.90 15.89 -44.15
C VAL A 366 19.20 15.10 -44.14
N ILE A 367 20.25 15.60 -44.82
CA ILE A 367 21.51 14.86 -44.96
C ILE A 367 21.99 14.40 -43.58
N SER A 368 21.98 15.32 -42.63
CA SER A 368 22.49 15.05 -41.28
C SER A 368 21.60 14.05 -40.55
N THR A 369 20.35 14.42 -40.28
CA THR A 369 19.32 13.48 -39.81
C THR A 369 19.58 12.04 -40.31
N VAL A 370 19.70 11.92 -41.63
CA VAL A 370 19.93 10.64 -42.28
C VAL A 370 21.29 10.04 -41.90
N LEU A 371 22.35 10.81 -42.07
CA LEU A 371 23.67 10.37 -41.66
C LEU A 371 23.70 9.98 -40.18
N MET A 372 23.11 10.81 -39.32
CA MET A 372 23.19 10.61 -37.86
C MET A 372 22.50 9.33 -37.41
N THR A 373 21.43 8.96 -38.11
CA THR A 373 20.75 7.72 -37.81
C THR A 373 21.68 6.51 -38.02
N ILE A 374 22.42 6.53 -39.14
CA ILE A 374 23.51 5.56 -39.39
C ILE A 374 24.61 5.70 -38.35
N GLY A 375 24.98 6.94 -38.04
CA GLY A 375 26.00 7.24 -37.02
C GLY A 375 25.66 6.77 -35.62
N VAL A 376 24.44 7.04 -35.18
CA VAL A 376 24.03 6.66 -33.84
C VAL A 376 23.60 5.18 -33.77
N ALA A 377 23.38 4.56 -34.92
CA ALA A 377 23.19 3.10 -35.02
C ALA A 377 24.48 2.38 -34.69
N VAL A 378 25.60 2.95 -35.13
CA VAL A 378 26.90 2.42 -34.79
C VAL A 378 27.25 2.68 -33.34
N VAL A 379 27.11 3.92 -32.88
CA VAL A 379 27.41 4.28 -31.48
C VAL A 379 26.69 3.36 -30.50
N SER A 380 25.42 3.09 -30.80
CA SER A 380 24.60 2.19 -29.99
C SER A 380 25.16 0.76 -30.00
N PHE A 381 25.43 0.25 -31.18
CA PHE A 381 26.09 -1.05 -31.36
C PHE A 381 27.42 -1.13 -30.60
N VAL A 382 28.32 -0.20 -30.91
CA VAL A 382 29.74 -0.29 -30.50
C VAL A 382 30.10 0.20 -29.10
N ALA A 383 29.15 0.80 -28.38
CA ALA A 383 29.41 1.28 -27.01
C ALA A 383 28.19 1.25 -26.11
N LEU A 384 27.35 0.22 -26.25
CA LEU A 384 26.36 -0.15 -25.24
C LEU A 384 26.39 -1.68 -25.09
N PRO A 385 26.21 -2.16 -23.84
CA PRO A 385 26.03 -3.59 -23.66
C PRO A 385 24.64 -3.98 -24.17
N THR A 386 24.52 -5.19 -24.72
CA THR A 386 23.25 -5.72 -25.25
C THR A 386 22.04 -5.44 -24.33
N SER A 387 22.24 -5.61 -23.02
CA SER A 387 21.22 -5.31 -22.01
C SER A 387 21.79 -4.70 -20.74
N PHE A 388 20.91 -4.01 -20.01
CA PHE A 388 21.27 -3.24 -18.83
C PHE A 388 19.96 -2.82 -18.15
N THR A 389 20.08 -2.21 -16.97
CA THR A 389 18.94 -1.63 -16.29
C THR A 389 19.03 -0.13 -16.14
N ILE A 390 17.87 0.49 -16.31
CA ILE A 390 17.72 1.93 -16.30
C ILE A 390 16.77 2.24 -15.15
N PHE A 391 17.19 3.13 -14.28
CA PHE A 391 16.44 3.47 -13.09
C PHE A 391 15.09 4.12 -13.44
N ASN A 392 14.09 3.83 -12.62
CA ASN A 392 12.95 4.73 -12.46
C ASN A 392 12.13 4.42 -11.20
N PHE A 393 12.12 5.38 -10.29
CA PHE A 393 11.19 5.41 -9.16
C PHE A 393 11.30 4.20 -8.23
N GLY A 394 12.52 3.69 -8.13
CA GLY A 394 12.86 2.55 -7.29
C GLY A 394 13.43 1.45 -8.14
N VAL A 395 12.60 0.95 -9.06
CA VAL A 395 12.90 -0.28 -9.81
C VAL A 395 14.01 -0.02 -10.81
N GLN A 396 14.79 -1.07 -11.08
CA GLN A 396 15.72 -1.07 -12.20
C GLN A 396 14.99 -1.72 -13.39
N LYS A 397 14.67 -0.91 -14.39
CA LYS A 397 13.93 -1.36 -15.58
C LYS A 397 14.88 -2.06 -16.52
N ASP A 398 14.42 -3.12 -17.17
CA ASP A 398 15.23 -3.79 -18.20
C ASP A 398 15.07 -3.07 -19.56
N VAL A 399 16.19 -2.95 -20.26
CA VAL A 399 16.28 -2.16 -21.48
C VAL A 399 17.31 -2.83 -22.38
N LYS A 400 16.86 -3.39 -23.50
CA LYS A 400 17.77 -3.84 -24.56
C LYS A 400 18.34 -2.63 -25.31
N SER A 401 19.60 -2.75 -25.73
CA SER A 401 20.35 -1.59 -26.22
C SER A 401 19.93 -1.08 -27.60
N TRP A 402 19.19 -1.88 -28.36
CA TRP A 402 18.55 -1.35 -29.57
C TRP A 402 17.41 -0.37 -29.26
N GLN A 403 16.82 -0.51 -28.08
CA GLN A 403 15.69 0.33 -27.69
C GLN A 403 16.14 1.75 -27.34
N LEU A 404 17.36 1.88 -26.81
CA LEU A 404 18.00 3.19 -26.71
C LEU A 404 18.30 3.82 -28.05
N PHE A 405 18.64 3.01 -29.05
CA PHE A 405 18.76 3.53 -30.40
C PHE A 405 17.43 4.11 -30.89
N LEU A 406 16.33 3.42 -30.64
CA LEU A 406 14.99 3.93 -30.95
C LEU A 406 14.65 5.23 -30.22
N CYS A 407 15.15 5.38 -29.01
CA CYS A 407 14.92 6.58 -28.23
C CYS A 407 15.70 7.79 -28.74
N VAL A 408 16.94 7.64 -29.21
CA VAL A 408 17.61 8.80 -29.90
C VAL A 408 16.99 9.00 -31.27
N ALA A 409 16.69 7.91 -31.95
CA ALA A 409 16.17 8.00 -33.29
C ALA A 409 14.86 8.75 -33.25
N VAL A 410 13.90 8.30 -32.45
CA VAL A 410 12.61 8.99 -32.33
C VAL A 410 12.79 10.48 -32.09
N GLY A 411 13.77 10.84 -31.26
CA GLY A 411 14.16 12.24 -31.02
C GLY A 411 14.77 12.89 -32.26
N LEU A 412 15.76 12.21 -32.84
CA LEU A 412 16.41 12.65 -34.09
C LEU A 412 15.35 13.06 -35.11
N TRP A 413 14.39 12.18 -35.36
CA TRP A 413 13.44 12.35 -36.44
C TRP A 413 12.23 13.22 -36.13
N ALA A 414 11.88 13.34 -34.86
CA ALA A 414 10.87 14.31 -34.45
C ALA A 414 11.38 15.72 -34.69
N GLY A 415 12.68 15.92 -34.49
CA GLY A 415 13.36 17.18 -34.84
C GLY A 415 13.13 17.55 -36.29
N LEU A 416 13.47 16.62 -37.17
CA LEU A 416 13.34 16.81 -38.61
C LEU A 416 11.88 17.12 -38.94
N ILE A 417 10.96 16.31 -38.42
CA ILE A 417 9.51 16.52 -38.62
C ILE A 417 9.09 17.94 -38.18
N ILE A 418 9.37 18.22 -36.90
CA ILE A 418 8.80 19.38 -36.19
C ILE A 418 9.27 20.69 -36.82
N GLY A 419 10.48 20.68 -37.35
CA GLY A 419 10.97 21.79 -38.16
C GLY A 419 10.17 21.98 -39.44
N PHE A 420 9.94 20.87 -40.16
CA PHE A 420 9.19 20.94 -41.41
C PHE A 420 7.74 21.30 -41.22
N VAL A 421 7.04 20.72 -40.25
CA VAL A 421 5.67 21.17 -39.94
C VAL A 421 5.69 22.67 -39.82
N THR A 422 6.65 23.15 -39.04
CA THR A 422 6.87 24.56 -38.88
C THR A 422 7.08 25.26 -40.24
N GLU A 423 8.04 24.81 -41.05
CA GLU A 423 8.27 25.44 -42.39
C GLU A 423 6.95 25.81 -43.05
N TYR A 424 6.09 24.80 -43.19
CA TYR A 424 4.76 24.92 -43.77
C TYR A 424 3.92 26.09 -43.22
N TYR A 425 3.89 26.20 -41.90
CA TYR A 425 3.13 27.24 -41.23
C TYR A 425 3.80 28.63 -41.22
N THR A 426 5.09 28.68 -41.52
CA THR A 426 5.87 29.92 -41.51
C THR A 426 6.76 30.01 -42.74
N SER A 427 6.16 29.87 -43.92
CA SER A 427 6.84 30.17 -45.17
C SER A 427 5.81 30.62 -46.20
N ASN A 428 6.17 31.70 -46.90
CA ASN A 428 5.43 32.21 -48.07
C ASN A 428 5.39 31.25 -49.28
N ALA A 429 6.25 30.23 -49.25
CA ALA A 429 6.17 29.06 -50.13
C ALA A 429 4.84 28.36 -50.04
N TYR A 430 4.36 28.16 -48.83
CA TYR A 430 3.23 27.28 -48.63
C TYR A 430 1.98 28.10 -48.48
N SER A 431 0.86 27.39 -48.61
CA SER A 431 -0.47 27.96 -48.59
C SER A 431 -0.78 28.95 -47.45
N PRO A 432 -0.48 28.59 -46.17
CA PRO A 432 -1.17 29.35 -45.13
C PRO A 432 -0.59 30.75 -44.92
N VAL A 433 0.71 30.93 -45.14
CA VAL A 433 1.29 32.26 -45.06
C VAL A 433 0.71 33.17 -46.14
N GLN A 434 0.40 32.59 -47.29
CA GLN A 434 -0.20 33.33 -48.39
C GLN A 434 -1.64 33.68 -48.09
N ASP A 435 -2.35 32.79 -47.38
CA ASP A 435 -3.67 33.12 -46.84
C ASP A 435 -3.66 34.33 -45.90
N VAL A 436 -2.56 34.52 -45.18
CA VAL A 436 -2.41 35.68 -44.32
C VAL A 436 -2.19 36.89 -45.23
N ALA A 437 -1.26 36.78 -46.17
CA ALA A 437 -1.04 37.84 -47.15
C ALA A 437 -2.33 38.32 -47.83
N ASP A 438 -3.24 37.41 -48.12
CA ASP A 438 -4.53 37.78 -48.72
C ASP A 438 -5.51 38.48 -47.75
N SER A 439 -5.25 38.38 -46.45
CA SER A 439 -6.04 39.08 -45.43
C SER A 439 -5.70 40.56 -45.47
N CYS A 440 -4.42 40.87 -45.55
CA CYS A 440 -3.99 42.27 -45.57
C CYS A 440 -4.51 43.07 -46.75
N ARG A 441 -5.06 42.38 -47.76
CA ARG A 441 -5.94 43.05 -48.69
C ARG A 441 -7.10 43.65 -47.90
N THR A 442 -7.88 42.80 -47.26
CA THR A 442 -9.11 43.27 -46.58
C THR A 442 -8.84 44.19 -45.39
N GLY A 443 -7.79 43.94 -44.62
CA GLY A 443 -7.55 44.76 -43.42
C GLY A 443 -6.21 44.56 -42.75
N ALA A 444 -5.93 45.41 -41.77
CA ALA A 444 -4.80 45.17 -40.86
C ALA A 444 -5.24 44.32 -39.69
N ALA A 445 -6.49 44.53 -39.27
CA ALA A 445 -7.12 43.67 -38.27
C ALA A 445 -7.34 42.23 -38.75
N THR A 446 -7.52 42.06 -40.05
CA THR A 446 -7.66 40.72 -40.61
C THR A 446 -6.26 40.06 -40.66
N ASN A 447 -5.21 40.77 -41.11
CA ASN A 447 -3.83 40.20 -41.19
C ASN A 447 -3.44 39.66 -39.84
N VAL A 448 -3.69 40.42 -38.78
CA VAL A 448 -3.40 39.93 -37.45
C VAL A 448 -4.34 38.77 -37.04
N ILE A 449 -5.66 38.88 -37.24
CA ILE A 449 -6.58 37.78 -36.83
C ILE A 449 -6.19 36.44 -37.48
N PHE A 450 -6.06 36.43 -38.81
CA PHE A 450 -5.79 35.20 -39.55
C PHE A 450 -4.48 34.55 -39.13
N GLY A 451 -3.49 35.38 -38.76
CA GLY A 451 -2.16 34.92 -38.32
C GLY A 451 -2.03 34.51 -36.86
N LEU A 452 -2.86 35.07 -35.97
CA LEU A 452 -3.04 34.51 -34.62
C LEU A 452 -3.56 33.08 -34.75
N ALA A 453 -4.60 32.93 -35.57
CA ALA A 453 -5.23 31.64 -35.84
C ALA A 453 -4.27 30.64 -36.48
N LEU A 454 -3.36 31.13 -37.32
CA LEU A 454 -2.35 30.27 -37.94
C LEU A 454 -1.41 29.67 -36.90
N GLY A 455 -0.87 30.52 -36.01
CA GLY A 455 0.03 30.03 -34.95
C GLY A 455 -0.66 29.05 -34.05
N TYR A 456 -1.85 29.45 -33.56
CA TYR A 456 -2.76 28.60 -32.78
C TYR A 456 -2.92 27.19 -33.39
N LYS A 457 -3.21 27.13 -34.69
CA LYS A 457 -3.33 25.87 -35.40
C LYS A 457 -1.98 25.23 -35.71
N SER A 458 -0.89 25.98 -35.68
CA SER A 458 0.43 25.36 -35.89
C SER A 458 0.70 24.21 -34.92
N VAL A 459 0.37 24.44 -33.65
CA VAL A 459 0.82 23.60 -32.51
C VAL A 459 0.52 22.10 -32.61
N ILE A 460 -0.54 21.74 -33.33
CA ILE A 460 -1.12 20.39 -33.29
C ILE A 460 -0.08 19.30 -33.62
N ILE A 461 0.62 19.47 -34.74
CA ILE A 461 1.58 18.44 -35.19
C ILE A 461 2.81 18.40 -34.25
N PRO A 462 3.38 19.57 -33.87
CA PRO A 462 4.45 19.54 -32.87
C PRO A 462 4.12 18.90 -31.51
N ILE A 463 2.90 19.08 -31.02
CA ILE A 463 2.48 18.39 -29.80
C ILE A 463 2.39 16.89 -30.04
N PHE A 464 1.54 16.45 -30.97
CA PHE A 464 1.42 15.01 -31.23
C PHE A 464 2.79 14.38 -31.51
N ALA A 465 3.65 15.08 -32.25
CA ALA A 465 5.05 14.68 -32.46
C ALA A 465 5.82 14.48 -31.18
N ILE A 466 5.67 15.42 -30.26
CA ILE A 466 6.29 15.31 -28.94
C ILE A 466 5.72 14.10 -28.24
N ALA A 467 4.39 14.06 -28.18
CA ALA A 467 3.64 13.01 -27.46
C ALA A 467 4.12 11.63 -27.84
N ILE A 468 4.34 11.43 -29.13
CA ILE A 468 4.85 10.17 -29.65
C ILE A 468 6.31 9.90 -29.19
N SER A 469 7.18 10.87 -29.36
CA SER A 469 8.56 10.75 -28.89
C SER A 469 8.67 10.53 -27.38
N ILE A 470 7.67 10.96 -26.63
CA ILE A 470 7.59 10.64 -25.22
C ILE A 470 7.17 9.18 -25.09
N PHE A 471 5.99 8.87 -25.62
CA PHE A 471 5.38 7.55 -25.49
C PHE A 471 6.25 6.37 -25.97
N VAL A 472 7.05 6.59 -27.02
CA VAL A 472 8.12 5.67 -27.36
C VAL A 472 9.16 5.63 -26.24
N SER A 473 9.71 6.78 -25.91
CA SER A 473 10.87 6.88 -25.02
C SER A 473 10.64 6.45 -23.58
N PHE A 474 9.51 6.83 -22.99
CA PHE A 474 9.19 6.50 -21.58
C PHE A 474 9.14 5.00 -21.42
N THR A 475 8.59 4.39 -22.46
CA THR A 475 8.47 2.95 -22.62
C THR A 475 9.82 2.25 -22.62
N PHE A 476 10.62 2.49 -23.66
CA PHE A 476 11.83 1.71 -23.92
C PHE A 476 12.86 1.77 -22.79
N ALA A 477 13.57 2.89 -22.65
CA ALA A 477 14.23 3.28 -21.39
C ALA A 477 13.16 4.03 -20.59
N ALA A 478 13.49 4.55 -19.42
CA ALA A 478 12.47 5.21 -18.60
C ALA A 478 12.62 6.69 -18.83
N MET A 479 13.07 7.43 -17.82
CA MET A 479 13.36 8.85 -17.99
C MET A 479 14.68 8.99 -18.75
N TYR A 480 15.58 8.02 -18.59
CA TYR A 480 16.84 8.02 -19.33
C TYR A 480 16.59 7.98 -20.81
N GLY A 481 15.52 7.31 -21.19
CA GLY A 481 15.05 7.34 -22.58
C GLY A 481 14.65 8.72 -23.07
N ILE A 482 13.85 9.41 -22.27
CA ILE A 482 13.40 10.77 -22.55
C ILE A 482 14.58 11.76 -22.65
N ALA A 483 15.60 11.54 -21.85
CA ALA A 483 16.80 12.37 -21.85
C ALA A 483 17.60 12.13 -23.14
N VAL A 484 17.94 10.86 -23.35
CA VAL A 484 18.48 10.37 -24.60
C VAL A 484 17.73 10.93 -25.82
N ALA A 485 16.40 10.96 -25.75
CA ALA A 485 15.55 11.47 -26.83
C ALA A 485 15.68 12.96 -27.05
N ALA A 486 15.85 13.72 -25.98
CA ALA A 486 16.13 15.14 -26.09
C ALA A 486 17.52 15.35 -26.69
N LEU A 487 18.52 14.58 -26.26
CA LEU A 487 19.81 14.62 -26.92
C LEU A 487 19.67 14.18 -28.38
N GLY A 488 18.77 13.22 -28.62
CA GLY A 488 18.36 12.85 -29.99
C GLY A 488 18.06 14.05 -30.90
N MET A 489 17.18 14.93 -30.44
CA MET A 489 16.89 16.20 -31.14
C MET A 489 18.13 17.10 -31.37
N LEU A 490 19.16 16.93 -30.55
CA LEU A 490 20.30 17.85 -30.47
C LEU A 490 21.61 17.20 -30.85
N SER A 491 21.54 16.05 -31.51
CA SER A 491 22.76 15.39 -32.01
C SER A 491 23.31 16.14 -33.21
N THR A 492 22.38 16.77 -33.92
CA THR A 492 22.65 17.43 -35.18
C THR A 492 22.98 18.92 -34.94
N ILE A 493 23.40 19.28 -33.71
CA ILE A 493 23.29 20.67 -33.27
C ILE A 493 24.33 21.64 -33.83
N ALA A 494 25.29 21.15 -34.61
CA ALA A 494 26.23 22.00 -35.34
C ALA A 494 25.61 22.61 -36.60
N THR A 495 25.02 21.76 -37.45
CA THR A 495 24.36 22.26 -38.67
C THR A 495 23.06 22.94 -38.27
N GLY A 496 22.37 22.36 -37.29
CA GLY A 496 21.18 22.95 -36.72
C GLY A 496 21.39 24.40 -36.37
N LEU A 497 22.57 24.69 -35.81
CA LEU A 497 22.94 26.05 -35.42
C LEU A 497 23.43 26.80 -36.64
N ALA A 498 24.39 26.23 -37.35
CA ALA A 498 24.90 26.84 -38.60
C ALA A 498 23.81 27.52 -39.48
N ILE A 499 22.74 26.81 -39.79
CA ILE A 499 21.64 27.39 -40.59
C ILE A 499 20.93 28.54 -39.84
N ASP A 500 20.75 28.39 -38.52
CA ASP A 500 20.16 29.45 -37.66
C ASP A 500 21.07 30.68 -37.61
N ALA A 501 22.38 30.41 -37.61
CA ALA A 501 23.44 31.41 -37.62
C ALA A 501 23.63 32.07 -38.96
N TYR A 502 23.36 31.31 -40.04
CA TYR A 502 23.42 31.82 -41.40
C TYR A 502 22.40 32.96 -41.62
N GLY A 503 21.18 32.75 -41.13
CA GLY A 503 20.07 33.73 -41.21
C GLY A 503 20.30 35.22 -40.92
N PRO A 504 20.85 35.55 -39.72
CA PRO A 504 21.15 36.93 -39.35
C PRO A 504 22.39 37.54 -40.00
N ILE A 505 23.34 36.71 -40.40
CA ILE A 505 24.43 37.16 -41.27
C ILE A 505 23.87 37.77 -42.55
N SER A 506 22.88 37.11 -43.12
CA SER A 506 22.24 37.58 -44.33
C SER A 506 21.28 38.77 -44.15
N ASP A 507 20.73 39.00 -42.96
CA ASP A 507 19.99 40.27 -42.69
C ASP A 507 20.97 41.45 -42.57
N ASN A 508 22.18 41.17 -42.12
CA ASN A 508 23.24 42.17 -42.11
C ASN A 508 23.82 42.35 -43.49
N ALA A 509 24.21 41.26 -44.14
CA ALA A 509 24.64 41.33 -45.55
C ALA A 509 23.65 42.15 -46.38
N GLY A 510 22.36 41.85 -46.18
CA GLY A 510 21.26 42.57 -46.78
C GLY A 510 21.40 44.04 -46.47
N GLY A 511 21.28 44.37 -45.20
CA GLY A 511 21.33 45.76 -44.73
C GLY A 511 22.61 46.51 -45.03
N ILE A 512 23.73 45.78 -45.14
CA ILE A 512 25.02 46.39 -45.49
C ILE A 512 25.04 46.76 -46.96
N ALA A 513 24.25 46.08 -47.78
CA ALA A 513 24.06 46.47 -49.18
C ALA A 513 23.08 47.63 -49.32
N GLU A 514 21.90 47.49 -48.72
CA GLU A 514 20.92 48.57 -48.68
C GLU A 514 21.57 49.89 -48.28
N MET A 515 22.23 49.90 -47.12
CA MET A 515 22.77 51.13 -46.55
C MET A 515 23.98 51.65 -47.32
N ALA A 516 24.96 50.77 -47.57
CA ALA A 516 26.10 51.13 -48.44
C ALA A 516 25.67 51.47 -49.88
N GLY A 517 24.45 51.06 -50.24
CA GLY A 517 23.75 51.51 -51.45
C GLY A 517 24.45 50.95 -52.66
N MET A 518 24.20 49.68 -52.93
CA MET A 518 24.97 48.93 -53.92
C MET A 518 24.18 48.60 -55.20
N SER A 519 24.90 48.04 -56.16
CA SER A 519 24.34 47.52 -57.41
C SER A 519 23.04 46.77 -57.15
N HIS A 520 21.96 47.19 -57.80
CA HIS A 520 20.68 46.50 -57.68
C HIS A 520 20.82 45.00 -58.03
N ARG A 521 21.84 44.65 -58.82
CA ARG A 521 22.19 43.26 -59.06
C ARG A 521 22.56 42.57 -57.73
N ILE A 522 23.47 43.21 -56.99
CA ILE A 522 23.96 42.71 -55.69
C ILE A 522 22.82 42.64 -54.66
N ARG A 523 22.13 43.76 -54.49
CA ARG A 523 20.97 43.88 -53.58
C ARG A 523 19.89 42.82 -53.80
N GLU A 524 19.71 42.36 -55.03
CA GLU A 524 18.81 41.24 -55.30
C GLU A 524 19.45 39.93 -54.78
N ARG A 525 20.75 39.76 -55.04
CA ARG A 525 21.48 38.58 -54.55
C ARG A 525 21.55 38.46 -53.04
N THR A 526 21.58 39.59 -52.33
CA THR A 526 21.54 39.55 -50.88
C THR A 526 20.13 39.22 -50.44
N ASP A 527 19.17 40.05 -50.84
CA ASP A 527 17.77 39.81 -50.51
C ASP A 527 17.29 38.37 -50.77
N ALA A 528 17.92 37.69 -51.73
CA ALA A 528 17.72 36.26 -51.91
C ALA A 528 18.15 35.48 -50.66
N LEU A 529 19.41 35.66 -50.26
CA LEU A 529 19.94 35.01 -49.04
C LEU A 529 19.09 35.34 -47.82
N ASP A 530 18.59 36.58 -47.79
CA ASP A 530 17.77 37.11 -46.71
C ASP A 530 16.46 36.35 -46.51
N ALA A 531 15.65 36.28 -47.56
CA ALA A 531 14.34 35.61 -47.47
C ALA A 531 14.45 34.09 -47.27
N ALA A 532 15.59 33.54 -47.69
CA ALA A 532 15.91 32.13 -47.50
C ALA A 532 16.22 31.88 -46.06
N GLY A 533 17.05 32.75 -45.50
CA GLY A 533 17.35 32.76 -44.08
C GLY A 533 16.15 33.01 -43.19
N ASN A 534 15.23 33.86 -43.67
CA ASN A 534 13.96 34.12 -42.97
C ASN A 534 13.08 32.88 -42.87
N THR A 535 12.85 32.21 -44.00
CA THR A 535 12.15 30.92 -44.00
C THR A 535 12.79 29.88 -43.06
N THR A 536 14.13 29.90 -43.06
CA THR A 536 15.01 29.01 -42.28
C THR A 536 14.96 29.27 -40.77
N ALA A 537 15.01 30.53 -40.37
CA ALA A 537 15.03 30.85 -38.95
C ALA A 537 13.66 30.73 -38.24
N ALA A 538 12.61 30.37 -38.96
CA ALA A 538 11.34 30.01 -38.33
C ALA A 538 11.40 28.57 -37.92
N ILE A 539 11.90 27.73 -38.84
CA ILE A 539 12.27 26.35 -38.51
C ILE A 539 13.07 26.43 -37.22
N GLY A 540 14.19 27.15 -37.27
CA GLY A 540 15.07 27.33 -36.11
C GLY A 540 14.40 27.47 -34.74
N LYS A 541 13.38 28.33 -34.67
CA LYS A 541 12.62 28.53 -33.44
C LYS A 541 11.82 27.29 -33.10
N GLY A 542 11.21 26.67 -34.11
CA GLY A 542 10.53 25.39 -33.96
C GLY A 542 11.40 24.31 -33.34
N PHE A 543 12.37 23.81 -34.12
CA PHE A 543 13.50 22.98 -33.64
C PHE A 543 13.77 23.12 -32.14
N ALA A 544 13.86 24.35 -31.66
CA ALA A 544 14.15 24.68 -30.25
C ALA A 544 13.00 24.46 -29.28
N ILE A 545 11.78 24.86 -29.65
CA ILE A 545 10.61 24.82 -28.74
C ILE A 545 10.14 23.40 -28.43
N GLY A 546 10.50 22.44 -29.29
CA GLY A 546 10.25 21.03 -29.03
C GLY A 546 11.38 20.43 -28.24
N SER A 547 12.61 20.65 -28.72
CA SER A 547 13.84 20.28 -28.00
C SER A 547 13.92 20.77 -26.55
N ALA A 548 13.33 21.94 -26.30
CA ALA A 548 13.02 22.38 -24.97
C ALA A 548 12.06 21.37 -24.35
N ALA A 549 10.76 21.48 -24.60
CA ALA A 549 9.80 20.53 -24.01
C ALA A 549 10.37 19.13 -23.70
N LEU A 550 11.14 18.57 -24.64
CA LEU A 550 11.82 17.27 -24.42
C LEU A 550 12.84 17.34 -23.28
N VAL A 551 13.74 18.34 -23.29
CA VAL A 551 14.66 18.56 -22.15
C VAL A 551 13.97 19.02 -20.85
N SER A 552 12.98 19.91 -20.94
CA SER A 552 12.26 20.39 -19.76
C SER A 552 11.40 19.33 -19.14
N LEU A 553 11.16 18.26 -19.89
CA LEU A 553 10.57 17.03 -19.37
C LEU A 553 11.64 16.10 -18.77
N ALA A 554 12.81 16.01 -19.42
CA ALA A 554 13.91 15.13 -18.96
C ALA A 554 14.43 15.48 -17.60
N LEU A 555 14.64 16.78 -17.42
CA LEU A 555 15.01 17.34 -16.15
C LEU A 555 13.91 17.07 -15.16
N PHE A 556 12.68 17.47 -15.50
CA PHE A 556 11.49 17.27 -14.63
C PHE A 556 11.42 15.89 -13.96
N GLY A 557 11.69 14.83 -14.70
CA GLY A 557 11.65 13.47 -14.13
C GLY A 557 12.94 13.05 -13.45
N ALA A 558 14.05 13.52 -14.00
CA ALA A 558 15.34 13.47 -13.32
C ALA A 558 15.38 14.28 -12.00
N PHE A 559 14.50 15.27 -11.84
CA PHE A 559 14.27 15.96 -10.56
C PHE A 559 13.40 15.11 -9.64
N VAL A 560 12.30 14.60 -10.16
CA VAL A 560 11.48 13.62 -9.43
C VAL A 560 12.35 12.45 -8.95
N SER A 561 13.25 11.98 -9.82
CA SER A 561 14.18 10.90 -9.48
C SER A 561 15.24 11.32 -8.46
N ARG A 562 15.51 12.62 -8.30
CA ARG A 562 16.32 13.12 -7.15
C ARG A 562 15.48 13.22 -5.91
N ALA A 563 14.38 13.97 -5.99
CA ALA A 563 13.50 14.17 -4.83
C ALA A 563 12.87 12.87 -4.30
N SER A 564 12.95 11.80 -5.10
CA SER A 564 12.44 10.46 -4.75
C SER A 564 10.93 10.54 -4.61
N ILE A 565 10.31 11.10 -5.64
CA ILE A 565 8.86 11.07 -5.78
C ILE A 565 8.65 9.86 -6.68
N THR A 566 7.50 9.23 -6.50
CA THR A 566 7.12 7.99 -7.20
C THR A 566 5.67 8.01 -7.73
N THR A 567 4.82 8.85 -7.13
CA THR A 567 3.56 9.31 -7.74
C THR A 567 3.40 10.86 -7.68
N VAL A 568 2.61 11.39 -8.61
CA VAL A 568 2.25 12.81 -8.68
C VAL A 568 0.76 12.86 -9.02
N ASP A 569 -0.10 12.75 -8.00
CA ASP A 569 -1.55 12.71 -8.23
C ASP A 569 -2.02 14.08 -8.61
N VAL A 570 -2.58 14.20 -9.81
CA VAL A 570 -3.32 15.40 -10.21
C VAL A 570 -4.56 15.59 -9.33
N LEU A 571 -4.93 14.54 -8.60
CA LEU A 571 -6.04 14.57 -7.65
C LEU A 571 -5.73 15.35 -6.38
N THR A 572 -4.65 14.95 -5.71
CA THR A 572 -4.26 15.46 -4.39
C THR A 572 -3.90 16.94 -4.44
N PRO A 573 -4.71 17.79 -3.78
CA PRO A 573 -4.74 19.23 -4.06
C PRO A 573 -3.39 19.93 -3.95
N LYS A 574 -2.44 19.34 -3.23
CA LYS A 574 -1.04 19.83 -3.13
C LYS A 574 -0.41 19.98 -4.52
N VAL A 575 -0.70 19.04 -5.42
CA VAL A 575 -0.19 19.07 -6.78
C VAL A 575 -1.07 19.96 -7.68
N PHE A 576 -2.36 19.68 -7.70
CA PHE A 576 -3.25 20.35 -8.63
C PHE A 576 -3.16 21.87 -8.53
N ILE A 577 -3.22 22.40 -7.32
CA ILE A 577 -3.08 23.86 -7.15
C ILE A 577 -1.74 24.35 -7.69
N GLY A 578 -0.69 23.56 -7.49
CA GLY A 578 0.63 23.85 -8.01
C GLY A 578 0.65 23.77 -9.53
N LEU A 579 -0.11 22.82 -10.07
CA LEU A 579 -0.23 22.61 -11.51
C LEU A 579 -0.97 23.72 -12.23
N ILE A 580 -2.08 24.17 -11.66
CA ILE A 580 -2.87 25.24 -12.31
C ILE A 580 -2.09 26.55 -12.23
N VAL A 581 -1.49 26.79 -11.09
CA VAL A 581 -0.59 27.93 -10.93
C VAL A 581 0.62 27.78 -11.86
N GLY A 582 1.18 26.58 -11.93
CA GLY A 582 2.26 26.30 -12.88
C GLY A 582 1.90 26.62 -14.32
N ALA A 583 0.67 26.26 -14.69
CA ALA A 583 0.15 26.49 -16.05
C ALA A 583 -0.02 27.99 -16.36
N MET A 584 -0.33 28.76 -15.33
CA MET A 584 -0.44 30.21 -15.44
C MET A 584 0.91 30.91 -15.65
N LEU A 585 1.98 30.40 -15.04
CA LEU A 585 3.27 31.09 -15.05
C LEU A 585 3.87 31.50 -16.39
N PRO A 586 3.64 30.71 -17.45
CA PRO A 586 4.10 31.17 -18.77
C PRO A 586 3.29 32.35 -19.25
N TYR A 587 1.97 32.27 -19.11
CA TYR A 587 1.12 33.42 -19.42
C TYR A 587 1.56 34.71 -18.71
N TRP A 588 1.84 34.62 -17.42
CA TRP A 588 2.39 35.74 -16.69
C TRP A 588 3.75 36.12 -17.24
N PHE A 589 4.70 35.19 -17.21
CA PHE A 589 6.06 35.45 -17.74
C PHE A 589 6.05 36.17 -19.09
N SER A 590 5.16 35.71 -20.00
CA SER A 590 4.98 36.31 -21.33
C SER A 590 4.60 37.77 -21.24
N ALA A 591 3.57 38.04 -20.44
CA ALA A 591 3.05 39.39 -20.20
C ALA A 591 4.12 40.39 -19.82
N MET A 592 5.17 39.89 -19.15
CA MET A 592 6.33 40.68 -18.84
C MET A 592 7.20 40.88 -20.09
N THR A 593 7.59 39.79 -20.75
CA THR A 593 8.45 39.87 -21.96
C THR A 593 7.80 40.67 -23.09
N MET A 594 6.46 40.69 -23.13
CA MET A 594 5.71 41.51 -24.09
C MET A 594 5.87 43.01 -23.78
N LYS A 595 5.43 43.42 -22.59
CA LYS A 595 5.57 44.82 -22.18
C LYS A 595 7.04 45.26 -22.20
N SER A 596 7.94 44.37 -21.79
CA SER A 596 9.39 44.61 -21.80
C SER A 596 9.90 45.17 -23.14
N VAL A 597 9.65 44.44 -24.22
CA VAL A 597 10.09 44.84 -25.57
C VAL A 597 9.34 46.09 -26.09
N GLY A 598 8.05 46.17 -25.77
CA GLY A 598 7.20 47.28 -26.20
C GLY A 598 7.66 48.57 -25.60
N SER A 599 7.92 48.54 -24.30
CA SER A 599 8.48 49.69 -23.62
C SER A 599 9.86 50.06 -24.14
N ALA A 600 10.80 49.12 -24.07
CA ALA A 600 12.22 49.38 -24.38
C ALA A 600 12.51 49.89 -25.83
N ALA A 601 11.60 49.55 -26.75
CA ALA A 601 11.56 50.15 -28.10
C ALA A 601 11.15 51.63 -28.07
N LEU A 602 10.18 51.96 -27.21
CA LEU A 602 9.89 53.37 -26.91
C LEU A 602 11.06 54.06 -26.17
N LYS A 603 11.84 53.28 -25.41
CA LYS A 603 13.08 53.81 -24.82
C LYS A 603 14.09 54.06 -25.91
N MET A 604 14.13 53.20 -26.92
CA MET A 604 15.01 53.46 -28.07
C MET A 604 14.57 54.71 -28.84
N VAL A 605 13.27 54.91 -29.02
CA VAL A 605 12.80 56.06 -29.81
C VAL A 605 13.23 57.36 -29.12
N GLU A 606 12.95 57.45 -27.82
CA GLU A 606 13.34 58.61 -27.01
C GLU A 606 14.84 58.85 -27.09
N GLU A 607 15.62 57.78 -27.05
CA GLU A 607 17.07 57.88 -27.19
C GLU A 607 17.54 58.39 -28.54
N VAL A 608 16.87 58.02 -29.63
CA VAL A 608 17.30 58.60 -30.91
C VAL A 608 16.90 60.07 -30.98
N ARG A 609 15.68 60.40 -30.54
CA ARG A 609 15.26 61.80 -30.40
C ARG A 609 16.38 62.62 -29.74
N ARG A 610 16.88 62.11 -28.60
CA ARG A 610 18.02 62.72 -27.90
C ARG A 610 19.16 62.83 -28.86
N GLN A 611 19.65 61.70 -29.35
CA GLN A 611 20.79 61.65 -30.26
C GLN A 611 20.82 62.79 -31.30
N PHE A 612 19.68 63.01 -31.94
CA PHE A 612 19.47 64.09 -32.94
C PHE A 612 19.43 65.49 -32.31
N ASN A 613 18.81 65.57 -31.14
CA ASN A 613 18.64 66.82 -30.39
C ASN A 613 19.71 67.18 -29.37
N THR A 614 20.81 66.45 -29.35
CA THR A 614 21.98 66.87 -28.59
C THR A 614 23.23 66.94 -29.48
N ILE A 615 23.48 65.89 -30.25
CA ILE A 615 24.67 65.83 -31.10
C ILE A 615 24.49 66.86 -32.23
N PRO A 616 25.57 67.53 -32.67
CA PRO A 616 25.46 68.48 -33.76
C PRO A 616 25.87 67.82 -35.05
N GLY A 617 25.19 68.14 -36.13
CA GLY A 617 25.52 67.57 -37.45
C GLY A 617 24.78 66.28 -37.79
N LEU A 618 24.13 65.70 -36.79
CA LEU A 618 23.04 64.79 -37.01
C LEU A 618 21.81 65.65 -36.88
N MET A 619 20.75 65.25 -37.58
CA MET A 619 19.62 66.13 -37.98
C MET A 619 20.02 67.05 -39.14
N GLU A 620 21.31 67.37 -39.28
CA GLU A 620 21.86 68.12 -40.41
C GLU A 620 22.40 67.16 -41.47
N GLY A 621 23.37 66.35 -41.06
CA GLY A 621 24.04 65.39 -41.94
C GLY A 621 25.53 65.52 -42.10
N THR A 622 26.17 66.44 -41.37
CA THR A 622 27.63 66.51 -41.32
C THR A 622 28.15 65.26 -40.58
N ALA A 623 27.75 65.15 -39.31
CA ALA A 623 28.17 64.05 -38.41
C ALA A 623 27.13 62.94 -38.23
N LYS A 624 27.66 61.76 -37.96
CA LYS A 624 26.93 60.53 -37.65
C LYS A 624 26.47 60.56 -36.19
N PRO A 625 25.64 59.60 -35.78
CA PRO A 625 25.26 59.45 -34.38
C PRO A 625 26.24 58.57 -33.65
N ASP A 626 26.08 58.49 -32.34
CA ASP A 626 26.87 57.62 -31.49
C ASP A 626 26.12 56.30 -31.37
N TYR A 627 26.63 55.26 -32.01
CA TYR A 627 25.88 54.02 -32.09
C TYR A 627 25.98 53.30 -30.78
N ALA A 628 27.22 53.15 -30.34
CA ALA A 628 27.60 52.48 -29.09
C ALA A 628 26.69 52.84 -27.95
N THR A 629 26.44 54.12 -27.80
CA THR A 629 25.53 54.63 -26.76
C THR A 629 24.05 54.25 -27.01
N CYS A 630 23.56 54.34 -28.25
CA CYS A 630 22.21 53.82 -28.56
C CYS A 630 22.01 52.41 -28.04
N VAL A 631 22.99 51.58 -28.36
CA VAL A 631 23.04 50.22 -27.87
C VAL A 631 22.99 50.19 -26.34
N LYS A 632 24.02 50.74 -25.67
CA LYS A 632 24.16 50.67 -24.19
C LYS A 632 22.90 51.12 -23.47
N ILE A 633 22.50 52.36 -23.77
CA ILE A 633 21.35 52.98 -23.13
C ILE A 633 20.10 52.10 -23.29
N SER A 634 19.92 51.52 -24.49
CA SER A 634 18.84 50.56 -24.78
C SER A 634 19.07 49.15 -24.17
N THR A 635 20.32 48.69 -24.20
CA THR A 635 20.72 47.34 -23.72
C THR A 635 20.56 47.13 -22.21
N ASP A 636 20.84 48.18 -21.44
CA ASP A 636 20.56 48.16 -20.03
C ASP A 636 19.05 48.08 -19.84
N ALA A 637 18.34 49.06 -20.39
CA ALA A 637 16.86 49.16 -20.31
C ALA A 637 16.14 47.85 -20.65
N SER A 638 16.81 47.02 -21.42
CA SER A 638 16.39 45.64 -21.63
C SER A 638 16.71 44.74 -20.41
N ILE A 639 17.97 44.63 -20.04
CA ILE A 639 18.36 43.73 -18.96
C ILE A 639 17.66 44.10 -17.64
N LYS A 640 17.47 45.40 -17.41
CA LYS A 640 16.60 45.89 -16.34
C LYS A 640 15.19 45.31 -16.44
N GLU A 641 14.59 45.43 -17.64
CA GLU A 641 13.24 44.93 -17.92
C GLU A 641 13.15 43.39 -17.79
N MET A 642 14.27 42.71 -18.05
CA MET A 642 14.43 41.23 -17.96
C MET A 642 14.34 40.67 -16.54
N ILE A 643 14.69 41.53 -15.59
CA ILE A 643 15.01 41.15 -14.21
C ILE A 643 13.77 40.58 -13.50
N PRO A 644 12.59 41.21 -13.65
CA PRO A 644 11.34 40.57 -13.18
C PRO A 644 10.92 39.22 -13.83
N PRO A 645 10.90 39.14 -15.18
CA PRO A 645 10.73 37.80 -15.74
C PRO A 645 11.75 36.79 -15.18
N GLY A 646 13.02 37.15 -15.22
CA GLY A 646 14.10 36.34 -14.65
C GLY A 646 13.89 35.92 -13.19
N ALA A 647 13.35 36.82 -12.38
CA ALA A 647 12.92 36.48 -11.04
C ALA A 647 11.87 35.35 -11.11
N LEU A 648 10.75 35.61 -11.77
CA LEU A 648 9.66 34.65 -11.87
C LEU A 648 10.10 33.27 -12.32
N VAL A 649 11.10 33.21 -13.20
CA VAL A 649 11.74 31.93 -13.54
C VAL A 649 12.50 31.37 -12.35
N MET A 650 13.38 32.19 -11.78
CA MET A 650 14.35 31.72 -10.81
C MET A 650 13.78 31.50 -9.42
N LEU A 651 12.86 32.35 -9.00
CA LEU A 651 12.32 32.31 -7.64
C LEU A 651 11.11 31.42 -7.45
N THR A 652 10.34 31.18 -8.51
CA THR A 652 9.23 30.23 -8.45
C THR A 652 9.63 28.89 -7.80
N PRO A 653 10.73 28.25 -8.27
CA PRO A 653 11.18 27.05 -7.56
C PRO A 653 11.61 27.24 -6.11
N LEU A 654 12.34 28.31 -5.82
CA LEU A 654 12.82 28.59 -4.45
C LEU A 654 11.67 28.91 -3.52
N VAL A 655 10.69 29.66 -3.99
CA VAL A 655 9.51 29.96 -3.19
C VAL A 655 8.68 28.72 -2.99
N VAL A 656 8.26 28.11 -4.10
CA VAL A 656 7.40 26.94 -4.04
C VAL A 656 8.06 25.78 -3.28
N GLY A 657 9.32 25.50 -3.59
CA GLY A 657 10.06 24.36 -3.00
C GLY A 657 10.33 24.43 -1.51
N ILE A 658 10.53 25.66 -1.02
CA ILE A 658 10.66 25.91 0.41
C ILE A 658 9.28 25.83 1.05
N LEU A 659 8.40 26.78 0.71
CA LEU A 659 7.07 26.94 1.34
C LEU A 659 6.17 25.70 1.29
N PHE A 660 6.06 25.14 0.09
CA PHE A 660 5.32 23.89 -0.16
C PHE A 660 6.36 22.86 -0.56
N GLY A 661 6.01 21.59 -0.68
CA GLY A 661 7.03 20.54 -0.81
C GLY A 661 7.87 20.51 -2.08
N VAL A 662 8.39 19.33 -2.40
CA VAL A 662 8.80 18.99 -3.77
C VAL A 662 7.62 18.40 -4.55
N GLU A 663 6.58 17.96 -3.83
CA GLU A 663 5.34 17.42 -4.45
C GLU A 663 4.60 18.54 -5.21
N THR A 664 4.67 19.75 -4.65
CA THR A 664 3.94 20.92 -5.15
C THR A 664 4.73 21.63 -6.25
N LEU A 665 6.05 21.73 -6.07
CA LEU A 665 6.95 22.14 -7.14
C LEU A 665 6.89 21.18 -8.32
N SER A 666 6.63 19.90 -8.04
CA SER A 666 6.42 18.92 -9.09
C SER A 666 5.27 19.33 -10.02
N GLY A 667 4.13 19.65 -9.43
CA GLY A 667 2.94 20.10 -10.20
C GLY A 667 3.13 21.40 -10.97
N VAL A 668 3.81 22.36 -10.35
CA VAL A 668 4.24 23.61 -10.98
C VAL A 668 5.06 23.36 -12.24
N LEU A 669 6.08 22.51 -12.13
CA LEU A 669 6.96 22.20 -13.25
C LEU A 669 6.29 21.48 -14.39
N ALA A 670 5.23 20.74 -14.08
CA ALA A 670 4.38 20.06 -15.08
C ALA A 670 3.46 21.05 -15.80
N GLY A 671 2.82 21.95 -15.05
CA GLY A 671 1.91 22.95 -15.62
C GLY A 671 2.65 23.98 -16.47
N SER A 672 3.77 24.46 -15.96
CA SER A 672 4.66 25.32 -16.73
C SER A 672 5.00 24.67 -18.06
N LEU A 673 5.23 23.35 -18.03
CA LEU A 673 5.53 22.55 -19.23
C LEU A 673 4.36 22.48 -20.21
N VAL A 674 3.24 21.92 -19.78
CA VAL A 674 2.11 21.66 -20.69
C VAL A 674 1.54 22.95 -21.30
N SER A 675 1.17 23.91 -20.47
CA SER A 675 0.59 25.15 -20.99
C SER A 675 1.64 26.07 -21.65
N GLY A 676 2.89 25.93 -21.21
CA GLY A 676 3.96 26.81 -21.67
C GLY A 676 4.43 26.50 -23.07
N VAL A 677 4.58 25.22 -23.39
CA VAL A 677 5.05 24.82 -24.71
C VAL A 677 4.05 25.23 -25.79
N GLN A 678 2.76 25.15 -25.48
CA GLN A 678 1.70 25.61 -26.36
C GLN A 678 1.88 27.07 -26.80
N ILE A 679 2.02 27.96 -25.82
CA ILE A 679 2.13 29.40 -26.06
C ILE A 679 3.37 29.66 -26.91
N ALA A 680 4.46 28.95 -26.57
CA ALA A 680 5.76 29.10 -27.22
C ALA A 680 5.71 28.82 -28.70
N ILE A 681 4.94 27.81 -29.09
CA ILE A 681 4.82 27.40 -30.49
C ILE A 681 3.96 28.42 -31.23
N SER A 682 2.73 28.57 -30.74
CA SER A 682 1.76 29.50 -31.32
C SER A 682 2.30 30.92 -31.46
N ALA A 683 3.05 31.36 -30.46
CA ALA A 683 3.62 32.71 -30.46
C ALA A 683 4.58 32.86 -31.62
N SER A 684 5.67 32.11 -31.59
CA SER A 684 6.75 32.33 -32.54
C SER A 684 6.45 31.81 -33.95
N ASN A 685 5.31 31.13 -34.11
CA ASN A 685 4.84 30.79 -35.44
C ASN A 685 3.96 31.88 -36.06
N THR A 686 3.10 32.49 -35.26
CA THR A 686 2.39 33.69 -35.72
C THR A 686 3.37 34.83 -36.12
N GLY A 687 4.46 34.96 -35.40
CA GLY A 687 5.39 36.07 -35.61
C GLY A 687 6.31 35.85 -36.80
N GLY A 688 6.52 34.58 -37.13
CA GLY A 688 7.22 34.20 -38.35
C GLY A 688 6.30 34.31 -39.56
N ALA A 689 5.05 33.91 -39.37
CA ALA A 689 4.05 33.90 -40.42
C ALA A 689 3.85 35.28 -41.02
N TRP A 690 3.56 36.24 -40.14
CA TRP A 690 3.38 37.65 -40.54
C TRP A 690 4.61 38.29 -41.16
N ASP A 691 5.81 37.87 -40.70
CA ASP A 691 7.08 38.33 -41.25
C ASP A 691 7.11 37.92 -42.70
N ASN A 692 6.91 36.64 -42.94
CA ASN A 692 7.03 36.15 -44.29
C ASN A 692 5.87 36.56 -45.21
N ALA A 693 4.67 36.78 -44.65
CA ALA A 693 3.56 37.41 -45.40
C ALA A 693 3.96 38.81 -45.92
N LYS A 694 4.57 39.60 -45.05
CA LYS A 694 5.09 40.90 -45.47
C LYS A 694 6.26 40.72 -46.43
N LYS A 695 7.21 39.83 -46.13
CA LYS A 695 8.38 39.60 -46.99
C LYS A 695 7.99 38.98 -48.38
N TYR A 696 6.79 38.36 -48.42
CA TYR A 696 6.19 37.78 -49.64
C TYR A 696 5.64 38.84 -50.55
N ILE A 697 4.84 39.73 -49.97
CA ILE A 697 4.34 40.93 -50.65
C ILE A 697 5.48 41.76 -51.26
N GLU A 698 6.51 41.96 -50.45
CA GLU A 698 7.74 42.61 -50.87
C GLU A 698 8.41 41.90 -52.05
N ALA A 699 8.65 40.60 -51.87
CA ALA A 699 9.35 39.75 -52.86
C ALA A 699 8.76 39.75 -54.27
N GLY A 700 7.44 39.93 -54.37
CA GLY A 700 6.73 40.02 -55.65
C GLY A 700 6.97 38.88 -56.63
N ALA A 701 7.32 37.69 -56.12
CA ALA A 701 7.78 36.58 -56.96
C ALA A 701 6.67 35.60 -57.34
N SER A 702 5.49 36.15 -57.59
CA SER A 702 4.32 35.41 -58.07
C SER A 702 3.31 36.42 -58.58
N GLU A 703 2.26 35.94 -59.26
CA GLU A 703 1.14 36.79 -59.67
C GLU A 703 0.48 37.36 -58.42
N HIS A 704 0.26 36.48 -57.45
CA HIS A 704 -0.37 36.80 -56.16
C HIS A 704 0.43 37.79 -55.30
N ALA A 705 1.76 37.64 -55.30
CA ALA A 705 2.64 38.53 -54.54
C ALA A 705 2.54 39.95 -55.10
N ARG A 706 2.78 40.06 -56.41
CA ARG A 706 2.55 41.27 -57.19
C ARG A 706 1.14 41.82 -57.01
N SER A 707 0.15 40.92 -56.99
CA SER A 707 -1.27 41.27 -56.77
C SER A 707 -1.52 42.12 -55.53
N LEU A 708 -0.78 41.86 -54.47
CA LEU A 708 -0.88 42.62 -53.23
C LEU A 708 0.20 43.68 -53.18
N GLY A 709 1.27 43.45 -53.93
CA GLY A 709 2.59 43.98 -53.64
C GLY A 709 3.19 44.98 -54.59
N PRO A 710 2.60 46.18 -54.63
CA PRO A 710 3.44 47.36 -54.75
C PRO A 710 4.20 47.54 -53.42
N LYS A 711 5.53 47.71 -53.47
CA LYS A 711 6.40 47.82 -52.25
C LYS A 711 5.90 48.73 -51.06
N GLY A 712 5.02 49.69 -51.34
CA GLY A 712 4.35 50.48 -50.27
C GLY A 712 2.83 50.51 -50.31
N SER A 713 2.22 49.42 -50.77
CA SER A 713 0.78 49.39 -50.99
C SER A 713 -0.06 49.39 -49.71
N ASP A 714 -1.36 49.64 -49.89
CA ASP A 714 -2.40 49.41 -48.88
C ASP A 714 -2.32 48.01 -48.17
N CYS A 715 -2.07 46.96 -48.93
CA CYS A 715 -1.91 45.60 -48.35
C CYS A 715 -0.65 45.55 -47.52
N HIS A 716 0.45 46.04 -48.11
CA HIS A 716 1.77 46.06 -47.46
C HIS A 716 1.79 46.72 -46.09
N LYS A 717 0.95 47.74 -45.92
CA LYS A 717 0.82 48.42 -44.63
C LYS A 717 0.25 47.46 -43.61
N ALA A 718 -0.93 46.94 -43.87
CA ALA A 718 -1.57 45.93 -43.01
C ALA A 718 -0.75 44.66 -42.79
N ALA A 719 0.14 44.33 -43.72
CA ALA A 719 1.09 43.21 -43.53
C ALA A 719 2.20 43.58 -42.59
N VAL A 720 2.72 44.81 -42.75
CA VAL A 720 3.83 45.35 -41.94
C VAL A 720 3.41 45.86 -40.54
N ILE A 721 2.14 46.22 -40.35
CA ILE A 721 1.54 46.36 -39.01
C ILE A 721 1.72 45.02 -38.32
N GLY A 722 1.23 43.99 -38.99
CA GLY A 722 1.38 42.60 -38.55
C GLY A 722 2.79 42.18 -38.21
N ASP A 723 3.76 42.61 -39.02
CA ASP A 723 5.16 42.17 -38.84
C ASP A 723 5.74 42.58 -37.51
N THR A 724 5.58 43.84 -37.14
CA THR A 724 6.19 44.38 -35.92
C THR A 724 5.56 43.80 -34.67
N ILE A 725 4.26 43.56 -34.70
CA ILE A 725 3.59 42.82 -33.62
C ILE A 725 4.26 41.44 -33.46
N GLY A 726 4.60 40.83 -34.58
CA GLY A 726 5.30 39.56 -34.63
C GLY A 726 6.74 39.64 -34.21
N ASP A 727 7.44 40.71 -34.60
CA ASP A 727 8.86 40.96 -34.20
C ASP A 727 9.22 40.49 -32.75
N PRO A 728 8.43 40.91 -31.72
CA PRO A 728 8.55 40.29 -30.38
C PRO A 728 8.12 38.81 -30.27
N LEU A 729 6.89 38.49 -30.63
CA LEU A 729 6.39 37.10 -30.56
C LEU A 729 7.42 36.15 -31.15
N LYS A 730 7.92 36.53 -32.32
CA LYS A 730 8.97 35.82 -33.06
C LYS A 730 10.25 35.69 -32.26
N ASP A 731 10.80 36.82 -31.84
CA ASP A 731 12.21 36.90 -31.40
C ASP A 731 12.48 37.20 -29.90
N THR A 732 11.45 37.63 -29.18
CA THR A 732 11.55 37.87 -27.74
C THR A 732 10.60 36.95 -26.96
N SER A 733 9.28 37.02 -27.20
CA SER A 733 8.33 36.43 -26.24
C SER A 733 8.21 34.91 -26.29
N GLY A 734 8.16 34.35 -27.49
CA GLY A 734 8.06 32.92 -27.67
C GLY A 734 9.33 32.15 -27.33
N PRO A 735 10.48 32.59 -27.85
CA PRO A 735 11.75 31.98 -27.48
C PRO A 735 12.11 32.13 -26.01
N SER A 736 11.90 33.31 -25.43
CA SER A 736 12.12 33.50 -23.99
C SER A 736 11.44 32.37 -23.25
N LEU A 737 10.19 32.12 -23.59
CA LEU A 737 9.36 31.04 -23.03
C LEU A 737 10.04 29.67 -22.81
N ASN A 738 10.85 29.26 -23.78
CA ASN A 738 11.49 27.94 -23.68
C ASN A 738 12.67 27.87 -22.67
N ILE A 739 13.08 29.01 -22.12
CA ILE A 739 13.93 29.07 -20.91
C ILE A 739 13.13 28.97 -19.62
N LEU A 740 11.98 29.65 -19.55
CA LEU A 740 11.08 29.56 -18.39
C LEU A 740 10.78 28.12 -18.07
N ILE A 741 10.61 27.29 -19.09
CA ILE A 741 10.38 25.86 -18.84
C ILE A 741 11.67 25.15 -18.41
N LYS A 742 12.67 25.23 -19.28
CA LYS A 742 14.00 24.61 -19.09
C LYS A 742 14.63 24.95 -17.75
N LEU A 743 14.81 26.25 -17.49
CA LEU A 743 15.58 26.74 -16.32
C LEU A 743 14.90 26.39 -14.98
N MET A 744 13.60 26.64 -14.84
CA MET A 744 12.81 26.09 -13.72
C MET A 744 13.10 24.61 -13.36
N ALA A 745 13.35 23.78 -14.38
CA ALA A 745 13.65 22.37 -14.17
C ALA A 745 15.07 22.09 -13.67
N VAL A 746 16.12 22.47 -14.39
CA VAL A 746 17.50 22.35 -13.84
C VAL A 746 17.65 22.98 -12.46
N GLU A 747 17.00 24.13 -12.27
CA GLU A 747 16.94 24.81 -10.97
C GLU A 747 16.45 23.88 -9.87
N SER A 748 15.31 23.25 -10.11
CA SER A 748 14.69 22.36 -9.15
C SER A 748 15.49 21.09 -8.97
N LEU A 749 15.98 20.52 -10.08
CA LEU A 749 16.84 19.33 -10.03
C LEU A 749 18.02 19.55 -9.10
N VAL A 750 18.72 20.67 -9.28
CA VAL A 750 19.85 21.03 -8.42
C VAL A 750 19.42 21.16 -6.96
N PHE A 751 18.46 22.05 -6.71
CA PHE A 751 17.95 22.33 -5.36
C PHE A 751 16.93 21.30 -4.88
N ALA A 752 16.88 20.12 -5.46
CA ALA A 752 15.97 19.09 -4.95
C ALA A 752 16.36 18.69 -3.51
N PRO A 753 17.65 18.32 -3.26
CA PRO A 753 18.12 18.11 -1.89
C PRO A 753 17.63 19.19 -0.93
N PHE A 754 17.96 20.44 -1.21
CA PHE A 754 17.58 21.55 -0.35
C PHE A 754 16.06 21.64 -0.08
N PHE A 755 15.25 21.36 -1.10
CA PHE A 755 13.78 21.36 -0.96
C PHE A 755 13.32 20.11 -0.20
N ALA A 756 14.00 19.00 -0.40
CA ALA A 756 13.71 17.78 0.35
C ALA A 756 14.02 17.96 1.85
N THR A 757 15.21 18.48 2.13
CA THR A 757 15.68 18.72 3.49
C THR A 757 14.97 19.88 4.21
N HIS A 758 14.34 20.78 3.47
CA HIS A 758 13.55 21.86 4.08
C HIS A 758 12.33 22.10 3.19
N GLY A 759 11.53 21.05 3.06
CA GLY A 759 10.29 21.07 2.28
C GLY A 759 9.25 21.92 2.97
N GLY A 760 7.99 21.53 2.82
CA GLY A 760 6.86 22.39 3.17
C GLY A 760 6.94 23.10 4.51
N LEU A 761 7.74 24.16 4.56
CA LEU A 761 7.86 24.98 5.78
C LEU A 761 6.51 25.56 6.16
N LEU A 762 5.70 25.87 5.15
CA LEU A 762 4.33 26.30 5.38
C LEU A 762 3.44 25.11 5.81
N PHE A 763 3.83 23.89 5.44
CA PHE A 763 3.23 22.67 5.98
C PHE A 763 3.77 22.22 7.36
N LYS A 764 5.04 22.49 7.64
CA LYS A 764 5.61 22.23 8.99
C LYS A 764 4.86 22.99 10.09
N ILE A 765 4.62 24.27 9.85
CA ILE A 765 3.92 25.12 10.83
C ILE A 765 2.44 24.70 11.03
N PHE A 766 1.82 24.20 9.97
CA PHE A 766 0.45 23.68 10.01
C PHE A 766 0.51 22.16 9.89
N ALA B 3 -30.30 15.87 12.11
CA ALA B 3 -30.70 15.38 10.74
C ALA B 3 -31.56 16.41 9.99
N ALA B 4 -31.05 17.63 9.90
CA ALA B 4 -31.61 18.74 9.10
C ALA B 4 -32.97 19.26 9.60
N ILE B 5 -33.02 20.58 9.82
CA ILE B 5 -34.13 21.20 10.53
C ILE B 5 -35.33 21.26 9.60
N LEU B 6 -35.19 22.00 8.50
CA LEU B 6 -36.24 22.14 7.50
C LEU B 6 -36.47 20.74 6.91
N PRO B 7 -37.64 20.13 7.19
CA PRO B 7 -37.87 18.74 6.85
C PRO B 7 -38.17 18.51 5.37
N ASP B 8 -38.16 17.24 4.97
CA ASP B 8 -38.22 16.82 3.54
C ASP B 8 -39.48 17.31 2.78
N LEU B 9 -40.59 17.47 3.50
CA LEU B 9 -41.74 18.21 3.01
C LEU B 9 -41.29 19.66 2.75
N GLY B 10 -40.88 20.33 3.83
CA GLY B 10 -40.55 21.76 3.84
C GLY B 10 -39.59 22.24 2.75
N THR B 11 -38.62 21.40 2.40
CA THR B 11 -37.76 21.64 1.23
C THR B 11 -38.62 21.60 0.00
N GLU B 12 -39.23 20.46 -0.22
CA GLU B 12 -39.91 20.21 -1.49
C GLU B 12 -41.00 21.28 -1.77
N ILE B 13 -41.61 21.82 -0.71
CA ILE B 13 -42.59 22.91 -0.83
C ILE B 13 -41.94 24.30 -1.06
N LEU B 14 -40.78 24.54 -0.44
CA LEU B 14 -40.05 25.80 -0.60
C LEU B 14 -39.52 26.05 -2.02
N ILE B 15 -38.86 25.06 -2.58
CA ILE B 15 -38.14 25.20 -3.87
C ILE B 15 -38.98 25.86 -4.97
N PRO B 16 -40.04 25.17 -5.48
CA PRO B 16 -40.70 25.67 -6.66
C PRO B 16 -41.63 26.86 -6.39
N VAL B 17 -41.81 27.23 -5.11
CA VAL B 17 -42.34 28.55 -4.78
C VAL B 17 -41.34 29.59 -5.31
N CYS B 18 -40.10 29.50 -4.85
CA CYS B 18 -39.05 30.45 -5.26
C CYS B 18 -38.95 30.59 -6.77
N ALA B 19 -38.83 29.46 -7.46
CA ALA B 19 -38.80 29.43 -8.93
C ALA B 19 -39.99 30.21 -9.50
N VAL B 20 -41.19 29.85 -9.08
CA VAL B 20 -42.41 30.55 -9.51
C VAL B 20 -42.44 32.02 -9.04
N ILE B 21 -41.88 32.30 -7.86
CA ILE B 21 -41.74 33.68 -7.34
C ILE B 21 -40.76 34.54 -8.18
N GLY B 22 -39.75 33.88 -8.75
CA GLY B 22 -38.86 34.53 -9.74
C GLY B 22 -39.55 34.74 -11.07
N ILE B 23 -40.20 33.68 -11.54
CA ILE B 23 -41.11 33.73 -12.70
C ILE B 23 -42.08 34.91 -12.59
N ALA B 24 -42.78 35.00 -11.45
CA ALA B 24 -43.79 36.04 -11.21
C ALA B 24 -43.20 37.44 -11.11
N PHE B 25 -41.98 37.54 -10.59
CA PHE B 25 -41.21 38.78 -10.62
C PHE B 25 -40.80 39.16 -12.06
N ALA B 26 -40.40 38.17 -12.85
CA ALA B 26 -40.05 38.39 -14.27
C ALA B 26 -41.25 38.77 -15.13
N LEU B 27 -42.42 38.18 -14.84
CA LEU B 27 -43.66 38.59 -15.49
C LEU B 27 -44.00 40.04 -15.15
N PHE B 28 -44.01 40.34 -13.84
CA PHE B 28 -44.19 41.70 -13.33
C PHE B 28 -43.23 42.71 -13.96
N GLN B 29 -41.98 42.30 -14.17
CA GLN B 29 -40.97 43.19 -14.78
C GLN B 29 -41.12 43.36 -16.29
N TRP B 30 -41.54 42.31 -17.00
CA TRP B 30 -41.90 42.43 -18.43
C TRP B 30 -43.12 43.35 -18.55
N LEU B 31 -44.11 43.14 -17.68
CA LEU B 31 -45.34 43.94 -17.68
C LEU B 31 -45.07 45.43 -17.53
N LEU B 32 -44.28 45.82 -16.54
CA LEU B 32 -43.93 47.23 -16.35
C LEU B 32 -43.21 47.85 -17.54
N VAL B 33 -42.40 47.05 -18.24
CA VAL B 33 -41.73 47.48 -19.47
C VAL B 33 -42.71 47.57 -20.68
N SER B 34 -43.94 47.05 -20.53
CA SER B 34 -45.00 47.27 -21.54
C SER B 34 -45.72 48.63 -21.41
N LYS B 35 -45.70 49.24 -20.21
CA LYS B 35 -46.35 50.55 -20.00
C LYS B 35 -45.70 51.69 -20.78
N VAL B 36 -44.39 51.57 -21.03
CA VAL B 36 -43.74 52.37 -22.09
C VAL B 36 -44.28 51.93 -23.47
N LYS B 37 -45.22 52.71 -23.99
CA LYS B 37 -45.76 52.52 -25.35
C LYS B 37 -44.71 53.01 -26.34
N LEU B 38 -44.62 52.36 -27.50
CA LEU B 38 -43.52 52.62 -28.44
C LEU B 38 -43.55 54.02 -29.08
N ASP B 67 -39.97 64.70 -32.74
CA ASP B 67 -41.37 64.81 -33.14
C ASP B 67 -41.92 63.44 -33.62
N HIS B 68 -42.74 63.40 -34.67
CA HIS B 68 -43.13 62.15 -35.32
C HIS B 68 -42.06 61.84 -36.38
N ASN B 69 -42.19 60.69 -37.06
CA ASN B 69 -41.18 60.19 -38.02
C ASN B 69 -39.83 59.74 -37.41
N VAL B 70 -39.66 59.96 -36.10
CA VAL B 70 -38.54 59.39 -35.33
C VAL B 70 -39.04 58.21 -34.51
N VAL B 71 -40.23 58.33 -33.93
CA VAL B 71 -40.84 57.23 -33.18
C VAL B 71 -41.03 56.05 -34.14
N VAL B 72 -41.48 56.30 -35.37
CA VAL B 72 -41.64 55.24 -36.37
C VAL B 72 -40.29 54.76 -36.91
N LYS B 73 -39.30 55.65 -36.95
CA LYS B 73 -37.92 55.25 -37.26
C LYS B 73 -37.47 54.16 -36.28
N CYS B 74 -37.58 54.46 -34.99
CA CYS B 74 -37.27 53.52 -33.91
C CYS B 74 -38.02 52.20 -34.08
N ALA B 75 -39.32 52.30 -34.33
CA ALA B 75 -40.16 51.15 -34.66
C ALA B 75 -39.68 50.41 -35.91
N GLU B 76 -39.34 51.15 -36.97
CA GLU B 76 -38.82 50.57 -38.21
C GLU B 76 -37.59 49.69 -37.93
N ILE B 77 -36.73 50.16 -37.02
CA ILE B 77 -35.53 49.42 -36.59
C ILE B 77 -35.87 48.21 -35.72
N GLN B 78 -36.72 48.45 -34.73
CA GLN B 78 -37.15 47.44 -33.75
C GLN B 78 -37.93 46.30 -34.41
N ASN B 79 -38.70 46.62 -35.45
CA ASN B 79 -39.32 45.62 -36.32
C ASN B 79 -38.27 44.80 -37.06
N ALA B 80 -37.26 45.48 -37.57
CA ALA B 80 -36.18 44.86 -38.35
C ALA B 80 -35.16 44.08 -37.51
N ILE B 81 -34.96 44.50 -36.26
CA ILE B 81 -34.20 43.72 -35.26
C ILE B 81 -34.85 42.33 -35.12
N SER B 82 -36.17 42.32 -34.93
CA SER B 82 -36.88 41.08 -34.71
C SER B 82 -36.92 40.18 -35.94
N GLU B 83 -36.95 40.75 -37.14
CA GLU B 83 -36.91 39.93 -38.37
C GLU B 83 -35.58 39.19 -38.45
N GLY B 84 -34.49 39.89 -38.13
CA GLY B 84 -33.16 39.30 -38.09
C GLY B 84 -32.96 38.26 -37.00
N ALA B 85 -33.24 38.63 -35.75
CA ALA B 85 -33.07 37.73 -34.59
C ALA B 85 -33.89 36.47 -34.74
N THR B 86 -35.17 36.65 -35.04
CA THR B 86 -36.09 35.53 -35.22
C THR B 86 -35.83 34.78 -36.54
N SER B 87 -35.11 35.37 -37.48
CA SER B 87 -34.53 34.58 -38.62
C SER B 87 -33.37 33.71 -38.12
N PHE B 88 -32.49 34.30 -37.31
CA PHE B 88 -31.33 33.57 -36.74
C PHE B 88 -31.76 32.35 -35.95
N LEU B 89 -32.58 32.59 -34.92
CA LEU B 89 -33.02 31.52 -34.01
C LEU B 89 -33.64 30.35 -34.77
N PHE B 90 -34.48 30.66 -35.76
CA PHE B 90 -35.17 29.64 -36.55
C PHE B 90 -34.21 28.91 -37.50
N THR B 91 -33.23 29.64 -38.04
CA THR B 91 -32.18 29.00 -38.83
C THR B 91 -31.16 28.21 -37.98
N GLU B 92 -31.03 28.55 -36.69
CA GLU B 92 -30.26 27.72 -35.74
C GLU B 92 -31.02 26.44 -35.40
N TYR B 93 -32.31 26.56 -35.06
CA TYR B 93 -33.11 25.38 -34.65
C TYR B 93 -33.30 24.37 -35.78
N LYS B 94 -33.01 24.77 -37.01
CA LYS B 94 -32.85 23.80 -38.10
C LYS B 94 -31.84 22.71 -37.74
N TYR B 95 -30.79 23.08 -36.99
CA TYR B 95 -29.77 22.14 -36.54
C TYR B 95 -29.96 21.61 -35.10
N VAL B 96 -30.52 22.42 -34.21
CA VAL B 96 -30.66 22.04 -32.80
C VAL B 96 -31.51 20.78 -32.57
N GLY B 97 -32.62 20.69 -33.30
CA GLY B 97 -33.46 19.50 -33.24
C GLY B 97 -32.74 18.33 -33.87
N ILE B 98 -32.20 18.59 -35.06
CA ILE B 98 -31.55 17.59 -35.91
C ILE B 98 -30.43 16.90 -35.11
N PHE B 99 -29.71 17.70 -34.33
CA PHE B 99 -28.64 17.24 -33.45
C PHE B 99 -29.18 16.57 -32.17
N MET B 100 -29.96 17.31 -31.38
CA MET B 100 -30.49 16.82 -30.09
C MET B 100 -31.05 15.39 -30.17
N VAL B 101 -31.83 15.12 -31.22
CA VAL B 101 -32.35 13.76 -31.48
C VAL B 101 -31.24 12.77 -31.85
N ALA B 102 -30.31 13.19 -32.69
CA ALA B 102 -29.23 12.33 -33.15
C ALA B 102 -28.29 11.94 -32.00
N PHE B 103 -27.95 12.92 -31.18
CA PHE B 103 -27.09 12.69 -30.01
C PHE B 103 -27.84 11.93 -28.91
N ALA B 104 -29.15 12.17 -28.80
CA ALA B 104 -30.03 11.39 -27.92
C ALA B 104 -30.03 9.87 -28.25
N ILE B 105 -30.05 9.57 -29.56
CA ILE B 105 -29.84 8.20 -30.06
C ILE B 105 -28.53 7.67 -29.48
N LEU B 106 -27.49 8.48 -29.63
CA LEU B 106 -26.13 8.10 -29.32
C LEU B 106 -25.90 7.87 -27.81
N ILE B 107 -26.40 8.78 -26.98
CA ILE B 107 -26.34 8.65 -25.50
C ILE B 107 -27.02 7.38 -24.99
N PHE B 108 -28.22 7.08 -25.49
CA PHE B 108 -28.97 5.89 -25.05
C PHE B 108 -28.22 4.62 -25.44
N LEU B 109 -27.90 4.50 -26.71
CA LEU B 109 -27.11 3.37 -27.21
C LEU B 109 -25.79 3.13 -26.47
N PHE B 110 -25.15 4.19 -25.97
CA PHE B 110 -23.88 4.05 -25.25
C PHE B 110 -24.02 3.69 -23.77
N LEU B 111 -24.90 4.40 -23.07
CA LEU B 111 -25.20 4.05 -21.67
C LEU B 111 -25.97 2.73 -21.54
N GLY B 112 -26.64 2.31 -22.61
CA GLY B 112 -27.32 1.03 -22.64
C GLY B 112 -26.36 -0.15 -22.64
N SER B 113 -25.44 -0.13 -23.61
CA SER B 113 -24.48 -1.22 -23.83
C SER B 113 -23.57 -1.58 -22.63
N VAL B 114 -23.56 -0.75 -21.58
CA VAL B 114 -22.78 -1.02 -20.37
C VAL B 114 -23.16 -2.34 -19.68
N GLU B 115 -24.46 -2.62 -19.58
CA GLU B 115 -24.97 -3.80 -18.88
C GLU B 115 -25.49 -4.86 -19.88
N GLY B 116 -25.12 -4.72 -21.16
CA GLY B 116 -25.71 -5.52 -22.23
C GLY B 116 -27.19 -5.23 -22.46
N PHE B 117 -27.57 -3.96 -22.30
CA PHE B 117 -28.97 -3.51 -22.37
C PHE B 117 -29.91 -4.31 -21.43
N SER B 118 -29.38 -4.75 -20.30
CA SER B 118 -30.09 -5.67 -19.41
C SER B 118 -31.15 -4.95 -18.58
N THR B 119 -32.30 -5.64 -18.39
CA THR B 119 -33.42 -5.14 -17.58
C THR B 119 -33.41 -5.64 -16.14
N SER B 120 -32.57 -6.62 -15.83
CA SER B 120 -32.55 -7.21 -14.48
C SER B 120 -31.68 -6.36 -13.55
N PRO B 121 -32.25 -5.81 -12.45
CA PRO B 121 -31.52 -5.01 -11.45
C PRO B 121 -30.22 -5.62 -10.95
N GLN B 122 -29.27 -4.73 -10.65
CA GLN B 122 -27.88 -5.10 -10.41
C GLN B 122 -27.48 -4.48 -9.09
N ALA B 123 -26.65 -5.19 -8.33
CA ALA B 123 -26.20 -4.71 -7.02
C ALA B 123 -25.54 -3.33 -7.12
N CYS B 124 -25.78 -2.50 -6.11
CA CYS B 124 -25.34 -1.11 -6.16
C CYS B 124 -23.82 -1.01 -6.09
N SER B 125 -23.25 -0.26 -7.02
CA SER B 125 -21.83 0.05 -7.02
C SER B 125 -21.46 0.90 -5.79
N TYR B 126 -22.37 1.74 -5.33
CA TYR B 126 -22.13 2.54 -4.11
C TYR B 126 -22.17 1.71 -2.82
N ASP B 127 -23.02 0.69 -2.77
CA ASP B 127 -23.03 -0.31 -1.67
C ASP B 127 -23.24 -1.70 -2.24
N LYS B 128 -22.27 -2.59 -2.02
CA LYS B 128 -22.33 -3.96 -2.55
C LYS B 128 -23.52 -4.78 -2.02
N THR B 129 -24.05 -4.40 -0.84
CA THR B 129 -25.20 -5.08 -0.25
C THR B 129 -26.49 -4.92 -1.07
N LYS B 130 -26.89 -3.67 -1.31
CA LYS B 130 -28.24 -3.34 -1.77
C LYS B 130 -28.30 -3.46 -3.30
N THR B 131 -29.52 -3.48 -3.85
CA THR B 131 -29.75 -3.55 -5.32
C THR B 131 -30.10 -2.20 -6.00
N CYS B 132 -29.39 -1.93 -7.09
CA CYS B 132 -29.63 -0.77 -7.97
C CYS B 132 -30.48 -1.21 -9.16
N LYS B 133 -30.99 -0.24 -9.91
CA LYS B 133 -31.80 -0.48 -11.12
C LYS B 133 -30.91 -0.91 -12.30
N PRO B 134 -31.52 -1.40 -13.39
CA PRO B 134 -30.72 -1.92 -14.51
C PRO B 134 -30.10 -0.80 -15.31
N ALA B 135 -28.93 -1.02 -15.87
CA ALA B 135 -28.19 0.11 -16.40
C ALA B 135 -28.85 0.85 -17.53
N LEU B 136 -29.72 0.18 -18.30
CA LEU B 136 -30.43 0.92 -19.35
C LEU B 136 -31.62 1.75 -18.82
N ALA B 137 -31.94 1.58 -17.54
CA ALA B 137 -32.86 2.49 -16.83
C ALA B 137 -32.24 3.86 -16.63
N THR B 138 -30.95 3.88 -16.31
CA THR B 138 -30.18 5.11 -16.36
C THR B 138 -30.08 5.63 -17.81
N ALA B 139 -29.77 4.75 -18.76
CA ALA B 139 -29.63 5.14 -20.17
C ALA B 139 -30.85 5.83 -20.77
N ILE B 140 -32.04 5.30 -20.48
CA ILE B 140 -33.30 5.94 -20.91
C ILE B 140 -33.44 7.26 -20.14
N PHE B 141 -33.29 7.20 -18.82
CA PHE B 141 -33.53 8.38 -18.00
C PHE B 141 -32.47 9.48 -18.15
N SER B 142 -31.22 9.12 -18.44
CA SER B 142 -30.21 10.14 -18.83
C SER B 142 -30.74 10.91 -20.04
N THR B 143 -31.22 10.15 -21.03
CA THR B 143 -31.68 10.73 -22.29
C THR B 143 -32.84 11.71 -22.06
N VAL B 144 -33.84 11.31 -21.27
CA VAL B 144 -34.95 12.21 -20.89
C VAL B 144 -34.41 13.56 -20.36
N SER B 145 -33.53 13.50 -19.37
CA SER B 145 -32.99 14.71 -18.74
C SER B 145 -32.10 15.52 -19.68
N PHE B 146 -31.32 14.83 -20.53
CA PHE B 146 -30.55 15.50 -21.58
C PHE B 146 -31.46 16.35 -22.46
N LEU B 147 -32.63 15.82 -22.81
CA LEU B 147 -33.56 16.54 -23.68
C LEU B 147 -34.23 17.72 -22.97
N LEU B 148 -34.59 17.53 -21.71
CA LEU B 148 -35.14 18.63 -20.88
C LEU B 148 -34.20 19.81 -20.81
N GLY B 149 -32.94 19.52 -20.45
CA GLY B 149 -31.90 20.54 -20.30
C GLY B 149 -31.62 21.35 -21.56
N GLY B 150 -31.64 20.70 -22.71
CA GLY B 150 -31.53 21.38 -23.99
C GLY B 150 -32.73 22.27 -24.23
N VAL B 151 -33.91 21.67 -24.08
CA VAL B 151 -35.21 22.37 -24.13
C VAL B 151 -35.37 23.55 -23.14
N THR B 152 -34.65 23.54 -22.02
CA THR B 152 -34.68 24.70 -21.11
C THR B 152 -33.68 25.78 -21.53
N SER B 153 -32.51 25.35 -22.01
CA SER B 153 -31.48 26.26 -22.56
C SER B 153 -32.07 26.99 -23.77
N LEU B 154 -32.63 26.19 -24.67
CA LEU B 154 -33.37 26.69 -25.84
C LEU B 154 -34.45 27.69 -25.49
N VAL B 155 -35.32 27.32 -24.55
CA VAL B 155 -36.43 28.18 -24.13
C VAL B 155 -35.88 29.46 -23.50
N SER B 156 -35.03 29.33 -22.49
CA SER B 156 -34.51 30.49 -21.76
C SER B 156 -33.81 31.52 -22.67
N GLY B 157 -33.14 31.01 -23.72
CA GLY B 157 -32.53 31.85 -24.76
C GLY B 157 -33.54 32.47 -25.72
N PHE B 158 -34.53 31.69 -26.14
CA PHE B 158 -35.64 32.15 -27.00
C PHE B 158 -36.41 33.30 -26.36
N LEU B 159 -36.81 33.11 -25.12
CA LEU B 159 -37.53 34.14 -24.37
C LEU B 159 -36.64 35.32 -24.05
N GLY B 160 -35.38 35.05 -23.75
CA GLY B 160 -34.39 36.10 -23.56
C GLY B 160 -34.23 37.04 -24.75
N MET B 161 -34.22 36.48 -25.95
CA MET B 161 -34.23 37.27 -27.18
C MET B 161 -35.49 38.12 -27.27
N LYS B 162 -36.63 37.48 -27.03
CA LYS B 162 -37.93 38.13 -27.10
C LYS B 162 -38.20 39.19 -26.02
N ILE B 163 -37.27 39.40 -25.08
CA ILE B 163 -37.29 40.63 -24.29
C ILE B 163 -36.23 41.63 -24.72
N ALA B 164 -35.07 41.17 -25.18
CA ALA B 164 -34.05 42.08 -25.69
C ALA B 164 -34.57 42.79 -26.94
N THR B 165 -35.05 42.00 -27.91
CA THR B 165 -35.60 42.52 -29.16
C THR B 165 -36.76 43.49 -28.93
N TYR B 166 -37.61 43.14 -27.96
CA TYR B 166 -38.74 43.96 -27.56
C TYR B 166 -38.30 45.23 -26.83
N ALA B 167 -37.39 45.09 -25.88
CA ALA B 167 -37.05 46.20 -24.96
C ALA B 167 -35.86 47.07 -25.36
N ASN B 168 -35.25 46.79 -26.51
CA ASN B 168 -34.10 47.60 -27.00
C ASN B 168 -34.50 49.04 -27.37
N ALA B 169 -35.57 49.20 -28.14
CA ALA B 169 -36.05 50.53 -28.54
C ALA B 169 -36.77 51.22 -27.39
N ARG B 170 -37.55 50.45 -26.63
CA ARG B 170 -38.20 50.98 -25.42
C ARG B 170 -37.22 51.53 -24.36
N THR B 171 -35.94 51.22 -24.49
CA THR B 171 -34.87 51.96 -23.80
C THR B 171 -34.60 53.31 -24.48
N THR B 172 -34.35 53.26 -25.80
CA THR B 172 -34.02 54.46 -26.59
C THR B 172 -35.06 55.54 -26.45
N LEU B 173 -36.33 55.18 -26.68
CA LEU B 173 -37.44 56.12 -26.50
C LEU B 173 -37.41 56.71 -25.10
N GLU B 174 -37.32 55.87 -24.08
CA GLU B 174 -37.31 56.36 -22.69
C GLU B 174 -36.13 57.26 -22.31
N ALA B 175 -35.10 57.34 -23.17
CA ALA B 175 -34.06 58.39 -23.08
C ALA B 175 -34.61 59.81 -23.25
N ARG B 176 -35.75 59.91 -23.97
CA ARG B 176 -36.55 61.15 -24.02
C ARG B 176 -37.08 61.60 -22.65
N LYS B 177 -37.16 60.68 -21.69
CA LYS B 177 -37.46 60.99 -20.27
C LYS B 177 -36.23 60.88 -19.34
N GLY B 178 -35.04 61.19 -19.87
CA GLY B 178 -33.81 61.21 -19.05
C GLY B 178 -32.95 59.96 -19.14
N VAL B 179 -32.01 59.83 -18.19
CA VAL B 179 -31.05 58.71 -18.11
C VAL B 179 -31.59 57.61 -17.21
N GLY B 180 -31.93 58.00 -15.98
CA GLY B 180 -32.45 57.09 -14.96
C GLY B 180 -33.81 56.50 -15.26
N LYS B 181 -34.56 57.10 -16.18
CA LYS B 181 -35.86 56.55 -16.64
C LYS B 181 -35.70 55.65 -17.89
N ALA B 182 -34.57 55.79 -18.59
CA ALA B 182 -34.20 54.88 -19.68
C ALA B 182 -33.49 53.65 -19.14
N PHE B 183 -32.43 53.89 -18.36
CA PHE B 183 -31.64 52.84 -17.69
C PHE B 183 -32.47 51.83 -16.90
N ILE B 184 -33.44 52.33 -16.15
CA ILE B 184 -34.34 51.48 -15.36
C ILE B 184 -35.07 50.54 -16.30
N THR B 185 -35.86 51.09 -17.23
CA THR B 185 -36.60 50.28 -18.20
C THR B 185 -35.71 49.44 -19.15
N ALA B 186 -34.40 49.68 -19.13
CA ALA B 186 -33.41 48.78 -19.73
C ALA B 186 -33.03 47.63 -18.77
N PHE B 187 -32.44 47.98 -17.62
CA PHE B 187 -31.96 47.00 -16.62
C PHE B 187 -33.04 46.02 -16.19
N ARG B 188 -34.29 46.48 -16.11
CA ARG B 188 -35.46 45.61 -15.89
C ARG B 188 -35.53 44.51 -16.94
N SER B 189 -35.45 44.91 -18.20
CA SER B 189 -35.53 43.99 -19.34
C SER B 189 -34.52 42.85 -19.24
N GLY B 190 -33.32 43.16 -18.76
CA GLY B 190 -32.26 42.18 -18.48
C GLY B 190 -32.48 41.37 -17.21
N ALA B 191 -33.02 42.00 -16.18
CA ALA B 191 -33.44 41.29 -14.96
C ALA B 191 -34.54 40.29 -15.26
N VAL B 192 -35.44 40.61 -16.19
CA VAL B 192 -36.46 39.66 -16.60
C VAL B 192 -35.82 38.36 -17.05
N MET B 193 -34.93 38.47 -18.03
CA MET B 193 -34.22 37.30 -18.59
C MET B 193 -33.38 36.54 -17.55
N GLY B 194 -32.73 37.29 -16.66
CA GLY B 194 -31.94 36.70 -15.58
C GLY B 194 -32.74 35.87 -14.59
N PHE B 195 -33.93 36.34 -14.26
CA PHE B 195 -34.83 35.58 -13.40
C PHE B 195 -35.50 34.44 -14.17
N LEU B 196 -36.08 34.75 -15.34
CA LEU B 196 -36.67 33.71 -16.22
C LEU B 196 -35.75 32.51 -16.40
N LEU B 197 -34.48 32.78 -16.73
CA LEU B 197 -33.49 31.73 -16.89
C LEU B 197 -33.28 30.98 -15.56
N ALA B 198 -33.05 31.74 -14.49
CA ALA B 198 -32.76 31.18 -13.17
C ALA B 198 -33.85 30.23 -12.66
N ALA B 199 -35.09 30.71 -12.65
CA ALA B 199 -36.22 29.91 -12.21
C ALA B 199 -36.44 28.69 -13.11
N ASN B 200 -36.51 28.90 -14.43
CA ASN B 200 -36.74 27.80 -15.39
C ASN B 200 -35.81 26.61 -15.17
N GLY B 201 -34.52 26.90 -15.04
CA GLY B 201 -33.51 25.86 -14.81
C GLY B 201 -33.64 25.13 -13.49
N LEU B 202 -33.88 25.88 -12.43
CA LEU B 202 -34.19 25.32 -11.11
C LEU B 202 -35.47 24.47 -11.15
N LEU B 203 -36.53 25.04 -11.74
CA LEU B 203 -37.84 24.41 -11.77
C LEU B 203 -37.82 23.11 -12.57
N VAL B 204 -37.15 23.11 -13.72
CA VAL B 204 -37.11 21.91 -14.56
C VAL B 204 -36.25 20.80 -13.93
N LEU B 205 -35.15 21.16 -13.27
CA LEU B 205 -34.33 20.19 -12.53
C LEU B 205 -35.16 19.54 -11.42
N TYR B 206 -35.71 20.38 -10.56
CA TYR B 206 -36.62 19.98 -9.49
C TYR B 206 -37.73 19.03 -9.98
N ILE B 207 -38.48 19.47 -11.00
CA ILE B 207 -39.51 18.62 -11.61
C ILE B 207 -38.93 17.30 -12.12
N ALA B 208 -37.77 17.37 -12.79
CA ALA B 208 -37.13 16.16 -13.29
C ALA B 208 -36.76 15.20 -12.16
N ILE B 209 -36.21 15.73 -11.05
CA ILE B 209 -35.82 14.91 -9.90
C ILE B 209 -36.99 14.11 -9.29
N ASN B 210 -38.15 14.72 -9.22
CA ASN B 210 -39.31 14.03 -8.65
C ASN B 210 -39.93 13.00 -9.58
N LEU B 211 -40.00 13.31 -10.87
CA LEU B 211 -40.40 12.32 -11.89
C LEU B 211 -39.40 11.17 -12.00
N PHE B 212 -38.14 11.45 -11.68
CA PHE B 212 -37.07 10.45 -11.69
C PHE B 212 -37.00 9.65 -10.38
N LYS B 213 -37.25 10.31 -9.24
CA LYS B 213 -37.32 9.59 -7.94
C LYS B 213 -38.42 8.55 -7.99
N ILE B 214 -39.56 8.96 -8.55
CA ILE B 214 -40.69 8.08 -8.89
C ILE B 214 -40.31 6.69 -9.41
N TYR B 215 -39.25 6.61 -10.20
CA TYR B 215 -38.71 5.33 -10.65
C TYR B 215 -37.70 4.74 -9.67
N TYR B 216 -36.68 5.53 -9.36
CA TYR B 216 -35.50 5.02 -8.64
C TYR B 216 -35.76 4.69 -7.17
N GLY B 217 -36.66 5.44 -6.53
CA GLY B 217 -37.05 5.16 -5.15
C GLY B 217 -35.93 5.39 -4.15
N ASP B 218 -35.27 4.30 -3.74
CA ASP B 218 -34.16 4.34 -2.78
C ASP B 218 -32.79 4.24 -3.45
N ASP B 219 -32.78 4.13 -4.78
CA ASP B 219 -31.56 4.13 -5.59
C ASP B 219 -31.19 5.59 -5.88
N TRP B 220 -30.80 6.32 -4.84
CA TRP B 220 -30.56 7.77 -4.98
C TRP B 220 -29.26 8.06 -5.73
N GLY B 221 -28.30 7.15 -5.62
CA GLY B 221 -27.12 7.12 -6.49
C GLY B 221 -27.47 7.01 -7.97
N GLY B 222 -28.32 6.05 -8.32
CA GLY B 222 -28.77 5.84 -9.70
C GLY B 222 -29.81 6.83 -10.21
N LEU B 223 -30.45 7.52 -9.27
CA LEU B 223 -31.33 8.64 -9.58
C LEU B 223 -30.49 9.77 -10.17
N PHE B 224 -29.53 10.25 -9.39
CA PHE B 224 -28.77 11.44 -9.76
C PHE B 224 -27.69 11.15 -10.80
N GLU B 225 -27.44 9.87 -11.06
CA GLU B 225 -26.69 9.39 -12.24
C GLU B 225 -27.37 9.69 -13.58
N ALA B 226 -28.70 9.72 -13.58
CA ALA B 226 -29.49 10.08 -14.77
C ALA B 226 -29.64 11.58 -14.85
N ILE B 227 -29.87 12.20 -13.69
CA ILE B 227 -30.10 13.65 -13.62
C ILE B 227 -28.95 14.46 -14.24
N THR B 228 -27.73 13.92 -14.20
CA THR B 228 -26.57 14.57 -14.82
C THR B 228 -26.64 14.74 -16.36
N GLY B 229 -27.49 13.97 -17.03
CA GLY B 229 -27.78 14.20 -18.45
C GLY B 229 -28.22 15.62 -18.72
N TYR B 230 -29.13 16.13 -17.88
CA TYR B 230 -29.55 17.53 -17.83
C TYR B 230 -28.42 18.54 -17.97
N GLY B 231 -27.33 18.27 -17.25
CA GLY B 231 -26.11 19.05 -17.36
C GLY B 231 -25.48 18.93 -18.74
N LEU B 232 -25.41 17.71 -19.28
CA LEU B 232 -24.91 17.51 -20.65
C LEU B 232 -25.85 18.11 -21.70
N GLY B 233 -27.15 18.11 -21.44
CA GLY B 233 -28.13 18.79 -22.29
C GLY B 233 -27.91 20.29 -22.35
N GLY B 234 -27.78 20.90 -21.17
CA GLY B 234 -27.55 22.35 -21.04
C GLY B 234 -26.25 22.89 -21.59
N SER B 235 -25.21 22.06 -21.58
CA SER B 235 -23.88 22.42 -22.10
C SER B 235 -23.76 22.20 -23.60
N SER B 236 -24.50 21.22 -24.16
CA SER B 236 -24.56 21.04 -25.62
C SER B 236 -25.23 22.24 -26.31
N MET B 237 -26.32 22.75 -25.74
CA MET B 237 -26.98 23.94 -26.28
C MET B 237 -26.18 25.23 -26.09
N ALA B 238 -25.17 25.20 -25.22
CA ALA B 238 -24.15 26.25 -25.18
C ALA B 238 -23.14 26.16 -26.34
N LEU B 239 -22.89 24.96 -26.85
CA LEU B 239 -22.08 24.77 -28.06
C LEU B 239 -22.76 25.36 -29.31
N PHE B 240 -24.09 25.38 -29.31
CA PHE B 240 -24.83 26.15 -30.33
C PHE B 240 -24.89 27.66 -30.00
N GLY B 241 -25.28 27.99 -28.77
CA GLY B 241 -25.48 29.38 -28.36
C GLY B 241 -24.26 30.28 -28.45
N ARG B 242 -23.13 29.83 -27.89
CA ARG B 242 -21.89 30.64 -27.74
C ARG B 242 -20.66 30.10 -28.51
N VAL B 243 -20.90 29.39 -29.59
CA VAL B 243 -19.84 29.14 -30.56
C VAL B 243 -20.37 29.44 -31.96
N GLY B 244 -21.47 28.80 -32.33
CA GLY B 244 -22.17 29.10 -33.57
C GLY B 244 -22.74 30.51 -33.56
N GLY B 245 -23.54 30.81 -32.54
CA GLY B 245 -24.04 32.16 -32.31
C GLY B 245 -22.91 33.13 -32.02
N GLY B 246 -21.85 32.60 -31.41
CA GLY B 246 -20.58 33.32 -31.22
C GLY B 246 -19.94 33.78 -32.51
N ILE B 247 -19.68 32.83 -33.41
CA ILE B 247 -19.07 33.12 -34.70
C ILE B 247 -19.91 34.15 -35.43
N TYR B 248 -21.23 33.95 -35.43
CA TYR B 248 -22.14 34.92 -36.03
C TYR B 248 -22.05 36.31 -35.38
N THR B 249 -22.22 36.41 -34.06
CA THR B 249 -22.29 37.75 -33.43
C THR B 249 -21.17 38.70 -33.90
N LYS B 250 -19.95 38.18 -33.97
CA LYS B 250 -18.79 38.97 -34.36
C LYS B 250 -18.22 38.60 -35.73
N ALA B 251 -19.00 37.87 -36.53
CA ALA B 251 -18.84 37.86 -37.99
C ALA B 251 -19.56 39.08 -38.58
N ALA B 252 -20.75 39.36 -38.05
CA ALA B 252 -21.47 40.58 -38.35
C ALA B 252 -20.69 41.83 -37.87
N ASP B 253 -20.26 41.88 -36.61
CA ASP B 253 -19.58 43.09 -36.08
C ASP B 253 -18.39 43.46 -36.95
N VAL B 254 -17.61 42.46 -37.33
CA VAL B 254 -16.45 42.69 -38.21
C VAL B 254 -16.86 42.79 -39.71
N GLY B 255 -18.09 42.42 -40.06
CA GLY B 255 -18.75 42.92 -41.28
C GLY B 255 -19.07 44.42 -41.17
N ALA B 256 -18.01 45.21 -41.09
CA ALA B 256 -18.05 46.66 -40.91
C ALA B 256 -16.96 47.15 -41.84
N ASP B 257 -17.19 46.94 -43.15
CA ASP B 257 -16.12 46.84 -44.16
C ASP B 257 -16.34 47.62 -45.47
N LEU B 258 -15.34 48.46 -45.81
CA LEU B 258 -15.17 49.12 -47.13
C LEU B 258 -14.02 48.44 -47.95
N VAL B 259 -14.17 48.13 -49.26
CA VAL B 259 -15.00 48.86 -50.26
C VAL B 259 -16.53 48.79 -50.06
N GLY B 260 -17.29 49.87 -50.34
CA GLY B 260 -16.82 51.14 -50.98
C GLY B 260 -17.30 52.42 -50.30
N LYS B 261 -18.62 52.63 -50.35
CA LYS B 261 -19.31 53.64 -49.54
C LYS B 261 -18.59 54.99 -49.45
N ASP B 269 -22.71 53.57 -39.00
CA ASP B 269 -24.10 53.21 -38.77
C ASP B 269 -25.01 53.76 -39.89
N ASP B 270 -25.36 52.89 -40.83
CA ASP B 270 -26.23 53.20 -41.96
C ASP B 270 -27.14 51.99 -42.29
N PRO B 271 -28.44 52.03 -41.91
CA PRO B 271 -29.33 50.85 -42.10
C PRO B 271 -29.66 50.37 -43.54
N ARG B 272 -29.19 51.11 -44.56
CA ARG B 272 -29.19 50.63 -45.96
C ARG B 272 -28.02 49.65 -46.25
N ASN B 273 -27.19 49.43 -45.24
CA ASN B 273 -26.25 48.31 -45.18
C ASN B 273 -26.76 47.27 -44.17
N PRO B 274 -27.24 46.10 -44.67
CA PRO B 274 -27.95 45.13 -43.82
C PRO B 274 -27.12 44.51 -42.70
N ALA B 275 -25.78 44.51 -42.84
CA ALA B 275 -24.89 44.08 -41.78
C ALA B 275 -24.92 45.00 -40.54
N VAL B 276 -25.24 46.28 -40.75
CA VAL B 276 -25.25 47.27 -39.66
C VAL B 276 -26.29 46.92 -38.62
N ILE B 277 -27.47 46.54 -39.12
CA ILE B 277 -28.53 46.00 -38.28
C ILE B 277 -28.23 44.55 -37.85
N ALA B 278 -27.75 43.71 -38.76
CA ALA B 278 -27.43 42.31 -38.44
C ALA B 278 -26.47 42.16 -37.25
N ASP B 279 -25.61 43.16 -37.02
CA ASP B 279 -24.82 43.23 -35.80
C ASP B 279 -25.64 43.60 -34.56
N ASN B 280 -26.58 44.54 -34.70
CA ASN B 280 -27.45 44.91 -33.57
C ASN B 280 -28.34 43.73 -33.08
N VAL B 281 -28.59 42.79 -33.99
CA VAL B 281 -29.12 41.46 -33.65
C VAL B 281 -28.02 40.65 -32.95
N GLY B 282 -26.82 40.66 -33.54
CA GLY B 282 -25.62 40.01 -33.00
C GLY B 282 -25.19 40.41 -31.59
N ASP B 283 -25.08 41.71 -31.33
CA ASP B 283 -24.80 42.22 -29.96
C ASP B 283 -25.82 41.58 -28.97
N ASN B 284 -27.08 41.47 -29.40
CA ASN B 284 -28.11 40.73 -28.64
C ASN B 284 -27.85 39.22 -28.53
N VAL B 285 -27.67 38.53 -29.66
CA VAL B 285 -27.59 37.05 -29.66
C VAL B 285 -26.42 36.51 -28.82
N GLY B 286 -25.23 37.09 -28.99
CA GLY B 286 -24.02 36.64 -28.31
C GLY B 286 -24.10 36.77 -26.80
N ASP B 287 -24.46 37.95 -26.31
CA ASP B 287 -24.53 38.21 -24.87
C ASP B 287 -25.93 38.00 -24.24
N ILE B 288 -26.89 37.46 -24.99
CA ILE B 288 -28.18 37.01 -24.44
C ILE B 288 -28.27 35.50 -24.59
N ALA B 289 -28.35 35.01 -25.82
CA ALA B 289 -28.47 33.57 -26.06
C ALA B 289 -27.19 32.84 -25.64
N GLY B 290 -26.04 33.42 -25.93
CA GLY B 290 -24.75 32.81 -25.59
C GLY B 290 -24.43 32.84 -24.09
N MET B 291 -24.52 34.01 -23.47
CA MET B 291 -24.30 34.14 -22.01
C MET B 291 -25.43 33.49 -21.21
N GLY B 292 -26.64 33.49 -21.77
CA GLY B 292 -27.74 32.70 -21.23
C GLY B 292 -27.35 31.24 -21.18
N SER B 293 -27.12 30.66 -22.36
CA SER B 293 -26.83 29.23 -22.51
C SER B 293 -25.63 28.74 -21.70
N ASP B 294 -24.57 29.54 -21.67
CA ASP B 294 -23.33 29.22 -20.97
C ASP B 294 -23.50 29.19 -19.44
N LEU B 295 -24.16 30.20 -18.89
CA LEU B 295 -24.40 30.31 -17.43
C LEU B 295 -25.60 29.47 -16.94
N PHE B 296 -26.49 29.10 -17.86
CA PHE B 296 -27.45 28.03 -17.62
C PHE B 296 -26.72 26.68 -17.55
N GLY B 297 -25.81 26.47 -18.52
CA GLY B 297 -24.96 25.28 -18.56
C GLY B 297 -24.09 25.17 -17.32
N SER B 298 -23.26 26.20 -17.10
CA SER B 298 -22.38 26.27 -15.90
C SER B 298 -23.19 25.95 -14.64
N TYR B 299 -24.38 26.53 -14.51
CA TYR B 299 -25.32 26.26 -13.39
C TYR B 299 -25.72 24.79 -13.33
N ALA B 300 -26.39 24.33 -14.38
CA ALA B 300 -26.93 22.96 -14.43
C ALA B 300 -25.87 21.94 -14.04
N GLU B 301 -24.77 21.95 -14.79
CA GLU B 301 -23.72 20.97 -14.58
C GLU B 301 -22.95 21.09 -13.26
N SER B 302 -22.98 22.24 -12.58
CA SER B 302 -22.44 22.33 -11.21
C SER B 302 -23.45 21.75 -10.22
N SER B 303 -24.72 22.07 -10.39
CA SER B 303 -25.80 21.49 -9.58
C SER B 303 -25.89 19.97 -9.76
N CYS B 304 -25.73 19.49 -11.00
CA CYS B 304 -25.69 18.04 -11.25
C CYS B 304 -24.47 17.36 -10.61
N ALA B 305 -23.33 18.06 -10.65
CA ALA B 305 -22.08 17.56 -10.06
C ALA B 305 -22.06 17.58 -8.54
N ALA B 306 -22.92 18.39 -7.93
CA ALA B 306 -23.12 18.31 -6.49
C ALA B 306 -23.96 17.07 -6.21
N LEU B 307 -25.10 16.99 -6.89
CA LEU B 307 -26.03 15.89 -6.70
C LEU B 307 -25.34 14.52 -6.80
N VAL B 308 -24.59 14.29 -7.87
CA VAL B 308 -23.93 12.99 -8.03
C VAL B 308 -23.05 12.68 -6.81
N VAL B 309 -22.15 13.58 -6.43
CA VAL B 309 -21.18 13.30 -5.37
C VAL B 309 -21.91 12.92 -4.06
N ALA B 310 -22.83 13.79 -3.68
CA ALA B 310 -23.61 13.64 -2.45
C ALA B 310 -24.56 12.45 -2.44
N SER B 311 -24.97 12.00 -3.63
CA SER B 311 -25.74 10.75 -3.77
C SER B 311 -25.01 9.49 -3.26
N ILE B 312 -23.68 9.58 -3.16
CA ILE B 312 -22.87 8.50 -2.56
C ILE B 312 -22.16 9.01 -1.32
N SER B 313 -22.87 9.83 -0.56
CA SER B 313 -22.38 10.39 0.70
C SER B 313 -23.49 10.32 1.72
N SER B 314 -23.17 10.71 2.96
CA SER B 314 -24.17 10.85 4.03
C SER B 314 -25.59 11.02 3.49
N PHE B 315 -25.80 12.13 2.80
CA PHE B 315 -27.14 12.59 2.47
C PHE B 315 -27.88 11.57 1.60
N GLY B 316 -27.23 11.07 0.57
CA GLY B 316 -27.89 10.20 -0.42
C GLY B 316 -27.81 8.69 -0.17
N LEU B 317 -26.98 8.33 0.81
CA LEU B 317 -26.93 6.97 1.29
C LEU B 317 -28.08 6.80 2.26
N ASN B 318 -28.18 7.71 3.22
CA ASN B 318 -29.27 7.70 4.20
C ASN B 318 -30.64 8.08 3.62
N HIS B 319 -30.65 8.88 2.55
CA HIS B 319 -31.86 9.43 1.89
C HIS B 319 -32.47 10.72 2.54
N GLU B 320 -31.61 11.64 2.98
CA GLU B 320 -32.03 12.93 3.58
C GLU B 320 -32.16 14.00 2.48
N LEU B 321 -33.39 14.26 1.99
CA LEU B 321 -33.59 15.21 0.87
C LEU B 321 -33.05 16.62 1.09
N THR B 322 -33.29 17.18 2.26
CA THR B 322 -33.06 18.62 2.50
C THR B 322 -31.61 18.94 2.82
N ALA B 323 -30.70 18.33 2.08
CA ALA B 323 -29.28 18.20 2.44
C ALA B 323 -28.55 17.69 1.20
N MET B 324 -29.17 16.70 0.55
CA MET B 324 -29.02 16.47 -0.89
C MET B 324 -29.33 17.74 -1.66
N LEU B 325 -30.58 18.18 -1.54
CA LEU B 325 -31.11 19.30 -2.31
C LEU B 325 -30.61 20.67 -1.84
N TYR B 326 -29.74 20.70 -0.83
CA TYR B 326 -28.98 21.89 -0.41
C TYR B 326 -28.48 22.81 -1.54
N PRO B 327 -27.89 22.24 -2.63
CA PRO B 327 -27.70 22.99 -3.87
C PRO B 327 -28.95 23.73 -4.33
N LEU B 328 -30.06 23.01 -4.50
CA LEU B 328 -31.31 23.64 -4.93
C LEU B 328 -31.84 24.65 -3.90
N ILE B 329 -31.66 24.38 -2.61
CA ILE B 329 -32.07 25.35 -1.57
C ILE B 329 -31.21 26.61 -1.69
N VAL B 330 -29.89 26.43 -1.87
CA VAL B 330 -28.95 27.55 -2.09
C VAL B 330 -29.38 28.36 -3.32
N SER B 331 -29.67 27.67 -4.42
CA SER B 331 -30.16 28.32 -5.64
C SER B 331 -31.41 29.15 -5.32
N SER B 332 -32.45 28.49 -4.83
CA SER B 332 -33.78 29.09 -4.67
C SER B 332 -33.78 30.37 -3.78
N VAL B 333 -32.96 30.38 -2.74
CA VAL B 333 -32.75 31.58 -1.93
C VAL B 333 -32.03 32.66 -2.72
N GLY B 334 -31.09 32.24 -3.57
CA GLY B 334 -30.44 33.14 -4.52
C GLY B 334 -31.44 34.02 -5.24
N ILE B 335 -32.41 33.39 -5.91
CA ILE B 335 -33.52 34.11 -6.56
C ILE B 335 -34.11 35.16 -5.61
N LEU B 336 -34.47 34.72 -4.42
CA LEU B 336 -35.06 35.59 -3.40
C LEU B 336 -34.10 36.70 -2.94
N VAL B 337 -32.83 36.38 -2.73
CA VAL B 337 -31.85 37.40 -2.36
C VAL B 337 -31.69 38.42 -3.48
N CYS B 338 -31.53 37.92 -4.71
CA CYS B 338 -31.37 38.77 -5.90
C CYS B 338 -32.63 39.58 -6.25
N LEU B 339 -33.80 39.03 -5.95
CA LEU B 339 -35.06 39.77 -6.10
C LEU B 339 -35.05 41.04 -5.25
N LEU B 340 -34.65 40.88 -3.99
CA LEU B 340 -34.50 42.03 -3.08
C LEU B 340 -33.48 43.04 -3.64
N THR B 341 -32.31 42.55 -4.05
CA THR B 341 -31.22 43.41 -4.50
C THR B 341 -31.57 44.11 -5.80
N THR B 342 -32.18 43.38 -6.73
CA THR B 342 -32.73 43.96 -7.98
C THR B 342 -33.53 45.24 -7.68
N LEU B 343 -34.33 45.21 -6.63
CA LEU B 343 -35.14 46.38 -6.25
C LEU B 343 -34.35 47.61 -5.79
N PHE B 344 -33.10 47.42 -5.34
CA PHE B 344 -32.21 48.55 -5.04
C PHE B 344 -31.91 49.39 -6.29
N ALA B 345 -31.79 48.72 -7.43
CA ALA B 345 -31.56 49.37 -8.73
C ALA B 345 -32.83 49.52 -9.59
N THR B 346 -34.00 49.31 -8.99
CA THR B 346 -35.29 49.60 -9.61
C THR B 346 -36.01 50.69 -8.82
N ASP B 347 -36.29 50.41 -7.56
CA ASP B 347 -37.10 51.30 -6.70
C ASP B 347 -36.29 52.20 -5.73
N PHE B 348 -35.37 51.63 -4.95
CA PHE B 348 -34.83 52.31 -3.73
C PHE B 348 -33.72 53.39 -3.88
N PHE B 349 -33.27 53.73 -5.09
CA PHE B 349 -32.20 54.73 -5.29
C PHE B 349 -32.60 55.84 -6.27
N ALA B 353 -27.58 61.56 -12.96
CA ALA B 353 -26.43 61.79 -13.83
C ALA B 353 -26.00 60.53 -14.57
N VAL B 354 -25.10 60.69 -15.54
CA VAL B 354 -24.48 59.56 -16.24
C VAL B 354 -23.27 59.02 -15.48
N LYS B 355 -22.57 59.88 -14.75
CA LYS B 355 -21.54 59.44 -13.82
C LYS B 355 -22.07 58.43 -12.78
N GLU B 356 -23.34 58.56 -12.42
CA GLU B 356 -24.00 57.63 -11.47
C GLU B 356 -24.24 56.19 -11.96
N ILE B 357 -24.17 55.98 -13.28
CA ILE B 357 -24.66 54.73 -13.88
C ILE B 357 -23.76 53.49 -13.62
N GLU B 358 -22.45 53.58 -13.79
CA GLU B 358 -21.55 52.40 -13.62
C GLU B 358 -21.60 51.78 -12.21
N PRO B 359 -21.58 52.61 -11.15
CA PRO B 359 -21.93 52.18 -9.79
C PRO B 359 -23.26 51.42 -9.68
N ALA B 360 -24.32 51.93 -10.31
CA ALA B 360 -25.61 51.22 -10.34
C ALA B 360 -25.46 49.71 -10.55
N LEU B 361 -24.55 49.35 -11.47
CA LEU B 361 -24.27 47.95 -11.79
C LEU B 361 -23.34 47.30 -10.77
N LYS B 362 -22.29 48.00 -10.36
CA LYS B 362 -21.34 47.47 -9.39
C LYS B 362 -21.89 47.32 -7.95
N LYS B 363 -22.96 48.04 -7.63
CA LYS B 363 -23.68 47.83 -6.37
C LYS B 363 -24.52 46.57 -6.48
N GLN B 364 -25.36 46.51 -7.51
CA GLN B 364 -26.14 45.29 -7.85
C GLN B 364 -25.39 43.99 -7.58
N LEU B 365 -24.09 43.99 -7.86
CA LEU B 365 -23.19 42.87 -7.53
C LEU B 365 -22.87 42.77 -6.04
N VAL B 366 -22.25 43.81 -5.50
CA VAL B 366 -21.82 43.78 -4.09
C VAL B 366 -23.00 43.55 -3.16
N ILE B 367 -24.15 44.13 -3.50
CA ILE B 367 -25.33 44.01 -2.66
C ILE B 367 -25.66 42.53 -2.50
N SER B 368 -25.95 41.86 -3.61
CA SER B 368 -26.37 40.46 -3.59
C SER B 368 -25.27 39.49 -3.12
N THR B 369 -24.01 39.89 -3.14
CA THR B 369 -22.94 39.09 -2.52
C THR B 369 -23.03 39.19 -0.99
N VAL B 370 -23.20 40.41 -0.47
CA VAL B 370 -23.32 40.63 0.99
C VAL B 370 -24.61 40.03 1.53
N LEU B 371 -25.70 40.18 0.78
CA LEU B 371 -26.96 39.52 1.11
C LEU B 371 -26.79 38.01 1.14
N MET B 372 -26.29 37.45 0.05
CA MET B 372 -26.29 35.99 -0.15
C MET B 372 -25.39 35.25 0.82
N THR B 373 -24.42 35.93 1.42
CA THR B 373 -23.62 35.34 2.50
C THR B 373 -24.49 35.10 3.75
N ILE B 374 -25.37 36.05 4.04
CA ILE B 374 -26.43 35.88 5.05
C ILE B 374 -27.48 34.88 4.57
N GLY B 375 -27.98 35.10 3.36
CA GLY B 375 -28.90 34.17 2.69
C GLY B 375 -28.49 32.72 2.79
N VAL B 376 -27.21 32.43 2.57
CA VAL B 376 -26.70 31.06 2.56
C VAL B 376 -26.29 30.58 3.94
N ALA B 377 -25.92 31.50 4.81
CA ALA B 377 -25.74 31.16 6.22
C ALA B 377 -27.04 30.52 6.71
N VAL B 378 -28.16 31.19 6.43
CA VAL B 378 -29.48 30.66 6.77
C VAL B 378 -29.69 29.27 6.16
N VAL B 379 -29.46 29.15 4.85
CA VAL B 379 -29.70 27.90 4.13
C VAL B 379 -28.85 26.75 4.68
N SER B 380 -27.60 27.04 5.00
CA SER B 380 -26.69 26.06 5.62
C SER B 380 -27.10 25.70 7.06
N PHE B 381 -27.64 26.66 7.80
CA PHE B 381 -28.13 26.38 9.14
C PHE B 381 -29.36 25.46 9.08
N VAL B 382 -30.43 25.93 8.46
CA VAL B 382 -31.72 25.25 8.49
C VAL B 382 -31.89 24.01 7.57
N ALA B 383 -30.89 23.69 6.76
CA ALA B 383 -30.98 22.54 5.84
C ALA B 383 -29.72 21.66 5.83
N LEU B 384 -29.01 21.61 6.94
CA LEU B 384 -27.84 20.74 7.06
C LEU B 384 -27.69 20.18 8.47
N PRO B 385 -27.30 18.90 8.57
CA PRO B 385 -26.95 18.31 9.86
C PRO B 385 -25.69 18.92 10.48
N THR B 386 -25.54 18.74 11.79
CA THR B 386 -24.31 19.08 12.54
C THR B 386 -23.07 18.67 11.78
N SER B 387 -23.04 17.40 11.40
CA SER B 387 -21.90 16.79 10.75
C SER B 387 -22.37 15.74 9.75
N PHE B 388 -21.44 15.29 8.92
CA PHE B 388 -21.73 14.28 7.91
C PHE B 388 -20.42 13.74 7.28
N THR B 389 -20.61 12.89 6.29
CA THR B 389 -19.55 12.39 5.42
C THR B 389 -19.77 12.68 3.92
N ILE B 390 -18.66 12.94 3.22
CA ILE B 390 -18.62 13.22 1.78
C ILE B 390 -17.69 12.22 1.08
N PHE B 391 -18.17 11.62 0.00
CA PHE B 391 -17.35 10.68 -0.77
C PHE B 391 -16.25 11.37 -1.56
N ASN B 392 -14.99 11.02 -1.26
CA ASN B 392 -13.87 11.33 -2.14
C ASN B 392 -12.98 10.12 -2.35
N PHE B 393 -13.15 9.49 -3.51
CA PHE B 393 -12.26 8.42 -3.95
C PHE B 393 -12.25 7.22 -2.96
N GLY B 394 -13.43 6.95 -2.37
CA GLY B 394 -13.67 5.75 -1.56
C GLY B 394 -14.11 6.07 -0.14
N VAL B 395 -13.39 6.99 0.50
CA VAL B 395 -13.56 7.25 1.92
C VAL B 395 -14.72 8.21 2.17
N GLN B 396 -15.54 7.87 3.14
CA GLN B 396 -16.55 8.79 3.67
C GLN B 396 -15.87 9.69 4.71
N LYS B 397 -15.71 10.96 4.34
CA LYS B 397 -14.87 11.93 5.04
C LYS B 397 -15.68 12.86 5.94
N ASP B 398 -15.14 13.15 7.12
CA ASP B 398 -15.84 13.98 8.09
C ASP B 398 -15.95 15.41 7.57
N VAL B 399 -17.18 15.94 7.57
CA VAL B 399 -17.47 17.34 7.19
C VAL B 399 -18.57 17.90 8.08
N LYS B 400 -18.28 19.01 8.77
CA LYS B 400 -19.26 19.69 9.62
C LYS B 400 -19.86 20.89 8.89
N SER B 401 -21.19 21.01 8.92
CA SER B 401 -21.97 21.90 8.01
C SER B 401 -21.47 23.34 7.82
N TRP B 402 -20.82 23.89 8.83
CA TRP B 402 -20.17 25.20 8.72
C TRP B 402 -18.99 25.22 7.73
N GLN B 403 -18.30 24.09 7.62
CA GLN B 403 -17.25 23.90 6.63
C GLN B 403 -17.83 23.90 5.22
N LEU B 404 -19.03 23.33 5.09
CA LEU B 404 -19.79 23.39 3.85
C LEU B 404 -20.23 24.82 3.54
N PHE B 405 -20.65 25.57 4.57
CA PHE B 405 -20.96 27.00 4.44
C PHE B 405 -19.77 27.88 4.03
N LEU B 406 -18.58 27.56 4.52
CA LEU B 406 -17.37 28.24 4.05
C LEU B 406 -17.06 27.95 2.57
N CYS B 407 -17.51 26.81 2.04
CA CYS B 407 -17.29 26.44 0.63
C CYS B 407 -18.12 27.29 -0.36
N VAL B 408 -19.42 27.42 -0.16
CA VAL B 408 -20.20 28.41 -0.91
C VAL B 408 -19.65 29.83 -0.72
N ALA B 409 -19.22 30.15 0.49
CA ALA B 409 -18.72 31.49 0.81
C ALA B 409 -17.42 31.79 0.09
N VAL B 410 -16.43 30.91 0.22
CA VAL B 410 -15.15 31.05 -0.51
C VAL B 410 -15.34 31.03 -2.04
N GLY B 411 -16.41 30.38 -2.52
CA GLY B 411 -16.83 30.45 -3.94
C GLY B 411 -17.55 31.74 -4.32
N LEU B 412 -18.47 32.16 -3.44
CA LEU B 412 -19.16 33.43 -3.56
C LEU B 412 -18.17 34.56 -3.71
N TRP B 413 -17.27 34.69 -2.73
CA TRP B 413 -16.27 35.78 -2.66
C TRP B 413 -15.07 35.68 -3.63
N ALA B 414 -14.90 34.53 -4.27
CA ALA B 414 -14.04 34.45 -5.45
C ALA B 414 -14.72 35.21 -6.57
N GLY B 415 -15.97 34.84 -6.85
CA GLY B 415 -16.78 35.44 -7.93
C GLY B 415 -17.06 36.94 -7.84
N LEU B 416 -16.94 37.48 -6.63
CA LEU B 416 -16.93 38.92 -6.41
C LEU B 416 -15.55 39.47 -6.73
N ILE B 417 -14.51 38.94 -6.08
CA ILE B 417 -13.13 39.40 -6.31
C ILE B 417 -12.71 39.33 -7.80
N ILE B 418 -13.04 38.23 -8.45
CA ILE B 418 -12.47 37.91 -9.75
C ILE B 418 -12.90 38.91 -10.81
N GLY B 419 -14.17 39.31 -10.75
CA GLY B 419 -14.75 40.29 -11.68
C GLY B 419 -14.35 41.74 -11.41
N PHE B 420 -14.00 42.06 -10.17
CA PHE B 420 -13.38 43.34 -9.85
C PHE B 420 -11.97 43.36 -10.39
N VAL B 421 -11.28 42.23 -10.30
CA VAL B 421 -9.93 42.11 -10.88
C VAL B 421 -9.99 42.21 -12.41
N THR B 422 -11.07 41.69 -12.99
CA THR B 422 -11.40 41.98 -14.38
C THR B 422 -11.52 43.51 -14.54
N GLU B 423 -12.55 44.14 -13.94
CA GLU B 423 -12.82 45.57 -14.10
C GLU B 423 -11.53 46.37 -14.23
N TYR B 424 -10.62 46.19 -13.28
CA TYR B 424 -9.34 46.90 -13.28
C TYR B 424 -8.59 46.77 -14.61
N TYR B 425 -8.51 45.53 -15.11
CA TYR B 425 -7.84 45.25 -16.38
C TYR B 425 -8.64 45.53 -17.70
N THR B 426 -9.98 45.52 -17.62
CA THR B 426 -10.88 45.90 -18.73
C THR B 426 -11.81 47.08 -18.35
N SER B 427 -11.22 48.25 -18.11
CA SER B 427 -11.99 49.48 -17.92
C SER B 427 -11.18 50.75 -18.20
N ASN B 428 -11.72 51.61 -19.07
CA ASN B 428 -11.18 52.95 -19.36
C ASN B 428 -11.02 53.79 -18.11
N ALA B 429 -11.91 53.54 -17.14
CA ALA B 429 -11.83 54.11 -15.81
C ALA B 429 -10.44 53.95 -15.19
N TYR B 430 -9.92 52.73 -15.14
CA TYR B 430 -8.68 52.43 -14.38
C TYR B 430 -7.45 52.45 -15.28
N SER B 431 -6.30 52.44 -14.63
CA SER B 431 -5.01 52.62 -15.28
C SER B 431 -4.66 51.78 -16.55
N PRO B 432 -4.81 50.44 -16.52
CA PRO B 432 -4.09 49.66 -17.55
C PRO B 432 -4.67 49.77 -18.96
N VAL B 433 -5.97 50.04 -19.08
CA VAL B 433 -6.58 50.35 -20.38
C VAL B 433 -6.20 51.77 -20.83
N GLN B 434 -6.11 52.70 -19.88
CA GLN B 434 -5.60 54.04 -20.18
C GLN B 434 -4.15 54.03 -20.71
N ASP B 435 -3.37 53.02 -20.34
CA ASP B 435 -2.05 52.76 -20.95
C ASP B 435 -2.17 52.34 -22.42
N VAL B 436 -3.15 51.50 -22.72
CA VAL B 436 -3.37 50.98 -24.06
C VAL B 436 -3.81 52.10 -25.02
N ALA B 437 -4.60 53.06 -24.53
CA ALA B 437 -4.97 54.24 -25.34
C ALA B 437 -3.74 55.07 -25.71
N ASP B 438 -2.88 55.35 -24.74
CA ASP B 438 -1.58 55.97 -25.01
C ASP B 438 -0.68 55.18 -25.94
N SER B 439 -0.95 53.90 -26.14
CA SER B 439 -0.21 53.14 -27.14
C SER B 439 -0.54 53.66 -28.53
N CYS B 440 -1.82 53.77 -28.85
CA CYS B 440 -2.23 54.11 -30.22
C CYS B 440 -1.83 55.53 -30.72
N ARG B 441 -1.39 56.41 -29.81
CA ARG B 441 -0.66 57.61 -30.20
C ARG B 441 0.68 57.26 -30.87
N THR B 442 1.39 56.25 -30.35
CA THR B 442 2.54 55.67 -31.08
C THR B 442 1.95 54.73 -32.16
N GLY B 443 2.31 53.46 -32.20
CA GLY B 443 1.82 52.56 -33.26
C GLY B 443 0.33 52.20 -33.23
N ALA B 444 -0.10 51.44 -34.24
CA ALA B 444 -1.25 50.55 -34.15
C ALA B 444 -0.75 49.13 -33.82
N ALA B 445 0.50 48.87 -34.21
CA ALA B 445 1.31 47.78 -33.68
C ALA B 445 1.47 47.85 -32.16
N THR B 446 1.69 49.04 -31.62
CA THR B 446 1.85 49.21 -30.18
C THR B 446 0.50 49.00 -29.46
N ASN B 447 -0.63 49.36 -30.08
CA ASN B 447 -1.93 49.16 -29.42
C ASN B 447 -2.12 47.69 -29.11
N VAL B 448 -1.90 46.87 -30.13
CA VAL B 448 -2.05 45.43 -29.99
C VAL B 448 -0.97 44.80 -29.07
N ILE B 449 0.32 45.14 -29.25
CA ILE B 449 1.37 44.54 -28.40
C ILE B 449 1.01 44.68 -26.91
N PHE B 450 0.73 45.92 -26.49
CA PHE B 450 0.43 46.25 -25.08
C PHE B 450 -0.95 45.74 -24.66
N GLY B 451 -1.78 45.32 -25.61
CA GLY B 451 -3.01 44.56 -25.31
C GLY B 451 -2.79 43.07 -25.12
N LEU B 452 -1.97 42.49 -26.00
CA LEU B 452 -1.50 41.13 -25.81
C LEU B 452 -0.77 41.02 -24.49
N ALA B 453 -0.04 42.08 -24.12
CA ALA B 453 0.55 42.18 -22.78
C ALA B 453 -0.54 42.20 -21.71
N LEU B 454 -1.52 43.09 -21.88
CA LEU B 454 -2.56 43.26 -20.87
C LEU B 454 -3.17 41.93 -20.47
N GLY B 455 -3.89 41.28 -21.38
CA GLY B 455 -4.58 40.02 -21.06
C GLY B 455 -3.69 38.94 -20.45
N TYR B 456 -2.46 38.86 -20.94
CA TYR B 456 -1.51 37.88 -20.43
C TYR B 456 -1.24 38.12 -18.94
N LYS B 457 -1.11 39.36 -18.52
CA LYS B 457 -0.88 39.66 -17.11
C LYS B 457 -2.18 39.58 -16.34
N SER B 458 -3.28 39.85 -17.02
CA SER B 458 -4.62 39.77 -16.45
C SER B 458 -4.84 38.53 -15.55
N VAL B 459 -4.50 37.38 -16.14
CA VAL B 459 -4.72 36.04 -15.55
C VAL B 459 -4.33 35.83 -14.09
N ILE B 460 -3.30 36.51 -13.61
CA ILE B 460 -2.55 36.02 -12.44
C ILE B 460 -3.47 35.92 -11.24
N ILE B 461 -4.16 37.03 -10.98
CA ILE B 461 -4.96 37.17 -9.78
C ILE B 461 -6.22 36.29 -9.78
N PRO B 462 -6.96 36.24 -10.92
CA PRO B 462 -8.06 35.27 -11.05
C PRO B 462 -7.62 33.80 -10.86
N ILE B 463 -6.43 33.45 -11.33
CA ILE B 463 -5.87 32.10 -11.18
C ILE B 463 -5.61 31.74 -9.72
N PHE B 464 -4.99 32.66 -8.98
CA PHE B 464 -4.89 32.53 -7.53
C PHE B 464 -6.26 32.51 -6.82
N ALA B 465 -7.21 33.34 -7.30
CA ALA B 465 -8.60 33.34 -6.78
C ALA B 465 -9.31 31.98 -6.92
N ILE B 466 -9.13 31.38 -8.09
CA ILE B 466 -9.61 30.03 -8.38
C ILE B 466 -8.85 28.99 -7.58
N ALA B 467 -7.53 29.11 -7.50
CA ALA B 467 -6.70 28.17 -6.74
C ALA B 467 -6.94 28.23 -5.22
N ILE B 468 -7.04 29.44 -4.68
CA ILE B 468 -7.36 29.64 -3.27
C ILE B 468 -8.73 29.05 -2.97
N SER B 469 -9.72 29.31 -3.83
CA SER B 469 -11.03 28.64 -3.74
C SER B 469 -10.89 27.10 -3.66
N ILE B 470 -10.07 26.54 -4.56
CA ILE B 470 -9.86 25.09 -4.65
C ILE B 470 -9.34 24.54 -3.33
N PHE B 471 -8.20 25.05 -2.88
CA PHE B 471 -7.57 24.55 -1.66
C PHE B 471 -8.46 24.57 -0.41
N VAL B 472 -9.23 25.65 -0.24
CA VAL B 472 -10.20 25.78 0.86
C VAL B 472 -11.43 24.85 0.71
N SER B 473 -11.92 24.69 -0.51
CA SER B 473 -13.04 23.78 -0.80
C SER B 473 -12.66 22.32 -0.53
N PHE B 474 -11.62 21.82 -1.21
CA PHE B 474 -11.13 20.41 -1.09
C PHE B 474 -10.78 20.03 0.33
N THR B 475 -10.35 21.03 1.07
CA THR B 475 -10.10 20.88 2.48
C THR B 475 -11.42 20.58 3.19
N PHE B 476 -12.33 21.55 3.21
CA PHE B 476 -13.52 21.44 4.06
C PHE B 476 -14.48 20.30 3.71
N ALA B 477 -15.16 20.37 2.58
CA ALA B 477 -15.73 19.15 1.97
C ALA B 477 -14.58 18.59 1.12
N ALA B 478 -14.85 17.77 0.12
CA ALA B 478 -13.76 17.30 -0.73
C ALA B 478 -14.03 17.67 -2.15
N MET B 479 -14.72 16.79 -2.88
CA MET B 479 -15.14 17.10 -4.22
C MET B 479 -16.47 17.83 -4.16
N TYR B 480 -17.32 17.44 -3.22
CA TYR B 480 -18.58 18.12 -2.93
C TYR B 480 -18.39 19.63 -2.73
N GLY B 481 -17.28 19.99 -2.09
CA GLY B 481 -16.97 21.38 -1.80
C GLY B 481 -16.80 22.19 -3.06
N ILE B 482 -15.90 21.74 -3.92
CA ILE B 482 -15.67 22.39 -5.19
C ILE B 482 -17.02 22.60 -5.86
N ALA B 483 -17.76 21.52 -6.04
CA ALA B 483 -19.06 21.56 -6.72
C ALA B 483 -20.07 22.54 -6.08
N VAL B 484 -20.05 22.62 -4.76
CA VAL B 484 -20.85 23.59 -4.01
C VAL B 484 -20.32 25.05 -4.19
N ALA B 485 -19.00 25.19 -4.14
CA ALA B 485 -18.32 26.47 -4.34
C ALA B 485 -18.52 27.03 -5.75
N ALA B 486 -18.60 26.15 -6.75
CA ALA B 486 -19.02 26.55 -8.09
C ALA B 486 -20.47 27.05 -8.10
N LEU B 487 -21.33 26.40 -7.33
CA LEU B 487 -22.68 26.91 -7.14
C LEU B 487 -22.69 28.18 -6.28
N GLY B 488 -21.74 28.29 -5.36
CA GLY B 488 -21.46 29.54 -4.65
C GLY B 488 -21.23 30.76 -5.54
N MET B 489 -20.50 30.58 -6.64
CA MET B 489 -20.34 31.64 -7.66
C MET B 489 -21.66 31.93 -8.38
N LEU B 490 -22.37 30.87 -8.76
CA LEU B 490 -23.61 30.98 -9.53
C LEU B 490 -24.87 31.09 -8.66
N SER B 491 -24.68 31.28 -7.35
CA SER B 491 -25.77 31.53 -6.41
C SER B 491 -26.43 32.89 -6.64
N THR B 492 -25.70 33.80 -7.28
CA THR B 492 -26.21 35.12 -7.61
C THR B 492 -26.46 35.26 -9.13
N ILE B 493 -26.85 34.15 -9.78
CA ILE B 493 -26.97 34.13 -11.24
C ILE B 493 -28.17 34.89 -11.78
N ALA B 494 -29.14 35.18 -10.92
CA ALA B 494 -30.28 36.01 -11.30
C ALA B 494 -29.84 37.42 -11.68
N THR B 495 -29.37 38.22 -10.71
CA THR B 495 -28.89 39.58 -11.00
C THR B 495 -27.58 39.59 -11.81
N GLY B 496 -26.73 38.58 -11.58
CA GLY B 496 -25.49 38.41 -12.34
C GLY B 496 -25.74 38.42 -13.83
N LEU B 497 -26.79 37.71 -14.26
CA LEU B 497 -27.16 37.66 -15.67
C LEU B 497 -27.84 38.97 -16.11
N ALA B 498 -28.58 39.62 -15.20
CA ALA B 498 -29.23 40.91 -15.49
C ALA B 498 -28.25 41.99 -15.96
N ILE B 499 -27.11 42.09 -15.28
CA ILE B 499 -26.08 43.06 -15.67
C ILE B 499 -25.37 42.62 -16.97
N ASP B 500 -25.21 41.32 -17.18
CA ASP B 500 -24.67 40.77 -18.45
C ASP B 500 -25.64 41.00 -19.62
N ALA B 501 -26.94 40.99 -19.33
CA ALA B 501 -28.02 41.13 -20.33
C ALA B 501 -28.56 42.55 -20.51
N TYR B 502 -28.26 43.44 -19.56
CA TYR B 502 -28.49 44.89 -19.76
C TYR B 502 -27.53 45.43 -20.82
N GLY B 503 -26.28 44.95 -20.77
CA GLY B 503 -25.20 45.32 -21.70
C GLY B 503 -25.59 45.50 -23.16
N PRO B 504 -25.90 44.40 -23.87
CA PRO B 504 -26.15 44.49 -25.31
C PRO B 504 -27.42 45.25 -25.68
N ILE B 505 -28.45 45.15 -24.83
CA ILE B 505 -29.65 45.98 -24.95
C ILE B 505 -29.26 47.44 -25.13
N SER B 506 -28.47 47.96 -24.19
CA SER B 506 -28.05 49.36 -24.25
C SER B 506 -26.95 49.67 -25.28
N ASP B 507 -26.46 48.66 -26.01
CA ASP B 507 -25.75 48.91 -27.29
C ASP B 507 -26.78 49.22 -28.35
N ASN B 508 -27.80 48.36 -28.46
CA ASN B 508 -28.92 48.60 -29.38
C ASN B 508 -29.63 49.93 -29.14
N ALA B 509 -29.71 50.37 -27.87
CA ALA B 509 -30.29 51.67 -27.54
C ALA B 509 -29.46 52.84 -28.05
N GLY B 510 -28.15 52.71 -27.96
CA GLY B 510 -27.21 53.68 -28.53
C GLY B 510 -27.24 53.72 -30.04
N GLY B 511 -27.50 52.56 -30.65
CA GLY B 511 -27.59 52.38 -32.11
C GLY B 511 -28.97 52.59 -32.72
N ILE B 512 -30.03 52.41 -31.91
CA ILE B 512 -31.39 52.74 -32.35
C ILE B 512 -31.55 54.26 -32.38
N ALA B 513 -30.94 54.96 -31.44
CA ALA B 513 -30.86 56.43 -31.47
C ALA B 513 -30.16 56.90 -32.73
N GLU B 514 -28.93 56.41 -32.94
CA GLU B 514 -28.09 56.79 -34.08
C GLU B 514 -28.76 56.57 -35.43
N MET B 515 -29.36 55.39 -35.61
CA MET B 515 -30.03 55.04 -36.87
C MET B 515 -31.38 55.75 -37.07
N ALA B 516 -32.08 56.05 -35.96
CA ALA B 516 -33.30 56.90 -35.96
C ALA B 516 -33.00 58.41 -35.91
N GLY B 517 -31.73 58.77 -35.84
CA GLY B 517 -31.26 60.15 -36.02
C GLY B 517 -31.75 61.08 -34.93
N MET B 518 -31.77 60.57 -33.70
CA MET B 518 -32.44 61.24 -32.60
C MET B 518 -31.69 62.46 -32.07
N SER B 519 -32.37 63.18 -31.18
CA SER B 519 -31.88 64.36 -30.45
C SER B 519 -30.50 64.12 -29.82
N HIS B 520 -29.55 65.02 -30.07
CA HIS B 520 -28.16 64.86 -29.57
C HIS B 520 -28.13 64.64 -28.05
N ARG B 521 -29.04 65.30 -27.32
CA ARG B 521 -29.24 65.04 -25.89
C ARG B 521 -29.46 63.53 -25.67
N ILE B 522 -30.42 62.96 -26.39
CA ILE B 522 -30.77 61.53 -26.32
C ILE B 522 -29.57 60.62 -26.65
N ARG B 523 -28.82 60.94 -27.71
CA ARG B 523 -27.63 60.14 -28.11
C ARG B 523 -26.53 60.11 -27.03
N GLU B 524 -26.32 61.22 -26.34
CA GLU B 524 -25.36 61.29 -25.23
C GLU B 524 -25.85 60.55 -23.96
N ARG B 525 -27.17 60.34 -23.86
CA ARG B 525 -27.78 59.51 -22.80
C ARG B 525 -27.64 58.02 -23.08
N THR B 526 -28.11 57.57 -24.24
CA THR B 526 -28.02 56.15 -24.60
C THR B 526 -26.57 55.68 -24.68
N ASP B 527 -25.70 56.51 -25.26
CA ASP B 527 -24.27 56.15 -25.35
C ASP B 527 -23.55 56.18 -24.01
N ALA B 528 -24.14 56.83 -23.01
CA ALA B 528 -23.69 56.70 -21.61
C ALA B 528 -23.93 55.30 -21.07
N LEU B 529 -25.14 54.79 -21.25
CA LEU B 529 -25.43 53.39 -20.89
C LEU B 529 -24.51 52.46 -21.65
N ASP B 530 -24.44 52.64 -22.97
CA ASP B 530 -23.59 51.82 -23.88
C ASP B 530 -22.19 51.58 -23.30
N ALA B 531 -21.56 52.65 -22.83
CA ALA B 531 -20.18 52.59 -22.35
C ALA B 531 -20.06 51.87 -21.00
N ALA B 532 -20.94 52.20 -20.05
CA ALA B 532 -21.02 51.45 -18.78
C ALA B 532 -21.47 50.01 -19.01
N GLY B 533 -22.24 49.80 -20.07
CA GLY B 533 -22.56 48.47 -20.58
C GLY B 533 -21.32 47.74 -21.05
N ASN B 534 -20.46 48.42 -21.80
CA ASN B 534 -19.16 47.86 -22.18
C ASN B 534 -18.23 47.49 -21.06
N THR B 535 -18.31 48.22 -19.94
CA THR B 535 -17.57 47.83 -18.72
C THR B 535 -18.22 46.60 -18.14
N THR B 536 -19.52 46.71 -17.88
CA THR B 536 -20.24 45.71 -17.09
C THR B 536 -20.19 44.33 -17.75
N ALA B 537 -20.52 44.26 -19.04
CA ALA B 537 -20.56 42.98 -19.74
C ALA B 537 -19.16 42.38 -19.95
N ALA B 538 -18.11 43.19 -19.80
CA ALA B 538 -16.74 42.66 -19.75
C ALA B 538 -16.44 41.99 -18.40
N ILE B 539 -17.02 42.51 -17.32
CA ILE B 539 -16.89 41.89 -15.98
C ILE B 539 -17.55 40.52 -16.00
N GLY B 540 -18.82 40.47 -16.42
CA GLY B 540 -19.58 39.21 -16.61
C GLY B 540 -18.90 38.12 -17.44
N LYS B 541 -18.06 38.52 -18.40
CA LYS B 541 -17.23 37.58 -19.17
C LYS B 541 -16.16 36.89 -18.33
N GLY B 542 -15.59 37.60 -17.35
CA GLY B 542 -14.65 37.00 -16.37
C GLY B 542 -15.29 36.19 -15.25
N PHE B 543 -16.45 36.68 -14.79
CA PHE B 543 -17.40 35.95 -13.92
C PHE B 543 -17.67 34.52 -14.45
N ALA B 544 -17.99 34.42 -15.73
CA ALA B 544 -18.32 33.15 -16.41
C ALA B 544 -17.16 32.16 -16.50
N ILE B 545 -15.99 32.67 -16.86
CA ILE B 545 -14.76 31.86 -16.96
C ILE B 545 -14.29 31.49 -15.56
N GLY B 546 -14.62 32.32 -14.58
CA GLY B 546 -14.36 31.97 -13.17
C GLY B 546 -15.13 30.71 -12.83
N SER B 547 -16.44 30.86 -12.75
CA SER B 547 -17.43 29.77 -12.70
C SER B 547 -16.99 28.51 -13.44
N ALA B 548 -16.65 28.69 -14.71
CA ALA B 548 -16.26 27.60 -15.59
C ALA B 548 -15.16 26.69 -15.01
N ALA B 549 -13.95 27.21 -14.82
CA ALA B 549 -12.85 26.43 -14.24
C ALA B 549 -13.28 25.64 -12.99
N LEU B 550 -14.06 26.28 -12.13
CA LEU B 550 -14.61 25.63 -10.94
C LEU B 550 -15.52 24.47 -11.27
N VAL B 551 -16.50 24.70 -12.15
CA VAL B 551 -17.45 23.65 -12.53
C VAL B 551 -16.82 22.55 -13.40
N SER B 552 -15.97 22.94 -14.34
CA SER B 552 -15.18 21.97 -15.11
C SER B 552 -14.48 20.98 -14.22
N LEU B 553 -13.93 21.49 -13.12
CA LEU B 553 -13.22 20.67 -12.14
C LEU B 553 -14.17 19.86 -11.24
N ALA B 554 -15.26 20.48 -10.80
CA ALA B 554 -16.31 19.79 -10.04
C ALA B 554 -16.75 18.52 -10.77
N LEU B 555 -16.90 18.67 -12.08
CA LEU B 555 -17.22 17.59 -12.99
C LEU B 555 -16.06 16.60 -13.11
N PHE B 556 -14.85 17.09 -13.39
CA PHE B 556 -13.64 16.25 -13.49
C PHE B 556 -13.52 15.29 -12.32
N GLY B 557 -13.74 15.82 -11.12
CA GLY B 557 -13.66 15.04 -9.89
C GLY B 557 -14.77 14.04 -9.82
N ALA B 558 -15.98 14.50 -10.15
CA ALA B 558 -17.13 13.61 -10.29
C ALA B 558 -16.95 12.54 -11.39
N PHE B 559 -16.30 12.88 -12.49
CA PHE B 559 -15.94 11.89 -13.52
C PHE B 559 -14.97 10.85 -12.97
N VAL B 560 -14.03 11.28 -12.14
CA VAL B 560 -13.13 10.34 -11.45
C VAL B 560 -13.90 9.52 -10.39
N SER B 561 -14.80 10.18 -9.66
CA SER B 561 -15.68 9.48 -8.70
C SER B 561 -16.57 8.40 -9.36
N ARG B 562 -17.07 8.66 -10.58
CA ARG B 562 -17.84 7.65 -11.34
C ARG B 562 -16.94 6.57 -11.92
N ALA B 563 -15.79 6.97 -12.44
CA ALA B 563 -14.88 6.02 -13.11
C ALA B 563 -14.14 5.08 -12.17
N SER B 564 -14.14 5.39 -10.87
CA SER B 564 -13.45 4.61 -9.86
C SER B 564 -11.95 4.54 -10.18
N ILE B 565 -11.31 5.69 -10.03
CA ILE B 565 -9.86 5.85 -10.15
C ILE B 565 -9.40 6.49 -8.84
N THR B 566 -8.54 5.79 -8.11
CA THR B 566 -7.98 6.34 -6.88
C THR B 566 -6.80 7.34 -7.10
N THR B 567 -6.24 7.36 -8.32
CA THR B 567 -5.08 8.20 -8.67
C THR B 567 -5.03 8.64 -10.13
N VAL B 568 -4.21 9.66 -10.40
CA VAL B 568 -4.00 10.19 -11.76
C VAL B 568 -2.54 10.66 -11.86
N ASP B 569 -1.64 9.71 -12.10
CA ASP B 569 -0.19 9.97 -12.03
C ASP B 569 0.28 10.73 -13.24
N VAL B 570 0.99 11.83 -13.01
CA VAL B 570 1.60 12.63 -14.07
C VAL B 570 2.90 11.93 -14.54
N LEU B 571 3.36 10.96 -13.77
CA LEU B 571 4.49 10.14 -14.21
C LEU B 571 4.10 9.17 -15.34
N THR B 572 3.11 8.30 -15.07
CA THR B 572 2.56 7.33 -16.06
C THR B 572 2.19 7.93 -17.41
N PRO B 573 2.83 7.46 -18.50
CA PRO B 573 2.61 8.12 -19.79
C PRO B 573 1.16 8.02 -20.30
N LYS B 574 0.41 6.99 -19.90
CA LYS B 574 -1.07 6.95 -20.12
C LYS B 574 -1.71 8.32 -19.86
N VAL B 575 -1.33 8.96 -18.75
CA VAL B 575 -1.84 10.30 -18.37
C VAL B 575 -1.01 11.46 -18.91
N PHE B 576 0.32 11.32 -18.99
CA PHE B 576 1.14 12.45 -19.46
C PHE B 576 0.85 12.86 -20.89
N ILE B 577 0.84 11.91 -21.81
CA ILE B 577 0.49 12.22 -23.21
C ILE B 577 -0.95 12.80 -23.26
N GLY B 578 -1.80 12.36 -22.32
CA GLY B 578 -3.13 12.90 -22.11
C GLY B 578 -3.01 14.36 -21.78
N LEU B 579 -2.41 14.63 -20.63
CA LEU B 579 -2.16 15.98 -20.12
C LEU B 579 -1.57 16.96 -21.14
N ILE B 580 -0.52 16.58 -21.86
CA ILE B 580 0.09 17.52 -22.82
C ILE B 580 -0.87 17.82 -23.98
N VAL B 581 -1.59 16.79 -24.44
CA VAL B 581 -2.52 16.94 -25.54
C VAL B 581 -3.82 17.62 -25.13
N GLY B 582 -4.18 17.47 -23.87
CA GLY B 582 -5.23 18.31 -23.29
C GLY B 582 -4.89 19.78 -23.34
N ALA B 583 -3.64 20.14 -23.03
CA ALA B 583 -3.15 21.54 -23.10
C ALA B 583 -3.17 22.12 -24.51
N MET B 584 -2.98 21.23 -25.49
CA MET B 584 -3.02 21.57 -26.91
C MET B 584 -4.44 21.85 -27.46
N LEU B 585 -5.43 21.07 -27.05
CA LEU B 585 -6.82 21.22 -27.54
C LEU B 585 -7.42 22.65 -27.57
N PRO B 586 -7.33 23.43 -26.48
CA PRO B 586 -7.87 24.79 -26.56
C PRO B 586 -7.17 25.67 -27.59
N TYR B 587 -5.85 25.50 -27.76
CA TYR B 587 -5.11 26.23 -28.80
C TYR B 587 -5.62 25.85 -30.19
N TRP B 588 -5.86 24.56 -30.40
CA TRP B 588 -6.56 24.06 -31.59
C TRP B 588 -7.94 24.70 -31.72
N PHE B 589 -8.78 24.49 -30.71
CA PHE B 589 -10.16 24.95 -30.69
C PHE B 589 -10.30 26.45 -30.89
N SER B 590 -9.29 27.20 -30.45
CA SER B 590 -9.21 28.65 -30.66
C SER B 590 -8.97 28.93 -32.14
N ALA B 591 -7.88 28.35 -32.65
CA ALA B 591 -7.51 28.45 -34.06
C ALA B 591 -8.68 28.25 -35.00
N MET B 592 -9.63 27.40 -34.58
CA MET B 592 -10.85 27.19 -35.34
C MET B 592 -11.88 28.29 -35.13
N THR B 593 -12.25 28.59 -33.89
CA THR B 593 -13.19 29.69 -33.63
C THR B 593 -12.66 31.02 -34.18
N MET B 594 -11.34 31.15 -34.21
CA MET B 594 -10.67 32.31 -34.77
C MET B 594 -10.85 32.41 -36.30
N LYS B 595 -10.31 31.44 -37.04
CA LYS B 595 -10.46 31.44 -38.51
C LYS B 595 -11.91 31.23 -38.97
N SER B 596 -12.76 30.69 -38.11
CA SER B 596 -14.19 30.68 -38.36
C SER B 596 -14.70 32.11 -38.46
N VAL B 597 -14.60 32.86 -37.37
CA VAL B 597 -15.11 34.22 -37.33
C VAL B 597 -14.37 35.13 -38.33
N GLY B 598 -13.11 34.79 -38.60
CA GLY B 598 -12.30 35.49 -39.60
C GLY B 598 -12.87 35.49 -41.00
N SER B 599 -12.97 34.31 -41.60
CA SER B 599 -13.55 34.16 -42.94
C SER B 599 -15.06 34.42 -42.94
N ALA B 600 -15.75 34.07 -41.85
CA ALA B 600 -17.19 34.36 -41.70
C ALA B 600 -17.55 35.86 -41.72
N ALA B 601 -16.62 36.71 -41.29
CA ALA B 601 -16.80 38.15 -41.45
C ALA B 601 -16.56 38.59 -42.91
N LEU B 602 -15.67 37.89 -43.59
CA LEU B 602 -15.45 38.08 -45.04
C LEU B 602 -16.53 37.45 -45.92
N LYS B 603 -17.26 36.47 -45.42
CA LYS B 603 -18.45 35.96 -46.13
C LYS B 603 -19.59 36.97 -46.03
N MET B 604 -19.66 37.69 -44.90
CA MET B 604 -20.67 38.74 -44.68
C MET B 604 -20.41 39.97 -45.55
N VAL B 605 -19.15 40.30 -45.81
CA VAL B 605 -18.85 41.38 -46.76
C VAL B 605 -19.16 40.94 -48.21
N GLU B 606 -18.98 39.65 -48.51
CA GLU B 606 -19.39 39.06 -49.80
C GLU B 606 -20.90 39.17 -50.02
N GLU B 607 -21.69 38.79 -49.02
CA GLU B 607 -23.17 38.87 -49.08
C GLU B 607 -23.71 40.32 -49.16
N VAL B 608 -22.98 41.30 -48.65
CA VAL B 608 -23.43 42.71 -48.68
C VAL B 608 -23.23 43.32 -50.07
N ARG B 609 -22.20 42.88 -50.78
CA ARG B 609 -22.09 43.19 -52.21
C ARG B 609 -23.29 42.66 -53.03
N ARG B 610 -23.72 41.42 -52.76
CA ARG B 610 -24.84 40.79 -53.48
C ARG B 610 -26.16 41.53 -53.31
N GLN B 611 -26.47 41.96 -52.08
CA GLN B 611 -27.70 42.72 -51.84
C GLN B 611 -27.67 44.07 -52.56
N PHE B 612 -26.57 44.83 -52.42
CA PHE B 612 -26.40 46.08 -53.18
C PHE B 612 -26.57 45.89 -54.69
N ASN B 613 -26.09 44.75 -55.19
CA ASN B 613 -26.04 44.46 -56.64
C ASN B 613 -27.20 43.65 -57.25
N THR B 614 -28.04 43.00 -56.44
CA THR B 614 -29.22 42.27 -56.97
C THR B 614 -30.58 42.88 -56.62
N ILE B 615 -30.74 43.47 -55.44
CA ILE B 615 -32.05 44.00 -55.03
C ILE B 615 -32.37 45.31 -55.77
N PRO B 616 -33.62 45.47 -56.26
CA PRO B 616 -34.02 46.75 -56.84
C PRO B 616 -34.26 47.80 -55.75
N GLY B 617 -33.54 48.91 -55.82
CA GLY B 617 -33.72 50.04 -54.90
C GLY B 617 -32.54 50.36 -54.00
N LEU B 618 -31.72 49.34 -53.71
CA LEU B 618 -30.53 49.51 -52.87
C LEU B 618 -29.32 49.91 -53.74
N MET B 619 -28.44 50.72 -53.14
CA MET B 619 -27.40 51.53 -53.81
C MET B 619 -27.94 52.93 -54.11
N GLU B 620 -29.19 53.00 -54.56
CA GLU B 620 -29.94 54.26 -54.66
C GLU B 620 -30.54 54.72 -53.29
N GLY B 621 -31.70 54.18 -52.94
CA GLY B 621 -32.62 54.86 -52.00
C GLY B 621 -34.06 54.36 -51.92
N THR B 622 -34.56 53.68 -52.96
CA THR B 622 -35.99 53.26 -53.07
C THR B 622 -36.43 52.25 -52.01
N ALA B 623 -35.70 51.14 -51.94
CA ALA B 623 -36.09 49.96 -51.16
C ALA B 623 -34.96 49.54 -50.21
N LYS B 624 -35.31 49.36 -48.94
CA LYS B 624 -34.33 48.98 -47.90
C LYS B 624 -33.92 47.49 -48.08
N PRO B 625 -32.73 47.08 -47.54
CA PRO B 625 -32.18 45.75 -47.83
C PRO B 625 -32.86 44.64 -47.05
N ASP B 626 -32.96 43.46 -47.65
CA ASP B 626 -33.64 42.34 -46.99
C ASP B 626 -32.78 41.84 -45.83
N TYR B 627 -33.27 42.11 -44.62
CA TYR B 627 -32.56 41.81 -43.38
C TYR B 627 -32.60 40.30 -43.05
N ALA B 628 -33.75 39.67 -43.31
CA ALA B 628 -33.97 38.22 -43.10
C ALA B 628 -32.99 37.31 -43.84
N THR B 629 -32.58 37.74 -45.04
CA THR B 629 -31.61 37.00 -45.85
C THR B 629 -30.16 37.22 -45.39
N CYS B 630 -29.84 38.45 -44.97
CA CYS B 630 -28.48 38.78 -44.54
C CYS B 630 -28.07 38.09 -43.25
N VAL B 631 -29.05 37.75 -42.42
CA VAL B 631 -28.83 36.88 -41.26
C VAL B 631 -28.70 35.42 -41.72
N LYS B 632 -29.63 34.96 -42.55
CA LYS B 632 -29.67 33.57 -43.04
C LYS B 632 -28.33 33.03 -43.55
N ILE B 633 -27.78 33.65 -44.59
CA ILE B 633 -26.50 33.23 -45.18
C ILE B 633 -25.35 33.31 -44.17
N SER B 634 -25.36 34.35 -43.34
CA SER B 634 -24.35 34.51 -42.29
C SER B 634 -24.49 33.47 -41.16
N THR B 635 -25.72 33.12 -40.78
CA THR B 635 -25.97 32.17 -39.67
C THR B 635 -25.59 30.73 -40.00
N ASP B 636 -25.99 30.28 -41.18
CA ASP B 636 -25.62 28.95 -41.68
C ASP B 636 -24.12 28.83 -41.83
N ALA B 637 -23.54 29.85 -42.46
CA ALA B 637 -22.09 30.02 -42.53
C ALA B 637 -21.43 29.83 -41.18
N SER B 638 -21.97 30.49 -40.16
CA SER B 638 -21.45 30.40 -38.80
C SER B 638 -21.61 29.00 -38.21
N ILE B 639 -22.81 28.43 -38.31
CA ILE B 639 -23.07 27.12 -37.72
C ILE B 639 -22.37 25.99 -38.50
N LYS B 640 -22.08 26.19 -39.79
CA LYS B 640 -21.19 25.27 -40.53
C LYS B 640 -19.73 25.43 -40.11
N GLU B 641 -19.30 26.68 -39.91
CA GLU B 641 -17.97 26.96 -39.37
C GLU B 641 -17.82 26.41 -37.96
N MET B 642 -18.91 26.48 -37.18
CA MET B 642 -19.03 25.90 -35.84
C MET B 642 -18.74 24.41 -35.82
N ILE B 643 -19.31 23.69 -36.79
CA ILE B 643 -19.48 22.25 -36.67
C ILE B 643 -18.14 21.48 -36.42
N PRO B 644 -17.02 21.92 -37.05
CA PRO B 644 -15.75 21.23 -36.73
C PRO B 644 -15.13 21.52 -35.35
N PRO B 645 -15.15 22.78 -34.88
CA PRO B 645 -14.84 23.01 -33.44
C PRO B 645 -15.87 22.42 -32.47
N GLY B 646 -17.14 22.54 -32.82
CA GLY B 646 -18.19 21.76 -32.18
C GLY B 646 -17.98 20.24 -32.22
N ALA B 647 -17.25 19.73 -33.21
CA ALA B 647 -16.80 18.32 -33.25
C ALA B 647 -15.63 18.02 -32.32
N LEU B 648 -14.58 18.83 -32.40
CA LEU B 648 -13.39 18.69 -31.53
C LEU B 648 -13.74 18.52 -30.06
N VAL B 649 -14.70 19.31 -29.59
CA VAL B 649 -15.14 19.23 -28.21
C VAL B 649 -15.85 17.88 -27.96
N MET B 650 -16.71 17.47 -28.89
CA MET B 650 -17.60 16.33 -28.69
C MET B 650 -17.01 14.94 -28.90
N LEU B 651 -16.10 14.79 -29.85
CA LEU B 651 -15.54 13.46 -30.15
C LEU B 651 -14.42 13.13 -29.20
N THR B 652 -13.62 14.12 -28.88
CA THR B 652 -12.42 13.94 -28.07
C THR B 652 -12.64 13.03 -26.82
N PRO B 653 -13.70 13.27 -26.01
CA PRO B 653 -13.97 12.28 -24.98
C PRO B 653 -14.16 10.87 -25.55
N LEU B 654 -15.00 10.78 -26.56
CA LEU B 654 -15.39 9.51 -27.13
C LEU B 654 -14.15 8.79 -27.63
N VAL B 655 -13.37 9.46 -28.47
CA VAL B 655 -12.17 8.85 -29.07
C VAL B 655 -11.13 8.49 -28.04
N VAL B 656 -10.86 9.39 -27.10
CA VAL B 656 -9.91 9.10 -26.03
C VAL B 656 -10.51 7.99 -25.16
N GLY B 657 -11.68 8.27 -24.57
CA GLY B 657 -12.42 7.33 -23.71
C GLY B 657 -12.57 5.90 -24.21
N ILE B 658 -12.71 5.75 -25.53
CA ILE B 658 -12.70 4.45 -26.22
C ILE B 658 -11.31 3.94 -26.56
N LEU B 659 -10.61 4.61 -27.47
CA LEU B 659 -9.29 4.16 -27.92
C LEU B 659 -8.40 3.82 -26.75
N PHE B 660 -8.23 4.80 -25.86
CA PHE B 660 -7.41 4.67 -24.66
C PHE B 660 -8.35 4.72 -23.44
N GLY B 661 -7.79 4.78 -22.23
CA GLY B 661 -8.59 4.56 -21.00
C GLY B 661 -9.27 5.79 -20.44
N VAL B 662 -9.98 5.60 -19.32
CA VAL B 662 -10.40 6.73 -18.46
C VAL B 662 -9.20 7.35 -17.73
N GLU B 663 -8.12 6.58 -17.63
CA GLU B 663 -6.81 7.06 -17.19
C GLU B 663 -6.44 8.26 -18.06
N THR B 664 -6.32 8.00 -19.36
CA THR B 664 -5.90 8.97 -20.39
C THR B 664 -6.81 10.19 -20.50
N LEU B 665 -8.10 9.91 -20.47
CA LEU B 665 -9.13 10.94 -20.45
C LEU B 665 -9.02 11.80 -19.20
N SER B 666 -8.61 11.20 -18.07
CA SER B 666 -8.30 11.97 -16.86
C SER B 666 -7.13 12.94 -17.15
N GLY B 667 -6.08 12.42 -17.79
CA GLY B 667 -4.98 13.24 -18.29
C GLY B 667 -5.45 14.38 -19.18
N VAL B 668 -6.14 14.04 -20.26
CA VAL B 668 -6.61 15.04 -21.21
C VAL B 668 -7.53 16.09 -20.56
N LEU B 669 -8.38 15.69 -19.61
CA LEU B 669 -9.33 16.63 -18.96
C LEU B 669 -8.68 17.62 -17.98
N ALA B 670 -7.48 17.29 -17.50
CA ALA B 670 -6.72 18.17 -16.59
C ALA B 670 -5.81 19.12 -17.34
N GLY B 671 -5.40 18.74 -18.54
CA GLY B 671 -4.60 19.61 -19.39
C GLY B 671 -5.44 20.72 -19.99
N SER B 672 -6.60 20.34 -20.56
CA SER B 672 -7.51 21.28 -21.21
C SER B 672 -8.08 22.29 -20.21
N LEU B 673 -8.18 21.88 -18.94
CA LEU B 673 -8.61 22.77 -17.87
C LEU B 673 -7.56 23.81 -17.62
N VAL B 674 -6.39 23.37 -17.17
CA VAL B 674 -5.35 24.29 -16.71
C VAL B 674 -4.86 25.20 -17.82
N SER B 675 -4.74 24.67 -19.03
CA SER B 675 -4.28 25.47 -20.17
C SER B 675 -5.37 26.38 -20.72
N GLY B 676 -6.54 25.80 -20.99
CA GLY B 676 -7.66 26.52 -21.60
C GLY B 676 -8.26 27.67 -20.79
N VAL B 677 -8.15 27.58 -19.47
CA VAL B 677 -8.59 28.66 -18.57
C VAL B 677 -7.69 29.90 -18.74
N GLN B 678 -6.39 29.67 -18.96
CA GLN B 678 -5.40 30.76 -19.20
C GLN B 678 -5.67 31.47 -20.52
N ILE B 679 -5.84 30.67 -21.57
CA ILE B 679 -6.13 31.20 -22.90
C ILE B 679 -7.50 31.88 -22.88
N ALA B 680 -8.44 31.35 -22.10
CA ALA B 680 -9.76 31.98 -21.96
C ALA B 680 -9.72 33.39 -21.35
N ILE B 681 -8.96 33.54 -20.28
CA ILE B 681 -8.81 34.82 -19.60
C ILE B 681 -7.94 35.78 -20.43
N SER B 682 -6.85 35.28 -20.99
CA SER B 682 -5.97 36.12 -21.83
C SER B 682 -6.70 36.79 -23.02
N ALA B 683 -7.67 36.08 -23.60
CA ALA B 683 -8.35 36.54 -24.80
C ALA B 683 -9.35 37.62 -24.50
N SER B 684 -10.34 37.29 -23.67
CA SER B 684 -11.47 38.17 -23.37
C SER B 684 -11.03 39.49 -22.69
N ASN B 685 -9.97 39.43 -21.90
CA ASN B 685 -9.40 40.62 -21.31
C ASN B 685 -8.53 41.42 -22.28
N THR B 686 -7.70 40.76 -23.07
CA THR B 686 -6.98 41.46 -24.15
C THR B 686 -7.97 42.23 -25.04
N GLY B 687 -9.08 41.58 -25.39
CA GLY B 687 -10.11 42.20 -26.24
C GLY B 687 -10.88 43.31 -25.55
N GLY B 688 -11.33 43.01 -24.34
CA GLY B 688 -12.06 43.96 -23.50
C GLY B 688 -11.33 45.28 -23.24
N ALA B 689 -10.01 45.23 -23.23
CA ALA B 689 -9.21 46.44 -23.11
C ALA B 689 -9.33 47.25 -24.39
N TRP B 690 -8.89 46.68 -25.51
CA TRP B 690 -8.85 47.43 -26.78
C TRP B 690 -10.15 48.10 -27.12
N ASP B 691 -11.27 47.41 -26.83
CA ASP B 691 -12.58 48.02 -26.98
C ASP B 691 -12.67 49.25 -26.09
N ASN B 692 -12.46 49.07 -24.78
CA ASN B 692 -12.60 50.18 -23.84
C ASN B 692 -11.59 51.31 -24.05
N ALA B 693 -10.43 51.00 -24.65
CA ALA B 693 -9.45 52.01 -25.09
C ALA B 693 -9.95 52.83 -26.28
N LYS B 694 -10.59 52.15 -27.22
CA LYS B 694 -11.28 52.82 -28.31
C LYS B 694 -12.44 53.65 -27.72
N LYS B 695 -13.28 53.01 -26.93
CA LYS B 695 -14.43 53.68 -26.29
C LYS B 695 -14.05 54.78 -25.28
N TYR B 696 -12.78 54.80 -24.85
CA TYR B 696 -12.22 55.89 -24.04
C TYR B 696 -11.95 57.12 -24.87
N ILE B 697 -11.27 56.90 -25.99
CA ILE B 697 -10.93 57.96 -26.94
C ILE B 697 -12.20 58.58 -27.48
N GLU B 698 -13.07 57.73 -28.02
CA GLU B 698 -14.40 58.15 -28.51
C GLU B 698 -15.16 58.99 -27.50
N ALA B 699 -15.12 58.59 -26.23
CA ALA B 699 -15.79 59.33 -25.16
C ALA B 699 -15.22 60.72 -24.96
N GLY B 700 -13.89 60.82 -24.93
CA GLY B 700 -13.20 62.12 -24.82
C GLY B 700 -13.56 62.92 -23.58
N ALA B 701 -13.98 62.23 -22.52
CA ALA B 701 -14.54 62.89 -21.32
C ALA B 701 -13.50 63.21 -20.23
N SER B 702 -12.21 62.99 -20.52
CA SER B 702 -11.09 63.56 -19.72
C SER B 702 -10.03 64.15 -20.65
N GLU B 703 -9.23 65.07 -20.13
CA GLU B 703 -8.21 65.79 -20.95
C GLU B 703 -7.27 64.86 -21.71
N HIS B 704 -6.86 63.77 -21.07
CA HIS B 704 -6.03 62.75 -21.70
C HIS B 704 -6.75 62.03 -22.85
N ALA B 705 -8.06 61.83 -22.71
CA ALA B 705 -8.90 61.24 -23.77
C ALA B 705 -9.11 62.17 -24.96
N ARG B 706 -9.12 63.48 -24.67
CA ARG B 706 -9.10 64.50 -25.70
C ARG B 706 -7.75 64.46 -26.39
N SER B 707 -6.69 64.37 -25.60
CA SER B 707 -5.29 64.29 -26.11
C SER B 707 -5.06 63.35 -27.31
N LEU B 708 -5.74 62.21 -27.35
CA LEU B 708 -5.61 61.26 -28.43
C LEU B 708 -6.73 61.41 -29.46
N GLY B 709 -7.78 62.14 -29.07
CA GLY B 709 -9.12 61.85 -29.53
C GLY B 709 -9.88 62.87 -30.33
N PRO B 710 -9.35 63.27 -31.49
CA PRO B 710 -10.30 63.58 -32.57
C PRO B 710 -11.02 62.28 -32.99
N LYS B 711 -12.33 62.35 -33.26
CA LYS B 711 -13.16 61.12 -33.42
C LYS B 711 -12.84 60.28 -34.68
N GLY B 712 -11.87 60.72 -35.47
CA GLY B 712 -11.21 59.84 -36.45
C GLY B 712 -9.71 60.08 -36.56
N SER B 713 -9.04 60.36 -35.44
CA SER B 713 -7.61 60.72 -35.40
C SER B 713 -6.66 59.64 -35.86
N ASP B 714 -5.38 59.99 -35.96
CA ASP B 714 -4.33 58.98 -36.17
C ASP B 714 -4.39 57.90 -35.06
N CYS B 715 -4.55 58.35 -33.82
CA CYS B 715 -4.69 57.43 -32.68
C CYS B 715 -5.96 56.61 -32.81
N HIS B 716 -7.11 57.28 -32.88
CA HIS B 716 -8.41 56.60 -32.92
C HIS B 716 -8.46 55.47 -33.94
N LYS B 717 -7.83 55.66 -35.10
CA LYS B 717 -7.77 54.61 -36.11
C LYS B 717 -6.99 53.38 -35.64
N ALA B 718 -5.86 53.59 -34.95
CA ALA B 718 -5.11 52.48 -34.34
C ALA B 718 -5.91 51.81 -33.22
N ALA B 719 -6.60 52.63 -32.42
CA ALA B 719 -7.42 52.16 -31.30
C ALA B 719 -8.56 51.26 -31.73
N VAL B 720 -9.11 51.56 -32.91
CA VAL B 720 -10.24 50.81 -33.47
C VAL B 720 -9.80 49.54 -34.23
N ILE B 721 -8.58 49.54 -34.79
CA ILE B 721 -7.99 48.32 -35.33
C ILE B 721 -7.80 47.34 -34.20
N GLY B 722 -7.45 47.85 -33.03
CA GLY B 722 -7.55 47.10 -31.78
C GLY B 722 -8.90 46.47 -31.55
N ASP B 723 -9.96 47.28 -31.53
CA ASP B 723 -11.31 46.77 -31.22
C ASP B 723 -11.73 45.65 -32.16
N THR B 724 -11.52 45.82 -33.46
CA THR B 724 -11.93 44.79 -34.42
C THR B 724 -11.05 43.53 -34.41
N ILE B 725 -9.89 43.57 -33.76
CA ILE B 725 -9.11 42.34 -33.43
C ILE B 725 -9.65 41.72 -32.15
N GLY B 726 -9.99 42.58 -31.20
CA GLY B 726 -10.59 42.17 -29.95
C GLY B 726 -12.02 41.65 -30.02
N ASP B 727 -12.76 41.97 -31.09
CA ASP B 727 -14.15 41.53 -31.25
C ASP B 727 -14.33 39.99 -31.22
N PRO B 728 -13.50 39.23 -31.96
CA PRO B 728 -13.54 37.76 -31.82
C PRO B 728 -13.05 37.21 -30.47
N LEU B 729 -11.98 37.79 -29.93
CA LEU B 729 -11.46 37.40 -28.62
C LEU B 729 -12.46 37.75 -27.50
N LYS B 730 -13.13 38.90 -27.65
CA LYS B 730 -14.18 39.40 -26.74
C LYS B 730 -15.32 38.40 -26.66
N ASP B 731 -15.98 38.16 -27.79
CA ASP B 731 -17.30 37.53 -27.83
C ASP B 731 -17.38 36.27 -28.74
N THR B 732 -16.23 35.60 -28.93
CA THR B 732 -16.16 34.37 -29.75
C THR B 732 -15.12 33.36 -29.24
N SER B 733 -13.83 33.69 -29.33
CA SER B 733 -12.77 32.68 -29.08
C SER B 733 -12.47 32.42 -27.61
N GLY B 734 -12.69 33.42 -26.75
CA GLY B 734 -12.53 33.27 -25.30
C GLY B 734 -13.76 32.75 -24.56
N PRO B 735 -14.96 33.27 -24.85
CA PRO B 735 -16.17 32.76 -24.21
C PRO B 735 -16.71 31.42 -24.70
N SER B 736 -16.39 31.03 -25.94
CA SER B 736 -16.56 29.66 -26.39
C SER B 736 -15.60 28.73 -25.65
N LEU B 737 -14.40 29.25 -25.38
CA LEU B 737 -13.31 28.49 -24.76
C LEU B 737 -13.75 27.85 -23.46
N ASN B 738 -14.56 28.54 -22.66
CA ASN B 738 -15.02 27.96 -21.41
C ASN B 738 -16.03 26.78 -21.59
N ILE B 739 -16.72 26.73 -22.72
CA ILE B 739 -17.57 25.57 -23.08
C ILE B 739 -16.74 24.35 -23.54
N LEU B 740 -15.56 24.57 -24.13
CA LEU B 740 -14.60 23.47 -24.36
C LEU B 740 -14.21 22.83 -23.04
N ILE B 741 -13.97 23.65 -22.00
CA ILE B 741 -13.56 23.13 -20.69
C ILE B 741 -14.72 22.36 -20.05
N LYS B 742 -15.84 23.08 -19.90
CA LYS B 742 -17.10 22.57 -19.30
C LYS B 742 -17.60 21.30 -19.98
N LEU B 743 -18.02 21.42 -21.24
CA LEU B 743 -18.71 20.31 -21.93
C LEU B 743 -17.87 19.04 -22.02
N MET B 744 -16.55 19.15 -22.15
CA MET B 744 -15.66 17.97 -22.24
C MET B 744 -15.72 17.12 -20.97
N ALA B 745 -16.02 17.76 -19.84
CA ALA B 745 -16.24 17.05 -18.58
C ALA B 745 -17.62 16.37 -18.50
N VAL B 746 -18.71 17.13 -18.43
CA VAL B 746 -20.08 16.54 -18.35
C VAL B 746 -20.31 15.40 -19.34
N GLU B 747 -19.84 15.57 -20.57
CA GLU B 747 -19.92 14.52 -21.56
C GLU B 747 -19.14 13.32 -21.06
N SER B 748 -17.93 13.55 -20.56
CA SER B 748 -17.09 12.48 -19.99
C SER B 748 -17.64 11.84 -18.70
N LEU B 749 -18.33 12.63 -17.88
CA LEU B 749 -18.96 12.12 -16.67
C LEU B 749 -20.06 11.16 -17.05
N VAL B 750 -20.91 11.60 -17.97
CA VAL B 750 -22.06 10.81 -18.37
C VAL B 750 -21.64 9.49 -19.04
N PHE B 751 -20.65 9.56 -19.93
CA PHE B 751 -20.16 8.37 -20.64
C PHE B 751 -19.04 7.60 -19.89
N ALA B 752 -18.77 7.93 -18.62
CA ALA B 752 -17.70 7.28 -17.84
C ALA B 752 -17.90 5.77 -17.53
N PRO B 753 -19.16 5.33 -17.32
CA PRO B 753 -19.45 3.88 -17.27
C PRO B 753 -19.21 3.16 -18.58
N PHE B 754 -19.67 3.75 -19.68
CA PHE B 754 -19.37 3.21 -21.00
C PHE B 754 -17.85 3.18 -21.34
N PHE B 755 -17.11 4.16 -20.84
CA PHE B 755 -15.64 4.20 -21.00
C PHE B 755 -14.89 3.25 -20.08
N ALA B 756 -15.48 2.88 -18.96
CA ALA B 756 -14.91 1.85 -18.09
C ALA B 756 -15.16 0.46 -18.67
N THR B 757 -16.40 0.22 -19.07
CA THR B 757 -16.86 -1.08 -19.56
C THR B 757 -16.24 -1.53 -20.89
N HIS B 758 -16.12 -0.60 -21.83
CA HIS B 758 -15.42 -0.86 -23.10
C HIS B 758 -14.43 0.27 -23.29
N GLY B 759 -13.45 0.29 -22.40
CA GLY B 759 -12.43 1.33 -22.33
C GLY B 759 -11.34 1.12 -23.34
N GLY B 760 -10.09 1.08 -22.89
CA GLY B 760 -8.91 1.16 -23.76
C GLY B 760 -8.81 0.16 -24.88
N LEU B 761 -9.70 0.29 -25.87
CA LEU B 761 -9.81 -0.67 -26.97
C LEU B 761 -8.52 -0.80 -27.75
N LEU B 762 -7.58 0.13 -27.54
CA LEU B 762 -6.23 0.02 -28.07
C LEU B 762 -5.23 -0.62 -27.08
N PHE B 763 -5.33 -0.27 -25.80
CA PHE B 763 -4.54 -0.94 -24.75
C PHE B 763 -4.91 -2.41 -24.69
N LYS B 764 -6.19 -2.69 -24.91
CA LYS B 764 -6.71 -4.06 -24.90
C LYS B 764 -6.20 -4.89 -26.07
N ILE B 765 -6.13 -4.33 -27.28
CA ILE B 765 -5.62 -5.11 -28.43
C ILE B 765 -4.15 -5.56 -28.25
N PHE B 766 -3.31 -4.73 -27.64
CA PHE B 766 -1.94 -5.13 -27.26
C PHE B 766 -1.81 -5.35 -25.75
N ALA C 3 34.46 0.95 8.10
CA ALA C 3 35.11 1.36 9.40
C ALA C 3 35.78 0.25 10.23
N ALA C 4 35.80 -0.99 9.71
CA ALA C 4 36.26 -2.19 10.42
C ALA C 4 37.74 -2.09 10.74
N ILE C 5 38.09 -2.33 12.00
CA ILE C 5 39.46 -2.11 12.49
C ILE C 5 40.35 -3.28 12.08
N LEU C 6 39.91 -4.47 12.42
CA LEU C 6 40.61 -5.70 12.07
C LEU C 6 40.71 -5.78 10.53
N PRO C 7 41.90 -6.10 10.01
CA PRO C 7 42.06 -6.29 8.55
C PRO C 7 41.39 -7.57 8.05
N ASP C 8 41.14 -7.64 6.74
CA ASP C 8 40.55 -8.84 6.15
C ASP C 8 41.45 -10.07 6.33
N LEU C 9 42.75 -9.90 6.11
CA LEU C 9 43.74 -10.94 6.43
C LEU C 9 43.67 -11.31 7.90
N GLY C 10 43.62 -10.28 8.75
CA GLY C 10 43.48 -10.41 10.20
C GLY C 10 42.41 -11.39 10.68
N THR C 11 41.32 -11.53 9.93
CA THR C 11 40.30 -12.55 10.20
C THR C 11 40.74 -13.90 9.66
N GLU C 12 41.03 -13.96 8.37
CA GLU C 12 41.40 -15.23 7.76
C GLU C 12 42.58 -15.91 8.47
N ILE C 13 43.51 -15.12 9.00
CA ILE C 13 44.64 -15.62 9.78
C ILE C 13 44.21 -16.13 11.18
N LEU C 14 43.36 -15.37 11.88
CA LEU C 14 42.99 -15.64 13.29
C LEU C 14 41.93 -16.73 13.49
N ILE C 15 41.02 -16.89 12.54
CA ILE C 15 40.01 -17.96 12.64
C ILE C 15 40.66 -19.32 12.87
N PRO C 16 41.44 -19.84 11.89
CA PRO C 16 42.02 -21.17 12.04
C PRO C 16 43.13 -21.26 13.10
N VAL C 17 43.73 -20.13 13.47
CA VAL C 17 44.62 -20.05 14.63
C VAL C 17 43.89 -20.67 15.81
N CYS C 18 42.75 -20.06 16.15
CA CYS C 18 42.01 -20.45 17.34
C CYS C 18 41.36 -21.84 17.26
N ALA C 19 41.06 -22.30 16.04
CA ALA C 19 40.55 -23.65 15.82
C ALA C 19 41.63 -24.71 16.08
N VAL C 20 42.88 -24.43 15.68
CA VAL C 20 44.02 -25.30 16.02
C VAL C 20 44.38 -25.17 17.52
N ILE C 21 44.27 -23.96 18.09
CA ILE C 21 44.35 -23.75 19.57
C ILE C 21 43.28 -24.58 20.29
N GLY C 22 42.10 -24.73 19.67
CA GLY C 22 41.09 -25.68 20.13
C GLY C 22 41.59 -27.11 20.09
N ILE C 23 41.85 -27.62 18.89
CA ILE C 23 42.39 -28.98 18.68
C ILE C 23 43.65 -29.24 19.52
N ALA C 24 44.50 -28.23 19.65
CA ALA C 24 45.71 -28.32 20.48
C ALA C 24 45.40 -28.51 21.96
N PHE C 25 44.45 -27.73 22.46
CA PHE C 25 44.04 -27.81 23.85
C PHE C 25 43.29 -29.10 24.19
N ALA C 26 42.65 -29.72 23.20
CA ALA C 26 41.99 -31.01 23.37
C ALA C 26 42.99 -32.17 23.37
N LEU C 27 43.82 -32.25 22.33
CA LEU C 27 44.87 -33.29 22.23
C LEU C 27 45.88 -33.25 23.37
N PHE C 28 46.05 -32.06 23.95
CA PHE C 28 46.76 -31.88 25.21
C PHE C 28 46.06 -32.56 26.39
N GLN C 29 44.75 -32.31 26.53
CA GLN C 29 43.96 -32.90 27.61
C GLN C 29 43.69 -34.41 27.44
N TRP C 30 43.65 -34.89 26.19
CA TRP C 30 43.58 -36.35 25.90
C TRP C 30 44.84 -37.04 26.42
N LEU C 31 45.98 -36.37 26.26
CA LEU C 31 47.26 -36.82 26.81
C LEU C 31 47.34 -36.83 28.37
N LEU C 32 46.49 -36.03 29.04
CA LEU C 32 46.41 -35.99 30.54
C LEU C 32 45.39 -36.94 31.20
N VAL C 33 44.56 -37.56 30.37
CA VAL C 33 43.80 -38.76 30.70
C VAL C 33 44.55 -40.00 30.20
N SER C 34 45.37 -39.84 29.16
CA SER C 34 46.38 -40.83 28.80
C SER C 34 47.51 -40.96 29.83
N LYS C 35 47.57 -40.08 30.83
CA LYS C 35 48.44 -40.26 32.01
C LYS C 35 48.01 -41.47 32.83
N VAL C 36 46.86 -41.34 33.50
CA VAL C 36 46.38 -42.36 34.44
C VAL C 36 46.42 -43.78 33.87
N LYS C 37 47.02 -44.70 34.64
CA LYS C 37 47.17 -46.11 34.26
C LYS C 37 45.99 -46.93 34.81
N LEU C 38 45.50 -47.85 33.99
CA LEU C 38 44.30 -48.65 34.28
C LEU C 38 44.68 -50.07 34.67
N ILE C 65 46.84 -48.01 43.87
CA ILE C 65 46.20 -49.25 43.42
C ILE C 65 45.78 -50.13 44.61
N ASN C 66 44.50 -50.06 44.97
CA ASN C 66 43.89 -50.94 45.99
C ASN C 66 42.60 -51.60 45.44
N ASP C 67 42.65 -52.85 44.97
CA ASP C 67 43.87 -53.65 44.68
C ASP C 67 43.75 -54.30 43.29
N HIS C 68 44.76 -55.06 42.86
CA HIS C 68 44.67 -55.81 41.59
C HIS C 68 43.51 -56.81 41.66
N ASN C 69 42.94 -57.13 40.50
CA ASN C 69 41.83 -58.11 40.31
C ASN C 69 40.48 -57.40 40.13
N VAL C 70 40.24 -56.35 40.91
CA VAL C 70 39.14 -55.42 40.63
C VAL C 70 39.54 -54.49 39.47
N VAL C 71 40.84 -54.29 39.29
CA VAL C 71 41.37 -53.47 38.19
C VAL C 71 41.34 -54.24 36.85
N VAL C 72 41.36 -55.58 36.86
CA VAL C 72 41.10 -56.38 35.63
C VAL C 72 39.58 -56.59 35.35
N LYS C 73 38.76 -56.49 36.40
CA LYS C 73 37.28 -56.32 36.25
C LYS C 73 36.91 -54.90 35.75
N CYS C 74 37.70 -53.89 36.11
CA CYS C 74 37.58 -52.54 35.54
C CYS C 74 37.79 -52.58 34.01
N ALA C 75 38.86 -53.25 33.59
CA ALA C 75 39.27 -53.31 32.17
C ALA C 75 38.43 -54.19 31.25
N GLU C 76 37.62 -55.09 31.81
CA GLU C 76 36.67 -55.91 31.02
C GLU C 76 35.34 -55.22 30.80
N ILE C 77 34.84 -54.55 31.83
CA ILE C 77 33.64 -53.69 31.74
C ILE C 77 33.90 -52.53 30.75
N GLN C 78 35.14 -52.05 30.72
CA GLN C 78 35.58 -51.01 29.79
C GLN C 78 35.80 -51.52 28.36
N ASN C 79 36.24 -52.78 28.22
CA ASN C 79 36.29 -53.46 26.92
C ASN C 79 34.92 -53.91 26.44
N ALA C 80 34.02 -54.12 27.40
CA ALA C 80 32.61 -54.35 27.12
C ALA C 80 31.88 -53.06 26.72
N ILE C 81 32.28 -51.93 27.30
CA ILE C 81 31.72 -50.60 26.95
C ILE C 81 32.08 -50.28 25.49
N SER C 82 33.36 -50.40 25.16
CA SER C 82 33.88 -50.00 23.85
C SER C 82 33.49 -50.96 22.73
N GLU C 83 33.36 -52.25 23.05
CA GLU C 83 32.85 -53.28 22.12
C GLU C 83 31.47 -52.92 21.57
N GLY C 84 30.52 -52.72 22.48
CA GLY C 84 29.14 -52.39 22.15
C GLY C 84 28.94 -50.97 21.64
N ALA C 85 29.71 -50.03 22.18
CA ALA C 85 29.71 -48.64 21.68
C ALA C 85 30.13 -48.58 20.23
N THR C 86 31.18 -49.33 19.88
CA THR C 86 31.68 -49.39 18.51
C THR C 86 30.80 -50.26 17.61
N SER C 87 30.06 -51.20 18.19
CA SER C 87 29.02 -51.93 17.45
C SER C 87 27.85 -51.01 17.01
N PHE C 88 27.53 -50.01 17.84
CA PHE C 88 26.49 -49.02 17.53
C PHE C 88 26.93 -48.08 16.40
N LEU C 89 28.14 -47.54 16.54
CA LEU C 89 28.70 -46.60 15.56
C LEU C 89 28.83 -47.25 14.18
N PHE C 90 29.21 -48.53 14.14
CA PHE C 90 29.38 -49.23 12.87
C PHE C 90 28.08 -49.79 12.25
N THR C 91 27.02 -49.92 13.06
CA THR C 91 25.65 -50.15 12.55
C THR C 91 24.87 -48.86 12.30
N GLU C 92 25.30 -47.74 12.90
CA GLU C 92 24.77 -46.41 12.55
C GLU C 92 25.23 -46.02 11.13
N TYR C 93 26.50 -46.25 10.83
CA TYR C 93 27.07 -45.90 9.51
C TYR C 93 26.61 -46.88 8.41
N LYS C 94 26.15 -48.06 8.83
CA LYS C 94 25.39 -48.98 7.96
C LYS C 94 24.28 -48.19 7.24
N TYR C 95 23.45 -47.52 8.04
CA TYR C 95 22.37 -46.67 7.52
C TYR C 95 22.88 -45.33 6.94
N VAL C 96 23.48 -44.52 7.81
CA VAL C 96 23.89 -43.14 7.50
C VAL C 96 24.43 -42.96 6.08
N GLY C 97 25.43 -43.76 5.72
CA GLY C 97 26.04 -43.71 4.38
C GLY C 97 25.03 -43.86 3.26
N ILE C 98 24.10 -44.80 3.45
CA ILE C 98 23.06 -45.13 2.48
C ILE C 98 22.13 -43.92 2.30
N PHE C 99 21.78 -43.28 3.40
CA PHE C 99 20.96 -42.06 3.42
C PHE C 99 21.69 -40.84 2.83
N MET C 100 22.98 -40.67 3.16
CA MET C 100 23.73 -39.46 2.75
C MET C 100 23.99 -39.39 1.25
N VAL C 101 24.33 -40.50 0.63
CA VAL C 101 24.43 -40.53 -0.83
C VAL C 101 23.04 -40.47 -1.48
N ALA C 102 22.04 -41.07 -0.84
CA ALA C 102 20.66 -40.99 -1.32
C ALA C 102 20.16 -39.55 -1.36
N PHE C 103 20.25 -38.86 -0.22
CA PHE C 103 19.74 -37.49 -0.05
C PHE C 103 20.56 -36.42 -0.78
N ALA C 104 21.88 -36.64 -0.86
CA ALA C 104 22.79 -35.75 -1.61
C ALA C 104 22.65 -35.85 -3.13
N ILE C 105 22.00 -36.91 -3.63
CA ILE C 105 21.48 -36.91 -5.01
C ILE C 105 20.21 -36.03 -5.05
N LEU C 106 19.29 -36.29 -4.13
CA LEU C 106 17.98 -35.60 -4.06
C LEU C 106 18.13 -34.07 -3.99
N ILE C 107 19.11 -33.61 -3.21
CA ILE C 107 19.43 -32.19 -3.10
C ILE C 107 19.91 -31.59 -4.45
N PHE C 108 20.72 -32.34 -5.19
CA PHE C 108 21.27 -31.90 -6.48
C PHE C 108 20.20 -31.84 -7.56
N LEU C 109 19.35 -32.87 -7.62
CA LEU C 109 18.20 -32.91 -8.52
C LEU C 109 17.38 -31.63 -8.43
N PHE C 110 16.95 -31.32 -7.22
CA PHE C 110 15.97 -30.26 -6.99
C PHE C 110 16.58 -28.85 -7.06
N LEU C 111 17.69 -28.61 -6.37
CA LEU C 111 18.36 -27.29 -6.45
C LEU C 111 18.80 -26.92 -7.85
N GLY C 112 19.17 -27.92 -8.66
CA GLY C 112 19.52 -27.72 -10.08
C GLY C 112 18.32 -27.45 -10.98
N SER C 113 17.18 -28.04 -10.64
CA SER C 113 15.94 -27.88 -11.41
C SER C 113 15.35 -26.47 -11.50
N VAL C 114 15.72 -25.57 -10.58
CA VAL C 114 15.18 -24.19 -10.54
C VAL C 114 15.54 -23.29 -11.72
N GLU C 115 16.76 -23.46 -12.23
CA GLU C 115 17.23 -22.75 -13.43
C GLU C 115 17.01 -23.63 -14.68
N GLY C 116 16.48 -24.84 -14.48
CA GLY C 116 16.40 -25.88 -15.49
C GLY C 116 17.73 -26.58 -15.72
N PHE C 117 18.57 -26.59 -14.68
CA PHE C 117 20.00 -27.00 -14.76
C PHE C 117 20.85 -26.13 -15.71
N SER C 118 20.49 -24.85 -15.87
CA SER C 118 21.17 -24.00 -16.85
C SER C 118 22.56 -23.57 -16.39
N THR C 119 23.48 -23.52 -17.33
CA THR C 119 24.88 -23.18 -17.07
C THR C 119 25.20 -21.72 -17.38
N SER C 120 24.35 -21.03 -18.13
CA SER C 120 24.53 -19.59 -18.36
C SER C 120 24.14 -18.82 -17.09
N PRO C 121 24.88 -17.74 -16.74
CA PRO C 121 24.65 -17.08 -15.46
C PRO C 121 23.35 -16.30 -15.40
N GLN C 122 22.97 -15.96 -14.18
CA GLN C 122 21.70 -15.35 -13.89
C GLN C 122 22.01 -14.09 -13.13
N ALA C 123 21.40 -12.96 -13.51
CA ALA C 123 21.60 -11.71 -12.77
C ALA C 123 21.05 -11.84 -11.36
N CYS C 124 21.76 -11.26 -10.39
CA CYS C 124 21.53 -11.57 -8.99
C CYS C 124 20.12 -11.24 -8.50
N SER C 125 19.60 -12.09 -7.63
CA SER C 125 18.26 -11.93 -7.04
C SER C 125 18.19 -10.79 -6.01
N TYR C 126 19.34 -10.32 -5.56
CA TYR C 126 19.42 -9.25 -4.56
C TYR C 126 19.67 -7.89 -5.20
N ASP C 127 20.51 -7.87 -6.24
CA ASP C 127 20.79 -6.64 -7.03
C ASP C 127 20.70 -6.93 -8.53
N LYS C 128 19.66 -6.37 -9.14
CA LYS C 128 19.31 -6.59 -10.56
C LYS C 128 20.42 -6.14 -11.54
N THR C 129 21.24 -5.16 -11.11
CA THR C 129 22.35 -4.62 -11.90
C THR C 129 23.44 -5.62 -12.25
N LYS C 130 23.78 -6.48 -11.28
CA LYS C 130 24.99 -7.29 -11.36
C LYS C 130 24.64 -8.71 -11.83
N THR C 131 25.63 -9.61 -11.81
CA THR C 131 25.48 -11.01 -12.28
C THR C 131 25.89 -12.05 -11.22
N CYS C 132 25.01 -13.03 -11.02
CA CYS C 132 25.30 -14.17 -10.15
C CYS C 132 25.59 -15.43 -10.95
N LYS C 133 26.20 -16.41 -10.29
CA LYS C 133 26.53 -17.68 -10.93
C LYS C 133 25.27 -18.53 -11.07
N PRO C 134 25.19 -19.38 -12.12
CA PRO C 134 23.96 -20.14 -12.44
C PRO C 134 23.54 -21.08 -11.33
N ALA C 135 22.24 -21.32 -11.23
CA ALA C 135 21.67 -21.90 -10.01
C ALA C 135 22.20 -23.28 -9.68
N LEU C 136 22.53 -24.08 -10.70
CA LEU C 136 23.01 -25.46 -10.47
C LEU C 136 24.47 -25.48 -9.99
N ALA C 137 25.23 -24.42 -10.23
CA ALA C 137 26.50 -24.24 -9.54
C ALA C 137 26.33 -24.20 -8.01
N THR C 138 25.19 -23.69 -7.55
CA THR C 138 24.81 -23.75 -6.15
C THR C 138 24.33 -25.15 -5.76
N ALA C 139 23.60 -25.81 -6.66
CA ALA C 139 23.23 -27.23 -6.46
C ALA C 139 24.45 -28.13 -6.25
N ILE C 140 25.53 -27.88 -7.00
CA ILE C 140 26.80 -28.59 -6.81
C ILE C 140 27.38 -28.28 -5.44
N PHE C 141 27.44 -26.99 -5.11
CA PHE C 141 28.13 -26.55 -3.91
C PHE C 141 27.29 -26.71 -2.63
N SER C 142 25.97 -26.82 -2.74
CA SER C 142 25.13 -27.25 -1.60
C SER C 142 25.34 -28.74 -1.31
N THR C 143 25.50 -29.52 -2.39
CA THR C 143 25.86 -30.94 -2.32
C THR C 143 27.22 -31.14 -1.64
N VAL C 144 28.23 -30.45 -2.14
CA VAL C 144 29.56 -30.45 -1.55
C VAL C 144 29.55 -29.94 -0.09
N SER C 145 28.73 -28.93 0.21
CA SER C 145 28.63 -28.39 1.59
C SER C 145 27.82 -29.29 2.53
N PHE C 146 26.79 -29.93 1.98
CA PHE C 146 25.99 -30.92 2.71
C PHE C 146 26.86 -32.05 3.26
N LEU C 147 27.62 -32.69 2.36
CA LEU C 147 28.45 -33.84 2.69
C LEU C 147 29.49 -33.53 3.76
N LEU C 148 30.13 -32.37 3.64
CA LEU C 148 31.05 -31.84 4.65
C LEU C 148 30.36 -31.70 6.00
N GLY C 149 29.14 -31.16 5.98
CA GLY C 149 28.34 -30.98 7.19
C GLY C 149 28.11 -32.28 7.95
N GLY C 150 27.81 -33.33 7.19
CA GLY C 150 27.63 -34.68 7.73
C GLY C 150 28.92 -35.36 8.18
N VAL C 151 29.92 -35.34 7.31
CA VAL C 151 31.25 -35.88 7.60
C VAL C 151 31.89 -35.27 8.86
N THR C 152 31.62 -33.99 9.11
CA THR C 152 32.10 -33.34 10.34
C THR C 152 31.34 -33.80 11.59
N SER C 153 30.02 -33.94 11.50
CA SER C 153 29.21 -34.45 12.62
C SER C 153 29.55 -35.91 12.90
N LEU C 154 29.52 -36.73 11.85
CA LEU C 154 29.96 -38.14 11.91
C LEU C 154 31.30 -38.35 12.60
N VAL C 155 32.23 -37.43 12.37
CA VAL C 155 33.58 -37.52 12.92
C VAL C 155 33.70 -36.94 14.34
N SER C 156 33.06 -35.79 14.61
CA SER C 156 33.15 -35.17 15.96
C SER C 156 32.66 -36.11 17.08
N GLY C 157 31.64 -36.92 16.77
CA GLY C 157 31.09 -37.93 17.68
C GLY C 157 31.84 -39.25 17.72
N PHE C 158 32.44 -39.64 16.59
CA PHE C 158 33.31 -40.83 16.50
C PHE C 158 34.59 -40.66 17.32
N LEU C 159 35.03 -39.42 17.49
CA LEU C 159 36.14 -39.07 18.38
C LEU C 159 35.66 -38.80 19.82
N GLY C 160 34.47 -38.22 19.94
CA GLY C 160 33.82 -38.01 21.25
C GLY C 160 33.49 -39.29 22.01
N MET C 161 33.00 -40.28 21.27
CA MET C 161 32.81 -41.64 21.79
C MET C 161 34.14 -42.23 22.24
N LYS C 162 35.13 -42.21 21.35
CA LYS C 162 36.43 -42.83 21.61
C LYS C 162 37.17 -42.28 22.83
N ILE C 163 36.95 -41.02 23.21
CA ILE C 163 37.42 -40.55 24.53
C ILE C 163 36.53 -41.07 25.66
N ALA C 164 35.21 -40.90 25.56
CA ALA C 164 34.30 -41.25 26.66
C ALA C 164 34.35 -42.75 27.06
N THR C 165 34.65 -43.62 26.09
CA THR C 165 34.85 -45.06 26.33
C THR C 165 36.25 -45.39 26.88
N TYR C 166 37.21 -44.53 26.53
CA TYR C 166 38.59 -44.59 27.04
C TYR C 166 38.72 -43.95 28.43
N ALA C 167 37.92 -42.93 28.73
CA ALA C 167 38.04 -42.16 29.98
C ALA C 167 37.21 -42.66 31.17
N ASN C 168 36.27 -43.57 30.93
CA ASN C 168 35.30 -43.99 31.97
C ASN C 168 35.92 -44.73 33.18
N ALA C 169 36.62 -45.84 32.94
CA ALA C 169 37.28 -46.58 34.04
C ALA C 169 38.59 -45.93 34.48
N ARG C 170 39.23 -45.18 33.57
CA ARG C 170 40.34 -44.29 33.94
C ARG C 170 39.93 -43.17 34.93
N THR C 171 38.62 -42.95 35.08
CA THR C 171 38.08 -42.11 36.16
C THR C 171 37.54 -42.92 37.35
N THR C 172 36.98 -44.10 37.10
CA THR C 172 36.61 -45.03 38.18
C THR C 172 37.84 -45.38 39.02
N LEU C 173 38.97 -45.62 38.35
CA LEU C 173 40.26 -45.76 39.05
C LEU C 173 40.56 -44.50 39.86
N GLU C 174 40.67 -43.37 39.19
CA GLU C 174 41.03 -42.08 39.83
C GLU C 174 40.27 -41.73 41.12
N ALA C 175 39.07 -42.28 41.29
CA ALA C 175 38.27 -42.12 42.52
C ALA C 175 39.00 -42.56 43.79
N ARG C 176 39.80 -43.61 43.69
CA ARG C 176 40.59 -44.07 44.84
C ARG C 176 41.58 -43.00 45.36
N LYS C 177 42.12 -42.20 44.44
CA LYS C 177 43.06 -41.11 44.81
C LYS C 177 42.39 -39.90 45.47
N GLY C 178 41.09 -39.73 45.26
CA GLY C 178 40.31 -38.69 45.93
C GLY C 178 39.05 -38.31 45.17
N VAL C 179 38.28 -37.37 45.76
CA VAL C 179 37.09 -36.81 45.11
C VAL C 179 37.55 -35.80 44.07
N GLY C 180 38.43 -34.89 44.51
CA GLY C 180 39.10 -33.92 43.65
C GLY C 180 39.91 -34.55 42.52
N LYS C 181 40.44 -35.76 42.75
CA LYS C 181 41.20 -36.50 41.73
C LYS C 181 40.36 -37.01 40.54
N ALA C 182 39.31 -37.77 40.82
CA ALA C 182 38.40 -38.29 39.78
C ALA C 182 37.62 -37.18 39.05
N PHE C 183 37.34 -36.11 39.79
CA PHE C 183 36.70 -34.90 39.27
C PHE C 183 37.39 -34.34 38.04
N ILE C 184 38.70 -34.12 38.14
CA ILE C 184 39.43 -33.40 37.11
C ILE C 184 39.63 -34.29 35.87
N THR C 185 40.00 -35.57 36.03
CA THR C 185 40.16 -36.47 34.87
C THR C 185 38.85 -36.73 34.12
N ALA C 186 37.71 -36.57 34.81
CA ALA C 186 36.39 -36.61 34.19
C ALA C 186 36.15 -35.36 33.35
N PHE C 187 36.40 -34.21 33.96
CA PHE C 187 36.24 -32.91 33.29
C PHE C 187 37.26 -32.66 32.17
N ARG C 188 38.49 -33.16 32.36
CA ARG C 188 39.52 -33.17 31.31
C ARG C 188 39.03 -33.93 30.09
N SER C 189 38.50 -35.13 30.32
CA SER C 189 37.95 -35.97 29.26
C SER C 189 36.72 -35.33 28.59
N GLY C 190 35.94 -34.60 29.37
CA GLY C 190 34.79 -33.82 28.86
C GLY C 190 35.17 -32.64 27.99
N ALA C 191 36.24 -31.94 28.38
CA ALA C 191 36.79 -30.81 27.61
C ALA C 191 37.53 -31.21 26.32
N VAL C 192 37.67 -32.51 26.05
CA VAL C 192 38.06 -32.99 24.72
C VAL C 192 36.87 -32.97 23.78
N MET C 193 35.66 -33.23 24.28
CA MET C 193 34.46 -33.27 23.43
C MET C 193 33.97 -31.89 23.02
N GLY C 194 33.98 -30.94 23.96
CA GLY C 194 33.63 -29.55 23.65
C GLY C 194 34.52 -28.87 22.61
N PHE C 195 35.81 -29.20 22.64
CA PHE C 195 36.83 -28.56 21.81
C PHE C 195 37.18 -29.29 20.50
N LEU C 196 36.99 -30.60 20.43
CA LEU C 196 37.09 -31.31 19.13
C LEU C 196 35.89 -30.96 18.25
N LEU C 197 34.72 -30.82 18.86
CA LEU C 197 33.50 -30.46 18.12
C LEU C 197 33.53 -29.00 17.66
N ALA C 198 33.69 -28.10 18.62
CA ALA C 198 33.68 -26.65 18.36
C ALA C 198 34.72 -26.23 17.32
N ALA C 199 35.95 -26.72 17.49
CA ALA C 199 37.04 -26.40 16.59
C ALA C 199 36.82 -26.94 15.20
N ASN C 200 36.56 -28.24 15.08
CA ASN C 200 36.29 -28.86 13.75
C ASN C 200 35.06 -28.25 13.05
N GLY C 201 34.08 -27.82 13.83
CA GLY C 201 32.92 -27.10 13.30
C GLY C 201 33.24 -25.73 12.72
N LEU C 202 34.03 -24.97 13.47
CA LEU C 202 34.60 -23.70 13.02
C LEU C 202 35.52 -23.91 11.81
N LEU C 203 36.45 -24.84 11.94
CA LEU C 203 37.48 -25.07 10.91
C LEU C 203 36.90 -25.65 9.61
N VAL C 204 36.05 -26.67 9.68
CA VAL C 204 35.51 -27.26 8.42
C VAL C 204 34.64 -26.24 7.64
N LEU C 205 33.97 -25.36 8.38
CA LEU C 205 33.18 -24.25 7.79
C LEU C 205 34.09 -23.25 7.06
N TYR C 206 34.98 -22.63 7.82
CA TYR C 206 35.99 -21.69 7.32
C TYR C 206 36.75 -22.20 6.07
N ILE C 207 37.09 -23.49 6.04
CA ILE C 207 37.73 -24.10 4.87
C ILE C 207 36.81 -23.97 3.66
N ALA C 208 35.56 -24.42 3.82
CA ALA C 208 34.59 -24.49 2.70
C ALA C 208 34.15 -23.12 2.17
N ILE C 209 34.02 -22.13 3.06
CA ILE C 209 33.82 -20.72 2.66
C ILE C 209 34.92 -20.35 1.66
N ASN C 210 36.17 -20.50 2.09
CA ASN C 210 37.33 -20.10 1.30
C ASN C 210 37.49 -20.93 0.03
N LEU C 211 37.27 -22.24 0.11
CA LEU C 211 37.32 -23.10 -1.07
C LEU C 211 36.20 -22.81 -2.09
N PHE C 212 35.09 -22.23 -1.61
CA PHE C 212 33.95 -21.83 -2.47
C PHE C 212 34.12 -20.39 -2.98
N LYS C 213 34.55 -19.48 -2.10
CA LYS C 213 34.89 -18.08 -2.45
C LYS C 213 35.75 -18.02 -3.70
N ILE C 214 36.71 -18.95 -3.79
CA ILE C 214 37.47 -19.23 -5.01
C ILE C 214 36.64 -19.22 -6.30
N TYR C 215 35.49 -19.88 -6.27
CA TYR C 215 34.59 -19.96 -7.44
C TYR C 215 33.58 -18.80 -7.53
N TYR C 216 32.95 -18.49 -6.40
CA TYR C 216 31.89 -17.46 -6.35
C TYR C 216 32.41 -16.02 -6.51
N GLY C 217 33.62 -15.75 -6.00
CA GLY C 217 34.25 -14.44 -6.16
C GLY C 217 33.45 -13.38 -5.45
N ASP C 218 32.75 -12.56 -6.24
CA ASP C 218 31.91 -11.46 -5.72
C ASP C 218 30.43 -11.84 -5.56
N ASP C 219 30.00 -12.98 -6.10
CA ASP C 219 28.64 -13.50 -5.86
C ASP C 219 28.59 -14.09 -4.44
N TRP C 220 28.55 -13.19 -3.44
CA TRP C 220 28.58 -13.59 -2.02
C TRP C 220 27.22 -14.04 -1.51
N GLY C 221 26.17 -13.62 -2.20
CA GLY C 221 24.82 -14.12 -1.94
C GLY C 221 24.67 -15.58 -2.31
N GLY C 222 25.19 -15.92 -3.49
CA GLY C 222 25.25 -17.31 -3.97
C GLY C 222 26.31 -18.15 -3.29
N LEU C 223 27.38 -17.51 -2.80
CA LEU C 223 28.40 -18.18 -2.01
C LEU C 223 27.74 -18.74 -0.75
N PHE C 224 27.21 -17.84 0.07
CA PHE C 224 26.68 -18.22 1.38
C PHE C 224 25.26 -18.79 1.32
N GLU C 225 24.66 -18.80 0.13
CA GLU C 225 23.51 -19.67 -0.16
C GLU C 225 23.96 -21.14 -0.21
N ALA C 226 24.93 -21.43 -1.07
CA ALA C 226 25.48 -22.79 -1.21
C ALA C 226 25.93 -23.34 0.14
N ILE C 227 26.76 -22.56 0.83
CA ILE C 227 27.30 -22.89 2.15
C ILE C 227 26.24 -23.42 3.14
N THR C 228 24.99 -22.98 3.00
CA THR C 228 23.93 -23.34 3.94
C THR C 228 23.56 -24.85 3.97
N GLY C 229 24.05 -25.63 3.01
CA GLY C 229 23.97 -27.11 3.10
C GLY C 229 24.76 -27.73 4.26
N TYR C 230 25.84 -27.08 4.67
CA TYR C 230 26.62 -27.46 5.86
C TYR C 230 25.76 -27.45 7.13
N GLY C 231 24.97 -26.40 7.31
CA GLY C 231 23.99 -26.35 8.38
C GLY C 231 23.00 -27.50 8.29
N LEU C 232 22.64 -27.89 7.05
CA LEU C 232 21.74 -29.02 6.78
C LEU C 232 22.38 -30.35 7.17
N GLY C 233 23.53 -30.65 6.58
CA GLY C 233 24.27 -31.89 6.87
C GLY C 233 24.51 -32.12 8.34
N GLY C 234 24.73 -31.03 9.09
CA GLY C 234 24.86 -31.08 10.54
C GLY C 234 23.60 -31.47 11.30
N SER C 235 22.43 -31.11 10.75
CA SER C 235 21.14 -31.52 11.32
C SER C 235 20.54 -32.78 10.68
N SER C 236 21.08 -33.20 9.53
CA SER C 236 20.76 -34.51 8.94
C SER C 236 21.35 -35.64 9.80
N MET C 237 22.61 -35.50 10.20
CA MET C 237 23.29 -36.49 11.07
C MET C 237 23.11 -36.15 12.56
N ALA C 238 22.12 -35.33 12.88
CA ALA C 238 21.58 -35.21 14.23
C ALA C 238 20.27 -35.99 14.36
N LEU C 239 19.61 -36.25 13.23
CA LEU C 239 18.49 -37.18 13.15
C LEU C 239 18.90 -38.57 13.67
N PHE C 240 19.96 -39.13 13.11
CA PHE C 240 20.49 -40.42 13.55
C PHE C 240 21.07 -40.37 14.98
N GLY C 241 21.86 -39.35 15.25
CA GLY C 241 22.55 -39.24 16.56
C GLY C 241 21.65 -39.04 17.77
N ARG C 242 20.55 -38.32 17.62
CA ARG C 242 19.64 -38.02 18.75
C ARG C 242 18.17 -38.45 18.54
N VAL C 243 17.80 -38.83 17.32
CA VAL C 243 16.51 -39.50 17.08
C VAL C 243 16.70 -40.98 16.71
N GLY C 244 17.75 -41.30 15.96
CA GLY C 244 18.14 -42.70 15.72
C GLY C 244 18.77 -43.40 16.93
N GLY C 245 19.55 -42.65 17.70
CA GLY C 245 20.19 -43.13 18.95
C GLY C 245 19.73 -42.45 20.23
N GLY C 246 18.66 -41.67 20.14
CA GLY C 246 17.87 -41.26 21.30
C GLY C 246 16.93 -42.37 21.69
N ILE C 247 16.46 -43.13 20.69
CA ILE C 247 15.67 -44.35 20.90
C ILE C 247 16.48 -45.44 21.63
N TYR C 248 17.68 -45.72 21.12
CA TYR C 248 18.56 -46.76 21.67
C TYR C 248 18.96 -46.50 23.13
N THR C 249 19.49 -45.31 23.40
CA THR C 249 19.96 -44.92 24.76
C THR C 249 19.00 -45.18 25.91
N LYS C 250 17.71 -44.99 25.68
CA LYS C 250 16.71 -45.27 26.72
C LYS C 250 15.71 -46.35 26.30
N ALA C 251 16.11 -47.19 25.33
CA ALA C 251 15.63 -48.58 25.18
C ALA C 251 16.40 -49.49 26.14
N ALA C 252 17.70 -49.21 26.23
CA ALA C 252 18.65 -49.92 27.09
C ALA C 252 18.69 -49.46 28.55
N ASP C 253 18.14 -48.30 28.90
CA ASP C 253 18.05 -47.92 30.33
C ASP C 253 16.79 -48.53 30.93
N VAL C 254 15.71 -48.43 30.16
CA VAL C 254 14.46 -49.16 30.44
C VAL C 254 14.69 -50.68 30.38
N GLY C 255 15.63 -51.14 29.53
CA GLY C 255 16.10 -52.55 29.54
C GLY C 255 16.74 -52.97 30.87
N ALA C 256 15.97 -52.86 31.94
CA ALA C 256 16.38 -53.22 33.29
C ALA C 256 15.16 -53.99 33.83
N ASP C 257 15.04 -55.25 33.38
CA ASP C 257 13.76 -55.97 33.31
C ASP C 257 13.68 -57.29 34.06
N LEU C 258 12.66 -57.41 34.91
CA LEU C 258 12.31 -58.62 35.67
C LEU C 258 10.83 -58.96 35.34
N VAL C 259 10.45 -60.24 35.16
CA VAL C 259 11.23 -61.47 35.45
C VAL C 259 12.04 -61.89 34.19
N GLY C 260 12.98 -62.85 34.24
CA GLY C 260 13.32 -63.75 35.37
C GLY C 260 14.03 -63.18 36.60
N LYS C 261 15.29 -63.56 36.81
CA LYS C 261 16.12 -63.07 37.95
C LYS C 261 15.46 -63.22 39.33
N ASP C 269 21.14 -56.28 36.44
CA ASP C 269 22.18 -55.60 37.22
C ASP C 269 23.59 -56.09 36.93
N ASP C 270 23.74 -57.41 36.85
CA ASP C 270 25.03 -58.07 36.63
C ASP C 270 25.61 -57.67 35.26
N PRO C 271 26.95 -57.53 35.15
CA PRO C 271 27.64 -57.53 33.84
C PRO C 271 27.34 -58.74 32.93
N ARG C 272 26.89 -59.85 33.53
CA ARG C 272 26.31 -60.98 32.78
C ARG C 272 24.91 -60.68 32.19
N ASN C 273 24.36 -59.50 32.49
CA ASN C 273 23.23 -58.91 31.78
C ASN C 273 23.73 -57.90 30.72
N PRO C 274 23.54 -58.21 29.41
CA PRO C 274 24.11 -57.41 28.30
C PRO C 274 23.33 -56.15 27.89
N ALA C 275 22.23 -55.87 28.59
CA ALA C 275 21.55 -54.59 28.52
C ALA C 275 22.08 -53.62 29.59
N VAL C 276 22.27 -54.10 30.83
CA VAL C 276 22.82 -53.26 31.91
C VAL C 276 24.27 -52.80 31.62
N ILE C 277 25.01 -53.59 30.83
CA ILE C 277 26.27 -53.12 30.26
C ILE C 277 25.97 -52.02 29.22
N ALA C 278 25.05 -52.33 28.30
CA ALA C 278 24.71 -51.45 27.17
C ALA C 278 23.86 -50.21 27.53
N ASP C 279 23.46 -50.10 28.80
CA ASP C 279 22.98 -48.83 29.37
C ASP C 279 24.14 -47.86 29.45
N ASN C 280 25.27 -48.35 29.96
CA ASN C 280 26.47 -47.52 30.09
C ASN C 280 27.18 -47.25 28.74
N VAL C 281 26.86 -48.04 27.71
CA VAL C 281 27.14 -47.69 26.31
C VAL C 281 26.24 -46.53 25.89
N GLY C 282 24.95 -46.69 26.17
CA GLY C 282 23.91 -45.70 25.84
C GLY C 282 23.99 -44.35 26.54
N ASP C 283 24.29 -44.37 27.84
CA ASP C 283 24.49 -43.14 28.63
C ASP C 283 25.56 -42.25 27.95
N ASN C 284 26.55 -42.88 27.32
CA ASN C 284 27.51 -42.18 26.45
C ASN C 284 27.00 -41.91 25.01
N VAL C 285 26.49 -42.93 24.32
CA VAL C 285 25.97 -42.76 22.93
C VAL C 285 24.77 -41.78 22.83
N GLY C 286 24.12 -41.49 23.97
CA GLY C 286 23.12 -40.42 24.10
C GLY C 286 23.74 -39.06 24.37
N ASP C 287 24.04 -38.76 25.63
CA ASP C 287 24.54 -37.42 26.03
C ASP C 287 25.96 -37.01 25.55
N ILE C 288 26.58 -37.80 24.66
CA ILE C 288 27.78 -37.38 23.91
C ILE C 288 27.44 -37.28 22.42
N ALA C 289 27.34 -38.42 21.72
CA ALA C 289 27.15 -38.43 20.25
C ALA C 289 25.76 -37.95 19.76
N GLY C 290 24.83 -37.78 20.70
CA GLY C 290 23.50 -37.17 20.45
C GLY C 290 23.44 -35.70 20.81
N MET C 291 23.84 -35.37 22.05
CA MET C 291 23.95 -33.97 22.49
C MET C 291 25.04 -33.23 21.71
N GLY C 292 26.03 -33.98 21.23
CA GLY C 292 27.04 -33.45 20.32
C GLY C 292 26.42 -32.96 19.03
N SER C 293 25.80 -33.87 18.28
CA SER C 293 25.25 -33.56 16.93
C SER C 293 24.07 -32.58 16.91
N ASP C 294 23.37 -32.47 18.05
CA ASP C 294 22.36 -31.42 18.27
C ASP C 294 23.03 -30.06 18.38
N LEU C 295 24.01 -29.95 19.29
CA LEU C 295 24.76 -28.70 19.49
C LEU C 295 25.90 -28.45 18.48
N PHE C 296 26.15 -29.42 17.59
CA PHE C 296 26.89 -29.17 16.36
C PHE C 296 25.94 -28.56 15.34
N GLY C 297 24.79 -29.18 15.17
CA GLY C 297 23.70 -28.62 14.35
C GLY C 297 23.35 -27.20 14.78
N SER C 298 22.79 -27.07 15.98
CA SER C 298 22.41 -25.77 16.56
C SER C 298 23.47 -24.68 16.36
N TYR C 299 24.75 -25.07 16.36
CA TYR C 299 25.86 -24.17 15.98
C TYR C 299 25.92 -23.93 14.47
N ALA C 300 26.15 -24.99 13.70
CA ALA C 300 26.42 -24.89 12.26
C ALA C 300 25.33 -24.17 11.49
N GLU C 301 24.08 -24.54 11.77
CA GLU C 301 22.92 -23.89 11.14
C GLU C 301 22.64 -22.47 11.65
N SER C 302 23.05 -22.15 12.89
CA SER C 302 23.01 -20.76 13.40
C SER C 302 24.01 -19.86 12.70
N SER C 303 25.22 -20.39 12.48
CA SER C 303 26.24 -19.68 11.73
C SER C 303 25.77 -19.50 10.28
N CYS C 304 25.35 -20.58 9.62
CA CYS C 304 24.88 -20.50 8.23
C CYS C 304 23.67 -19.61 8.00
N ALA C 305 22.81 -19.49 9.02
CA ALA C 305 21.67 -18.59 9.01
C ALA C 305 22.09 -17.14 9.22
N ALA C 306 23.07 -16.92 10.10
CA ALA C 306 23.69 -15.60 10.24
C ALA C 306 24.36 -15.20 8.93
N LEU C 307 25.06 -16.13 8.31
CA LEU C 307 25.72 -15.85 7.03
C LEU C 307 24.76 -15.43 5.93
N VAL C 308 23.79 -16.27 5.59
CA VAL C 308 22.86 -15.94 4.49
C VAL C 308 22.34 -14.51 4.61
N VAL C 309 21.80 -14.14 5.77
CA VAL C 309 21.16 -12.83 5.90
C VAL C 309 22.16 -11.69 5.74
N ALA C 310 23.39 -11.90 6.20
CA ALA C 310 24.47 -10.90 6.03
C ALA C 310 25.02 -10.83 4.62
N SER C 311 24.99 -11.96 3.90
CA SER C 311 25.39 -12.02 2.48
C SER C 311 24.68 -11.06 1.54
N ILE C 312 23.47 -10.63 1.92
CA ILE C 312 22.73 -9.60 1.18
C ILE C 312 22.51 -8.35 2.04
N SER C 313 23.49 -8.04 2.88
CA SER C 313 23.42 -6.85 3.75
C SER C 313 24.70 -6.06 3.60
N SER C 314 24.75 -4.88 4.21
CA SER C 314 25.97 -4.06 4.27
C SER C 314 27.23 -4.83 3.91
N PHE C 315 27.52 -5.84 4.72
CA PHE C 315 28.76 -6.57 4.67
C PHE C 315 28.82 -7.39 3.39
N GLY C 316 27.80 -8.21 3.19
CA GLY C 316 27.76 -9.11 2.04
C GLY C 316 27.58 -8.42 0.71
N LEU C 317 26.95 -7.25 0.73
CA LEU C 317 26.79 -6.44 -0.45
C LEU C 317 28.15 -5.82 -0.79
N ASN C 318 28.73 -5.12 0.16
CA ASN C 318 30.01 -4.40 -0.08
C ASN C 318 31.31 -5.21 0.02
N HIS C 319 31.20 -6.53 0.18
CA HIS C 319 32.33 -7.46 0.17
C HIS C 319 33.36 -7.26 1.31
N GLU C 320 32.86 -6.91 2.48
CA GLU C 320 33.68 -6.60 3.65
C GLU C 320 33.75 -7.92 4.45
N LEU C 321 34.93 -8.55 4.55
CA LEU C 321 35.01 -9.90 5.19
C LEU C 321 34.83 -9.95 6.71
N THR C 322 35.55 -9.11 7.44
CA THR C 322 35.55 -9.18 8.92
C THR C 322 34.31 -8.45 9.47
N ALA C 323 33.16 -9.05 9.19
CA ALA C 323 31.83 -8.46 9.44
C ALA C 323 30.75 -9.37 8.83
N MET C 324 31.06 -9.92 7.65
CA MET C 324 30.44 -11.15 7.19
C MET C 324 30.81 -12.29 8.14
N LEU C 325 32.12 -12.50 8.33
CA LEU C 325 32.65 -13.55 9.21
C LEU C 325 32.68 -13.22 10.73
N TYR C 326 31.87 -12.25 11.16
CA TYR C 326 31.67 -11.92 12.60
C TYR C 326 31.03 -13.04 13.41
N PRO C 327 30.12 -13.82 12.80
CA PRO C 327 29.76 -15.13 13.32
C PRO C 327 30.94 -16.04 13.70
N LEU C 328 31.93 -16.15 12.83
CA LEU C 328 33.10 -17.01 13.10
C LEU C 328 34.13 -16.37 14.05
N ILE C 329 34.15 -15.04 14.12
CA ILE C 329 35.03 -14.34 15.08
C ILE C 329 34.48 -14.53 16.48
N VAL C 330 33.15 -14.42 16.63
CA VAL C 330 32.47 -14.73 17.91
C VAL C 330 32.77 -16.18 18.36
N SER C 331 32.71 -17.11 17.40
CA SER C 331 32.95 -18.52 17.65
C SER C 331 34.42 -18.83 18.00
N SER C 332 35.35 -18.28 17.21
CA SER C 332 36.79 -18.48 17.44
C SER C 332 37.30 -17.85 18.74
N VAL C 333 36.72 -16.73 19.14
CA VAL C 333 36.99 -16.10 20.44
C VAL C 333 36.33 -16.86 21.59
N GLY C 334 35.21 -17.51 21.33
CA GLY C 334 34.57 -18.42 22.29
C GLY C 334 35.43 -19.61 22.70
N ILE C 335 36.10 -20.23 21.73
CA ILE C 335 37.06 -21.30 22.00
C ILE C 335 38.09 -20.82 23.01
N LEU C 336 38.64 -19.64 22.75
CA LEU C 336 39.64 -19.03 23.64
C LEU C 336 39.09 -18.70 25.03
N VAL C 337 37.94 -18.03 25.09
CA VAL C 337 37.30 -17.67 26.37
C VAL C 337 36.97 -18.92 27.21
N CYS C 338 36.54 -19.99 26.53
CA CYS C 338 36.21 -21.26 27.20
C CYS C 338 37.43 -22.08 27.61
N LEU C 339 38.49 -22.07 26.80
CA LEU C 339 39.78 -22.66 27.16
C LEU C 339 40.34 -22.03 28.43
N LEU C 340 40.26 -20.72 28.53
CA LEU C 340 40.73 -19.97 29.71
C LEU C 340 39.88 -20.26 30.96
N THR C 341 38.60 -20.58 30.77
CA THR C 341 37.72 -21.01 31.88
C THR C 341 37.84 -22.50 32.26
N THR C 342 38.26 -23.35 31.31
CA THR C 342 38.55 -24.78 31.60
C THR C 342 39.71 -24.91 32.60
N LEU C 343 40.72 -24.06 32.47
CA LEU C 343 41.85 -24.05 33.39
C LEU C 343 41.56 -23.37 34.75
N PHE C 344 40.29 -23.08 35.03
CA PHE C 344 39.79 -22.93 36.41
C PHE C 344 39.43 -24.32 36.97
N ALA C 345 38.36 -24.92 36.47
CA ALA C 345 37.92 -26.26 36.92
C ALA C 345 38.86 -27.42 36.55
N THR C 346 40.01 -27.12 35.96
CA THR C 346 41.10 -28.10 35.81
C THR C 346 42.35 -27.78 36.63
N ASP C 347 42.74 -26.50 36.72
CA ASP C 347 44.06 -26.13 37.28
C ASP C 347 44.14 -24.94 38.28
N PHE C 348 43.11 -24.10 38.41
CA PHE C 348 43.10 -22.99 39.41
C PHE C 348 42.15 -23.33 40.58
N PHE C 349 40.85 -22.95 40.53
CA PHE C 349 39.79 -23.52 41.41
C PHE C 349 40.07 -25.02 41.65
N GLU C 350 40.06 -25.48 42.91
CA GLU C 350 40.19 -26.92 43.22
C GLU C 350 38.98 -27.47 43.98
N VAL C 354 33.36 -33.45 48.45
CA VAL C 354 32.20 -33.63 47.58
C VAL C 354 31.20 -32.48 47.57
N LYS C 355 30.97 -31.83 48.71
CA LYS C 355 29.92 -30.78 48.79
C LYS C 355 30.26 -29.40 48.15
N GLU C 356 31.44 -29.29 47.51
CA GLU C 356 31.79 -28.21 46.56
C GLU C 356 31.90 -28.69 45.07
N ILE C 357 31.55 -29.95 44.78
CA ILE C 357 31.70 -30.56 43.43
C ILE C 357 30.73 -29.96 42.39
N GLU C 358 29.47 -29.78 42.78
CA GLU C 358 28.42 -29.19 41.91
C GLU C 358 28.72 -27.73 41.53
N PRO C 359 28.99 -26.83 42.52
CA PRO C 359 29.45 -25.48 42.18
C PRO C 359 30.57 -25.45 41.15
N ALA C 360 31.43 -26.47 41.15
CA ALA C 360 32.53 -26.58 40.18
C ALA C 360 32.16 -26.99 38.73
N LEU C 361 30.98 -27.57 38.52
CA LEU C 361 30.41 -27.70 37.16
C LEU C 361 29.61 -26.46 36.76
N LYS C 362 29.08 -25.75 37.77
CA LYS C 362 28.32 -24.49 37.63
C LYS C 362 29.14 -23.18 37.59
N LYS C 363 30.36 -23.18 38.15
CA LYS C 363 31.27 -22.02 38.01
C LYS C 363 31.70 -21.88 36.56
N GLN C 364 32.03 -23.02 35.94
CA GLN C 364 32.32 -23.12 34.49
C GLN C 364 31.42 -22.28 33.61
N LEU C 365 30.12 -22.34 33.88
CA LEU C 365 29.13 -21.60 33.12
C LEU C 365 29.20 -20.09 33.37
N VAL C 366 29.04 -19.67 34.62
CA VAL C 366 29.00 -18.24 34.95
C VAL C 366 30.33 -17.54 34.64
N ILE C 367 31.45 -18.24 34.80
CA ILE C 367 32.78 -17.66 34.49
C ILE C 367 32.92 -17.45 32.97
N SER C 368 32.71 -18.48 32.18
CA SER C 368 32.74 -18.34 30.70
C SER C 368 31.67 -17.38 30.15
N THR C 369 30.50 -17.36 30.80
CA THR C 369 29.40 -16.44 30.46
C THR C 369 29.71 -14.97 30.77
N VAL C 370 30.60 -14.72 31.72
CA VAL C 370 31.09 -13.35 31.96
C VAL C 370 32.43 -13.10 31.23
N LEU C 371 33.17 -14.16 30.95
CA LEU C 371 34.35 -14.06 30.06
C LEU C 371 33.99 -13.73 28.60
N MET C 372 32.77 -14.09 28.17
CA MET C 372 32.33 -13.82 26.79
C MET C 372 31.69 -12.44 26.64
N THR C 373 31.08 -11.91 27.70
CA THR C 373 30.62 -10.50 27.73
C THR C 373 31.77 -9.46 27.66
N ILE C 374 32.98 -9.83 28.08
CA ILE C 374 34.19 -8.98 27.90
C ILE C 374 34.87 -9.29 26.56
N GLY C 375 34.89 -10.58 26.18
CA GLY C 375 35.52 -11.02 24.94
C GLY C 375 34.76 -10.69 23.67
N VAL C 376 33.42 -10.67 23.75
CA VAL C 376 32.58 -10.43 22.58
C VAL C 376 32.39 -8.93 22.32
N ALA C 377 32.36 -8.12 23.39
CA ALA C 377 32.44 -6.65 23.26
C ALA C 377 33.73 -6.18 22.58
N VAL C 378 34.82 -6.92 22.77
CA VAL C 378 36.06 -6.71 22.01
C VAL C 378 35.83 -7.02 20.54
N VAL C 379 35.35 -8.23 20.26
CA VAL C 379 35.08 -8.68 18.88
C VAL C 379 34.18 -7.69 18.13
N SER C 380 33.15 -7.20 18.83
CA SER C 380 32.17 -6.23 18.31
C SER C 380 32.80 -4.90 17.94
N PHE C 381 33.72 -4.43 18.77
CA PHE C 381 34.39 -3.16 18.54
C PHE C 381 35.40 -3.21 17.38
N VAL C 382 36.10 -4.33 17.23
CA VAL C 382 37.24 -4.44 16.31
C VAL C 382 36.96 -5.14 14.98
N ALA C 383 35.86 -5.89 14.87
CA ALA C 383 35.46 -6.52 13.60
C ALA C 383 34.03 -6.15 13.21
N LEU C 384 33.56 -4.98 13.66
CA LEU C 384 32.33 -4.38 13.13
C LEU C 384 32.55 -2.89 12.93
N PRO C 385 31.99 -2.34 11.84
CA PRO C 385 31.93 -0.88 11.64
C PRO C 385 30.84 -0.13 12.45
N THR C 386 31.04 1.19 12.65
CA THR C 386 30.10 2.08 13.38
C THR C 386 28.64 1.93 12.99
N SER C 387 28.39 1.71 11.70
CA SER C 387 27.05 1.46 11.18
C SER C 387 27.07 0.53 9.97
N PHE C 388 25.89 0.00 9.67
CA PHE C 388 25.69 -0.88 8.53
C PHE C 388 24.20 -1.12 8.36
N THR C 389 23.78 -1.43 7.14
CA THR C 389 22.43 -1.92 6.88
C THR C 389 22.36 -3.45 7.01
N ILE C 390 21.20 -3.92 7.47
CA ILE C 390 20.91 -5.33 7.63
C ILE C 390 19.62 -5.61 6.87
N PHE C 391 19.70 -6.56 5.94
CA PHE C 391 18.57 -6.95 5.14
C PHE C 391 17.46 -7.48 6.01
N ASN C 392 16.22 -7.07 5.75
CA ASN C 392 15.04 -7.77 6.29
C ASN C 392 13.77 -7.60 5.44
N PHE C 393 13.51 -8.62 4.62
CA PHE C 393 12.30 -8.73 3.79
C PHE C 393 12.17 -7.62 2.73
N GLY C 394 13.32 -7.15 2.24
CA GLY C 394 13.39 -6.16 1.16
C GLY C 394 14.03 -4.86 1.60
N VAL C 395 13.70 -4.43 2.82
CA VAL C 395 14.22 -3.18 3.39
C VAL C 395 15.67 -3.40 3.86
N GLN C 396 16.42 -2.31 3.93
CA GLN C 396 17.73 -2.28 4.54
C GLN C 396 17.69 -1.41 5.80
N LYS C 397 17.95 -2.04 6.95
CA LYS C 397 17.77 -1.44 8.29
C LYS C 397 19.13 -1.01 8.86
N ASP C 398 19.28 0.24 9.26
CA ASP C 398 20.56 0.72 9.85
C ASP C 398 20.77 0.18 11.27
N VAL C 399 21.89 -0.51 11.47
CA VAL C 399 22.20 -1.20 12.72
C VAL C 399 23.62 -0.85 13.17
N LYS C 400 23.72 -0.15 14.29
CA LYS C 400 25.00 0.27 14.85
C LYS C 400 25.60 -0.88 15.65
N SER C 401 26.93 -1.03 15.59
CA SER C 401 27.64 -2.26 16.03
C SER C 401 27.33 -2.72 17.43
N TRP C 402 27.07 -1.78 18.34
CA TRP C 402 26.70 -2.12 19.72
C TRP C 402 25.32 -2.79 19.83
N GLN C 403 24.40 -2.42 18.95
CA GLN C 403 23.10 -3.08 18.88
C GLN C 403 23.29 -4.56 18.49
N LEU C 404 24.35 -4.84 17.71
CA LEU C 404 24.83 -6.22 17.43
C LEU C 404 25.62 -6.89 18.56
N PHE C 405 26.28 -6.10 19.40
CA PHE C 405 26.80 -6.61 20.67
C PHE C 405 25.62 -6.99 21.58
N LEU C 406 24.65 -6.09 21.70
CA LEU C 406 23.41 -6.34 22.48
C LEU C 406 22.49 -7.48 22.00
N CYS C 407 22.74 -8.00 20.80
CA CYS C 407 22.07 -9.19 20.29
C CYS C 407 22.80 -10.52 20.59
N VAL C 408 24.14 -10.56 20.54
CA VAL C 408 24.85 -11.73 21.10
C VAL C 408 24.79 -11.72 22.63
N ALA C 409 24.73 -10.51 23.21
CA ALA C 409 24.72 -10.35 24.67
C ALA C 409 23.36 -10.69 25.31
N VAL C 410 22.27 -10.55 24.58
CA VAL C 410 20.99 -11.12 25.04
C VAL C 410 20.96 -12.66 24.90
N GLY C 411 21.68 -13.20 23.93
CA GLY C 411 21.70 -14.66 23.68
C GLY C 411 22.55 -15.43 24.68
N LEU C 412 23.70 -14.86 24.99
CA LEU C 412 24.56 -15.33 26.07
C LEU C 412 23.79 -15.40 27.39
N TRP C 413 23.33 -14.24 27.87
CA TRP C 413 22.66 -14.14 29.16
C TRP C 413 21.26 -14.79 29.25
N ALA C 414 20.65 -15.11 28.11
CA ALA C 414 19.44 -15.94 28.11
C ALA C 414 19.82 -17.38 28.38
N GLY C 415 20.85 -17.87 27.66
CA GLY C 415 21.43 -19.21 27.89
C GLY C 415 21.77 -19.52 29.35
N LEU C 416 22.13 -18.47 30.09
CA LEU C 416 22.38 -18.55 31.52
C LEU C 416 21.05 -18.72 32.27
N ILE C 417 20.17 -17.74 32.15
CA ILE C 417 18.86 -17.78 32.84
C ILE C 417 18.03 -19.00 32.48
N ILE C 418 18.10 -19.44 31.24
CA ILE C 418 17.35 -20.62 30.79
C ILE C 418 17.95 -21.92 31.36
N GLY C 419 19.23 -21.87 31.72
CA GLY C 419 19.87 -22.96 32.46
C GLY C 419 19.43 -23.03 33.92
N PHE C 420 19.47 -21.89 34.61
CA PHE C 420 19.26 -21.85 36.06
C PHE C 420 17.79 -21.87 36.48
N VAL C 421 16.86 -21.52 35.58
CA VAL C 421 15.45 -21.85 35.78
C VAL C 421 15.28 -23.35 35.60
N THR C 422 15.96 -23.91 34.60
CA THR C 422 16.01 -25.36 34.39
C THR C 422 16.75 -26.11 35.54
N GLU C 423 17.69 -25.45 36.21
CA GLU C 423 18.27 -25.99 37.46
C GLU C 423 17.17 -26.07 38.52
N TYR C 424 16.63 -24.90 38.88
CA TYR C 424 15.57 -24.77 39.90
C TYR C 424 14.47 -25.84 39.82
N TYR C 425 14.07 -26.19 38.61
CA TYR C 425 13.02 -27.18 38.37
C TYR C 425 13.52 -28.64 38.28
N THR C 426 14.74 -28.86 37.80
CA THR C 426 15.33 -30.22 37.73
C THR C 426 16.41 -30.41 38.78
N SER C 427 16.07 -30.15 40.04
CA SER C 427 17.02 -30.34 41.14
C SER C 427 16.37 -30.64 42.51
N ASN C 428 16.93 -31.65 43.17
CA ASN C 428 16.53 -32.06 44.52
C ASN C 428 17.08 -31.22 45.66
N ALA C 429 18.16 -30.47 45.40
CA ALA C 429 18.64 -29.44 46.33
C ALA C 429 17.66 -28.27 46.41
N TYR C 430 16.93 -28.03 45.31
CA TYR C 430 15.90 -26.99 45.23
C TYR C 430 14.49 -27.54 45.46
N SER C 431 13.61 -26.61 45.85
CA SER C 431 12.30 -26.90 46.42
C SER C 431 11.44 -27.97 45.69
N PRO C 432 10.92 -27.65 44.48
CA PRO C 432 9.77 -28.37 43.95
C PRO C 432 10.01 -29.84 43.54
N VAL C 433 11.27 -30.26 43.42
CA VAL C 433 11.58 -31.69 43.23
C VAL C 433 11.33 -32.51 44.53
N GLN C 434 11.44 -31.85 45.67
CA GLN C 434 11.15 -32.49 46.97
C GLN C 434 9.66 -32.72 47.21
N ASP C 435 8.80 -31.98 46.52
CA ASP C 435 7.37 -32.25 46.52
C ASP C 435 7.03 -33.49 45.69
N VAL C 436 7.77 -33.69 44.60
CA VAL C 436 7.69 -34.93 43.79
C VAL C 436 8.29 -36.12 44.56
N ALA C 437 9.18 -35.84 45.51
CA ALA C 437 9.59 -36.85 46.50
C ALA C 437 8.38 -37.28 47.36
N ASP C 438 7.66 -36.32 47.91
CA ASP C 438 6.48 -36.61 48.75
C ASP C 438 5.34 -37.38 48.06
N SER C 439 5.18 -37.18 46.75
CA SER C 439 4.12 -37.84 46.00
C SER C 439 4.33 -39.36 45.82
N CYS C 440 5.58 -39.77 45.55
CA CYS C 440 5.90 -41.22 45.43
C CYS C 440 5.66 -42.01 46.73
N ARG C 441 5.75 -41.32 47.87
CA ARG C 441 5.30 -41.86 49.17
C ARG C 441 3.82 -42.22 49.07
N THR C 442 3.00 -41.23 48.69
CA THR C 442 1.55 -41.41 48.63
C THR C 442 1.05 -42.30 47.46
N GLY C 443 1.95 -42.71 46.55
CA GLY C 443 1.62 -43.67 45.47
C GLY C 443 2.19 -43.28 44.13
N ALA C 444 2.28 -44.25 43.22
CA ALA C 444 2.87 -44.05 41.88
C ALA C 444 2.07 -43.10 41.02
N ALA C 445 0.74 -43.24 41.04
CA ALA C 445 -0.14 -42.34 40.32
C ALA C 445 0.09 -40.85 40.69
N THR C 446 0.34 -40.55 41.97
CA THR C 446 0.58 -39.15 42.39
C THR C 446 1.99 -38.65 42.06
N ASN C 447 3.00 -39.53 42.17
CA ASN C 447 4.37 -39.18 41.75
C ASN C 447 4.35 -38.63 40.34
N VAL C 448 3.79 -39.43 39.44
CA VAL C 448 3.72 -39.09 38.04
C VAL C 448 2.77 -37.89 37.81
N ILE C 449 1.64 -37.84 38.52
CA ILE C 449 0.70 -36.69 38.46
C ILE C 449 1.42 -35.40 38.84
N PHE C 450 1.85 -35.27 40.10
CA PHE C 450 2.58 -34.08 40.56
C PHE C 450 3.74 -33.71 39.64
N GLY C 451 4.50 -34.71 39.20
CA GLY C 451 5.71 -34.48 38.39
C GLY C 451 5.52 -34.00 36.96
N LEU C 452 4.41 -34.41 36.32
CA LEU C 452 4.03 -33.87 35.01
C LEU C 452 3.75 -32.37 35.12
N ALA C 453 3.02 -31.99 36.17
CA ALA C 453 2.72 -30.58 36.45
C ALA C 453 3.95 -29.72 36.75
N LEU C 454 5.03 -30.33 37.23
CA LEU C 454 6.30 -29.62 37.43
C LEU C 454 6.96 -29.29 36.10
N GLY C 455 7.06 -30.27 35.20
CA GLY C 455 7.52 -30.00 33.84
C GLY C 455 6.59 -29.04 33.10
N TYR C 456 5.28 -29.24 33.28
CA TYR C 456 4.26 -28.33 32.73
C TYR C 456 4.37 -26.89 33.27
N LYS C 457 4.93 -26.70 34.47
CA LYS C 457 5.25 -25.35 35.00
C LYS C 457 6.65 -24.85 34.63
N SER C 458 7.60 -25.77 34.48
CA SER C 458 8.98 -25.47 34.07
C SER C 458 9.04 -24.42 32.98
N VAL C 459 8.33 -24.70 31.89
CA VAL C 459 8.32 -23.89 30.65
C VAL C 459 8.26 -22.37 30.86
N ILE C 460 7.42 -21.92 31.79
CA ILE C 460 6.94 -20.53 31.78
C ILE C 460 8.07 -19.56 31.44
N ILE C 461 9.10 -19.56 32.27
CA ILE C 461 10.17 -18.56 32.17
C ILE C 461 11.09 -18.77 30.97
N PRO C 462 11.51 -20.01 30.67
CA PRO C 462 12.21 -20.26 29.40
C PRO C 462 11.60 -19.56 28.19
N ILE C 463 10.26 -19.51 28.14
CA ILE C 463 9.54 -18.78 27.11
C ILE C 463 9.71 -17.28 27.32
N PHE C 464 9.35 -16.76 28.50
CA PHE C 464 9.54 -15.33 28.76
C PHE C 464 10.99 -14.88 28.55
N ALA C 465 11.96 -15.78 28.70
CA ALA C 465 13.35 -15.50 28.36
C ALA C 465 13.55 -15.44 26.86
N ILE C 466 13.10 -16.49 26.16
CA ILE C 466 13.16 -16.54 24.68
C ILE C 466 12.46 -15.32 24.05
N ALA C 467 11.27 -14.97 24.55
CA ALA C 467 10.50 -13.86 24.00
C ALA C 467 11.19 -12.51 24.18
N ILE C 468 11.80 -12.32 25.35
CA ILE C 468 12.62 -11.12 25.60
C ILE C 468 13.88 -11.14 24.72
N SER C 469 14.47 -12.31 24.47
CA SER C 469 15.63 -12.45 23.56
C SER C 469 15.29 -11.98 22.15
N ILE C 470 14.25 -12.58 21.58
CA ILE C 470 13.78 -12.23 20.24
C ILE C 470 13.46 -10.75 20.18
N PHE C 471 12.50 -10.32 20.99
CA PHE C 471 12.05 -8.94 21.02
C PHE C 471 13.17 -7.89 21.12
N VAL C 472 14.32 -8.29 21.67
CA VAL C 472 15.53 -7.45 21.69
C VAL C 472 16.43 -7.73 20.47
N SER C 473 16.54 -8.99 20.08
CA SER C 473 17.26 -9.37 18.85
C SER C 473 16.70 -8.65 17.61
N PHE C 474 15.43 -8.93 17.28
CA PHE C 474 14.73 -8.39 16.09
C PHE C 474 14.69 -6.87 16.13
N THR C 475 14.47 -6.34 17.32
CA THR C 475 14.45 -4.91 17.53
C THR C 475 15.76 -4.28 17.05
N PHE C 476 16.89 -4.79 17.53
CA PHE C 476 18.19 -4.20 17.19
C PHE C 476 18.64 -4.50 15.74
N ALA C 477 19.27 -5.65 15.47
CA ALA C 477 19.41 -6.15 14.08
C ALA C 477 18.03 -6.71 13.68
N ALA C 478 17.94 -7.66 12.75
CA ALA C 478 16.63 -8.26 12.46
C ALA C 478 16.75 -9.77 12.55
N MET C 479 16.36 -10.51 11.51
CA MET C 479 16.70 -11.93 11.40
C MET C 479 18.21 -12.19 11.50
N TYR C 480 19.02 -11.15 11.35
CA TYR C 480 20.44 -11.22 11.67
C TYR C 480 20.69 -11.23 13.19
N GLY C 481 20.00 -10.35 13.91
CA GLY C 481 20.11 -10.24 15.38
C GLY C 481 19.78 -11.52 16.11
N ILE C 482 18.74 -12.19 15.63
CA ILE C 482 18.36 -13.52 16.07
C ILE C 482 19.42 -14.54 15.69
N ALA C 483 19.79 -14.59 14.42
CA ALA C 483 20.76 -15.58 13.92
C ALA C 483 22.14 -15.45 14.53
N VAL C 484 22.43 -14.26 15.07
CA VAL C 484 23.64 -14.02 15.86
C VAL C 484 23.37 -14.16 17.39
N ALA C 485 22.14 -13.91 17.83
CA ALA C 485 21.68 -14.26 19.21
C ALA C 485 21.65 -15.78 19.47
N ALA C 486 21.16 -16.53 18.49
CA ALA C 486 21.20 -17.99 18.53
C ALA C 486 22.63 -18.51 18.49
N LEU C 487 23.53 -17.74 17.89
CA LEU C 487 24.96 -17.98 18.04
C LEU C 487 25.48 -17.43 19.37
N GLY C 488 24.85 -16.37 19.87
CA GLY C 488 25.11 -15.81 21.20
C GLY C 488 24.95 -16.77 22.37
N MET C 489 23.97 -17.67 22.29
CA MET C 489 23.86 -18.79 23.24
C MET C 489 25.03 -19.77 23.11
N LEU C 490 25.45 -20.02 21.86
CA LEU C 490 26.47 -21.04 21.55
C LEU C 490 27.89 -20.50 21.34
N SER C 491 28.11 -19.27 21.81
CA SER C 491 29.47 -18.70 21.93
C SER C 491 30.28 -19.34 23.07
N THR C 492 29.63 -20.17 23.87
CA THR C 492 30.24 -20.88 24.98
C THR C 492 30.08 -22.41 24.80
N ILE C 493 30.11 -22.88 23.55
CA ILE C 493 29.77 -24.29 23.22
C ILE C 493 30.93 -25.30 23.35
N ALA C 494 32.04 -24.85 23.94
CA ALA C 494 33.12 -25.76 24.33
C ALA C 494 32.91 -26.21 25.78
N THR C 495 32.78 -25.24 26.68
CA THR C 495 32.43 -25.51 28.10
C THR C 495 30.93 -25.77 28.33
N GLY C 496 30.12 -25.59 27.30
CA GLY C 496 28.73 -26.07 27.30
C GLY C 496 28.62 -27.54 26.98
N LEU C 497 29.50 -28.04 26.09
CA LEU C 497 29.61 -29.48 25.78
C LEU C 497 30.78 -30.16 26.51
N ALA C 498 31.24 -29.55 27.60
CA ALA C 498 32.14 -30.22 28.56
C ALA C 498 31.29 -30.71 29.71
N ILE C 499 30.58 -29.78 30.35
CA ILE C 499 29.62 -30.12 31.42
C ILE C 499 28.46 -31.03 30.96
N ASP C 500 28.00 -30.88 29.71
CA ASP C 500 27.03 -31.84 29.11
C ASP C 500 27.66 -33.23 28.87
N ALA C 501 28.97 -33.22 28.59
CA ALA C 501 29.78 -34.44 28.35
C ALA C 501 30.36 -35.08 29.62
N TYR C 502 30.36 -34.33 30.72
CA TYR C 502 30.77 -34.83 32.06
C TYR C 502 29.67 -35.69 32.70
N GLY C 503 28.42 -35.25 32.59
CA GLY C 503 27.24 -36.00 33.05
C GLY C 503 27.15 -37.48 32.68
N PRO C 504 27.46 -37.85 31.41
CA PRO C 504 27.55 -39.25 30.96
C PRO C 504 28.89 -39.96 31.15
N ILE C 505 29.79 -39.40 31.96
CA ILE C 505 31.02 -40.09 32.35
C ILE C 505 30.95 -40.58 33.80
N SER C 506 30.37 -39.78 34.71
CA SER C 506 30.14 -40.21 36.09
C SER C 506 28.98 -41.21 36.29
N ASP C 507 28.12 -41.41 35.27
CA ASP C 507 27.16 -42.53 35.22
C ASP C 507 27.88 -43.87 34.89
N ASN C 508 29.08 -43.76 34.31
CA ASN C 508 30.01 -44.90 34.16
C ASN C 508 31.07 -45.03 35.28
N ALA C 509 31.23 -43.99 36.12
CA ALA C 509 32.17 -44.00 37.26
C ALA C 509 31.62 -44.74 38.47
N GLY C 510 30.38 -44.43 38.80
CA GLY C 510 29.59 -45.20 39.77
C GLY C 510 29.14 -46.52 39.22
N GLY C 511 28.76 -46.53 37.94
CA GLY C 511 28.32 -47.74 37.24
C GLY C 511 29.35 -48.85 37.07
N ILE C 512 30.64 -48.49 37.08
CA ILE C 512 31.73 -49.49 37.06
C ILE C 512 32.17 -49.84 38.49
N ALA C 513 32.16 -48.86 39.41
CA ALA C 513 32.42 -49.12 40.84
C ALA C 513 31.42 -50.10 41.46
N GLU C 514 30.21 -50.18 40.91
CA GLU C 514 29.21 -51.18 41.30
C GLU C 514 29.50 -52.52 40.62
N MET C 515 29.62 -52.52 39.29
CA MET C 515 29.77 -53.76 38.51
C MET C 515 31.15 -54.44 38.58
N ALA C 516 32.16 -53.71 39.06
CA ALA C 516 33.50 -54.27 39.29
C ALA C 516 33.58 -54.94 40.66
N GLY C 517 33.08 -54.24 41.67
CA GLY C 517 33.18 -54.64 43.07
C GLY C 517 34.31 -53.89 43.73
N MET C 518 34.22 -52.55 43.69
CA MET C 518 35.18 -51.67 44.34
C MET C 518 34.72 -51.33 45.77
N SER C 519 35.59 -50.62 46.50
CA SER C 519 35.33 -50.20 47.89
C SER C 519 34.00 -49.46 48.08
N HIS C 520 33.54 -49.39 49.32
CA HIS C 520 32.38 -48.58 49.67
C HIS C 520 32.78 -47.09 49.70
N ARG C 521 34.06 -46.81 49.96
CA ARG C 521 34.61 -45.45 49.90
C ARG C 521 34.67 -44.91 48.45
N ILE C 522 35.07 -45.78 47.52
CA ILE C 522 35.13 -45.48 46.08
C ILE C 522 33.72 -45.29 45.47
N ARG C 523 32.77 -46.11 45.90
CA ARG C 523 31.37 -46.05 45.43
C ARG C 523 30.65 -44.78 45.90
N GLU C 524 30.80 -44.41 47.18
CA GLU C 524 30.21 -43.17 47.72
C GLU C 524 31.01 -41.88 47.37
N ARG C 525 32.05 -42.03 46.54
CA ARG C 525 32.70 -40.91 45.82
C ARG C 525 32.12 -40.72 44.42
N THR C 526 32.20 -41.76 43.57
CA THR C 526 31.68 -41.70 42.18
C THR C 526 30.15 -41.61 42.10
N ASP C 527 29.45 -42.13 43.11
CA ASP C 527 27.99 -41.94 43.22
C ASP C 527 27.61 -40.53 43.70
N ALA C 528 28.57 -39.78 44.27
CA ALA C 528 28.41 -38.33 44.52
C ALA C 528 28.59 -37.45 43.25
N LEU C 529 29.36 -37.97 42.28
CA LEU C 529 29.56 -37.31 40.97
C LEU C 529 28.46 -37.67 39.94
N ASP C 530 27.92 -38.89 40.03
CA ASP C 530 26.74 -39.31 39.24
C ASP C 530 25.48 -38.52 39.64
N ALA C 531 25.41 -38.12 40.91
CA ALA C 531 24.33 -37.27 41.41
C ALA C 531 24.46 -35.83 40.88
N ALA C 532 25.60 -35.19 41.16
CA ALA C 532 25.86 -33.82 40.67
C ALA C 532 25.92 -33.71 39.13
N GLY C 533 26.23 -34.83 38.46
CA GLY C 533 26.29 -34.91 36.98
C GLY C 533 25.00 -35.19 36.24
N ASN C 534 24.00 -35.77 36.93
CA ASN C 534 22.62 -35.80 36.42
C ASN C 534 21.94 -34.43 36.60
N THR C 535 22.28 -33.72 37.68
CA THR C 535 21.82 -32.33 37.88
C THR C 535 22.32 -31.41 36.76
N THR C 536 23.54 -31.66 36.32
CA THR C 536 24.21 -30.79 35.35
C THR C 536 23.86 -31.17 33.91
N ALA C 537 23.78 -32.46 33.60
CA ALA C 537 23.34 -32.91 32.27
C ALA C 537 21.82 -32.69 31.99
N ALA C 538 21.07 -32.22 33.00
CA ALA C 538 19.67 -31.74 32.83
C ALA C 538 19.51 -30.22 32.72
N ILE C 539 20.54 -29.46 33.15
CA ILE C 539 20.73 -28.07 32.70
C ILE C 539 20.90 -28.13 31.16
N GLY C 540 21.90 -28.89 30.73
CA GLY C 540 22.21 -29.15 29.31
C GLY C 540 21.07 -29.64 28.42
N LYS C 541 20.03 -30.20 29.03
CA LYS C 541 18.75 -30.44 28.34
C LYS C 541 18.09 -29.11 27.96
N GLY C 542 17.95 -28.23 28.94
CA GLY C 542 17.32 -26.90 28.75
C GLY C 542 18.13 -25.89 27.94
N PHE C 543 19.45 -25.91 28.13
CA PHE C 543 20.40 -25.10 27.33
C PHE C 543 20.23 -25.36 25.83
N ALA C 544 20.07 -26.64 25.48
CA ALA C 544 20.02 -27.09 24.08
C ALA C 544 18.71 -26.83 23.35
N ILE C 545 17.59 -27.08 24.03
CA ILE C 545 16.25 -26.84 23.48
C ILE C 545 15.98 -25.33 23.44
N GLY C 546 16.53 -24.62 24.42
CA GLY C 546 16.55 -23.16 24.42
C GLY C 546 17.31 -22.57 23.24
N SER C 547 18.45 -23.19 22.94
CA SER C 547 19.23 -22.85 21.75
C SER C 547 18.50 -23.27 20.47
N ALA C 548 18.08 -24.52 20.42
CA ALA C 548 17.32 -25.05 19.29
C ALA C 548 16.04 -24.25 18.94
N ALA C 549 15.48 -23.50 19.88
CA ALA C 549 14.34 -22.59 19.58
C ALA C 549 14.82 -21.34 18.85
N LEU C 550 15.82 -20.64 19.42
CA LEU C 550 16.41 -19.44 18.81
C LEU C 550 16.93 -19.70 17.42
N VAL C 551 17.62 -20.84 17.22
CA VAL C 551 18.21 -21.20 15.91
C VAL C 551 17.21 -21.64 14.83
N SER C 552 16.11 -22.25 15.25
CA SER C 552 15.02 -22.61 14.34
C SER C 552 14.29 -21.38 13.82
N LEU C 553 14.28 -20.33 14.62
CA LEU C 553 13.72 -19.04 14.24
C LEU C 553 14.65 -18.31 13.28
N ALA C 554 15.93 -18.25 13.64
CA ALA C 554 17.00 -17.73 12.77
C ALA C 554 16.94 -18.32 11.37
N LEU C 555 16.81 -19.64 11.31
CA LEU C 555 16.55 -20.32 10.05
C LEU C 555 15.20 -19.94 9.43
N PHE C 556 14.15 -19.92 10.25
CA PHE C 556 12.79 -19.57 9.81
C PHE C 556 12.77 -18.27 9.05
N GLY C 557 13.50 -17.27 9.56
CA GLY C 557 13.58 -15.96 8.90
C GLY C 557 14.38 -16.01 7.63
N ALA C 558 15.58 -16.56 7.73
CA ALA C 558 16.46 -16.79 6.60
C ALA C 558 15.79 -17.58 5.46
N PHE C 559 14.96 -18.56 5.82
CA PHE C 559 14.10 -19.23 4.83
C PHE C 559 13.13 -18.24 4.18
N VAL C 560 12.44 -17.47 5.01
CA VAL C 560 11.50 -16.47 4.54
C VAL C 560 12.20 -15.44 3.64
N SER C 561 13.37 -14.96 4.06
CA SER C 561 14.18 -14.03 3.26
C SER C 561 14.46 -14.59 1.85
N ARG C 562 14.69 -15.90 1.74
CA ARG C 562 14.98 -16.56 0.44
C ARG C 562 13.78 -16.63 -0.52
N ALA C 563 12.63 -17.08 -0.03
CA ALA C 563 11.39 -17.08 -0.84
C ALA C 563 10.73 -15.69 -0.91
N SER C 564 11.31 -14.71 -0.20
CA SER C 564 10.89 -13.31 -0.22
C SER C 564 9.45 -13.11 0.25
N ILE C 565 9.08 -13.85 1.29
CA ILE C 565 7.80 -13.68 1.95
C ILE C 565 7.95 -12.43 2.82
N THR C 566 7.09 -11.45 2.56
CA THR C 566 7.08 -10.20 3.32
C THR C 566 5.96 -10.15 4.37
N THR C 567 4.92 -10.98 4.23
CA THR C 567 3.81 -11.09 5.19
C THR C 567 3.30 -12.54 5.39
N VAL C 568 3.40 -13.04 6.64
CA VAL C 568 2.84 -14.34 7.03
C VAL C 568 1.54 -14.09 7.79
N ASP C 569 0.44 -14.05 7.05
CA ASP C 569 -0.84 -13.75 7.64
C ASP C 569 -1.50 -15.00 8.20
N VAL C 570 -1.53 -15.08 9.53
CA VAL C 570 -2.31 -16.07 10.28
C VAL C 570 -3.78 -16.09 9.84
N LEU C 571 -4.28 -14.93 9.40
CA LEU C 571 -5.69 -14.75 9.00
C LEU C 571 -6.06 -15.51 7.71
N THR C 572 -5.19 -15.43 6.70
CA THR C 572 -5.40 -16.12 5.42
C THR C 572 -5.34 -17.64 5.61
N PRO C 573 -6.31 -18.39 5.05
CA PRO C 573 -6.43 -19.83 5.35
C PRO C 573 -5.16 -20.63 5.05
N LYS C 574 -4.49 -20.28 3.95
CA LYS C 574 -3.26 -20.96 3.49
C LYS C 574 -2.26 -21.13 4.64
N VAL C 575 -1.95 -20.04 5.32
CA VAL C 575 -1.03 -20.04 6.45
C VAL C 575 -1.63 -20.72 7.69
N PHE C 576 -2.88 -20.41 8.05
CA PHE C 576 -3.45 -20.91 9.32
C PHE C 576 -3.43 -22.41 9.43
N ILE C 577 -3.88 -23.08 8.39
CA ILE C 577 -3.89 -24.56 8.36
C ILE C 577 -2.46 -25.10 8.34
N GLY C 578 -1.53 -24.36 7.74
CA GLY C 578 -0.10 -24.58 7.96
C GLY C 578 0.19 -24.51 9.45
N LEU C 579 -0.11 -23.36 10.06
CA LEU C 579 0.08 -23.13 11.50
C LEU C 579 -0.51 -24.23 12.36
N ILE C 580 -1.77 -24.58 12.14
CA ILE C 580 -2.45 -25.55 13.00
C ILE C 580 -1.87 -26.97 12.83
N VAL C 581 -1.61 -27.39 11.59
CA VAL C 581 -1.01 -28.72 11.32
C VAL C 581 0.39 -28.75 11.89
N GLY C 582 1.17 -27.73 11.53
CA GLY C 582 2.50 -27.56 12.10
C GLY C 582 2.55 -27.75 13.61
N ALA C 583 1.58 -27.16 14.30
CA ALA C 583 1.48 -27.27 15.75
C ALA C 583 1.23 -28.71 16.22
N MET C 584 0.48 -29.47 15.43
CA MET C 584 0.22 -30.88 15.71
C MET C 584 1.46 -31.77 15.49
N LEU C 585 2.27 -31.44 14.49
CA LEU C 585 3.43 -32.26 14.11
C LEU C 585 4.37 -32.66 15.26
N PRO C 586 4.69 -31.76 16.20
CA PRO C 586 5.49 -32.19 17.36
C PRO C 586 4.81 -33.28 18.18
N TYR C 587 3.49 -33.22 18.29
CA TYR C 587 2.73 -34.26 18.98
C TYR C 587 2.81 -35.61 18.24
N TRP C 588 2.58 -35.60 16.93
CA TRP C 588 2.81 -36.78 16.05
C TRP C 588 4.21 -37.34 16.25
N PHE C 589 5.21 -36.48 16.08
CA PHE C 589 6.60 -36.88 16.23
C PHE C 589 6.89 -37.46 17.61
N SER C 590 6.41 -36.79 18.66
CA SER C 590 6.54 -37.31 20.02
C SER C 590 5.93 -38.71 20.20
N ALA C 591 4.78 -38.94 19.58
CA ALA C 591 4.15 -40.26 19.60
C ALA C 591 5.00 -41.33 18.91
N MET C 592 5.62 -40.95 17.80
CA MET C 592 6.49 -41.87 17.05
C MET C 592 7.69 -42.29 17.88
N THR C 593 8.28 -41.33 18.62
CA THR C 593 9.45 -41.62 19.46
C THR C 593 9.11 -42.28 20.81
N MET C 594 7.93 -41.98 21.36
CA MET C 594 7.49 -42.56 22.65
C MET C 594 7.07 -44.03 22.55
N LYS C 595 6.61 -44.44 21.35
CA LYS C 595 6.33 -45.85 21.05
C LYS C 595 7.61 -46.56 20.69
N SER C 596 8.40 -45.95 19.80
CA SER C 596 9.71 -46.48 19.39
C SER C 596 10.55 -46.94 20.57
N VAL C 597 10.60 -46.10 21.61
CA VAL C 597 11.32 -46.41 22.85
C VAL C 597 10.67 -47.59 23.59
N GLY C 598 9.38 -47.53 23.86
CA GLY C 598 8.68 -48.60 24.59
C GLY C 598 8.75 -49.97 23.91
N SER C 599 8.61 -49.97 22.58
CA SER C 599 8.54 -51.20 21.78
C SER C 599 9.89 -51.68 21.25
N ALA C 600 10.91 -50.82 21.26
CA ALA C 600 12.28 -51.28 21.05
C ALA C 600 12.94 -51.66 22.39
N ALA C 601 12.39 -51.20 23.52
CA ALA C 601 12.82 -51.65 24.87
C ALA C 601 12.28 -53.03 25.26
N LEU C 602 11.12 -53.42 24.72
CA LEU C 602 10.61 -54.80 24.85
C LEU C 602 11.36 -55.78 23.94
N LYS C 603 11.78 -55.31 22.77
CA LYS C 603 12.58 -56.13 21.85
C LYS C 603 14.03 -56.24 22.32
N MET C 604 14.42 -55.39 23.28
CA MET C 604 15.66 -55.54 24.04
C MET C 604 15.56 -56.73 24.99
N VAL C 605 14.50 -56.77 25.80
CA VAL C 605 14.34 -57.87 26.76
C VAL C 605 13.99 -59.22 26.11
N GLU C 606 13.52 -59.22 24.86
CA GLU C 606 13.33 -60.45 24.08
C GLU C 606 14.59 -60.84 23.28
N GLU C 607 15.67 -60.08 23.47
CA GLU C 607 17.05 -60.43 23.10
C GLU C 607 17.92 -60.87 24.32
N VAL C 608 17.70 -60.26 25.50
CA VAL C 608 18.32 -60.73 26.78
C VAL C 608 17.85 -62.15 27.13
N ARG C 609 16.54 -62.38 26.97
CA ARG C 609 15.90 -63.69 27.20
C ARG C 609 16.40 -64.74 26.21
N ARG C 610 16.54 -64.33 24.95
CA ARG C 610 17.16 -65.16 23.92
C ARG C 610 18.66 -65.41 24.20
N GLN C 611 19.39 -64.39 24.68
CA GLN C 611 20.82 -64.55 25.03
C GLN C 611 21.04 -65.60 26.12
N PHE C 612 20.58 -65.30 27.35
CA PHE C 612 20.53 -66.30 28.45
C PHE C 612 20.30 -67.74 27.97
N ASN C 613 19.23 -67.94 27.20
CA ASN C 613 18.76 -69.29 26.79
C ASN C 613 19.37 -69.93 25.55
N THR C 614 19.93 -69.13 24.64
CA THR C 614 20.58 -69.69 23.44
C THR C 614 22.12 -69.55 23.39
N ILE C 615 22.69 -68.68 24.23
CA ILE C 615 24.15 -68.64 24.43
C ILE C 615 24.55 -69.69 25.50
N PRO C 616 25.37 -70.70 25.11
CA PRO C 616 25.78 -71.71 26.10
C PRO C 616 26.68 -71.15 27.20
N GLY C 617 26.52 -71.65 28.42
CA GLY C 617 27.34 -71.23 29.56
C GLY C 617 26.67 -70.17 30.40
N LEU C 618 25.97 -69.23 29.76
CA LEU C 618 25.18 -68.23 30.48
C LEU C 618 23.98 -68.89 31.15
N MET C 619 23.49 -68.26 32.23
CA MET C 619 22.44 -68.74 33.14
C MET C 619 22.92 -69.51 34.40
N GLU C 620 24.16 -70.03 34.41
CA GLU C 620 24.80 -70.59 35.64
C GLU C 620 25.86 -69.67 36.25
N GLY C 621 26.89 -69.36 35.45
CA GLY C 621 28.12 -68.70 35.92
C GLY C 621 29.34 -68.72 35.00
N THR C 622 29.40 -69.68 34.06
CA THR C 622 30.51 -69.85 33.12
C THR C 622 30.62 -68.72 32.10
N ALA C 623 29.94 -68.87 30.95
CA ALA C 623 30.18 -68.03 29.79
C ALA C 623 29.49 -66.69 29.96
N LYS C 624 30.29 -65.61 29.89
CA LYS C 624 29.78 -64.23 29.86
C LYS C 624 29.03 -63.94 28.53
N PRO C 625 28.20 -62.88 28.47
CA PRO C 625 27.30 -62.68 27.31
C PRO C 625 27.95 -62.34 25.95
N ASP C 626 27.10 -62.01 24.99
CA ASP C 626 27.53 -61.53 23.68
C ASP C 626 27.12 -60.06 23.55
N TYR C 627 27.97 -59.15 24.03
CA TYR C 627 27.70 -57.68 24.00
C TYR C 627 27.70 -57.14 22.57
N ALA C 628 28.46 -57.78 21.70
CA ALA C 628 28.55 -57.45 20.26
C ALA C 628 27.21 -57.48 19.53
N THR C 629 26.34 -58.43 19.89
CA THR C 629 25.06 -58.64 19.19
C THR C 629 23.79 -58.30 20.03
N CYS C 630 23.96 -57.85 21.27
CA CYS C 630 22.83 -57.25 22.02
C CYS C 630 22.57 -55.84 21.54
N VAL C 631 23.66 -55.12 21.28
CA VAL C 631 23.62 -53.75 20.79
C VAL C 631 23.35 -53.65 19.28
N LYS C 632 23.81 -54.62 18.47
CA LYS C 632 23.48 -54.65 17.02
C LYS C 632 21.97 -54.76 16.76
N ILE C 633 21.35 -55.80 17.32
CA ILE C 633 19.90 -56.05 17.13
C ILE C 633 19.08 -54.90 17.70
N SER C 634 19.50 -54.38 18.87
CA SER C 634 18.88 -53.20 19.48
C SER C 634 19.06 -51.92 18.65
N THR C 635 20.23 -51.75 18.03
CA THR C 635 20.54 -50.57 17.21
C THR C 635 19.70 -50.50 15.94
N ASP C 636 19.78 -51.55 15.13
CA ASP C 636 18.99 -51.66 13.90
C ASP C 636 17.48 -51.49 14.17
N ALA C 637 17.03 -51.97 15.33
CA ALA C 637 15.67 -51.72 15.81
C ALA C 637 15.45 -50.24 16.08
N SER C 638 16.31 -49.64 16.89
CA SER C 638 16.24 -48.19 17.18
C SER C 638 16.20 -47.35 15.92
N ILE C 639 16.95 -47.80 14.91
CA ILE C 639 17.10 -47.07 13.66
C ILE C 639 16.02 -47.39 12.63
N LYS C 640 15.46 -48.61 12.62
CA LYS C 640 14.25 -48.85 11.81
C LYS C 640 13.02 -48.14 12.43
N GLU C 641 12.99 -48.02 13.75
CA GLU C 641 11.98 -47.23 14.46
C GLU C 641 12.10 -45.72 14.23
N MET C 642 13.32 -45.26 13.98
CA MET C 642 13.60 -43.87 13.59
C MET C 642 13.14 -43.56 12.16
N ILE C 643 13.21 -44.56 11.28
CA ILE C 643 12.88 -44.40 9.85
C ILE C 643 11.53 -43.70 9.50
N PRO C 644 10.47 -43.86 10.33
CA PRO C 644 9.26 -43.01 10.17
C PRO C 644 9.35 -41.56 10.69
N PRO C 645 9.66 -41.33 12.01
CA PRO C 645 9.90 -39.96 12.46
C PRO C 645 11.12 -39.28 11.80
N GLY C 646 11.96 -40.06 11.14
CA GLY C 646 12.93 -39.58 10.18
C GLY C 646 12.25 -38.97 8.97
N ALA C 647 11.63 -39.80 8.13
CA ALA C 647 10.97 -39.31 6.92
C ALA C 647 9.79 -38.34 7.17
N LEU C 648 9.26 -38.30 8.40
CA LEU C 648 8.30 -37.25 8.80
C LEU C 648 8.95 -35.87 8.85
N VAL C 649 10.10 -35.80 9.50
CA VAL C 649 10.90 -34.55 9.60
C VAL C 649 11.45 -34.13 8.23
N MET C 650 11.72 -35.09 7.36
CA MET C 650 12.35 -34.82 6.07
C MET C 650 11.35 -34.51 4.95
N LEU C 651 10.29 -35.32 4.84
CA LEU C 651 9.31 -35.17 3.75
C LEU C 651 8.22 -34.10 4.00
N THR C 652 7.96 -33.79 5.26
CA THR C 652 6.95 -32.77 5.61
C THR C 652 7.15 -31.51 4.75
N PRO C 653 8.34 -30.87 4.81
CA PRO C 653 8.59 -29.71 3.94
C PRO C 653 8.45 -29.96 2.44
N LEU C 654 8.92 -31.10 1.96
CA LEU C 654 8.81 -31.45 0.53
C LEU C 654 7.36 -31.62 0.07
N VAL C 655 6.56 -32.26 0.92
CA VAL C 655 5.12 -32.47 0.68
C VAL C 655 4.39 -31.12 0.68
N VAL C 656 4.52 -30.41 1.80
CA VAL C 656 3.88 -29.12 1.99
C VAL C 656 4.38 -28.14 0.93
N GLY C 657 5.70 -28.09 0.76
CA GLY C 657 6.34 -27.14 -0.14
C GLY C 657 6.01 -27.28 -1.61
N ILE C 658 5.73 -28.51 -2.06
CA ILE C 658 5.38 -28.79 -3.47
C ILE C 658 3.87 -28.74 -3.70
N LEU C 659 3.12 -29.50 -2.90
CA LEU C 659 1.65 -29.53 -3.00
C LEU C 659 1.13 -28.12 -2.75
N PHE C 660 1.38 -27.59 -1.55
CA PHE C 660 0.97 -26.23 -1.18
C PHE C 660 2.16 -25.28 -1.40
N GLY C 661 2.07 -24.04 -0.92
CA GLY C 661 3.13 -23.05 -1.16
C GLY C 661 4.29 -23.03 -0.17
N VAL C 662 5.17 -22.05 -0.38
CA VAL C 662 6.12 -21.56 0.64
C VAL C 662 5.43 -20.68 1.68
N GLU C 663 4.23 -20.21 1.33
CA GLU C 663 3.34 -19.47 2.23
C GLU C 663 2.91 -20.42 3.36
N THR C 664 2.26 -21.52 2.96
CA THR C 664 1.83 -22.62 3.86
C THR C 664 2.98 -23.20 4.70
N LEU C 665 4.11 -23.37 4.04
CA LEU C 665 5.32 -23.90 4.65
C LEU C 665 5.89 -22.92 5.66
N SER C 666 5.70 -21.63 5.42
CA SER C 666 5.99 -20.64 6.44
C SER C 666 5.04 -20.83 7.63
N GLY C 667 3.78 -21.15 7.34
CA GLY C 667 2.78 -21.48 8.37
C GLY C 667 3.09 -22.69 9.23
N VAL C 668 3.48 -23.79 8.58
CA VAL C 668 3.79 -25.03 9.29
C VAL C 668 5.04 -24.94 10.21
N LEU C 669 6.05 -24.18 9.79
CA LEU C 669 7.23 -23.96 10.64
C LEU C 669 6.97 -23.01 11.79
N ALA C 670 5.91 -22.21 11.69
CA ALA C 670 5.48 -21.34 12.80
C ALA C 670 4.79 -22.12 13.90
N GLY C 671 4.01 -23.13 13.51
CA GLY C 671 3.32 -24.00 14.47
C GLY C 671 4.25 -24.97 15.18
N SER C 672 5.12 -25.62 14.41
CA SER C 672 6.11 -26.55 14.93
C SER C 672 7.13 -25.88 15.85
N LEU C 673 7.47 -24.63 15.55
CA LEU C 673 8.30 -23.83 16.45
C LEU C 673 7.58 -23.68 17.78
N VAL C 674 6.46 -22.96 17.78
CA VAL C 674 5.80 -22.55 19.04
C VAL C 674 5.08 -23.65 19.79
N SER C 675 4.61 -24.69 19.09
CA SER C 675 4.00 -25.86 19.76
C SER C 675 5.08 -26.79 20.32
N GLY C 676 6.01 -27.20 19.44
CA GLY C 676 7.10 -28.16 19.77
C GLY C 676 8.13 -27.77 20.83
N VAL C 677 8.36 -26.48 21.03
CA VAL C 677 9.22 -26.00 22.10
C VAL C 677 8.58 -26.26 23.48
N GLN C 678 7.24 -26.23 23.53
CA GLN C 678 6.49 -26.38 24.79
C GLN C 678 6.56 -27.82 25.29
N ILE C 679 6.23 -28.74 24.38
CA ILE C 679 6.25 -30.18 24.64
C ILE C 679 7.63 -30.59 25.19
N ALA C 680 8.69 -30.10 24.55
CA ALA C 680 10.07 -30.54 24.80
C ALA C 680 10.74 -29.97 26.07
N ILE C 681 10.43 -28.74 26.43
CA ILE C 681 10.90 -28.17 27.72
C ILE C 681 10.10 -28.77 28.88
N SER C 682 8.82 -29.08 28.66
CA SER C 682 8.00 -29.72 29.70
C SER C 682 8.29 -31.22 29.85
N ALA C 683 8.56 -31.90 28.73
CA ALA C 683 8.89 -33.32 28.73
C ALA C 683 10.22 -33.59 29.43
N SER C 684 11.29 -33.05 28.87
CA SER C 684 12.66 -33.30 29.36
C SER C 684 12.91 -32.88 30.81
N ASN C 685 12.22 -31.83 31.26
CA ASN C 685 12.36 -31.31 32.62
C ASN C 685 11.45 -31.98 33.64
N THR C 686 10.36 -32.60 33.18
CA THR C 686 9.67 -33.62 33.99
C THR C 686 10.56 -34.86 34.04
N GLY C 687 10.95 -35.37 32.86
CA GLY C 687 11.82 -36.55 32.72
C GLY C 687 13.09 -36.58 33.58
N GLY C 688 13.69 -35.41 33.79
CA GLY C 688 14.83 -35.24 34.69
C GLY C 688 14.48 -34.68 36.05
N ALA C 689 13.21 -34.78 36.45
CA ALA C 689 12.76 -34.43 37.80
C ALA C 689 12.39 -35.68 38.59
N TRP C 690 11.76 -36.66 37.91
CA TRP C 690 11.63 -38.03 38.42
C TRP C 690 12.96 -38.79 38.49
N ASP C 691 13.95 -38.33 37.73
CA ASP C 691 15.32 -38.85 37.82
C ASP C 691 16.06 -38.26 39.04
N ASN C 692 15.64 -37.09 39.50
CA ASN C 692 16.23 -36.40 40.67
C ASN C 692 15.40 -36.42 41.96
N ALA C 693 14.12 -36.77 41.87
CA ALA C 693 13.29 -37.08 43.05
C ALA C 693 13.56 -38.50 43.58
N LYS C 694 13.78 -39.43 42.65
CA LYS C 694 14.22 -40.80 42.95
C LYS C 694 15.67 -40.80 43.50
N LYS C 695 16.56 -40.08 42.82
CA LYS C 695 17.95 -39.88 43.28
C LYS C 695 18.08 -39.17 44.65
N TYR C 696 17.03 -38.46 45.08
CA TYR C 696 16.93 -37.91 46.43
C TYR C 696 16.79 -39.00 47.48
N ILE C 697 15.98 -40.02 47.19
CA ILE C 697 15.77 -41.19 48.06
C ILE C 697 17.02 -42.12 48.08
N GLU C 698 17.44 -42.59 46.90
CA GLU C 698 18.66 -43.44 46.74
C GLU C 698 19.97 -42.87 47.33
N ALA C 699 20.01 -41.58 47.62
CA ALA C 699 21.15 -40.92 48.29
C ALA C 699 20.88 -40.53 49.76
N GLY C 700 19.63 -40.21 50.10
CA GLY C 700 19.16 -40.03 51.49
C GLY C 700 20.05 -39.17 52.39
N ALA C 701 20.25 -37.92 52.00
CA ALA C 701 21.29 -37.08 52.61
C ALA C 701 20.81 -36.11 53.70
N SER C 702 19.58 -35.58 53.57
CA SER C 702 19.00 -34.64 54.55
C SER C 702 17.80 -35.24 55.29
N GLU C 703 17.29 -34.49 56.28
CA GLU C 703 16.07 -34.85 57.07
C GLU C 703 14.94 -35.40 56.19
N HIS C 704 14.65 -34.69 55.10
CA HIS C 704 13.55 -35.01 54.21
C HIS C 704 13.80 -36.26 53.32
N ALA C 705 15.06 -36.51 52.97
CA ALA C 705 15.45 -37.62 52.06
C ALA C 705 15.51 -38.99 52.74
N ARG C 706 15.92 -38.98 54.00
CA ARG C 706 15.80 -40.14 54.89
C ARG C 706 14.35 -40.38 55.29
N SER C 707 13.60 -39.31 55.47
CA SER C 707 12.16 -39.38 55.78
C SER C 707 11.29 -40.04 54.69
N LEU C 708 11.90 -40.42 53.56
CA LEU C 708 11.26 -41.27 52.56
C LEU C 708 12.20 -42.41 52.18
N GLY C 709 13.14 -42.71 53.08
CA GLY C 709 14.47 -43.17 52.68
C GLY C 709 15.03 -44.55 53.01
N PRO C 710 14.16 -45.56 53.23
CA PRO C 710 14.72 -46.91 53.03
C PRO C 710 14.97 -47.17 51.54
N LYS C 711 16.13 -47.74 51.22
CA LYS C 711 16.57 -47.87 49.81
C LYS C 711 15.81 -48.95 49.01
N GLY C 712 14.69 -49.44 49.53
CA GLY C 712 13.68 -50.12 48.72
C GLY C 712 12.28 -49.99 49.32
N SER C 713 11.97 -48.80 49.85
CA SER C 713 10.71 -48.57 50.58
C SER C 713 9.45 -48.51 49.69
N ASP C 714 8.30 -48.42 50.35
CA ASP C 714 6.99 -48.11 49.72
C ASP C 714 7.08 -46.80 48.89
N CYS C 715 7.85 -45.84 49.39
CA CYS C 715 8.16 -44.58 48.69
C CYS C 715 8.94 -44.81 47.39
N HIS C 716 10.12 -45.42 47.52
CA HIS C 716 11.00 -45.66 46.39
C HIS C 716 10.38 -46.53 45.29
N LYS C 717 9.54 -47.50 45.66
CA LYS C 717 8.84 -48.33 44.66
C LYS C 717 8.25 -47.48 43.54
N ALA C 718 7.56 -46.40 43.93
CA ALA C 718 6.93 -45.46 43.01
C ALA C 718 7.94 -44.60 42.25
N ALA C 719 8.99 -44.12 42.94
CA ALA C 719 10.01 -43.27 42.33
C ALA C 719 10.64 -43.93 41.11
N VAL C 720 11.03 -45.20 41.23
CA VAL C 720 11.59 -45.99 40.10
C VAL C 720 10.59 -46.23 38.97
N ILE C 721 9.30 -46.23 39.28
CA ILE C 721 8.25 -46.20 38.25
C ILE C 721 8.31 -44.83 37.55
N GLY C 722 8.37 -43.76 38.33
CA GLY C 722 8.50 -42.38 37.82
C GLY C 722 9.72 -42.13 36.96
N ASP C 723 10.89 -42.44 37.50
CA ASP C 723 12.17 -42.34 36.76
C ASP C 723 12.12 -43.03 35.38
N THR C 724 11.58 -44.25 35.35
CA THR C 724 11.52 -45.06 34.11
C THR C 724 10.42 -44.63 33.10
N ILE C 725 9.51 -43.76 33.55
CA ILE C 725 8.66 -42.92 32.66
C ILE C 725 9.51 -41.75 32.18
N GLY C 726 10.24 -41.16 33.12
CA GLY C 726 11.17 -40.08 32.82
C GLY C 726 12.45 -40.44 32.10
N ASP C 727 12.66 -41.72 31.80
CA ASP C 727 13.77 -42.15 30.93
C ASP C 727 13.49 -41.85 29.45
N PRO C 728 12.30 -42.20 28.91
CA PRO C 728 12.00 -41.78 27.53
C PRO C 728 11.58 -40.31 27.32
N LEU C 729 11.02 -39.65 28.34
CA LEU C 729 10.82 -38.19 28.26
C LEU C 729 12.17 -37.45 28.18
N LYS C 730 12.95 -37.56 29.25
CA LYS C 730 14.26 -36.92 29.44
C LYS C 730 15.17 -37.05 28.23
N ASP C 731 15.33 -38.27 27.73
CA ASP C 731 16.40 -38.61 26.77
C ASP C 731 15.94 -39.35 25.51
N THR C 732 14.65 -39.32 25.18
CA THR C 732 14.21 -39.81 23.86
C THR C 732 13.39 -38.76 23.16
N SER C 733 12.29 -38.33 23.76
CA SER C 733 11.38 -37.43 23.07
C SER C 733 11.86 -36.00 23.24
N GLY C 734 11.92 -35.55 24.50
CA GLY C 734 12.21 -34.15 24.81
C GLY C 734 13.25 -33.50 23.90
N PRO C 735 14.50 -34.00 23.89
CA PRO C 735 15.54 -33.46 23.00
C PRO C 735 15.76 -34.14 21.63
N SER C 736 15.05 -35.21 21.31
CA SER C 736 14.92 -35.61 19.89
C SER C 736 13.87 -34.71 19.24
N LEU C 737 12.99 -34.14 20.06
CA LEU C 737 12.01 -33.17 19.61
C LEU C 737 12.71 -32.02 18.91
N ASN C 738 13.72 -31.44 19.56
CA ASN C 738 14.30 -30.19 19.06
C ASN C 738 14.97 -30.28 17.68
N ILE C 739 15.28 -31.49 17.21
CA ILE C 739 15.72 -31.70 15.82
C ILE C 739 14.56 -31.79 14.80
N LEU C 740 13.32 -31.92 15.27
CA LEU C 740 12.14 -31.67 14.41
C LEU C 740 12.08 -30.20 14.01
N ILE C 741 12.42 -29.32 14.94
CA ILE C 741 12.30 -27.88 14.71
C ILE C 741 13.43 -27.44 13.78
N LYS C 742 14.67 -27.75 14.21
CA LYS C 742 15.91 -27.36 13.53
C LYS C 742 16.01 -27.88 12.10
N LEU C 743 15.72 -29.15 11.88
CA LEU C 743 15.98 -29.80 10.59
C LEU C 743 14.98 -29.33 9.50
N MET C 744 13.70 -29.25 9.84
CA MET C 744 12.66 -28.75 8.91
C MET C 744 12.97 -27.35 8.42
N ALA C 745 13.43 -26.50 9.33
CA ALA C 745 13.89 -25.16 8.97
C ALA C 745 15.04 -25.16 7.96
N VAL C 746 16.23 -25.65 8.31
CA VAL C 746 17.32 -25.78 7.31
C VAL C 746 16.84 -26.46 6.03
N GLU C 747 16.08 -27.55 6.20
CA GLU C 747 15.52 -28.31 5.10
C GLU C 747 14.82 -27.37 4.10
N SER C 748 13.93 -26.53 4.61
CA SER C 748 13.20 -25.55 3.79
C SER C 748 14.10 -24.47 3.16
N LEU C 749 14.97 -23.87 3.98
CA LEU C 749 15.88 -22.79 3.55
C LEU C 749 16.73 -23.26 2.39
N VAL C 750 17.15 -24.51 2.46
CA VAL C 750 17.88 -25.10 1.36
C VAL C 750 16.99 -25.33 0.16
N PHE C 751 15.80 -25.90 0.36
CA PHE C 751 14.88 -26.20 -0.74
C PHE C 751 13.96 -25.05 -1.15
N ALA C 752 14.10 -23.89 -0.53
CA ALA C 752 13.25 -22.72 -0.81
C ALA C 752 13.27 -22.26 -2.28
N PRO C 753 14.45 -22.25 -2.92
CA PRO C 753 14.51 -22.04 -4.38
C PRO C 753 13.65 -23.01 -5.19
N PHE C 754 13.70 -24.30 -4.84
CA PHE C 754 12.93 -25.34 -5.55
C PHE C 754 11.43 -25.11 -5.40
N PHE C 755 10.97 -25.02 -4.15
CA PHE C 755 9.57 -24.74 -3.86
C PHE C 755 9.17 -23.51 -4.63
N ALA C 756 9.87 -22.40 -4.40
CA ALA C 756 9.59 -21.11 -5.05
C ALA C 756 9.51 -21.14 -6.59
N THR C 757 10.29 -22.00 -7.22
CA THR C 757 10.22 -22.19 -8.66
C THR C 757 9.13 -23.18 -9.09
N HIS C 758 8.90 -24.23 -8.30
CA HIS C 758 7.91 -25.30 -8.62
C HIS C 758 6.91 -25.56 -7.49
N GLY C 759 6.42 -24.48 -6.91
CA GLY C 759 5.62 -24.57 -5.69
C GLY C 759 4.16 -24.73 -5.98
N GLY C 760 3.39 -24.82 -4.90
CA GLY C 760 1.92 -24.81 -4.93
C GLY C 760 1.28 -25.61 -6.04
N LEU C 761 1.87 -26.77 -6.36
CA LEU C 761 1.41 -27.57 -7.49
C LEU C 761 -0.05 -28.05 -7.28
N LEU C 762 -0.47 -28.17 -6.02
CA LEU C 762 -1.90 -28.34 -5.70
C LEU C 762 -2.73 -27.10 -6.03
N PHE C 763 -2.22 -25.90 -5.77
CA PHE C 763 -2.90 -24.63 -6.15
C PHE C 763 -2.91 -24.38 -7.65
N LYS C 764 -1.79 -24.70 -8.31
CA LYS C 764 -1.67 -24.58 -9.77
C LYS C 764 -2.72 -25.44 -10.49
N ILE C 765 -2.94 -26.67 -10.03
CA ILE C 765 -3.88 -27.60 -10.70
C ILE C 765 -5.39 -27.23 -10.59
N PHE C 766 -5.74 -26.19 -9.84
CA PHE C 766 -7.13 -25.64 -9.81
C PHE C 766 -7.15 -24.16 -10.22
N ALA D 4 -35.77 -13.86 1.14
CA ALA D 4 -35.90 -15.35 1.29
C ALA D 4 -37.33 -15.76 1.66
N ILE D 5 -37.55 -17.07 1.79
CA ILE D 5 -38.91 -17.65 1.90
C ILE D 5 -39.57 -17.40 3.27
N LEU D 6 -39.11 -18.10 4.30
CA LEU D 6 -39.66 -18.00 5.67
C LEU D 6 -39.56 -16.58 6.25
N PRO D 7 -40.70 -15.87 6.40
CA PRO D 7 -40.65 -14.43 6.67
C PRO D 7 -40.31 -14.06 8.10
N ASP D 8 -40.05 -12.77 8.30
CA ASP D 8 -39.50 -12.24 9.56
C ASP D 8 -40.33 -12.59 10.82
N LEU D 9 -41.64 -12.76 10.65
CA LEU D 9 -42.48 -13.33 11.71
C LEU D 9 -42.25 -14.83 11.82
N GLY D 10 -42.29 -15.50 10.68
CA GLY D 10 -42.13 -16.96 10.57
C GLY D 10 -41.06 -17.52 11.49
N THR D 11 -39.89 -16.88 11.49
CA THR D 11 -38.82 -17.23 12.44
C THR D 11 -39.26 -16.96 13.88
N GLU D 12 -39.78 -15.76 14.13
CA GLU D 12 -40.10 -15.33 15.49
C GLU D 12 -41.29 -16.05 16.16
N ILE D 13 -42.14 -16.69 15.37
CA ILE D 13 -43.09 -17.66 15.94
C ILE D 13 -42.41 -19.03 16.18
N LEU D 14 -41.56 -19.46 15.24
CA LEU D 14 -40.91 -20.80 15.25
C LEU D 14 -39.91 -21.02 16.38
N ILE D 15 -38.88 -20.18 16.46
CA ILE D 15 -37.80 -20.32 17.44
C ILE D 15 -38.30 -20.70 18.84
N PRO D 16 -39.19 -19.88 19.44
CA PRO D 16 -39.61 -20.15 20.81
C PRO D 16 -40.48 -21.41 20.96
N VAL D 17 -41.19 -21.79 19.89
CA VAL D 17 -41.91 -23.07 19.87
C VAL D 17 -40.95 -24.20 20.09
N CYS D 18 -39.97 -24.33 19.19
CA CYS D 18 -38.99 -25.45 19.21
C CYS D 18 -38.18 -25.60 20.51
N ALA D 19 -38.10 -24.53 21.31
CA ALA D 19 -37.55 -24.58 22.69
C ALA D 19 -38.64 -24.89 23.74
N VAL D 20 -39.86 -24.43 23.50
CA VAL D 20 -41.04 -24.90 24.23
C VAL D 20 -41.28 -26.41 23.98
N ILE D 21 -41.07 -26.88 22.75
CA ILE D 21 -41.06 -28.31 22.42
C ILE D 21 -39.98 -29.01 23.24
N GLY D 22 -38.81 -28.37 23.31
CA GLY D 22 -37.69 -28.81 24.15
C GLY D 22 -37.98 -28.95 25.63
N ILE D 23 -38.39 -27.86 26.29
CA ILE D 23 -38.82 -27.94 27.70
C ILE D 23 -40.04 -28.88 27.85
N ALA D 24 -40.88 -29.01 26.81
CA ALA D 24 -42.00 -29.96 26.80
C ALA D 24 -41.51 -31.40 26.82
N PHE D 25 -40.69 -31.73 25.84
CA PHE D 25 -40.06 -33.04 25.72
C PHE D 25 -39.14 -33.37 26.90
N ALA D 26 -38.55 -32.35 27.53
CA ALA D 26 -37.71 -32.55 28.71
C ALA D 26 -38.55 -32.94 29.93
N LEU D 27 -39.64 -32.22 30.15
CA LEU D 27 -40.54 -32.52 31.28
C LEU D 27 -41.41 -33.76 31.01
N PHE D 28 -41.61 -34.11 29.74
CA PHE D 28 -42.29 -35.38 29.37
C PHE D 28 -41.49 -36.56 29.93
N GLN D 29 -40.19 -36.60 29.65
CA GLN D 29 -39.28 -37.67 30.09
C GLN D 29 -39.07 -37.74 31.61
N TRP D 30 -39.19 -36.62 32.31
CA TRP D 30 -39.04 -36.60 33.77
C TRP D 30 -40.32 -37.10 34.47
N LEU D 31 -41.44 -37.08 33.74
CA LEU D 31 -42.67 -37.79 34.17
C LEU D 31 -42.46 -39.32 34.09
N LEU D 32 -41.82 -39.76 33.01
CA LEU D 32 -41.62 -41.19 32.74
C LEU D 32 -40.51 -41.85 33.57
N VAL D 33 -39.71 -41.05 34.27
CA VAL D 33 -38.77 -41.53 35.29
C VAL D 33 -39.35 -41.33 36.71
N SER D 34 -40.35 -40.47 36.82
CA SER D 34 -41.24 -40.48 37.99
C SER D 34 -42.14 -41.72 38.06
N LYS D 35 -42.39 -42.37 36.92
CA LYS D 35 -43.18 -43.64 36.86
C LYS D 35 -42.60 -44.72 37.76
N VAL D 36 -41.31 -45.03 37.57
CA VAL D 36 -40.61 -45.96 38.47
C VAL D 36 -40.52 -45.35 39.88
N LYS D 37 -41.06 -46.08 40.86
CA LYS D 37 -41.04 -45.67 42.28
C LYS D 37 -39.71 -46.04 42.96
N LEU D 38 -39.60 -45.75 44.25
CA LEU D 38 -38.42 -46.12 45.03
C LEU D 38 -38.82 -46.59 46.43
N ILE D 65 -40.21 -54.91 43.83
CA ILE D 65 -39.84 -55.04 45.24
C ILE D 65 -39.55 -56.53 45.55
N ASN D 66 -38.35 -56.98 45.15
CA ASN D 66 -37.87 -58.36 45.42
C ASN D 66 -36.40 -58.38 45.92
N ASP D 67 -36.15 -58.13 47.21
CA ASP D 67 -37.16 -57.91 48.26
C ASP D 67 -36.90 -56.56 48.98
N HIS D 68 -37.03 -56.52 50.31
CA HIS D 68 -36.83 -55.31 51.11
C HIS D 68 -35.51 -55.35 51.89
N ASN D 69 -35.21 -54.23 52.54
CA ASN D 69 -33.88 -53.91 53.09
C ASN D 69 -32.75 -54.11 52.05
N VAL D 70 -33.08 -53.81 50.80
CA VAL D 70 -32.14 -53.67 49.67
C VAL D 70 -32.53 -52.42 48.86
N VAL D 71 -33.83 -52.28 48.56
CA VAL D 71 -34.39 -51.08 47.93
C VAL D 71 -34.36 -49.85 48.87
N VAL D 72 -34.55 -50.04 50.18
CA VAL D 72 -34.34 -48.93 51.15
C VAL D 72 -32.86 -48.66 51.39
N LYS D 73 -31.98 -49.59 51.00
CA LYS D 73 -30.53 -49.33 50.95
C LYS D 73 -30.13 -48.56 49.67
N CYS D 74 -30.84 -48.81 48.57
CA CYS D 74 -30.75 -47.95 47.37
C CYS D 74 -31.03 -46.47 47.71
N ALA D 75 -32.08 -46.25 48.51
CA ALA D 75 -32.49 -44.90 48.91
C ALA D 75 -31.49 -44.21 49.85
N GLU D 76 -30.97 -44.95 50.83
CA GLU D 76 -30.06 -44.38 51.83
C GLU D 76 -28.69 -43.95 51.25
N ILE D 77 -28.34 -44.49 50.08
CA ILE D 77 -27.20 -44.03 49.26
C ILE D 77 -27.59 -42.85 48.34
N GLN D 78 -28.80 -42.91 47.80
CA GLN D 78 -29.40 -41.82 47.02
C GLN D 78 -29.58 -40.54 47.87
N ASN D 79 -30.08 -40.69 49.10
CA ASN D 79 -30.19 -39.56 50.06
C ASN D 79 -28.86 -39.05 50.65
N ALA D 80 -27.75 -39.71 50.30
CA ALA D 80 -26.41 -39.16 50.46
C ALA D 80 -25.95 -38.41 49.19
N ILE D 81 -26.31 -38.96 48.03
CA ILE D 81 -25.93 -38.40 46.71
C ILE D 81 -26.38 -36.93 46.58
N SER D 82 -27.63 -36.65 46.92
CA SER D 82 -28.19 -35.31 46.83
C SER D 82 -27.74 -34.41 47.98
N GLU D 83 -27.37 -34.98 49.13
CA GLU D 83 -26.77 -34.20 50.21
C GLU D 83 -25.41 -33.70 49.76
N GLY D 84 -24.60 -34.61 49.21
CA GLY D 84 -23.31 -34.25 48.61
C GLY D 84 -23.43 -33.31 47.42
N ALA D 85 -24.36 -33.59 46.51
CA ALA D 85 -24.58 -32.75 45.33
C ALA D 85 -25.17 -31.38 45.69
N THR D 86 -26.30 -31.38 46.40
CA THR D 86 -26.96 -30.13 46.81
C THR D 86 -26.16 -29.36 47.88
N SER D 87 -25.20 -30.00 48.53
CA SER D 87 -24.24 -29.27 49.37
C SER D 87 -22.97 -28.83 48.62
N PHE D 88 -22.69 -29.46 47.47
CA PHE D 88 -21.62 -28.99 46.56
C PHE D 88 -22.01 -27.69 45.88
N LEU D 89 -23.12 -27.73 45.14
CA LEU D 89 -23.58 -26.61 44.33
C LEU D 89 -23.64 -25.34 45.18
N PHE D 90 -24.12 -25.48 46.41
CA PHE D 90 -24.33 -24.34 47.29
C PHE D 90 -23.01 -23.69 47.76
N THR D 91 -21.93 -24.45 47.86
CA THR D 91 -20.58 -23.85 48.13
C THR D 91 -19.86 -23.26 46.90
N GLU D 92 -20.30 -23.64 45.70
CA GLU D 92 -19.87 -22.96 44.47
C GLU D 92 -20.58 -21.59 44.37
N TYR D 93 -21.90 -21.59 44.60
CA TYR D 93 -22.74 -20.36 44.55
C TYR D 93 -22.25 -19.29 45.54
N LYS D 94 -21.66 -19.76 46.63
CA LYS D 94 -20.82 -18.95 47.52
C LYS D 94 -19.93 -18.04 46.67
N TYR D 95 -19.09 -18.64 45.84
CA TYR D 95 -18.14 -17.89 45.03
C TYR D 95 -18.81 -17.16 43.88
N VAL D 96 -19.47 -17.94 43.02
CA VAL D 96 -20.06 -17.45 41.77
C VAL D 96 -20.82 -16.15 41.96
N GLY D 97 -21.58 -16.05 43.04
CA GLY D 97 -22.32 -14.84 43.39
C GLY D 97 -21.39 -13.64 43.39
N ILE D 98 -20.38 -13.68 44.24
CA ILE D 98 -19.42 -12.57 44.38
C ILE D 98 -18.74 -12.27 43.03
N PHE D 99 -18.45 -13.33 42.26
CA PHE D 99 -17.85 -13.19 40.93
C PHE D 99 -18.79 -12.54 39.90
N MET D 100 -19.95 -13.16 39.64
CA MET D 100 -20.95 -12.64 38.68
C MET D 100 -21.18 -11.11 38.80
N VAL D 101 -21.40 -10.59 40.02
CA VAL D 101 -21.58 -9.15 40.21
C VAL D 101 -20.27 -8.36 40.08
N ALA D 102 -19.16 -8.95 40.52
CA ALA D 102 -17.84 -8.27 40.50
C ALA D 102 -17.40 -7.96 39.08
N PHE D 103 -17.36 -9.01 38.26
CA PHE D 103 -17.04 -8.89 36.84
C PHE D 103 -18.10 -8.12 36.06
N ALA D 104 -19.35 -8.15 36.52
CA ALA D 104 -20.47 -7.35 35.92
C ALA D 104 -20.31 -5.83 36.07
N ILE D 105 -19.80 -5.39 37.21
CA ILE D 105 -19.35 -4.01 37.39
C ILE D 105 -18.14 -3.80 36.46
N LEU D 106 -17.18 -4.73 36.52
CA LEU D 106 -15.93 -4.67 35.77
C LEU D 106 -16.11 -4.55 34.25
N ILE D 107 -17.01 -5.37 33.71
CA ILE D 107 -17.36 -5.34 32.27
C ILE D 107 -18.01 -4.02 31.86
N PHE D 108 -18.83 -3.44 32.74
CA PHE D 108 -19.49 -2.16 32.48
C PHE D 108 -18.48 -1.00 32.54
N LEU D 109 -17.62 -1.03 33.56
CA LEU D 109 -16.50 -0.09 33.68
C LEU D 109 -15.58 -0.03 32.44
N PHE D 110 -15.30 -1.20 31.85
CA PHE D 110 -14.40 -1.27 30.69
C PHE D 110 -15.04 -0.96 29.35
N LEU D 111 -16.31 -1.31 29.19
CA LEU D 111 -17.07 -0.93 27.99
C LEU D 111 -17.59 0.51 28.06
N GLY D 112 -17.88 0.99 29.27
CA GLY D 112 -18.21 2.40 29.48
C GLY D 112 -17.11 3.29 28.95
N SER D 113 -15.88 2.99 29.39
CA SER D 113 -14.66 3.80 29.17
C SER D 113 -14.18 4.13 27.73
N VAL D 114 -14.70 3.43 26.73
CA VAL D 114 -14.37 3.70 25.31
C VAL D 114 -14.96 5.03 24.81
N GLU D 115 -16.17 5.33 25.28
CA GLU D 115 -16.92 6.56 24.96
C GLU D 115 -16.78 7.65 26.03
N GLY D 116 -15.82 7.50 26.95
CA GLY D 116 -15.75 8.34 28.15
C GLY D 116 -17.11 8.49 28.81
N PHE D 117 -17.77 7.35 29.05
CA PHE D 117 -19.13 7.27 29.62
C PHE D 117 -20.09 8.35 29.09
N SER D 118 -20.30 8.38 27.77
CA SER D 118 -21.13 9.42 27.14
C SER D 118 -22.43 8.91 26.50
N THR D 119 -23.49 9.71 26.63
CA THR D 119 -24.80 9.48 26.01
C THR D 119 -24.90 9.97 24.55
N SER D 120 -23.85 10.63 24.06
CA SER D 120 -23.82 11.12 22.68
C SER D 120 -23.77 9.94 21.69
N PRO D 121 -24.79 9.80 20.81
CA PRO D 121 -24.86 8.68 19.87
C PRO D 121 -23.65 8.46 18.92
N GLN D 122 -22.88 7.40 19.19
CA GLN D 122 -21.81 6.90 18.33
C GLN D 122 -22.25 6.91 16.85
N ALA D 123 -21.43 7.50 15.98
CA ALA D 123 -21.49 7.22 14.56
C ALA D 123 -20.90 5.82 14.36
N CYS D 124 -21.69 4.89 13.80
CA CYS D 124 -21.43 3.44 13.86
C CYS D 124 -20.04 2.99 13.40
N SER D 125 -19.40 2.14 14.19
CA SER D 125 -18.05 1.63 13.89
C SER D 125 -17.96 0.73 12.63
N TYR D 126 -19.11 0.31 12.09
CA TYR D 126 -19.16 -0.56 10.91
C TYR D 126 -19.48 0.18 9.60
N ASP D 127 -20.33 1.20 9.69
CA ASP D 127 -20.67 2.13 8.59
C ASP D 127 -20.69 3.57 9.16
N LYS D 128 -19.67 4.35 8.81
CA LYS D 128 -19.46 5.72 9.34
C LYS D 128 -20.61 6.71 9.06
N THR D 129 -21.44 6.34 8.09
CA THR D 129 -22.45 7.21 7.52
C THR D 129 -23.66 7.34 8.47
N LYS D 130 -24.21 6.21 8.90
CA LYS D 130 -25.39 6.20 9.78
C LYS D 130 -24.95 6.42 11.23
N THR D 131 -25.88 6.83 12.09
CA THR D 131 -25.63 6.98 13.53
C THR D 131 -26.28 5.87 14.33
N CYS D 132 -25.56 5.41 15.36
CA CYS D 132 -25.90 4.24 16.16
C CYS D 132 -26.02 4.64 17.64
N LYS D 133 -26.04 3.67 18.56
CA LYS D 133 -26.16 3.93 20.01
C LYS D 133 -24.80 4.11 20.68
N PRO D 134 -24.77 4.79 21.85
CA PRO D 134 -23.49 5.08 22.49
C PRO D 134 -22.95 3.88 23.24
N ALA D 135 -21.63 3.85 23.42
CA ALA D 135 -20.98 2.70 24.06
C ALA D 135 -21.50 2.43 25.47
N LEU D 136 -21.85 3.49 26.21
CA LEU D 136 -22.39 3.32 27.57
C LEU D 136 -23.59 2.39 27.56
N ALA D 137 -24.54 2.62 26.66
CA ALA D 137 -25.73 1.76 26.57
C ALA D 137 -25.42 0.29 26.14
N THR D 138 -24.32 0.09 25.43
CA THR D 138 -23.79 -1.26 25.18
C THR D 138 -23.11 -1.83 26.42
N ALA D 139 -22.37 -1.00 27.15
CA ALA D 139 -21.73 -1.44 28.42
C ALA D 139 -22.75 -1.99 29.42
N ILE D 140 -23.93 -1.39 29.43
CA ILE D 140 -25.06 -1.87 30.24
C ILE D 140 -25.61 -3.17 29.65
N PHE D 141 -25.95 -3.14 28.37
CA PHE D 141 -26.59 -4.29 27.71
C PHE D 141 -25.66 -5.52 27.53
N SER D 142 -24.35 -5.34 27.57
CA SER D 142 -23.40 -6.47 27.75
C SER D 142 -23.53 -7.04 29.15
N THR D 143 -23.49 -6.14 30.13
CA THR D 143 -23.70 -6.49 31.55
C THR D 143 -25.05 -7.18 31.82
N VAL D 144 -26.07 -6.87 31.03
CA VAL D 144 -27.31 -7.62 31.10
C VAL D 144 -27.09 -9.03 30.57
N SER D 145 -26.75 -9.14 29.30
CA SER D 145 -26.64 -10.43 28.60
C SER D 145 -25.62 -11.37 29.26
N PHE D 146 -24.57 -10.81 29.83
CA PHE D 146 -23.64 -11.54 30.68
C PHE D 146 -24.30 -12.17 31.93
N LEU D 147 -25.15 -11.39 32.59
CA LEU D 147 -25.93 -11.89 33.74
C LEU D 147 -27.03 -12.85 33.34
N LEU D 148 -27.45 -12.83 32.08
CA LEU D 148 -28.34 -13.85 31.58
C LEU D 148 -27.56 -15.14 31.28
N GLY D 149 -26.49 -15.00 30.50
CA GLY D 149 -25.68 -16.14 30.07
C GLY D 149 -25.13 -16.98 31.20
N GLY D 150 -24.64 -16.32 32.25
CA GLY D 150 -24.14 -17.00 33.44
C GLY D 150 -25.23 -17.71 34.24
N VAL D 151 -26.35 -17.04 34.43
CA VAL D 151 -27.51 -17.60 35.12
C VAL D 151 -28.15 -18.80 34.38
N THR D 152 -28.16 -18.75 33.05
CA THR D 152 -28.63 -19.87 32.23
C THR D 152 -27.68 -21.07 32.28
N SER D 153 -26.37 -20.81 32.38
CA SER D 153 -25.38 -21.88 32.57
C SER D 153 -25.60 -22.52 33.95
N LEU D 154 -25.72 -21.66 34.97
CA LEU D 154 -26.10 -22.09 36.34
C LEU D 154 -27.31 -23.00 36.38
N VAL D 155 -28.46 -22.46 35.97
CA VAL D 155 -29.74 -23.14 36.07
C VAL D 155 -29.69 -24.48 35.31
N SER D 156 -29.30 -24.46 34.03
CA SER D 156 -29.24 -25.70 33.21
C SER D 156 -28.29 -26.78 33.77
N GLY D 157 -27.33 -26.37 34.58
CA GLY D 157 -26.52 -27.26 35.40
C GLY D 157 -27.27 -27.74 36.65
N PHE D 158 -27.84 -26.79 37.40
CA PHE D 158 -28.60 -27.07 38.64
C PHE D 158 -29.68 -28.11 38.38
N LEU D 159 -30.53 -27.87 37.38
CA LEU D 159 -31.55 -28.87 36.96
C LEU D 159 -30.94 -30.15 36.37
N GLY D 160 -29.78 -30.04 35.75
CA GLY D 160 -28.98 -31.22 35.38
C GLY D 160 -28.70 -32.14 36.55
N MET D 161 -28.33 -31.55 37.70
CA MET D 161 -28.13 -32.32 38.93
C MET D 161 -29.43 -32.93 39.42
N LYS D 162 -30.51 -32.15 39.47
CA LYS D 162 -31.79 -32.64 40.04
C LYS D 162 -32.41 -33.83 39.29
N ILE D 163 -31.98 -34.11 38.06
CA ILE D 163 -32.33 -35.39 37.43
C ILE D 163 -31.24 -36.46 37.57
N ALA D 164 -29.98 -36.07 37.47
CA ALA D 164 -28.89 -37.01 37.62
C ALA D 164 -28.85 -37.62 39.03
N THR D 165 -29.10 -36.79 40.04
CA THR D 165 -29.10 -37.22 41.45
C THR D 165 -30.35 -38.03 41.82
N TYR D 166 -31.47 -37.70 41.20
CA TYR D 166 -32.73 -38.42 41.38
C TYR D 166 -32.67 -39.76 40.64
N ALA D 167 -32.40 -39.72 39.34
CA ALA D 167 -32.55 -40.88 38.44
C ALA D 167 -31.35 -41.85 38.34
N ASN D 168 -30.39 -41.69 39.24
CA ASN D 168 -29.35 -42.72 39.43
C ASN D 168 -29.90 -44.04 40.01
N ALA D 169 -30.57 -43.95 41.16
CA ALA D 169 -31.15 -45.13 41.81
C ALA D 169 -32.32 -45.67 40.99
N ARG D 170 -33.19 -44.78 40.52
CA ARG D 170 -34.32 -45.17 39.65
C ARG D 170 -33.92 -45.74 38.28
N THR D 171 -32.63 -45.67 37.95
CA THR D 171 -32.03 -46.48 36.90
C THR D 171 -31.51 -47.82 37.44
N THR D 172 -30.87 -47.78 38.61
CA THR D 172 -30.36 -48.99 39.30
C THR D 172 -31.46 -49.99 39.64
N LEU D 173 -32.53 -49.48 40.25
CA LEU D 173 -33.74 -50.25 40.57
C LEU D 173 -34.27 -50.95 39.33
N GLU D 174 -34.49 -50.20 38.26
CA GLU D 174 -34.99 -50.76 36.99
C GLU D 174 -34.07 -51.78 36.28
N ALA D 175 -32.85 -52.00 36.80
CA ALA D 175 -32.04 -53.18 36.45
C ALA D 175 -32.62 -54.51 36.97
N ARG D 176 -33.42 -54.45 38.04
CA ARG D 176 -34.18 -55.61 38.54
C ARG D 176 -34.95 -56.26 37.39
N LYS D 177 -35.59 -55.44 36.55
CA LYS D 177 -36.43 -55.90 35.45
C LYS D 177 -35.65 -56.34 34.19
N GLY D 178 -34.47 -55.79 33.95
CA GLY D 178 -33.68 -56.13 32.75
C GLY D 178 -32.62 -55.12 32.35
N VAL D 179 -32.23 -55.17 31.07
CA VAL D 179 -31.27 -54.22 30.45
C VAL D 179 -31.99 -53.23 29.56
N GLY D 180 -32.90 -53.73 28.72
CA GLY D 180 -33.80 -52.88 27.94
C GLY D 180 -34.54 -51.89 28.81
N LYS D 181 -35.24 -52.39 29.82
CA LYS D 181 -36.02 -51.57 30.75
C LYS D 181 -35.21 -50.90 31.89
N ALA D 182 -33.89 -51.10 31.94
CA ALA D 182 -32.97 -50.35 32.84
C ALA D 182 -32.19 -49.24 32.11
N PHE D 183 -31.75 -49.55 30.89
CA PHE D 183 -31.11 -48.60 29.97
C PHE D 183 -32.05 -47.46 29.61
N ILE D 184 -33.22 -47.81 29.08
CA ILE D 184 -34.20 -46.82 28.61
C ILE D 184 -34.51 -45.83 29.74
N THR D 185 -34.88 -46.37 30.91
CA THR D 185 -35.15 -45.54 32.11
C THR D 185 -33.82 -45.11 32.77
N ALA D 186 -33.09 -44.29 32.03
CA ALA D 186 -31.72 -43.82 32.34
C ALA D 186 -31.22 -42.86 31.26
N PHE D 187 -31.38 -43.28 30.00
CA PHE D 187 -31.18 -42.44 28.82
C PHE D 187 -32.27 -41.36 28.67
N ARG D 188 -33.46 -41.63 29.19
CA ARG D 188 -34.50 -40.60 29.40
C ARG D 188 -34.03 -39.52 30.39
N SER D 189 -33.51 -39.96 31.53
CA SER D 189 -32.92 -39.07 32.54
C SER D 189 -31.80 -38.20 31.98
N GLY D 190 -31.05 -38.75 31.02
CA GLY D 190 -30.02 -38.01 30.29
C GLY D 190 -30.57 -37.07 29.24
N ALA D 191 -31.61 -37.51 28.53
CA ALA D 191 -32.29 -36.65 27.55
C ALA D 191 -33.03 -35.46 28.19
N VAL D 192 -33.34 -35.55 29.48
CA VAL D 192 -33.89 -34.39 30.22
C VAL D 192 -32.83 -33.31 30.28
N MET D 193 -31.71 -33.63 30.92
CA MET D 193 -30.61 -32.68 31.16
C MET D 193 -30.09 -32.03 29.87
N GLY D 194 -30.07 -32.80 28.78
CA GLY D 194 -29.75 -32.29 27.45
C GLY D 194 -30.80 -31.35 26.89
N PHE D 195 -32.05 -31.81 26.79
CA PHE D 195 -33.15 -31.01 26.21
C PHE D 195 -33.55 -29.77 27.03
N LEU D 196 -33.28 -29.78 28.33
CA LEU D 196 -33.39 -28.57 29.15
C LEU D 196 -32.34 -27.55 28.73
N LEU D 197 -31.09 -28.01 28.66
CA LEU D 197 -29.96 -27.12 28.43
C LEU D 197 -29.98 -26.50 27.05
N ALA D 198 -30.16 -27.33 26.01
CA ALA D 198 -30.23 -26.83 24.63
C ALA D 198 -31.36 -25.83 24.43
N ALA D 199 -32.54 -26.15 24.93
CA ALA D 199 -33.70 -25.25 24.83
C ALA D 199 -33.55 -23.98 25.66
N ASN D 200 -33.11 -24.08 26.90
CA ASN D 200 -32.90 -22.89 27.76
C ASN D 200 -31.82 -21.94 27.25
N GLY D 201 -30.78 -22.51 26.63
CA GLY D 201 -29.79 -21.72 25.90
C GLY D 201 -30.47 -20.92 24.82
N LEU D 202 -31.15 -21.64 23.92
CA LEU D 202 -31.85 -21.04 22.79
C LEU D 202 -32.89 -20.00 23.20
N LEU D 203 -33.68 -20.33 24.22
CA LEU D 203 -34.85 -19.53 24.60
C LEU D 203 -34.43 -18.24 25.30
N VAL D 204 -33.51 -18.34 26.26
CA VAL D 204 -33.05 -17.13 26.93
C VAL D 204 -32.32 -16.20 25.94
N LEU D 205 -31.56 -16.77 25.01
CA LEU D 205 -30.88 -15.99 23.96
C LEU D 205 -31.87 -15.27 23.05
N TYR D 206 -32.87 -16.02 22.60
CA TYR D 206 -33.94 -15.47 21.76
C TYR D 206 -34.78 -14.38 22.45
N ILE D 207 -35.13 -14.58 23.72
CA ILE D 207 -35.80 -13.55 24.52
C ILE D 207 -34.93 -12.28 24.49
N ALA D 208 -33.67 -12.45 24.86
CA ALA D 208 -32.70 -11.35 25.02
C ALA D 208 -32.50 -10.53 23.76
N ILE D 209 -32.41 -11.20 22.61
CA ILE D 209 -32.29 -10.53 21.32
C ILE D 209 -33.48 -9.60 21.06
N ASN D 210 -34.69 -10.10 21.32
CA ASN D 210 -35.91 -9.32 21.10
C ASN D 210 -36.09 -8.18 22.07
N LEU D 211 -35.92 -8.46 23.35
CA LEU D 211 -35.94 -7.43 24.39
C LEU D 211 -34.83 -6.38 24.20
N PHE D 212 -33.67 -6.80 23.69
CA PHE D 212 -32.56 -5.87 23.36
C PHE D 212 -32.86 -5.03 22.12
N LYS D 213 -33.45 -5.66 21.10
CA LYS D 213 -33.87 -4.97 19.88
C LYS D 213 -34.69 -3.70 20.14
N ILE D 214 -35.60 -3.77 21.10
CA ILE D 214 -36.47 -2.63 21.44
C ILE D 214 -35.68 -1.33 21.68
N TYR D 215 -34.56 -1.41 22.38
CA TYR D 215 -33.70 -0.24 22.52
C TYR D 215 -32.90 0.00 21.24
N TYR D 216 -32.30 -1.06 20.70
CA TYR D 216 -31.32 -0.97 19.58
C TYR D 216 -31.88 -0.79 18.14
N GLY D 217 -33.15 -1.11 17.93
CA GLY D 217 -33.89 -0.80 16.69
C GLY D 217 -33.32 -1.29 15.37
N ASP D 218 -32.39 -0.49 14.82
CA ASP D 218 -31.74 -0.73 13.51
C ASP D 218 -30.23 -0.96 13.60
N ASP D 219 -29.59 -0.37 14.61
CA ASP D 219 -28.21 -0.65 14.95
C ASP D 219 -28.09 -2.13 15.35
N TRP D 220 -27.95 -3.00 14.36
CA TRP D 220 -27.88 -4.44 14.61
C TRP D 220 -26.45 -4.91 14.90
N GLY D 221 -25.45 -4.16 14.46
CA GLY D 221 -24.07 -4.39 14.88
C GLY D 221 -23.86 -4.14 16.37
N GLY D 222 -24.54 -3.10 16.87
CA GLY D 222 -24.50 -2.72 18.28
C GLY D 222 -25.33 -3.59 19.19
N LEU D 223 -26.50 -4.02 18.71
CA LEU D 223 -27.34 -5.02 19.39
C LEU D 223 -26.57 -6.31 19.62
N PHE D 224 -26.11 -6.92 18.52
CA PHE D 224 -25.47 -8.23 18.61
C PHE D 224 -24.01 -8.20 19.15
N GLU D 225 -23.45 -7.01 19.30
CA GLU D 225 -22.26 -6.79 20.14
C GLU D 225 -22.61 -6.88 21.64
N ALA D 226 -23.76 -6.31 22.03
CA ALA D 226 -24.25 -6.36 23.42
C ALA D 226 -24.87 -7.70 23.81
N ILE D 227 -25.33 -8.45 22.81
CA ILE D 227 -25.82 -9.80 23.02
C ILE D 227 -24.65 -10.75 23.23
N THR D 228 -23.51 -10.39 22.64
CA THR D 228 -22.28 -11.20 22.72
C THR D 228 -21.79 -11.49 24.17
N GLY D 229 -22.22 -10.67 25.14
CA GLY D 229 -21.95 -10.92 26.58
C GLY D 229 -22.57 -12.19 27.16
N TYR D 230 -23.65 -12.65 26.54
CA TYR D 230 -24.28 -13.95 26.82
C TYR D 230 -23.32 -15.11 26.53
N GLY D 231 -22.64 -15.04 25.39
CA GLY D 231 -21.55 -15.97 25.09
C GLY D 231 -20.47 -15.96 26.17
N LEU D 232 -20.07 -14.77 26.62
CA LEU D 232 -19.07 -14.61 27.71
C LEU D 232 -19.57 -15.09 29.07
N GLY D 233 -20.83 -14.78 29.38
CA GLY D 233 -21.45 -15.22 30.65
C GLY D 233 -21.45 -16.73 30.85
N GLY D 234 -21.86 -17.45 29.81
CA GLY D 234 -21.88 -18.91 29.81
C GLY D 234 -20.51 -19.55 29.97
N SER D 235 -19.51 -18.99 29.28
CA SER D 235 -18.13 -19.48 29.38
C SER D 235 -17.53 -19.17 30.75
N SER D 236 -17.93 -18.05 31.37
CA SER D 236 -17.51 -17.72 32.74
C SER D 236 -17.93 -18.76 33.80
N MET D 237 -19.16 -19.25 33.70
CA MET D 237 -19.66 -20.25 34.66
C MET D 237 -19.07 -21.61 34.39
N ALA D 238 -18.69 -21.85 33.14
CA ALA D 238 -17.95 -23.05 32.77
C ALA D 238 -16.49 -23.05 33.30
N LEU D 239 -15.89 -21.87 33.50
CA LEU D 239 -14.61 -21.78 34.25
C LEU D 239 -14.79 -22.34 35.65
N PHE D 240 -15.94 -22.08 36.26
CA PHE D 240 -16.33 -22.81 37.47
C PHE D 240 -16.62 -24.30 37.16
N GLY D 241 -17.87 -24.63 36.83
CA GLY D 241 -18.33 -26.03 36.65
C GLY D 241 -17.40 -27.09 36.07
N ARG D 242 -16.46 -26.69 35.19
CA ARG D 242 -15.47 -27.60 34.58
C ARG D 242 -13.98 -27.23 34.77
N VAL D 243 -13.66 -26.27 35.62
CA VAL D 243 -12.26 -26.13 36.07
C VAL D 243 -12.22 -26.38 37.56
N GLY D 244 -12.93 -25.56 38.33
CA GLY D 244 -13.12 -25.80 39.77
C GLY D 244 -13.96 -27.04 40.05
N GLY D 245 -15.04 -27.19 39.27
CA GLY D 245 -15.91 -28.36 39.34
C GLY D 245 -15.30 -29.58 38.67
N GLY D 246 -14.38 -29.35 37.74
CA GLY D 246 -13.53 -30.41 37.18
C GLY D 246 -12.48 -30.92 38.16
N ILE D 247 -12.09 -30.10 39.12
CA ILE D 247 -11.13 -30.46 40.18
C ILE D 247 -11.77 -31.35 41.25
N TYR D 248 -12.85 -30.86 41.86
CA TYR D 248 -13.60 -31.66 42.86
C TYR D 248 -13.88 -33.07 42.36
N THR D 249 -14.42 -33.19 41.15
CA THR D 249 -14.86 -34.49 40.61
C THR D 249 -13.76 -35.57 40.59
N LYS D 250 -12.53 -35.19 40.26
CA LYS D 250 -11.40 -36.13 40.28
C LYS D 250 -10.37 -35.84 41.37
N ALA D 251 -10.77 -35.05 42.37
CA ALA D 251 -10.16 -35.07 43.71
C ALA D 251 -10.88 -36.07 44.64
N ALA D 252 -12.17 -36.29 44.36
CA ALA D 252 -12.96 -37.35 45.02
C ALA D 252 -12.68 -38.73 44.43
N ASP D 253 -12.43 -38.85 43.13
CA ASP D 253 -11.93 -40.11 42.55
C ASP D 253 -10.50 -40.39 43.04
N VAL D 254 -9.75 -39.32 43.28
CA VAL D 254 -8.39 -39.39 43.85
C VAL D 254 -8.42 -39.20 45.39
N GLY D 255 -9.60 -39.38 45.97
CA GLY D 255 -9.76 -39.74 47.38
C GLY D 255 -9.97 -41.25 47.58
N ALA D 256 -9.49 -42.07 46.64
CA ALA D 256 -9.43 -43.54 46.80
C ALA D 256 -8.09 -43.83 47.49
N ASP D 257 -8.06 -43.56 48.81
CA ASP D 257 -6.82 -43.47 49.61
C ASP D 257 -6.86 -44.30 50.91
N LEU D 258 -5.73 -44.94 51.23
CA LEU D 258 -5.54 -45.78 52.44
C LEU D 258 -4.01 -45.95 52.61
N VAL D 259 -3.39 -45.70 53.78
CA VAL D 259 -3.98 -45.32 55.09
C VAL D 259 -4.75 -43.97 55.04
N GLY D 260 -5.76 -43.73 55.90
CA GLY D 260 -6.34 -44.67 56.87
C GLY D 260 -7.85 -44.53 57.01
N ASP D 269 -13.77 -48.50 49.59
CA ASP D 269 -15.04 -48.74 48.87
C ASP D 269 -16.33 -48.84 49.74
N ASP D 270 -16.18 -48.86 51.07
CA ASP D 270 -17.33 -48.82 51.98
C ASP D 270 -17.91 -47.40 51.91
N PRO D 271 -19.25 -47.24 51.73
CA PRO D 271 -19.85 -45.89 51.91
C PRO D 271 -19.68 -45.26 53.31
N ARG D 272 -19.28 -46.09 54.28
CA ARG D 272 -18.81 -45.63 55.59
C ARG D 272 -17.56 -44.75 55.48
N ASN D 273 -16.83 -44.93 54.38
CA ASN D 273 -15.84 -43.96 53.90
C ASN D 273 -16.53 -42.88 53.05
N PRO D 274 -16.48 -41.60 53.51
CA PRO D 274 -17.23 -40.52 52.84
C PRO D 274 -16.71 -40.07 51.47
N ALA D 275 -15.50 -40.49 51.09
CA ALA D 275 -14.94 -40.16 49.76
C ALA D 275 -15.62 -40.93 48.63
N VAL D 276 -15.95 -42.20 48.85
CA VAL D 276 -16.50 -43.07 47.79
C VAL D 276 -17.88 -42.61 47.30
N ILE D 277 -18.69 -42.08 48.20
CA ILE D 277 -19.97 -41.49 47.83
C ILE D 277 -19.74 -40.14 47.12
N ALA D 278 -18.74 -39.39 47.58
CA ALA D 278 -18.38 -38.09 46.98
C ALA D 278 -17.73 -38.15 45.58
N ASP D 279 -17.29 -39.33 45.14
CA ASP D 279 -16.95 -39.56 43.71
C ASP D 279 -18.21 -39.70 42.87
N ASN D 280 -19.27 -40.30 43.41
CA ASN D 280 -20.55 -40.45 42.68
C ASN D 280 -21.38 -39.15 42.66
N VAL D 281 -21.13 -38.26 43.62
CA VAL D 281 -21.48 -36.82 43.51
C VAL D 281 -20.67 -36.27 42.34
N GLY D 282 -19.35 -36.46 42.45
CA GLY D 282 -18.36 -36.17 41.41
C GLY D 282 -18.79 -36.59 40.02
N ASP D 283 -18.71 -37.90 39.74
CA ASP D 283 -19.18 -38.51 38.47
C ASP D 283 -20.25 -37.67 37.77
N ASN D 284 -21.26 -37.24 38.51
CA ASN D 284 -22.28 -36.29 38.00
C ASN D 284 -21.78 -34.86 37.73
N VAL D 285 -21.30 -34.15 38.75
CA VAL D 285 -20.77 -32.79 38.53
C VAL D 285 -19.73 -32.77 37.40
N GLY D 286 -18.84 -33.77 37.40
CA GLY D 286 -17.84 -33.94 36.36
C GLY D 286 -18.38 -33.91 34.94
N ASP D 287 -19.47 -34.64 34.72
CA ASP D 287 -20.06 -34.84 33.37
C ASP D 287 -21.50 -34.33 33.17
N ILE D 288 -22.00 -33.54 34.12
CA ILE D 288 -23.32 -32.88 33.98
C ILE D 288 -23.09 -31.36 34.03
N ALA D 289 -22.91 -30.79 35.21
CA ALA D 289 -22.62 -29.34 35.34
C ALA D 289 -21.22 -28.98 34.82
N GLY D 290 -20.35 -29.99 34.68
CA GLY D 290 -19.12 -29.86 33.90
C GLY D 290 -19.45 -29.76 32.42
N MET D 291 -19.54 -30.90 31.76
CA MET D 291 -19.81 -31.00 30.33
C MET D 291 -20.89 -30.05 29.81
N GLY D 292 -21.97 -29.91 30.59
CA GLY D 292 -23.08 -29.03 30.26
C GLY D 292 -22.70 -27.57 30.11
N SER D 293 -21.91 -27.05 31.06
CA SER D 293 -21.42 -25.67 30.99
C SER D 293 -20.46 -25.44 29.83
N ASP D 294 -19.63 -26.45 29.54
CA ASP D 294 -18.68 -26.42 28.42
C ASP D 294 -19.42 -26.38 27.10
N LEU D 295 -20.43 -27.22 26.96
CA LEU D 295 -21.29 -27.20 25.77
C LEU D 295 -22.24 -26.02 25.74
N PHE D 296 -22.58 -25.48 26.92
CA PHE D 296 -23.35 -24.23 26.98
C PHE D 296 -22.50 -23.11 26.44
N GLY D 297 -21.26 -23.05 26.95
CA GLY D 297 -20.20 -22.20 26.42
C GLY D 297 -20.08 -22.36 24.91
N SER D 298 -19.50 -23.48 24.48
CA SER D 298 -19.34 -23.79 23.05
C SER D 298 -20.54 -23.34 22.21
N TYR D 299 -21.76 -23.58 22.70
CA TYR D 299 -23.01 -23.16 22.01
C TYR D 299 -23.21 -21.65 21.98
N ALA D 300 -23.36 -21.05 23.16
CA ALA D 300 -23.73 -19.63 23.29
C ALA D 300 -22.72 -18.74 22.60
N GLU D 301 -21.44 -19.04 22.78
CA GLU D 301 -20.39 -18.25 22.15
C GLU D 301 -20.24 -18.50 20.64
N SER D 302 -20.44 -19.73 20.17
CA SER D 302 -20.46 -20.01 18.71
C SER D 302 -21.63 -19.36 18.01
N SER D 303 -22.78 -19.34 18.68
CA SER D 303 -23.95 -18.63 18.20
C SER D 303 -23.65 -17.14 18.05
N CYS D 304 -23.14 -16.55 19.12
CA CYS D 304 -22.85 -15.13 19.15
C CYS D 304 -21.81 -14.76 18.09
N ALA D 305 -20.71 -15.51 18.03
CA ALA D 305 -19.65 -15.29 17.04
C ALA D 305 -20.19 -15.29 15.60
N ALA D 306 -21.21 -16.11 15.35
CA ALA D 306 -21.95 -16.08 14.08
C ALA D 306 -22.77 -14.80 13.94
N LEU D 307 -23.46 -14.43 15.03
CA LEU D 307 -24.27 -13.22 15.05
C LEU D 307 -23.47 -11.92 14.96
N VAL D 308 -22.28 -11.84 15.58
CA VAL D 308 -21.46 -10.61 15.46
C VAL D 308 -20.91 -10.39 14.05
N VAL D 309 -20.48 -11.47 13.41
CA VAL D 309 -19.99 -11.38 12.02
C VAL D 309 -21.13 -11.16 11.05
N ALA D 310 -22.21 -11.90 11.24
CA ALA D 310 -23.42 -11.69 10.45
C ALA D 310 -23.99 -10.27 10.53
N SER D 311 -23.84 -9.62 11.68
CA SER D 311 -24.40 -8.27 11.89
C SER D 311 -23.87 -7.25 10.90
N ILE D 312 -22.59 -7.34 10.59
CA ILE D 312 -21.97 -6.39 9.67
C ILE D 312 -21.85 -6.96 8.25
N SER D 313 -22.78 -7.85 7.90
CA SER D 313 -22.86 -8.48 6.58
C SER D 313 -24.17 -8.10 5.89
N SER D 314 -24.35 -8.62 4.69
CA SER D 314 -25.64 -8.60 3.97
C SER D 314 -26.84 -8.52 4.91
N PHE D 315 -27.00 -9.56 5.73
CA PHE D 315 -28.19 -9.72 6.57
C PHE D 315 -28.33 -8.54 7.53
N GLY D 316 -27.35 -8.37 8.41
CA GLY D 316 -27.42 -7.35 9.46
C GLY D 316 -27.40 -5.92 8.97
N LEU D 317 -26.88 -5.70 7.77
CA LEU D 317 -26.90 -4.37 7.15
C LEU D 317 -28.28 -4.05 6.54
N ASN D 318 -28.85 -4.99 5.79
CA ASN D 318 -30.21 -4.82 5.21
C ASN D 318 -31.39 -5.03 6.19
N HIS D 319 -31.10 -5.54 7.39
CA HIS D 319 -32.09 -5.90 8.42
C HIS D 319 -33.01 -7.07 8.01
N GLU D 320 -32.40 -8.20 7.64
CA GLU D 320 -33.13 -9.37 7.12
C GLU D 320 -33.25 -10.47 8.19
N LEU D 321 -33.92 -10.17 9.29
CA LEU D 321 -34.13 -11.07 10.47
C LEU D 321 -33.84 -12.56 10.34
N THR D 322 -34.55 -13.23 9.43
CA THR D 322 -34.55 -14.71 9.35
C THR D 322 -33.32 -15.26 8.62
N ALA D 323 -32.16 -14.65 8.88
CA ALA D 323 -30.95 -14.82 8.09
C ALA D 323 -29.78 -14.36 8.93
N MET D 324 -29.96 -13.21 9.57
CA MET D 324 -29.28 -12.91 10.81
C MET D 324 -29.48 -14.04 11.82
N LEU D 325 -30.74 -14.35 12.09
CA LEU D 325 -31.15 -15.41 13.02
C LEU D 325 -31.01 -16.86 12.52
N TYR D 326 -30.44 -17.04 11.33
CA TYR D 326 -30.06 -18.37 10.80
C TYR D 326 -29.40 -19.37 11.79
N PRO D 327 -28.34 -18.98 12.53
CA PRO D 327 -27.79 -19.86 13.59
C PRO D 327 -28.82 -20.45 14.56
N LEU D 328 -29.78 -19.64 14.98
CA LEU D 328 -30.81 -20.14 15.89
C LEU D 328 -31.80 -21.05 15.17
N ILE D 329 -32.21 -20.69 13.93
CA ILE D 329 -33.11 -21.56 13.12
C ILE D 329 -32.55 -22.97 13.07
N VAL D 330 -31.22 -23.04 12.92
CA VAL D 330 -30.50 -24.31 12.94
C VAL D 330 -30.73 -24.99 14.29
N SER D 331 -30.19 -24.41 15.35
CA SER D 331 -30.24 -25.06 16.67
C SER D 331 -31.66 -25.38 17.18
N SER D 332 -32.65 -24.58 16.76
CA SER D 332 -34.05 -24.83 17.09
C SER D 332 -34.61 -26.04 16.31
N VAL D 333 -34.31 -26.11 15.01
CA VAL D 333 -34.56 -27.33 14.20
C VAL D 333 -33.75 -28.52 14.71
N GLY D 334 -32.52 -28.25 15.17
CA GLY D 334 -31.67 -29.22 15.87
C GLY D 334 -32.40 -29.98 16.94
N ILE D 335 -33.26 -29.27 17.68
CA ILE D 335 -34.14 -29.89 18.67
C ILE D 335 -35.24 -30.77 18.01
N LEU D 336 -35.91 -30.28 16.98
CA LEU D 336 -36.97 -31.06 16.28
C LEU D 336 -36.48 -32.26 15.43
N VAL D 337 -35.17 -32.37 15.22
CA VAL D 337 -34.54 -33.59 14.68
C VAL D 337 -34.06 -34.48 15.82
N CYS D 338 -33.40 -33.89 16.82
CA CYS D 338 -32.91 -34.65 17.98
C CYS D 338 -34.04 -35.28 18.81
N LEU D 339 -35.18 -34.61 18.89
CA LEU D 339 -36.39 -35.19 19.49
C LEU D 339 -36.79 -36.42 18.69
N LEU D 340 -36.93 -36.23 17.38
CA LEU D 340 -37.26 -37.31 16.42
C LEU D 340 -36.34 -38.54 16.53
N THR D 341 -35.06 -38.30 16.81
CA THR D 341 -34.05 -39.36 16.95
C THR D 341 -33.70 -39.69 18.41
N THR D 342 -34.38 -39.04 19.36
CA THR D 342 -34.55 -39.57 20.72
C THR D 342 -35.70 -40.59 20.70
N LEU D 343 -36.66 -40.41 19.79
CA LEU D 343 -37.78 -41.36 19.59
C LEU D 343 -37.41 -42.66 18.88
N PHE D 344 -36.18 -42.80 18.38
CA PHE D 344 -35.67 -44.13 17.97
C PHE D 344 -35.33 -44.96 19.23
N ALA D 345 -34.12 -44.80 19.79
CA ALA D 345 -33.62 -45.68 20.86
C ALA D 345 -34.24 -45.47 22.26
N THR D 346 -35.37 -44.79 22.34
CA THR D 346 -36.21 -44.79 23.53
C THR D 346 -37.57 -45.50 23.33
N ASP D 347 -38.13 -45.42 22.13
CA ASP D 347 -39.55 -45.78 21.90
C ASP D 347 -39.85 -46.62 20.64
N PHE D 348 -39.35 -46.20 19.46
CA PHE D 348 -39.46 -47.02 18.23
C PHE D 348 -38.70 -48.34 18.44
N PHE D 349 -37.41 -48.24 18.75
CA PHE D 349 -36.52 -49.39 19.00
C PHE D 349 -36.28 -49.52 20.52
N GLU D 350 -36.05 -50.74 20.99
CA GLU D 350 -35.86 -51.01 22.43
C GLU D 350 -34.83 -52.15 22.63
N ILE D 351 -34.32 -52.30 23.85
CA ILE D 351 -33.14 -53.14 24.13
C ILE D 351 -33.58 -54.30 25.02
N ALA D 353 -30.43 -57.43 24.87
CA ALA D 353 -29.10 -57.94 25.26
C ALA D 353 -28.30 -56.88 26.03
N VAL D 354 -27.02 -57.15 26.28
CA VAL D 354 -26.02 -56.11 26.63
C VAL D 354 -25.01 -55.86 25.48
N LYS D 355 -25.14 -56.56 24.36
CA LYS D 355 -24.36 -56.29 23.15
C LYS D 355 -25.00 -55.22 22.26
N GLU D 356 -26.32 -55.04 22.41
CA GLU D 356 -27.07 -53.96 21.77
C GLU D 356 -26.84 -52.58 22.42
N ILE D 357 -26.31 -52.57 23.65
CA ILE D 357 -26.25 -51.36 24.48
C ILE D 357 -25.44 -50.24 23.81
N GLU D 358 -24.21 -50.54 23.41
CA GLU D 358 -23.28 -49.51 22.92
C GLU D 358 -23.59 -49.02 21.50
N PRO D 359 -24.03 -49.92 20.58
CA PRO D 359 -24.47 -49.48 19.25
C PRO D 359 -25.69 -48.55 19.20
N ALA D 360 -26.58 -48.67 20.20
CA ALA D 360 -27.75 -47.78 20.35
C ALA D 360 -27.32 -46.34 20.49
N LEU D 361 -26.36 -46.12 21.40
CA LEU D 361 -25.69 -44.82 21.56
C LEU D 361 -25.09 -44.31 20.24
N LYS D 362 -24.36 -45.17 19.54
CA LYS D 362 -23.75 -44.83 18.24
C LYS D 362 -24.72 -44.80 17.06
N LYS D 363 -25.92 -45.34 17.21
CA LYS D 363 -26.99 -45.08 16.25
C LYS D 363 -27.45 -43.62 16.46
N GLN D 364 -27.95 -43.33 17.68
CA GLN D 364 -28.42 -41.98 18.06
C GLN D 364 -27.69 -40.90 17.29
N LEU D 365 -26.37 -40.92 17.44
CA LEU D 365 -25.46 -39.94 16.84
C LEU D 365 -25.60 -39.89 15.33
N VAL D 366 -25.44 -41.04 14.71
CA VAL D 366 -25.34 -41.12 13.26
C VAL D 366 -26.71 -40.90 12.60
N ILE D 367 -27.80 -41.21 13.31
CA ILE D 367 -29.14 -40.96 12.78
C ILE D 367 -29.35 -39.44 12.78
N SER D 368 -29.25 -38.85 13.98
CA SER D 368 -29.43 -37.41 14.18
C SER D 368 -28.57 -36.58 13.23
N THR D 369 -27.34 -37.04 13.01
CA THR D 369 -26.43 -36.45 12.02
C THR D 369 -27.04 -36.47 10.62
N VAL D 370 -27.44 -37.65 10.17
CA VAL D 370 -27.92 -37.82 8.80
C VAL D 370 -29.30 -37.16 8.62
N LEU D 371 -30.10 -37.16 9.67
CA LEU D 371 -31.33 -36.34 9.70
C LEU D 371 -31.00 -34.85 9.58
N MET D 372 -30.16 -34.36 10.48
CA MET D 372 -29.84 -32.92 10.57
C MET D 372 -29.28 -32.38 9.28
N THR D 373 -28.63 -33.24 8.50
CA THR D 373 -28.22 -32.87 7.14
C THR D 373 -29.42 -32.46 6.28
N ILE D 374 -30.52 -33.22 6.39
CA ILE D 374 -31.78 -32.89 5.70
C ILE D 374 -32.43 -31.65 6.32
N GLY D 375 -32.46 -31.59 7.65
CA GLY D 375 -33.04 -30.45 8.37
C GLY D 375 -32.35 -29.15 8.03
N VAL D 376 -31.02 -29.16 8.13
CA VAL D 376 -30.20 -28.00 7.82
C VAL D 376 -30.06 -27.75 6.32
N ALA D 377 -30.42 -28.74 5.50
CA ALA D 377 -30.66 -28.50 4.07
C ALA D 377 -31.91 -27.67 3.89
N VAL D 378 -32.97 -28.02 4.63
CA VAL D 378 -34.25 -27.31 4.53
C VAL D 378 -34.17 -25.90 5.13
N VAL D 379 -33.61 -25.77 6.33
CA VAL D 379 -33.46 -24.45 6.96
C VAL D 379 -32.78 -23.50 5.97
N SER D 380 -31.60 -23.92 5.51
CA SER D 380 -30.80 -23.16 4.52
C SER D 380 -31.62 -22.68 3.33
N PHE D 381 -32.47 -23.56 2.82
CA PHE D 381 -33.29 -23.28 1.65
C PHE D 381 -34.33 -22.19 1.93
N VAL D 382 -35.20 -22.44 2.92
CA VAL D 382 -36.32 -21.53 3.18
C VAL D 382 -35.96 -20.23 3.92
N ALA D 383 -34.75 -20.12 4.45
CA ALA D 383 -34.37 -18.98 5.29
C ALA D 383 -33.19 -18.13 4.78
N LEU D 384 -32.66 -18.43 3.60
CA LEU D 384 -31.52 -17.68 3.06
C LEU D 384 -31.78 -17.29 1.62
N PRO D 385 -31.60 -15.99 1.29
CA PRO D 385 -31.77 -15.61 -0.11
C PRO D 385 -30.60 -16.12 -0.95
N THR D 386 -30.91 -16.55 -2.17
CA THR D 386 -29.93 -17.06 -3.16
C THR D 386 -28.50 -16.65 -2.87
N SER D 387 -28.26 -15.35 -2.83
CA SER D 387 -26.92 -14.79 -2.81
C SER D 387 -26.84 -13.65 -1.81
N PHE D 388 -25.64 -13.42 -1.28
CA PHE D 388 -25.39 -12.37 -0.29
C PHE D 388 -23.89 -12.11 -0.08
N THR D 389 -23.61 -11.03 0.62
CA THR D 389 -22.27 -10.71 1.07
C THR D 389 -22.03 -11.01 2.55
N ILE D 390 -20.78 -11.26 2.89
CA ILE D 390 -20.34 -11.59 4.26
C ILE D 390 -19.03 -10.86 4.58
N PHE D 391 -18.98 -10.27 5.76
CA PHE D 391 -17.86 -9.43 6.16
C PHE D 391 -16.61 -10.27 6.36
N ASN D 392 -15.49 -9.79 5.82
CA ASN D 392 -14.18 -10.17 6.34
C ASN D 392 -13.13 -9.11 6.04
N PHE D 393 -12.81 -8.34 7.07
CA PHE D 393 -11.69 -7.42 7.07
C PHE D 393 -11.92 -6.40 5.94
N GLY D 394 -13.03 -5.66 6.05
CA GLY D 394 -13.41 -4.58 5.10
C GLY D 394 -14.26 -5.03 3.92
N VAL D 395 -13.74 -6.01 3.20
CA VAL D 395 -14.41 -6.63 2.04
C VAL D 395 -15.82 -7.13 2.42
N GLN D 396 -16.76 -6.92 1.53
CA GLN D 396 -18.05 -7.62 1.58
C GLN D 396 -18.08 -8.74 0.54
N LYS D 397 -17.92 -9.98 1.01
CA LYS D 397 -17.69 -11.16 0.16
C LYS D 397 -18.96 -11.80 -0.38
N ASP D 398 -19.08 -11.90 -1.71
CA ASP D 398 -20.16 -12.65 -2.34
C ASP D 398 -20.13 -14.09 -1.81
N VAL D 399 -21.29 -14.56 -1.33
CA VAL D 399 -21.46 -15.92 -0.79
C VAL D 399 -22.87 -16.41 -1.16
N LYS D 400 -22.95 -17.58 -1.81
CA LYS D 400 -24.25 -18.16 -2.18
C LYS D 400 -24.80 -19.10 -1.09
N SER D 401 -26.12 -19.06 -0.92
CA SER D 401 -26.84 -19.71 0.19
C SER D 401 -26.64 -21.20 0.32
N TRP D 402 -26.41 -21.87 -0.81
CA TRP D 402 -26.04 -23.29 -0.80
C TRP D 402 -24.71 -23.55 -0.08
N GLN D 403 -23.81 -22.57 -0.08
CA GLN D 403 -22.52 -22.69 0.60
C GLN D 403 -22.65 -22.69 2.13
N LEU D 404 -23.59 -21.91 2.66
CA LEU D 404 -23.89 -21.94 4.11
C LEU D 404 -24.44 -23.26 4.60
N PHE D 405 -25.07 -24.01 3.70
CA PHE D 405 -25.40 -25.41 3.95
C PHE D 405 -24.14 -26.31 4.02
N LEU D 406 -23.19 -26.12 3.12
CA LEU D 406 -21.88 -26.81 3.20
C LEU D 406 -21.13 -26.47 4.49
N CYS D 407 -21.14 -25.20 4.88
CA CYS D 407 -20.41 -24.73 6.08
C CYS D 407 -20.97 -25.23 7.42
N VAL D 408 -22.28 -25.38 7.53
CA VAL D 408 -22.88 -26.11 8.69
C VAL D 408 -22.64 -27.63 8.57
N ALA D 409 -22.77 -28.17 7.35
CA ALA D 409 -22.68 -29.62 7.10
C ALA D 409 -21.26 -30.14 7.30
N VAL D 410 -20.28 -29.42 6.80
CA VAL D 410 -18.88 -29.79 7.04
C VAL D 410 -18.63 -29.93 8.54
N GLY D 411 -19.13 -28.96 9.32
CA GLY D 411 -19.03 -28.98 10.78
C GLY D 411 -19.94 -30.01 11.46
N LEU D 412 -21.03 -30.33 10.78
CA LEU D 412 -21.86 -31.48 11.15
C LEU D 412 -21.02 -32.76 11.01
N TRP D 413 -20.51 -32.99 9.80
CA TRP D 413 -19.78 -34.22 9.50
C TRP D 413 -18.39 -34.28 10.12
N ALA D 414 -17.85 -33.14 10.52
CA ALA D 414 -16.55 -33.10 11.19
C ALA D 414 -16.60 -33.68 12.60
N GLY D 415 -17.66 -33.32 13.33
CA GLY D 415 -17.88 -33.81 14.69
C GLY D 415 -18.18 -35.30 14.75
N LEU D 416 -18.80 -35.81 13.69
CA LEU D 416 -19.08 -37.24 13.55
C LEU D 416 -17.74 -37.93 13.43
N ILE D 417 -16.99 -37.59 12.40
CA ILE D 417 -15.70 -38.22 12.15
C ILE D 417 -14.80 -38.10 13.36
N ILE D 418 -14.83 -36.95 14.03
CA ILE D 418 -14.01 -36.77 15.23
C ILE D 418 -14.51 -37.72 16.33
N GLY D 419 -15.82 -37.90 16.45
CA GLY D 419 -16.41 -38.83 17.43
C GLY D 419 -16.07 -40.30 17.20
N PHE D 420 -16.07 -40.71 15.93
CA PHE D 420 -15.75 -42.08 15.51
C PHE D 420 -14.22 -42.34 15.42
N VAL D 421 -13.42 -41.28 15.52
CA VAL D 421 -11.97 -41.42 15.75
C VAL D 421 -11.69 -41.45 17.24
N THR D 422 -12.42 -40.68 18.04
CA THR D 422 -12.17 -40.65 19.50
C THR D 422 -12.53 -41.99 20.13
N GLU D 423 -13.56 -42.67 19.61
CA GLU D 423 -13.82 -44.05 20.02
C GLU D 423 -12.55 -44.86 19.81
N TYR D 424 -12.11 -44.94 18.56
CA TYR D 424 -10.94 -45.73 18.15
C TYR D 424 -9.82 -45.77 19.20
N TYR D 425 -9.40 -44.61 19.67
CA TYR D 425 -8.28 -44.49 20.58
C TYR D 425 -8.69 -44.59 22.03
N THR D 426 -9.99 -44.53 22.32
CA THR D 426 -10.51 -44.67 23.69
C THR D 426 -11.75 -45.57 23.74
N SER D 427 -11.52 -46.85 23.48
CA SER D 427 -12.54 -47.89 23.50
C SER D 427 -11.81 -49.23 23.53
N ASN D 428 -11.94 -49.96 24.63
CA ASN D 428 -11.30 -51.29 24.73
C ASN D 428 -11.76 -52.24 23.61
N ALA D 429 -13.01 -52.05 23.18
CA ALA D 429 -13.52 -52.59 21.92
C ALA D 429 -12.47 -52.48 20.81
N TYR D 430 -11.95 -51.28 20.61
CA TYR D 430 -10.98 -51.05 19.54
C TYR D 430 -9.54 -51.32 19.94
N SER D 431 -8.72 -51.55 18.90
CA SER D 431 -7.39 -52.15 18.98
C SER D 431 -6.34 -51.44 19.85
N PRO D 432 -6.07 -50.14 19.61
CA PRO D 432 -4.98 -49.50 20.35
C PRO D 432 -5.10 -49.46 21.89
N VAL D 433 -6.32 -49.46 22.43
CA VAL D 433 -6.49 -49.57 23.90
C VAL D 433 -6.22 -51.00 24.38
N GLN D 434 -6.54 -52.01 23.55
CA GLN D 434 -6.15 -53.40 23.84
C GLN D 434 -4.63 -53.55 23.96
N ASP D 435 -3.90 -52.74 23.20
CA ASP D 435 -2.44 -52.73 23.24
C ASP D 435 -1.88 -52.00 24.47
N VAL D 436 -2.63 -51.04 25.01
CA VAL D 436 -2.31 -50.43 26.31
C VAL D 436 -2.62 -51.42 27.44
N ALA D 437 -3.54 -52.35 27.20
CA ALA D 437 -3.75 -53.49 28.12
C ALA D 437 -2.50 -54.40 28.17
N ASP D 438 -2.01 -54.85 27.01
CA ASP D 438 -0.80 -55.69 26.93
C ASP D 438 0.44 -55.06 27.61
N SER D 439 0.49 -53.73 27.66
CA SER D 439 1.57 -52.99 28.33
C SER D 439 1.68 -53.24 29.83
N CYS D 440 0.57 -53.06 30.55
CA CYS D 440 0.58 -53.19 32.01
C CYS D 440 0.97 -54.59 32.51
N ARG D 441 0.70 -55.60 31.68
CA ARG D 441 1.19 -56.98 31.89
C ARG D 441 2.72 -57.10 31.84
N THR D 442 3.37 -56.19 31.11
CA THR D 442 4.83 -56.02 31.21
C THR D 442 5.09 -55.16 32.47
N GLY D 443 5.96 -54.15 32.37
CA GLY D 443 6.26 -53.30 33.53
C GLY D 443 5.07 -52.51 34.02
N ALA D 444 5.21 -51.95 35.22
CA ALA D 444 4.23 -51.00 35.76
C ALA D 444 4.38 -49.67 35.03
N ALA D 445 5.61 -49.16 35.00
CA ALA D 445 5.93 -47.93 34.29
C ALA D 445 5.81 -48.00 32.76
N THR D 446 5.57 -49.18 32.20
CA THR D 446 5.53 -49.38 30.76
C THR D 446 4.14 -49.24 30.13
N ASN D 447 3.11 -49.16 30.98
CA ASN D 447 1.72 -48.87 30.57
C ASN D 447 1.50 -47.38 30.35
N VAL D 448 1.93 -46.59 31.32
CA VAL D 448 1.85 -45.13 31.27
C VAL D 448 2.63 -44.53 30.07
N ILE D 449 3.70 -45.21 29.66
CA ILE D 449 4.48 -44.80 28.48
C ILE D 449 3.71 -45.04 27.18
N PHE D 450 3.30 -46.29 26.95
CA PHE D 450 2.50 -46.62 25.75
C PHE D 450 1.18 -45.85 25.64
N GLY D 451 0.62 -45.42 26.78
CA GLY D 451 -0.61 -44.61 26.81
C GLY D 451 -0.48 -43.19 26.29
N LEU D 452 0.62 -42.54 26.68
CA LEU D 452 0.96 -41.22 26.15
C LEU D 452 1.22 -41.34 24.67
N ALA D 453 1.97 -42.38 24.29
CA ALA D 453 2.18 -42.76 22.89
C ALA D 453 0.89 -43.04 22.10
N LEU D 454 -0.15 -43.51 22.79
CA LEU D 454 -1.48 -43.60 22.22
C LEU D 454 -2.12 -42.20 22.07
N GLY D 455 -2.19 -41.45 23.17
CA GLY D 455 -2.77 -40.09 23.18
C GLY D 455 -2.08 -39.08 22.27
N TYR D 456 -0.77 -39.23 22.10
CA TYR D 456 0.02 -38.36 21.24
C TYR D 456 -0.23 -38.66 19.76
N LYS D 457 -0.30 -39.93 19.38
CA LYS D 457 -0.70 -40.30 18.02
C LYS D 457 -2.16 -39.89 17.81
N SER D 458 -2.97 -40.03 18.86
CA SER D 458 -4.39 -39.68 18.86
C SER D 458 -4.75 -38.44 18.03
N VAL D 459 -4.01 -37.35 18.25
CA VAL D 459 -4.39 -36.01 17.80
C VAL D 459 -4.43 -35.76 16.27
N ILE D 460 -3.83 -36.66 15.49
CA ILE D 460 -3.56 -36.39 14.08
C ILE D 460 -4.82 -36.18 13.22
N ILE D 461 -5.71 -37.16 13.22
CA ILE D 461 -6.96 -37.09 12.46
C ILE D 461 -7.95 -36.02 12.98
N PRO D 462 -8.05 -35.83 14.30
CA PRO D 462 -8.81 -34.70 14.80
C PRO D 462 -8.38 -33.38 14.19
N ILE D 463 -7.07 -33.19 14.09
CA ILE D 463 -6.52 -31.96 13.56
C ILE D 463 -6.78 -31.84 12.05
N PHE D 464 -6.54 -32.90 11.28
CA PHE D 464 -6.92 -32.90 9.85
C PHE D 464 -8.44 -32.71 9.59
N ALA D 465 -9.28 -33.12 10.54
CA ALA D 465 -10.73 -32.89 10.46
C ALA D 465 -11.04 -31.42 10.67
N ILE D 466 -10.56 -30.89 11.79
CA ILE D 466 -10.55 -29.45 12.08
C ILE D 466 -10.00 -28.67 10.88
N ALA D 467 -8.77 -29.00 10.49
CA ALA D 467 -8.00 -28.24 9.50
C ALA D 467 -8.62 -28.22 8.11
N ILE D 468 -9.38 -29.24 7.77
CA ILE D 468 -10.06 -29.28 6.47
C ILE D 468 -11.46 -28.67 6.55
N SER D 469 -12.08 -28.69 7.74
CA SER D 469 -13.29 -27.91 8.01
C SER D 469 -13.02 -26.44 7.78
N ILE D 470 -11.92 -25.96 8.38
CA ILE D 470 -11.51 -24.57 8.29
C ILE D 470 -11.31 -24.10 6.85
N PHE D 471 -10.57 -24.88 6.06
CA PHE D 471 -10.30 -24.53 4.67
C PHE D 471 -11.60 -24.47 3.88
N VAL D 472 -12.41 -25.52 3.97
CA VAL D 472 -13.74 -25.54 3.36
C VAL D 472 -14.59 -24.35 3.83
N SER D 473 -14.71 -24.20 5.15
CA SER D 473 -15.55 -23.16 5.74
C SER D 473 -15.14 -21.76 5.31
N PHE D 474 -13.85 -21.43 5.48
CA PHE D 474 -13.29 -20.10 5.12
C PHE D 474 -13.45 -19.81 3.63
N THR D 475 -13.08 -20.80 2.81
CA THR D 475 -13.16 -20.68 1.35
C THR D 475 -14.55 -20.27 0.85
N PHE D 476 -15.61 -20.71 1.52
CA PHE D 476 -16.97 -20.20 1.26
C PHE D 476 -17.22 -18.92 2.09
N ALA D 477 -18.15 -18.91 3.06
CA ALA D 477 -18.33 -17.73 3.96
C ALA D 477 -17.05 -17.49 4.74
N ALA D 478 -16.85 -16.29 5.26
CA ALA D 478 -15.53 -15.98 5.83
C ALA D 478 -15.38 -16.48 7.28
N MET D 479 -15.46 -15.58 8.26
CA MET D 479 -15.53 -15.97 9.67
C MET D 479 -16.92 -16.49 10.03
N TYR D 480 -17.92 -16.08 9.25
CA TYR D 480 -19.28 -16.57 9.41
C TYR D 480 -19.38 -18.01 9.02
N GLY D 481 -18.61 -18.40 8.00
CA GLY D 481 -18.48 -19.82 7.64
C GLY D 481 -18.02 -20.67 8.81
N ILE D 482 -16.92 -20.24 9.44
CA ILE D 482 -16.35 -20.96 10.57
C ILE D 482 -17.33 -20.95 11.75
N ALA D 483 -17.78 -19.77 12.16
CA ALA D 483 -18.72 -19.65 13.29
C ALA D 483 -20.00 -20.49 13.12
N VAL D 484 -20.47 -20.58 11.87
CA VAL D 484 -21.60 -21.45 11.50
C VAL D 484 -21.22 -22.92 11.67
N ALA D 485 -20.02 -23.26 11.19
CA ALA D 485 -19.49 -24.61 11.32
C ALA D 485 -19.35 -25.07 12.78
N ALA D 486 -18.96 -24.15 13.68
CA ALA D 486 -18.93 -24.46 15.11
C ALA D 486 -20.33 -24.80 15.58
N LEU D 487 -21.31 -24.01 15.16
CA LEU D 487 -22.71 -24.30 15.46
C LEU D 487 -23.23 -25.52 14.67
N GLY D 488 -22.60 -25.83 13.55
CA GLY D 488 -22.78 -27.11 12.85
C GLY D 488 -22.36 -28.31 13.68
N MET D 489 -21.21 -28.22 14.35
CA MET D 489 -20.79 -29.23 15.36
C MET D 489 -21.69 -29.28 16.63
N LEU D 490 -22.51 -28.25 16.84
CA LEU D 490 -23.44 -28.20 17.98
C LEU D 490 -24.94 -28.17 17.59
N SER D 491 -25.27 -28.42 16.32
CA SER D 491 -26.68 -28.55 15.88
C SER D 491 -27.31 -29.90 16.29
N THR D 492 -26.43 -30.81 16.72
CA THR D 492 -26.77 -32.13 17.24
C THR D 492 -26.58 -32.14 18.79
N ILE D 493 -26.45 -30.96 19.42
CA ILE D 493 -26.03 -30.88 20.83
C ILE D 493 -27.07 -31.28 21.89
N ALA D 494 -28.31 -31.54 21.50
CA ALA D 494 -29.30 -32.08 22.43
C ALA D 494 -28.99 -33.54 22.80
N THR D 495 -28.94 -34.42 21.79
CA THR D 495 -28.66 -35.86 21.98
C THR D 495 -27.24 -36.05 22.46
N GLY D 496 -26.32 -35.32 21.84
CA GLY D 496 -24.93 -35.26 22.27
C GLY D 496 -24.76 -35.03 23.76
N LEU D 497 -25.63 -34.23 24.34
CA LEU D 497 -25.58 -33.97 25.79
C LEU D 497 -26.26 -35.08 26.60
N ALA D 498 -27.27 -35.73 26.01
CA ALA D 498 -27.88 -36.91 26.63
C ALA D 498 -26.84 -38.02 26.83
N ILE D 499 -26.23 -38.48 25.72
CA ILE D 499 -25.23 -39.57 25.77
C ILE D 499 -24.06 -39.24 26.71
N ASP D 500 -23.70 -37.96 26.80
CA ASP D 500 -22.70 -37.49 27.77
C ASP D 500 -23.25 -37.57 29.20
N ALA D 501 -24.50 -37.13 29.37
CA ALA D 501 -25.20 -37.18 30.66
C ALA D 501 -25.50 -38.60 31.12
N TYR D 502 -25.62 -39.52 30.18
CA TYR D 502 -25.83 -40.95 30.45
C TYR D 502 -24.65 -41.55 31.21
N GLY D 503 -23.45 -41.36 30.67
CA GLY D 503 -22.19 -41.82 31.26
C GLY D 503 -22.13 -41.91 32.78
N PRO D 504 -22.24 -40.76 33.47
CA PRO D 504 -22.16 -40.73 34.94
C PRO D 504 -23.42 -41.15 35.70
N ILE D 505 -24.59 -41.09 35.06
CA ILE D 505 -25.77 -41.74 35.62
C ILE D 505 -25.50 -43.24 35.79
N SER D 506 -24.90 -43.86 34.77
CA SER D 506 -24.53 -45.30 34.83
C SER D 506 -23.32 -45.66 35.71
N ASP D 507 -22.48 -44.68 36.06
CA ASP D 507 -21.45 -44.88 37.09
C ASP D 507 -22.05 -44.71 38.49
N ASN D 508 -23.24 -44.12 38.56
CA ASN D 508 -24.08 -44.17 39.77
C ASN D 508 -24.94 -45.43 39.85
N ALA D 509 -25.45 -45.90 38.70
CA ALA D 509 -26.19 -47.17 38.63
C ALA D 509 -25.30 -48.37 38.94
N GLY D 510 -24.09 -48.37 38.39
CA GLY D 510 -23.08 -49.38 38.70
C GLY D 510 -22.67 -49.44 40.16
N GLY D 511 -22.72 -48.30 40.86
CA GLY D 511 -22.30 -48.15 42.26
C GLY D 511 -23.36 -47.91 43.32
N ILE D 512 -24.61 -47.74 42.90
CA ILE D 512 -25.77 -47.95 43.79
C ILE D 512 -26.05 -49.46 43.83
N ALA D 513 -25.80 -50.16 42.72
CA ALA D 513 -25.86 -51.63 42.69
C ALA D 513 -24.75 -52.23 43.57
N GLU D 514 -23.52 -51.77 43.36
CA GLU D 514 -22.35 -52.27 44.10
C GLU D 514 -22.52 -52.11 45.61
N MET D 515 -22.70 -50.87 46.06
CA MET D 515 -22.71 -50.55 47.49
C MET D 515 -23.96 -51.00 48.25
N ALA D 516 -25.03 -51.38 47.54
CA ALA D 516 -26.25 -51.97 48.15
C ALA D 516 -26.23 -53.51 48.21
N GLY D 517 -25.05 -54.12 48.05
CA GLY D 517 -24.87 -55.57 48.10
C GLY D 517 -25.73 -56.37 47.14
N MET D 518 -26.13 -55.74 46.02
CA MET D 518 -27.20 -56.24 45.15
C MET D 518 -26.89 -57.53 44.38
N SER D 519 -27.95 -58.09 43.80
CA SER D 519 -27.89 -59.30 42.96
C SER D 519 -26.77 -59.25 41.92
N HIS D 520 -26.12 -60.38 41.69
CA HIS D 520 -25.11 -60.54 40.63
C HIS D 520 -25.69 -60.32 39.23
N ARG D 521 -26.95 -60.72 39.00
CA ARG D 521 -27.64 -60.50 37.72
C ARG D 521 -27.82 -59.00 37.44
N ILE D 522 -28.25 -58.27 38.47
CA ILE D 522 -28.44 -56.81 38.41
C ILE D 522 -27.09 -56.08 38.29
N ARG D 523 -26.14 -56.42 39.16
CA ARG D 523 -24.77 -55.86 39.13
C ARG D 523 -24.07 -55.96 37.78
N GLU D 524 -24.34 -57.03 37.04
CA GLU D 524 -23.78 -57.23 35.69
C GLU D 524 -24.53 -56.47 34.62
N ARG D 525 -25.81 -56.21 34.85
CA ARG D 525 -26.56 -55.30 34.00
C ARG D 525 -26.07 -53.87 34.16
N THR D 526 -26.04 -53.36 35.40
CA THR D 526 -25.59 -51.97 35.67
C THR D 526 -24.12 -51.71 35.34
N ASP D 527 -23.30 -52.76 35.41
CA ASP D 527 -21.88 -52.65 35.03
C ASP D 527 -21.61 -53.00 33.55
N ALA D 528 -22.66 -53.36 32.82
CA ALA D 528 -22.66 -53.33 31.33
C ALA D 528 -23.08 -51.94 30.79
N LEU D 529 -23.82 -51.18 31.61
CA LEU D 529 -24.12 -49.76 31.37
C LEU D 529 -22.94 -48.87 31.78
N ASP D 530 -22.34 -49.16 32.94
CA ASP D 530 -21.09 -48.50 33.40
C ASP D 530 -19.99 -48.65 32.37
N ALA D 531 -19.86 -49.87 31.85
CA ALA D 531 -18.89 -50.20 30.80
C ALA D 531 -19.03 -49.30 29.59
N ALA D 532 -20.21 -49.34 28.95
CA ALA D 532 -20.49 -48.47 27.80
C ALA D 532 -20.60 -47.00 28.21
N GLY D 533 -20.90 -46.75 29.48
CA GLY D 533 -20.90 -45.41 30.08
C GLY D 533 -19.54 -44.72 30.14
N ASN D 534 -18.47 -45.51 30.19
CA ASN D 534 -17.10 -45.00 30.11
C ASN D 534 -16.61 -44.86 28.66
N THR D 535 -17.06 -45.75 27.78
CA THR D 535 -16.79 -45.63 26.33
C THR D 535 -17.53 -44.45 25.72
N THR D 536 -18.78 -44.25 26.14
CA THR D 536 -19.60 -43.15 25.61
C THR D 536 -19.08 -41.78 26.04
N ALA D 537 -18.83 -41.62 27.34
CA ALA D 537 -18.45 -40.34 27.91
C ALA D 537 -17.08 -39.85 27.41
N ALA D 538 -16.23 -40.79 26.96
CA ALA D 538 -14.93 -40.47 26.37
C ALA D 538 -14.97 -40.05 24.90
N ILE D 539 -16.04 -40.39 24.17
CA ILE D 539 -16.33 -39.67 22.91
C ILE D 539 -16.72 -38.26 23.33
N GLY D 540 -17.54 -38.18 24.37
CA GLY D 540 -17.98 -36.90 24.98
C GLY D 540 -16.95 -35.79 25.14
N LYS D 541 -15.71 -36.14 25.47
CA LYS D 541 -14.62 -35.15 25.57
C LYS D 541 -13.99 -34.84 24.20
N GLY D 542 -13.84 -35.85 23.35
CA GLY D 542 -13.45 -35.63 21.94
C GLY D 542 -14.49 -34.91 21.08
N PHE D 543 -15.74 -34.90 21.54
CA PHE D 543 -16.86 -34.19 20.89
C PHE D 543 -16.90 -32.70 21.23
N ALA D 544 -16.36 -32.31 22.39
CA ALA D 544 -16.31 -30.90 22.82
C ALA D 544 -14.98 -30.22 22.48
N ILE D 545 -13.86 -30.93 22.61
CA ILE D 545 -12.52 -30.40 22.28
C ILE D 545 -12.35 -30.21 20.77
N GLY D 546 -13.12 -30.95 19.98
CA GLY D 546 -13.27 -30.68 18.55
C GLY D 546 -14.11 -29.45 18.28
N SER D 547 -15.25 -29.34 18.96
CA SER D 547 -16.11 -28.16 18.92
C SER D 547 -15.36 -26.91 19.37
N ALA D 548 -14.63 -27.04 20.48
CA ALA D 548 -13.85 -25.94 21.06
C ALA D 548 -12.95 -25.26 20.05
N ALA D 549 -12.19 -26.03 19.28
CA ALA D 549 -11.31 -25.44 18.27
C ALA D 549 -12.12 -24.54 17.34
N LEU D 550 -13.19 -25.09 16.77
CA LEU D 550 -14.00 -24.36 15.79
C LEU D 550 -14.59 -23.07 16.37
N VAL D 551 -15.18 -23.16 17.56
CA VAL D 551 -15.72 -21.96 18.26
C VAL D 551 -14.64 -20.98 18.77
N SER D 552 -13.49 -21.50 19.21
CA SER D 552 -12.37 -20.67 19.68
C SER D 552 -11.77 -19.88 18.55
N LEU D 553 -11.77 -20.49 17.37
CA LEU D 553 -11.36 -19.87 16.14
C LEU D 553 -12.38 -18.85 15.68
N ALA D 554 -13.65 -19.26 15.68
CA ALA D 554 -14.78 -18.36 15.31
C ALA D 554 -14.76 -17.05 16.06
N LEU D 555 -14.57 -17.13 17.37
CA LEU D 555 -14.41 -15.96 18.19
C LEU D 555 -13.20 -15.17 17.73
N PHE D 556 -12.02 -15.80 17.75
CA PHE D 556 -10.75 -15.13 17.39
C PHE D 556 -10.87 -14.20 16.19
N GLY D 557 -11.44 -14.69 15.10
CA GLY D 557 -11.65 -13.87 13.92
C GLY D 557 -12.71 -12.80 14.09
N ALA D 558 -13.77 -13.12 14.81
CA ALA D 558 -14.79 -12.14 15.18
C ALA D 558 -14.27 -11.09 16.18
N PHE D 559 -13.22 -11.41 16.93
CA PHE D 559 -12.50 -10.42 17.75
C PHE D 559 -11.65 -9.57 16.83
N VAL D 560 -10.90 -10.22 15.94
CA VAL D 560 -10.12 -9.51 14.94
C VAL D 560 -11.00 -8.55 14.14
N SER D 561 -12.14 -9.07 13.66
CA SER D 561 -13.13 -8.30 12.90
C SER D 561 -13.76 -7.09 13.64
N ARG D 562 -13.70 -7.08 14.98
CA ARG D 562 -14.06 -5.90 15.78
C ARG D 562 -12.88 -4.96 15.83
N ALA D 563 -11.77 -5.45 16.40
CA ALA D 563 -10.54 -4.65 16.52
C ALA D 563 -10.03 -4.12 15.19
N SER D 564 -10.42 -4.81 14.11
CA SER D 564 -10.08 -4.46 12.73
C SER D 564 -8.58 -4.49 12.61
N ILE D 565 -8.03 -5.65 12.91
CA ILE D 565 -6.70 -5.98 12.46
C ILE D 565 -7.00 -6.69 11.14
N THR D 566 -6.18 -6.43 10.15
CA THR D 566 -6.31 -7.09 8.86
C THR D 566 -5.04 -7.82 8.47
N THR D 567 -4.00 -7.69 9.29
CA THR D 567 -2.82 -8.52 9.18
C THR D 567 -2.36 -8.92 10.57
N VAL D 568 -2.27 -10.22 10.74
CA VAL D 568 -1.67 -10.83 11.89
C VAL D 568 -0.40 -11.46 11.31
N ASP D 569 0.63 -10.63 11.18
CA ASP D 569 1.95 -11.08 10.67
C ASP D 569 2.69 -11.88 11.72
N VAL D 570 3.10 -13.10 11.36
CA VAL D 570 3.94 -13.92 12.25
C VAL D 570 5.40 -13.42 12.17
N LEU D 571 5.71 -12.60 11.17
CA LEU D 571 7.03 -11.99 11.04
C LEU D 571 7.28 -10.90 12.07
N THR D 572 6.24 -10.11 12.35
CA THR D 572 6.31 -9.01 13.31
C THR D 572 6.66 -9.49 14.72
N PRO D 573 7.47 -8.74 15.47
CA PRO D 573 7.77 -9.14 16.84
C PRO D 573 6.58 -8.99 17.79
N LYS D 574 5.72 -8.00 17.51
CA LYS D 574 4.59 -7.62 18.37
C LYS D 574 3.59 -8.76 18.45
N VAL D 575 3.41 -9.48 17.34
CA VAL D 575 2.56 -10.65 17.28
C VAL D 575 3.27 -11.93 17.74
N PHE D 576 4.47 -12.18 17.20
CA PHE D 576 5.17 -13.44 17.42
C PHE D 576 5.47 -13.71 18.88
N ILE D 577 5.88 -12.68 19.61
CA ILE D 577 6.03 -12.80 21.06
C ILE D 577 4.68 -13.05 21.74
N GLY D 578 3.59 -12.62 21.12
CA GLY D 578 2.26 -13.07 21.49
C GLY D 578 2.09 -14.55 21.21
N LEU D 579 2.33 -14.94 19.95
CA LEU D 579 2.13 -16.32 19.51
C LEU D 579 2.85 -17.31 20.42
N ILE D 580 4.14 -17.07 20.64
CA ILE D 580 4.96 -18.02 21.42
C ILE D 580 4.57 -18.03 22.89
N VAL D 581 4.19 -16.87 23.44
CA VAL D 581 3.65 -16.79 24.81
C VAL D 581 2.26 -17.46 24.88
N GLY D 582 1.41 -17.15 23.91
CA GLY D 582 0.11 -17.81 23.77
C GLY D 582 0.19 -19.31 23.68
N ALA D 583 1.29 -19.83 23.10
CA ALA D 583 1.56 -21.28 23.04
C ALA D 583 2.01 -21.92 24.37
N MET D 584 2.72 -21.14 25.18
CA MET D 584 3.07 -21.55 26.53
C MET D 584 1.85 -21.50 27.44
N LEU D 585 0.96 -20.52 27.24
CA LEU D 585 -0.23 -20.32 28.09
C LEU D 585 -1.12 -21.54 28.44
N PRO D 586 -1.35 -22.46 27.47
CA PRO D 586 -2.01 -23.73 27.84
C PRO D 586 -1.24 -24.63 28.83
N TYR D 587 0.07 -24.75 28.63
CA TYR D 587 0.94 -25.60 29.46
C TYR D 587 1.03 -25.09 30.91
N TRP D 588 1.28 -23.79 31.09
CA TRP D 588 1.16 -23.14 32.40
C TRP D 588 -0.15 -23.57 33.07
N PHE D 589 -1.23 -23.51 32.30
CA PHE D 589 -2.58 -23.82 32.80
C PHE D 589 -2.83 -25.31 33.06
N SER D 590 -2.18 -26.17 32.28
CA SER D 590 -2.13 -27.61 32.57
C SER D 590 -1.44 -27.87 33.92
N ALA D 591 -0.35 -27.16 34.18
CA ALA D 591 0.37 -27.28 35.45
C ALA D 591 -0.42 -26.86 36.68
N MET D 592 -1.37 -25.95 36.50
CA MET D 592 -2.22 -25.52 37.61
C MET D 592 -3.45 -26.44 37.79
N THR D 593 -3.94 -27.04 36.70
CA THR D 593 -4.96 -28.09 36.83
C THR D 593 -4.34 -29.35 37.45
N MET D 594 -3.18 -29.77 36.96
CA MET D 594 -2.56 -31.05 37.36
C MET D 594 -1.91 -31.05 38.77
N LYS D 595 -1.62 -29.87 39.33
CA LYS D 595 -1.22 -29.72 40.76
C LYS D 595 -2.41 -29.50 41.68
N SER D 596 -3.42 -28.79 41.21
CA SER D 596 -4.66 -28.63 41.97
C SER D 596 -5.36 -29.95 42.27
N VAL D 597 -5.42 -30.82 41.27
CA VAL D 597 -6.04 -32.15 41.40
C VAL D 597 -5.19 -33.09 42.27
N GLY D 598 -3.87 -32.92 42.23
CA GLY D 598 -2.97 -33.67 43.10
C GLY D 598 -3.13 -33.31 44.57
N SER D 599 -3.10 -32.01 44.88
CA SER D 599 -3.09 -31.52 46.27
C SER D 599 -4.47 -31.45 46.93
N ALA D 600 -5.49 -31.06 46.17
CA ALA D 600 -6.86 -31.01 46.71
C ALA D 600 -7.45 -32.40 46.97
N ALA D 601 -6.88 -33.42 46.33
CA ALA D 601 -7.24 -34.83 46.57
C ALA D 601 -6.55 -35.47 47.78
N LEU D 602 -5.35 -35.02 48.11
CA LEU D 602 -4.66 -35.41 49.36
C LEU D 602 -5.02 -34.50 50.54
N LYS D 603 -5.95 -33.58 50.34
CA LYS D 603 -6.64 -32.86 51.43
C LYS D 603 -8.07 -33.37 51.65
N MET D 604 -8.57 -34.19 50.71
CA MET D 604 -9.77 -35.02 50.91
C MET D 604 -9.49 -36.10 51.96
N VAL D 605 -8.46 -36.92 51.75
CA VAL D 605 -8.11 -38.00 52.72
C VAL D 605 -7.53 -37.48 54.06
N GLU D 606 -7.09 -36.21 54.09
CA GLU D 606 -6.84 -35.50 55.37
C GLU D 606 -8.10 -34.78 55.94
N GLU D 607 -9.27 -35.11 55.39
CA GLU D 607 -10.59 -34.89 56.02
C GLU D 607 -11.29 -36.22 56.39
N VAL D 608 -11.19 -37.24 55.54
CA VAL D 608 -11.68 -38.60 55.85
C VAL D 608 -10.98 -39.17 57.09
N ARG D 609 -9.69 -38.85 57.26
CA ARG D 609 -8.97 -39.18 58.50
C ARG D 609 -9.48 -38.35 59.69
N ARG D 610 -9.72 -37.07 59.48
CA ARG D 610 -10.36 -36.23 60.51
C ARG D 610 -11.80 -36.68 60.83
N GLN D 611 -12.55 -37.09 59.81
CA GLN D 611 -13.91 -37.66 59.97
C GLN D 611 -13.91 -38.95 60.78
N PHE D 612 -13.30 -40.00 60.23
CA PHE D 612 -13.15 -41.30 60.93
C PHE D 612 -12.87 -41.08 62.40
N ASN D 613 -11.86 -40.24 62.65
CA ASN D 613 -11.29 -40.05 63.96
C ASN D 613 -11.69 -38.72 64.67
N THR D 614 -12.94 -38.29 64.52
CA THR D 614 -13.57 -37.25 65.39
C THR D 614 -15.07 -37.46 65.71
N ILE D 615 -15.86 -37.86 64.72
CA ILE D 615 -17.27 -38.26 64.94
C ILE D 615 -17.27 -39.61 65.70
N PRO D 616 -17.90 -39.67 66.90
CA PRO D 616 -18.08 -41.01 67.52
C PRO D 616 -19.11 -41.88 66.78
N GLY D 617 -18.77 -43.15 66.58
CA GLY D 617 -19.61 -44.09 65.81
C GLY D 617 -18.98 -44.50 64.49
N LEU D 618 -18.23 -43.57 63.89
CA LEU D 618 -17.48 -43.86 62.68
C LEU D 618 -16.13 -44.49 63.04
N MET D 619 -15.66 -45.33 62.11
CA MET D 619 -14.72 -46.42 62.34
C MET D 619 -15.51 -47.70 62.73
N GLU D 620 -16.53 -47.57 63.60
CA GLU D 620 -17.36 -48.72 64.03
C GLU D 620 -18.47 -49.12 63.04
N GLY D 621 -19.50 -48.29 62.97
CA GLY D 621 -20.78 -48.65 62.34
C GLY D 621 -22.05 -48.24 63.09
N THR D 622 -21.92 -47.49 64.19
CA THR D 622 -23.06 -46.85 64.87
C THR D 622 -23.56 -45.72 63.99
N ALA D 623 -22.66 -44.79 63.68
CA ALA D 623 -22.96 -43.66 62.82
C ALA D 623 -22.54 -43.99 61.40
N LYS D 624 -23.14 -43.28 60.45
CA LYS D 624 -22.62 -43.19 59.08
C LYS D 624 -21.95 -41.79 58.96
N PRO D 625 -21.19 -41.55 57.87
CA PRO D 625 -20.42 -40.31 57.80
C PRO D 625 -21.25 -39.05 57.64
N ASP D 626 -20.78 -37.97 58.25
CA ASP D 626 -21.26 -36.62 57.93
C ASP D 626 -20.74 -36.28 56.53
N TYR D 627 -21.53 -36.60 55.52
CA TYR D 627 -21.16 -36.40 54.11
C TYR D 627 -21.06 -34.93 53.74
N ALA D 628 -21.91 -34.10 54.35
CA ALA D 628 -22.01 -32.66 54.06
C ALA D 628 -20.66 -31.93 54.10
N THR D 629 -19.85 -32.21 55.12
CA THR D 629 -18.59 -31.47 55.40
C THR D 629 -17.32 -32.14 54.84
N CYS D 630 -17.45 -33.34 54.27
CA CYS D 630 -16.41 -33.87 53.37
C CYS D 630 -16.44 -33.09 52.07
N VAL D 631 -17.65 -32.93 51.53
CA VAL D 631 -17.88 -32.23 50.28
C VAL D 631 -17.67 -30.72 50.40
N LYS D 632 -18.40 -30.09 51.32
CA LYS D 632 -18.32 -28.62 51.52
C LYS D 632 -16.90 -28.08 51.63
N ILE D 633 -16.08 -28.74 52.44
CA ILE D 633 -14.70 -28.29 52.69
C ILE D 633 -13.72 -28.74 51.60
N SER D 634 -14.01 -29.85 50.93
CA SER D 634 -13.22 -30.30 49.76
C SER D 634 -13.73 -29.76 48.39
N THR D 635 -14.81 -28.97 48.41
CA THR D 635 -15.26 -28.17 47.25
C THR D 635 -14.62 -26.80 47.30
N ASP D 636 -14.62 -26.18 48.48
CA ASP D 636 -13.88 -24.92 48.74
C ASP D 636 -12.42 -25.01 48.29
N ALA D 637 -11.76 -26.10 48.67
CA ALA D 637 -10.38 -26.36 48.26
C ALA D 637 -10.23 -26.43 46.75
N SER D 638 -11.18 -27.09 46.08
CA SER D 638 -11.23 -27.14 44.60
C SER D 638 -11.31 -25.74 44.02
N ILE D 639 -12.26 -24.96 44.52
CA ILE D 639 -12.56 -23.62 43.99
C ILE D 639 -11.55 -22.57 44.45
N LYS D 640 -10.91 -22.77 45.60
CA LYS D 640 -9.75 -21.95 45.98
C LYS D 640 -8.53 -22.30 45.10
N GLU D 641 -8.33 -23.58 44.81
CA GLU D 641 -7.26 -24.03 43.91
C GLU D 641 -7.47 -23.52 42.48
N MET D 642 -8.72 -23.42 42.05
CA MET D 642 -9.09 -22.90 40.72
C MET D 642 -8.77 -21.41 40.57
N ILE D 643 -9.00 -20.62 41.62
CA ILE D 643 -8.91 -19.15 41.53
C ILE D 643 -7.63 -18.63 40.83
N PRO D 644 -6.45 -19.20 41.15
CA PRO D 644 -5.24 -18.76 40.43
C PRO D 644 -5.13 -19.11 38.92
N PRO D 645 -5.39 -20.38 38.49
CA PRO D 645 -5.49 -20.62 37.03
C PRO D 645 -6.63 -19.87 36.33
N GLY D 646 -7.69 -19.56 37.07
CA GLY D 646 -8.77 -18.70 36.57
C GLY D 646 -8.33 -17.30 36.21
N ALA D 647 -7.37 -16.76 36.95
CA ALA D 647 -6.77 -15.46 36.61
C ALA D 647 -6.07 -15.53 35.24
N LEU D 648 -5.17 -16.50 35.09
CA LEU D 648 -4.46 -16.80 33.83
C LEU D 648 -5.40 -16.90 32.61
N VAL D 649 -6.65 -17.30 32.86
CA VAL D 649 -7.71 -17.27 31.86
C VAL D 649 -8.34 -15.88 31.80
N MET D 650 -8.67 -15.33 32.95
CA MET D 650 -9.43 -14.08 33.02
C MET D 650 -8.58 -12.81 32.87
N LEU D 651 -7.27 -12.91 32.99
CA LEU D 651 -6.43 -11.71 33.03
C LEU D 651 -5.47 -11.58 31.87
N THR D 652 -5.00 -12.69 31.32
CA THR D 652 -4.05 -12.63 30.20
C THR D 652 -4.62 -12.10 28.87
N PRO D 653 -5.96 -11.97 28.75
CA PRO D 653 -6.41 -11.02 27.74
C PRO D 653 -6.15 -9.60 28.21
N LEU D 654 -6.63 -9.28 29.42
CA LEU D 654 -6.61 -7.91 29.95
C LEU D 654 -5.20 -7.32 29.96
N VAL D 655 -4.27 -8.00 30.61
CA VAL D 655 -2.92 -7.50 30.75
C VAL D 655 -2.20 -7.43 29.39
N VAL D 656 -2.39 -8.44 28.53
CA VAL D 656 -1.79 -8.38 27.19
C VAL D 656 -2.45 -7.27 26.36
N GLY D 657 -3.78 -7.32 26.23
CA GLY D 657 -4.58 -6.34 25.47
C GLY D 657 -4.31 -4.87 25.78
N ILE D 658 -4.11 -4.56 27.06
CA ILE D 658 -3.81 -3.19 27.53
C ILE D 658 -2.32 -2.87 27.33
N LEU D 659 -1.45 -3.67 27.94
CA LEU D 659 -0.01 -3.38 27.95
C LEU D 659 0.59 -3.42 26.56
N PHE D 660 0.44 -4.55 25.88
CA PHE D 660 0.79 -4.62 24.47
C PHE D 660 -0.49 -4.28 23.68
N GLY D 661 -0.46 -4.45 22.37
CA GLY D 661 -1.64 -4.18 21.53
C GLY D 661 -2.59 -5.34 21.35
N VAL D 662 -3.70 -5.08 20.64
CA VAL D 662 -4.55 -6.16 20.08
C VAL D 662 -3.80 -6.96 18.99
N GLU D 663 -2.81 -6.33 18.34
CA GLU D 663 -1.88 -7.03 17.43
C GLU D 663 -1.29 -8.24 18.20
N THR D 664 -0.69 -7.93 19.34
CA THR D 664 -0.05 -8.91 20.22
C THR D 664 -1.05 -9.87 20.88
N LEU D 665 -2.26 -9.38 21.16
CA LEU D 665 -3.33 -10.24 21.66
C LEU D 665 -3.73 -11.26 20.60
N SER D 666 -3.97 -10.78 19.39
CA SER D 666 -4.24 -11.66 18.24
C SER D 666 -3.17 -12.78 18.06
N GLY D 667 -1.92 -12.46 18.37
CA GLY D 667 -0.85 -13.45 18.42
C GLY D 667 -1.05 -14.44 19.55
N VAL D 668 -1.28 -13.93 20.76
CA VAL D 668 -1.50 -14.77 21.95
C VAL D 668 -2.74 -15.65 21.80
N LEU D 669 -3.82 -15.11 21.22
CA LEU D 669 -5.03 -15.88 20.94
C LEU D 669 -4.86 -16.97 19.88
N ALA D 670 -4.04 -16.69 18.88
CA ALA D 670 -3.71 -17.66 17.86
C ALA D 670 -2.80 -18.74 18.43
N GLY D 671 -1.88 -18.35 19.31
CA GLY D 671 -0.92 -19.29 19.89
C GLY D 671 -1.53 -20.30 20.82
N SER D 672 -2.41 -19.82 21.70
CA SER D 672 -3.14 -20.67 22.65
C SER D 672 -4.12 -21.65 21.99
N LEU D 673 -4.69 -21.22 20.87
CA LEU D 673 -5.49 -22.11 20.06
C LEU D 673 -4.60 -23.29 19.64
N VAL D 674 -3.55 -23.01 18.89
CA VAL D 674 -2.78 -24.07 18.23
C VAL D 674 -2.05 -25.01 19.20
N SER D 675 -1.34 -24.45 20.18
CA SER D 675 -0.63 -25.28 21.16
C SER D 675 -1.63 -25.99 22.06
N GLY D 676 -2.58 -25.21 22.58
CA GLY D 676 -3.58 -25.68 23.54
C GLY D 676 -4.48 -26.83 23.09
N VAL D 677 -4.91 -26.81 21.84
CA VAL D 677 -5.84 -27.85 21.34
C VAL D 677 -5.16 -29.20 21.11
N GLN D 678 -3.83 -29.20 20.98
CA GLN D 678 -3.07 -30.46 20.90
C GLN D 678 -3.01 -31.17 22.25
N ILE D 679 -2.75 -30.39 23.31
CA ILE D 679 -2.69 -30.95 24.68
C ILE D 679 -4.09 -31.39 25.14
N ALA D 680 -5.12 -30.64 24.75
CA ALA D 680 -6.49 -31.00 25.09
C ALA D 680 -6.87 -32.37 24.57
N ILE D 681 -6.56 -32.65 23.30
CA ILE D 681 -6.90 -33.95 22.70
C ILE D 681 -6.16 -35.10 23.39
N SER D 682 -4.83 -34.98 23.43
CA SER D 682 -3.97 -36.04 23.95
C SER D 682 -4.20 -36.36 25.42
N ALA D 683 -4.60 -35.36 26.21
CA ALA D 683 -4.92 -35.57 27.63
C ALA D 683 -6.13 -36.47 27.80
N SER D 684 -7.24 -36.04 27.20
CA SER D 684 -8.49 -36.77 27.31
C SER D 684 -8.50 -38.07 26.51
N ASN D 685 -7.67 -38.17 25.48
CA ASN D 685 -7.48 -39.44 24.75
C ASN D 685 -6.46 -40.41 25.38
N THR D 686 -5.61 -39.89 26.27
CA THR D 686 -4.75 -40.72 27.12
C THR D 686 -5.57 -41.32 28.27
N GLY D 687 -6.09 -40.45 29.13
CA GLY D 687 -6.85 -40.89 30.31
C GLY D 687 -8.20 -41.59 30.08
N GLY D 688 -8.59 -41.73 28.81
CA GLY D 688 -9.67 -42.63 28.39
C GLY D 688 -9.20 -43.94 27.76
N ALA D 689 -7.93 -43.97 27.35
CA ALA D 689 -7.27 -45.23 27.03
C ALA D 689 -7.04 -46.03 28.32
N TRP D 690 -6.53 -45.35 29.35
CA TRP D 690 -6.29 -46.00 30.65
C TRP D 690 -7.51 -46.27 31.51
N ASP D 691 -8.61 -45.58 31.22
CA ASP D 691 -9.89 -45.87 31.84
C ASP D 691 -10.36 -47.19 31.29
N ASN D 692 -10.52 -47.25 29.96
CA ASN D 692 -10.96 -48.47 29.30
C ASN D 692 -9.93 -49.59 29.20
N ALA D 693 -8.66 -49.33 29.54
CA ALA D 693 -7.67 -50.39 29.73
C ALA D 693 -7.95 -51.20 31.02
N LYS D 694 -8.31 -50.50 32.09
CA LYS D 694 -8.69 -51.11 33.37
C LYS D 694 -10.04 -51.86 33.27
N LYS D 695 -11.00 -51.29 32.53
CA LYS D 695 -12.28 -51.98 32.22
C LYS D 695 -12.09 -53.23 31.33
N TYR D 696 -10.96 -53.31 30.61
CA TYR D 696 -10.62 -54.48 29.81
C TYR D 696 -10.10 -55.67 30.61
N ILE D 697 -9.35 -55.38 31.67
CA ILE D 697 -9.05 -56.38 32.69
C ILE D 697 -10.37 -56.74 33.39
N GLU D 698 -10.87 -55.81 34.22
CA GLU D 698 -11.94 -56.08 35.19
C GLU D 698 -13.19 -56.75 34.62
N ALA D 699 -13.54 -56.42 33.37
CA ALA D 699 -14.68 -57.04 32.69
C ALA D 699 -14.38 -58.47 32.22
N GLY D 700 -13.17 -58.69 31.71
CA GLY D 700 -12.73 -60.02 31.26
C GLY D 700 -13.65 -60.73 30.27
N ALA D 701 -14.38 -59.96 29.48
CA ALA D 701 -15.45 -60.49 28.64
C ALA D 701 -14.99 -61.25 27.38
N SER D 702 -13.70 -61.14 27.04
CA SER D 702 -13.07 -61.89 25.95
C SER D 702 -12.02 -62.90 26.45
N GLU D 703 -11.50 -63.72 25.53
CA GLU D 703 -10.52 -64.78 25.82
C GLU D 703 -9.18 -64.22 26.34
N HIS D 704 -8.59 -63.30 25.58
CA HIS D 704 -7.35 -62.58 25.97
C HIS D 704 -7.55 -61.64 27.19
N ALA D 705 -8.77 -61.14 27.39
CA ALA D 705 -9.08 -60.27 28.54
C ALA D 705 -8.99 -61.03 29.85
N ARG D 706 -9.68 -62.17 29.92
CA ARG D 706 -9.49 -63.12 31.02
C ARG D 706 -8.03 -63.51 31.16
N SER D 707 -7.32 -63.65 30.03
CA SER D 707 -5.88 -63.97 30.02
C SER D 707 -4.97 -62.95 30.71
N LEU D 708 -5.49 -61.76 31.04
CA LEU D 708 -4.82 -60.83 31.95
C LEU D 708 -5.43 -60.86 33.36
N GLY D 709 -6.69 -61.29 33.42
CA GLY D 709 -7.69 -60.68 34.27
C GLY D 709 -8.41 -61.49 35.33
N PRO D 710 -7.72 -61.72 36.45
CA PRO D 710 -8.41 -61.66 37.74
C PRO D 710 -8.64 -60.19 38.07
N LYS D 711 -9.85 -59.87 38.54
CA LYS D 711 -10.28 -58.47 38.78
C LYS D 711 -9.51 -57.74 39.91
N GLY D 712 -8.43 -58.36 40.41
CA GLY D 712 -7.37 -57.66 41.13
C GLY D 712 -6.04 -58.40 41.01
N SER D 713 -5.65 -58.73 39.77
CA SER D 713 -4.45 -59.59 39.48
C SER D 713 -3.05 -58.90 39.64
N ASP D 714 -2.15 -59.09 38.67
CA ASP D 714 -0.88 -58.33 38.60
C ASP D 714 -0.80 -57.37 37.40
N CYS D 715 -1.53 -57.66 36.32
CA CYS D 715 -1.86 -56.65 35.33
C CYS D 715 -2.73 -55.54 35.93
N HIS D 716 -3.75 -55.93 36.70
CA HIS D 716 -4.67 -54.97 37.36
C HIS D 716 -4.03 -54.10 38.45
N LYS D 717 -2.93 -54.53 39.07
CA LYS D 717 -2.22 -53.65 40.00
C LYS D 717 -1.56 -52.49 39.25
N ALA D 718 -1.18 -52.73 37.97
CA ALA D 718 -0.52 -51.75 37.07
C ALA D 718 -1.47 -50.78 36.34
N ALA D 719 -2.36 -51.31 35.48
CA ALA D 719 -3.34 -50.47 34.75
C ALA D 719 -4.50 -49.89 35.62
N VAL D 720 -4.42 -50.08 36.94
CA VAL D 720 -5.19 -49.28 37.91
C VAL D 720 -4.34 -48.12 38.49
N ILE D 721 -3.08 -48.03 38.07
CA ILE D 721 -2.31 -46.78 38.26
C ILE D 721 -2.49 -45.92 37.00
N GLY D 722 -2.44 -46.57 35.82
CA GLY D 722 -2.79 -45.93 34.54
C GLY D 722 -4.06 -45.11 34.62
N ASP D 723 -5.20 -45.79 34.75
CA ASP D 723 -6.51 -45.16 35.01
C ASP D 723 -6.49 -43.98 35.99
N THR D 724 -5.90 -44.16 37.18
CA THR D 724 -5.95 -43.13 38.25
C THR D 724 -4.91 -42.00 38.09
N ILE D 725 -4.10 -42.09 37.04
CA ILE D 725 -3.39 -40.93 36.45
C ILE D 725 -4.31 -40.23 35.46
N GLY D 726 -4.93 -41.02 34.59
CA GLY D 726 -5.89 -40.52 33.60
C GLY D 726 -7.23 -40.05 34.12
N ASP D 727 -7.46 -40.05 35.43
CA ASP D 727 -8.64 -39.40 36.03
C ASP D 727 -8.60 -37.87 35.82
N PRO D 728 -7.49 -37.20 36.23
CA PRO D 728 -7.35 -35.76 35.90
C PRO D 728 -7.29 -35.37 34.41
N LEU D 729 -6.59 -36.14 33.59
CA LEU D 729 -6.51 -35.86 32.15
C LEU D 729 -7.83 -36.09 31.39
N LYS D 730 -8.75 -36.85 31.99
CA LYS D 730 -10.08 -37.15 31.42
C LYS D 730 -11.14 -36.13 31.86
N ASP D 731 -11.12 -35.72 33.14
CA ASP D 731 -12.21 -34.88 33.73
C ASP D 731 -11.82 -33.55 34.44
N THR D 732 -10.52 -33.28 34.62
CA THR D 732 -10.05 -31.99 35.18
C THR D 732 -9.14 -31.15 34.24
N SER D 733 -8.23 -31.79 33.50
CA SER D 733 -7.24 -31.07 32.66
C SER D 733 -7.71 -30.91 31.22
N GLY D 734 -7.88 -32.02 30.52
CA GLY D 734 -8.28 -32.03 29.10
C GLY D 734 -9.57 -31.31 28.73
N PRO D 735 -10.61 -31.36 29.61
CA PRO D 735 -11.82 -30.57 29.41
C PRO D 735 -11.77 -29.13 29.95
N SER D 736 -10.90 -28.85 30.92
CA SER D 736 -10.68 -27.47 31.36
C SER D 736 -9.90 -26.68 30.31
N LEU D 737 -8.85 -27.30 29.75
CA LEU D 737 -8.00 -26.68 28.71
C LEU D 737 -8.84 -26.04 27.60
N ASN D 738 -9.89 -26.73 27.14
CA ASN D 738 -10.74 -26.19 26.09
C ASN D 738 -11.68 -25.03 26.54
N ILE D 739 -11.71 -24.70 27.84
CA ILE D 739 -12.32 -23.46 28.38
C ILE D 739 -11.30 -22.31 28.56
N LEU D 740 -10.02 -22.64 28.63
CA LEU D 740 -8.95 -21.65 28.43
C LEU D 740 -9.06 -21.07 27.01
N ILE D 741 -9.04 -21.94 26.00
CA ILE D 741 -9.00 -21.51 24.60
C ILE D 741 -10.26 -20.68 24.23
N LYS D 742 -11.40 -21.12 24.73
CA LYS D 742 -12.71 -20.50 24.47
C LYS D 742 -12.88 -19.16 25.20
N LEU D 743 -12.75 -19.17 26.52
CA LEU D 743 -13.06 -17.99 27.34
C LEU D 743 -12.17 -16.79 26.95
N MET D 744 -10.85 -17.02 26.88
CA MET D 744 -9.88 -15.98 26.42
C MET D 744 -10.37 -15.21 25.19
N ALA D 745 -10.97 -15.95 24.25
CA ALA D 745 -11.52 -15.37 23.04
C ALA D 745 -12.78 -14.53 23.26
N VAL D 746 -13.81 -15.07 23.93
CA VAL D 746 -15.07 -14.28 24.19
C VAL D 746 -14.83 -13.06 25.04
N GLU D 747 -13.93 -13.21 25.99
CA GLU D 747 -13.47 -12.09 26.80
C GLU D 747 -12.82 -11.03 25.90
N SER D 748 -11.80 -11.44 25.16
CA SER D 748 -11.12 -10.54 24.23
C SER D 748 -12.11 -9.84 23.27
N LEU D 749 -13.01 -10.61 22.66
CA LEU D 749 -14.01 -10.09 21.71
C LEU D 749 -14.89 -8.98 22.28
N VAL D 750 -15.22 -9.09 23.57
CA VAL D 750 -16.00 -8.07 24.30
C VAL D 750 -15.12 -6.86 24.62
N PHE D 751 -13.90 -7.11 25.11
CA PHE D 751 -12.93 -6.03 25.41
C PHE D 751 -12.09 -5.55 24.20
N ALA D 752 -12.52 -5.85 22.98
CA ALA D 752 -11.86 -5.35 21.76
C ALA D 752 -11.98 -3.82 21.61
N PRO D 753 -13.17 -3.24 21.88
CA PRO D 753 -13.29 -1.80 22.07
C PRO D 753 -12.32 -1.21 23.10
N PHE D 754 -12.34 -1.75 24.30
CA PHE D 754 -11.51 -1.25 25.39
C PHE D 754 -10.01 -1.32 25.05
N PHE D 755 -9.59 -2.42 24.44
CA PHE D 755 -8.19 -2.57 23.96
C PHE D 755 -7.90 -1.71 22.72
N ALA D 756 -8.94 -1.36 21.96
CA ALA D 756 -8.82 -0.41 20.86
C ALA D 756 -8.69 1.04 21.33
N THR D 757 -9.38 1.40 22.42
CA THR D 757 -9.30 2.76 22.97
C THR D 757 -8.03 3.00 23.80
N HIS D 758 -7.68 2.08 24.69
CA HIS D 758 -6.54 2.23 25.60
C HIS D 758 -5.59 1.05 25.46
N GLY D 759 -5.16 0.79 24.24
CA GLY D 759 -4.26 -0.32 23.93
C GLY D 759 -2.81 -0.01 24.28
N GLY D 760 -1.91 -0.74 23.64
CA GLY D 760 -0.44 -0.66 23.80
C GLY D 760 0.18 0.45 24.65
N LEU D 761 -0.24 0.53 25.91
CA LEU D 761 0.26 1.57 26.81
C LEU D 761 1.77 1.41 26.97
N LEU D 762 2.21 0.17 27.22
CA LEU D 762 3.63 -0.21 27.24
C LEU D 762 4.41 0.29 26.01
N PHE D 763 3.79 0.20 24.82
CA PHE D 763 4.38 0.82 23.61
C PHE D 763 4.31 2.33 23.71
N LYS D 764 3.11 2.85 23.93
CA LYS D 764 2.86 4.30 23.89
C LYS D 764 3.84 5.12 24.74
N ILE D 765 4.15 4.63 25.94
CA ILE D 765 5.07 5.35 26.84
C ILE D 765 6.49 5.48 26.26
N PHE D 766 6.97 4.47 25.53
CA PHE D 766 8.32 4.48 24.95
C PHE D 766 8.37 5.26 23.61
#